data_2ZZS
#
_entry.id   2ZZS
#
_cell.length_a   84.949
_cell.length_b   87.612
_cell.length_c   103.847
_cell.angle_alpha   71.50
_cell.angle_beta   72.98
_cell.angle_gamma   83.68
#
_symmetry.space_group_name_H-M   'P 1'
#
loop_
_entity.id
_entity.type
_entity.pdbx_description
1 polymer 'Cytochrome c554'
2 non-polymer 'HEME C'
3 non-polymer GLYCEROL
4 water water
#
_entity_poly.entity_id   1
_entity_poly.type   'polypeptide(L)'
_entity_poly.pdbx_seq_one_letter_code
;MKRVMIGAVAALTMLSGQALAGDAAAGQAKAAVCAACHGADGNATIPGYPNLKGQNEQYIVSSIKAYKNKERSGGLAAVM
QAQASLLSDDDIANLAAYYSSLK
;
_entity_poly.pdbx_strand_id   A,B,C,D,E,F,G,H,I,J,K,L,M,N,O,P,Q,R,S,T,U,V,W,X,Y,Z,1,2,3,4,5,6
#
loop_
_chem_comp.id
_chem_comp.type
_chem_comp.name
_chem_comp.formula
GOL non-polymer GLYCEROL 'C3 H8 O3'
HEC non-polymer 'HEME C' 'C34 H34 Fe N4 O4'
#
# COMPACT_ATOMS: atom_id res chain seq x y z
N GLY A 22 -19.28 -10.09 5.96
CA GLY A 22 -20.02 -11.20 5.27
C GLY A 22 -20.66 -12.17 6.24
N ASP A 23 -21.67 -12.92 5.80
CA ASP A 23 -22.53 -13.76 6.67
C ASP A 23 -22.21 -15.23 6.33
N ALA A 24 -21.51 -15.92 7.23
CA ALA A 24 -21.07 -17.26 6.93
C ALA A 24 -22.24 -18.20 6.63
N ALA A 25 -23.40 -17.97 7.23
CA ALA A 25 -24.53 -18.87 6.97
C ALA A 25 -25.08 -18.69 5.55
N ALA A 26 -25.19 -17.43 5.12
CA ALA A 26 -25.54 -17.11 3.75
C ALA A 26 -24.48 -17.70 2.80
N GLY A 27 -23.21 -17.60 3.18
CA GLY A 27 -22.11 -18.22 2.40
C GLY A 27 -22.30 -19.75 2.29
N GLN A 28 -22.64 -20.39 3.38
CA GLN A 28 -22.84 -21.84 3.35
C GLN A 28 -23.93 -22.19 2.35
N ALA A 29 -25.02 -21.44 2.39
CA ALA A 29 -26.10 -21.68 1.42
C ALA A 29 -25.61 -21.54 -0.02
N LYS A 30 -24.69 -20.62 -0.29
CA LYS A 30 -24.36 -20.29 -1.66
C LYS A 30 -23.28 -21.25 -2.17
N ALA A 31 -22.70 -22.04 -1.28
CA ALA A 31 -21.48 -22.81 -1.55
C ALA A 31 -21.77 -24.20 -2.14
N ALA A 32 -23.05 -24.51 -2.34
CA ALA A 32 -23.43 -25.84 -2.88
C ALA A 32 -22.72 -26.10 -4.18
N VAL A 33 -22.74 -25.12 -5.08
CA VAL A 33 -22.08 -25.27 -6.35
C VAL A 33 -20.57 -25.41 -6.20
N CYS A 34 -20.00 -24.73 -5.21
CA CYS A 34 -18.54 -24.71 -5.06
C CYS A 34 -18.01 -26.03 -4.57
N ALA A 35 -18.81 -26.76 -3.77
CA ALA A 35 -18.36 -28.01 -3.17
C ALA A 35 -17.97 -29.09 -4.19
N ALA A 36 -18.53 -29.07 -5.38
CA ALA A 36 -18.17 -30.09 -6.39
C ALA A 36 -16.70 -30.06 -6.79
N CYS A 37 -16.08 -28.88 -6.63
CA CYS A 37 -14.67 -28.70 -7.00
C CYS A 37 -13.75 -28.40 -5.81
N HIS A 38 -14.29 -27.76 -4.80
CA HIS A 38 -13.53 -27.39 -3.60
C HIS A 38 -13.78 -28.26 -2.37
N GLY A 39 -14.63 -29.28 -2.56
CA GLY A 39 -14.92 -30.25 -1.49
C GLY A 39 -16.01 -29.77 -0.52
N ALA A 40 -16.76 -30.72 0.07
CA ALA A 40 -17.81 -30.36 1.02
C ALA A 40 -17.22 -29.58 2.17
N ASP A 41 -15.97 -29.85 2.51
CA ASP A 41 -15.34 -29.23 3.69
C ASP A 41 -14.30 -28.18 3.32
N GLY A 42 -14.27 -27.82 2.04
CA GLY A 42 -13.35 -26.81 1.48
C GLY A 42 -11.95 -27.35 1.24
N ASN A 43 -11.74 -28.65 1.49
CA ASN A 43 -10.53 -29.33 1.00
C ASN A 43 -10.83 -30.02 -0.31
N ALA A 44 -10.05 -29.65 -1.32
CA ALA A 44 -10.28 -30.11 -2.71
C ALA A 44 -9.66 -31.46 -2.76
N THR A 45 -10.12 -32.29 -3.70
CA THR A 45 -9.53 -33.62 -3.83
C THR A 45 -9.06 -33.88 -5.26
N ILE A 46 -9.33 -32.97 -6.18
CA ILE A 46 -8.78 -33.09 -7.55
C ILE A 46 -7.38 -32.46 -7.58
N PRO A 47 -6.40 -33.19 -8.12
CA PRO A 47 -5.07 -32.62 -8.19
C PRO A 47 -5.08 -31.35 -8.97
N GLY A 48 -4.31 -30.37 -8.52
CA GLY A 48 -4.34 -29.04 -9.14
C GLY A 48 -5.45 -28.10 -8.69
N TYR A 49 -6.44 -28.59 -7.96
CA TYR A 49 -7.52 -27.72 -7.51
C TYR A 49 -7.18 -27.28 -6.08
N PRO A 50 -7.54 -26.05 -5.73
CA PRO A 50 -7.09 -25.51 -4.41
C PRO A 50 -8.03 -25.76 -3.27
N ASN A 51 -7.47 -25.96 -2.07
CA ASN A 51 -8.26 -25.96 -0.84
C ASN A 51 -8.66 -24.55 -0.51
N LEU A 52 -9.86 -24.36 -0.01
CA LEU A 52 -10.28 -23.07 0.50
C LEU A 52 -10.43 -23.03 2.03
N LYS A 53 -10.50 -24.21 2.65
CA LYS A 53 -10.85 -24.32 4.03
C LYS A 53 -9.93 -23.46 4.86
N GLY A 54 -10.46 -22.48 5.58
CA GLY A 54 -9.63 -21.74 6.53
C GLY A 54 -8.72 -20.70 5.91
N GLN A 55 -8.85 -20.53 4.59
CA GLN A 55 -8.06 -19.47 3.91
C GLN A 55 -8.41 -18.09 4.42
N ASN A 56 -7.41 -17.20 4.35
CA ASN A 56 -7.63 -15.83 4.72
C ASN A 56 -8.89 -15.21 4.10
N GLU A 57 -9.79 -14.64 4.92
CA GLU A 57 -11.06 -14.10 4.39
C GLU A 57 -10.88 -12.98 3.37
N GLN A 58 -10.07 -11.96 3.66
CA GLN A 58 -9.88 -10.93 2.71
C GLN A 58 -9.25 -11.48 1.40
N TYR A 59 -8.41 -12.50 1.53
CA TYR A 59 -7.75 -13.06 0.32
C TYR A 59 -8.80 -13.75 -0.57
N ILE A 60 -9.76 -14.43 0.07
CA ILE A 60 -10.82 -15.10 -0.71
C ILE A 60 -11.61 -14.05 -1.44
N VAL A 61 -11.99 -12.95 -0.76
CA VAL A 61 -12.62 -11.85 -1.47
C VAL A 61 -11.84 -11.35 -2.68
N SER A 62 -10.57 -11.01 -2.48
CA SER A 62 -9.85 -10.37 -3.51
C SER A 62 -9.63 -11.32 -4.67
N SER A 63 -9.41 -12.59 -4.34
CA SER A 63 -9.14 -13.59 -5.38
C SER A 63 -10.42 -13.82 -6.22
N ILE A 64 -11.60 -13.94 -5.59
CA ILE A 64 -12.80 -14.11 -6.42
C ILE A 64 -13.04 -12.84 -7.23
N LYS A 65 -12.83 -11.67 -6.61
CA LYS A 65 -12.91 -10.42 -7.42
C LYS A 65 -11.93 -10.36 -8.61
N ALA A 66 -10.72 -10.90 -8.44
CA ALA A 66 -9.74 -10.99 -9.50
C ALA A 66 -10.36 -11.82 -10.65
N TYR A 67 -10.95 -12.97 -10.36
CA TYR A 67 -11.54 -13.76 -11.48
C TYR A 67 -12.69 -12.98 -12.15
N LYS A 68 -13.52 -12.34 -11.34
CA LYS A 68 -14.71 -11.58 -11.82
C LYS A 68 -14.21 -10.47 -12.77
N ASN A 69 -13.02 -9.93 -12.48
CA ASN A 69 -12.47 -8.81 -13.29
C ASN A 69 -11.53 -9.30 -14.37
N LYS A 70 -11.46 -10.63 -14.49
CA LYS A 70 -10.53 -11.38 -15.40
C LYS A 70 -9.03 -10.97 -15.24
N GLU A 71 -8.62 -10.71 -13.99
CA GLU A 71 -7.27 -10.35 -13.68
C GLU A 71 -6.49 -11.62 -13.34
N ARG A 72 -7.21 -12.75 -13.34
CA ARG A 72 -6.56 -14.01 -13.37
C ARG A 72 -7.08 -14.70 -14.65
N SER A 73 -6.17 -15.24 -15.43
CA SER A 73 -6.57 -15.77 -16.75
C SER A 73 -5.75 -16.97 -17.17
N GLY A 74 -6.27 -17.74 -18.12
CA GLY A 74 -5.51 -18.85 -18.60
C GLY A 74 -5.78 -20.15 -17.84
N GLY A 75 -5.74 -21.28 -18.53
CA GLY A 75 -5.85 -22.54 -17.77
C GLY A 75 -7.09 -22.65 -16.90
N LEU A 76 -6.91 -23.15 -15.68
CA LEU A 76 -8.04 -23.37 -14.75
C LEU A 76 -8.68 -22.05 -14.31
N ALA A 77 -8.00 -20.91 -14.50
CA ALA A 77 -8.68 -19.65 -14.25
C ALA A 77 -9.95 -19.41 -15.11
N ALA A 78 -10.05 -20.01 -16.29
CA ALA A 78 -11.18 -19.73 -17.18
C ALA A 78 -12.47 -20.16 -16.51
N VAL A 79 -12.34 -21.27 -15.81
CA VAL A 79 -13.35 -21.89 -15.13
C VAL A 79 -13.85 -20.95 -14.00
N MET A 80 -12.90 -20.46 -13.23
CA MET A 80 -13.29 -19.55 -12.12
C MET A 80 -13.77 -18.18 -12.56
N GLN A 81 -13.27 -17.66 -13.66
CA GLN A 81 -13.94 -16.51 -14.29
C GLN A 81 -15.44 -16.65 -14.49
N ALA A 82 -15.85 -17.78 -15.06
CA ALA A 82 -17.25 -18.06 -15.24
C ALA A 82 -17.99 -18.10 -13.90
N GLN A 83 -17.47 -18.84 -12.91
CA GLN A 83 -18.11 -18.95 -11.61
C GLN A 83 -18.24 -17.59 -10.91
N ALA A 84 -17.16 -16.79 -11.01
CA ALA A 84 -17.16 -15.48 -10.39
C ALA A 84 -18.15 -14.51 -10.97
N SER A 85 -18.34 -14.57 -12.27
CA SER A 85 -19.32 -13.72 -12.93
C SER A 85 -20.75 -13.97 -12.45
N LEU A 86 -20.97 -15.04 -11.71
CA LEU A 86 -22.34 -15.36 -11.27
C LEU A 86 -22.59 -14.77 -9.89
N LEU A 87 -21.52 -14.25 -9.28
CA LEU A 87 -21.57 -13.84 -7.89
C LEU A 87 -21.56 -12.32 -7.69
N SER A 88 -22.53 -11.84 -6.93
CA SER A 88 -22.58 -10.42 -6.60
C SER A 88 -21.51 -10.18 -5.52
N ASP A 89 -21.19 -8.90 -5.34
CA ASP A 89 -20.21 -8.54 -4.35
C ASP A 89 -20.64 -9.03 -2.95
N ASP A 90 -21.94 -9.02 -2.64
CA ASP A 90 -22.41 -9.60 -1.38
C ASP A 90 -22.19 -11.12 -1.26
N ASP A 91 -22.45 -11.84 -2.36
CA ASP A 91 -22.21 -13.29 -2.37
C ASP A 91 -20.75 -13.59 -2.05
N ILE A 92 -19.85 -12.82 -2.64
CA ILE A 92 -18.39 -13.04 -2.51
C ILE A 92 -18.03 -12.83 -1.06
N ALA A 93 -18.57 -11.77 -0.45
CA ALA A 93 -18.31 -11.49 0.95
C ALA A 93 -18.81 -12.65 1.80
N ASN A 94 -19.97 -13.20 1.44
CA ASN A 94 -20.55 -14.24 2.24
C ASN A 94 -19.78 -15.56 2.10
N LEU A 95 -19.46 -15.92 0.85
CA LEU A 95 -18.60 -17.06 0.62
C LEU A 95 -17.25 -17.01 1.36
N ALA A 96 -16.64 -15.86 1.40
CA ALA A 96 -15.34 -15.73 2.06
C ALA A 96 -15.51 -15.93 3.57
N ALA A 97 -16.62 -15.42 4.09
CA ALA A 97 -16.85 -15.56 5.49
C ALA A 97 -17.06 -17.02 5.84
N TYR A 98 -17.77 -17.74 4.99
CA TYR A 98 -18.02 -19.15 5.20
C TYR A 98 -16.70 -19.95 5.13
N TYR A 99 -16.00 -19.85 4.00
CA TYR A 99 -14.80 -20.67 3.87
C TYR A 99 -13.75 -20.33 4.93
N SER A 100 -13.48 -19.04 5.15
CA SER A 100 -12.47 -18.70 6.19
C SER A 100 -12.84 -19.26 7.57
N SER A 101 -14.13 -19.48 7.83
CA SER A 101 -14.59 -19.89 9.17
C SER A 101 -14.41 -21.38 9.39
N LEU A 102 -14.14 -22.13 8.32
CA LEU A 102 -14.13 -23.61 8.43
C LEU A 102 -12.96 -24.25 9.21
N GLY B 22 9.15 -33.13 -6.19
CA GLY B 22 10.02 -32.09 -5.63
C GLY B 22 10.58 -32.62 -4.33
N ASP B 23 11.53 -31.89 -3.80
CA ASP B 23 12.36 -32.25 -2.67
C ASP B 23 11.93 -31.29 -1.56
N ALA B 24 11.07 -31.74 -0.65
CA ALA B 24 10.59 -30.85 0.45
C ALA B 24 11.71 -30.29 1.33
N ALA B 25 12.81 -31.01 1.43
CA ALA B 25 13.88 -30.55 2.32
C ALA B 25 14.55 -29.34 1.71
N ALA B 26 14.78 -29.40 0.40
CA ALA B 26 15.32 -28.28 -0.33
C ALA B 26 14.30 -27.14 -0.36
N GLY B 27 13.04 -27.49 -0.50
CA GLY B 27 11.95 -26.52 -0.41
C GLY B 27 12.01 -25.74 0.93
N GLN B 28 12.24 -26.41 2.04
CA GLN B 28 12.25 -25.70 3.34
C GLN B 28 13.35 -24.67 3.37
N ALA B 29 14.50 -25.04 2.83
CA ALA B 29 15.62 -24.08 2.84
C ALA B 29 15.25 -22.83 2.04
N LYS B 30 14.73 -23.06 0.85
CA LYS B 30 14.30 -21.99 -0.02
C LYS B 30 13.22 -21.09 0.60
N ALA B 31 12.47 -21.61 1.57
CA ALA B 31 11.23 -21.00 2.04
C ALA B 31 11.42 -19.88 3.07
N ALA B 32 12.65 -19.72 3.58
CA ALA B 32 12.92 -18.54 4.43
C ALA B 32 12.45 -17.26 3.75
N VAL B 33 12.61 -17.12 2.43
CA VAL B 33 12.16 -15.88 1.81
C VAL B 33 10.62 -15.85 1.83
N CYS B 34 9.99 -16.98 1.56
CA CYS B 34 8.55 -16.99 1.50
C CYS B 34 7.92 -16.68 2.89
N ALA B 35 8.57 -17.11 3.98
CA ALA B 35 8.03 -16.93 5.35
C ALA B 35 7.83 -15.47 5.71
N ALA B 36 8.63 -14.60 5.09
CA ALA B 36 8.46 -13.16 5.26
C ALA B 36 7.09 -12.61 4.94
N CYS B 37 6.29 -13.29 4.07
CA CYS B 37 4.94 -12.83 3.69
C CYS B 37 3.88 -13.90 3.90
N HIS B 38 4.31 -15.14 3.92
CA HIS B 38 3.34 -16.27 4.03
C HIS B 38 3.39 -16.96 5.38
N GLY B 39 4.19 -16.42 6.31
CA GLY B 39 4.27 -16.99 7.64
C GLY B 39 5.34 -18.05 7.83
N ALA B 40 5.95 -18.09 9.03
CA ALA B 40 6.95 -19.08 9.24
C ALA B 40 6.37 -20.50 9.24
N ASP B 41 5.05 -20.64 9.48
CA ASP B 41 4.32 -21.93 9.42
C ASP B 41 3.45 -22.05 8.16
N GLY B 42 3.56 -21.11 7.23
CA GLY B 42 2.76 -21.14 6.01
C GLY B 42 1.42 -20.47 6.21
N ASN B 43 1.19 -19.93 7.39
CA ASN B 43 -0.01 -19.10 7.60
C ASN B 43 0.36 -17.61 7.62
N ALA B 44 -0.25 -16.85 6.74
CA ALA B 44 0.08 -15.44 6.58
C ALA B 44 -0.56 -14.59 7.72
N THR B 45 0.05 -13.46 8.01
CA THR B 45 -0.48 -12.57 9.05
C THR B 45 -0.85 -11.23 8.47
N ILE B 46 -0.26 -10.92 7.32
CA ILE B 46 -0.46 -9.61 6.69
C ILE B 46 -1.85 -9.64 6.08
N PRO B 47 -2.61 -8.59 6.32
CA PRO B 47 -3.99 -8.64 5.89
C PRO B 47 -4.13 -8.89 4.35
N GLY B 48 -5.01 -9.81 3.97
CA GLY B 48 -5.18 -10.10 2.56
C GLY B 48 -4.16 -11.00 1.89
N TYR B 49 -3.13 -11.42 2.60
CA TYR B 49 -2.15 -12.36 2.03
C TYR B 49 -2.60 -13.79 2.31
N PRO B 50 -2.34 -14.72 1.38
CA PRO B 50 -2.86 -16.06 1.52
C PRO B 50 -1.96 -17.00 2.32
N ASN B 51 -2.57 -17.96 3.02
CA ASN B 51 -1.89 -19.06 3.62
C ASN B 51 -1.51 -20.05 2.53
N LEU B 52 -0.38 -20.74 2.77
CA LEU B 52 0.11 -21.78 1.84
C LEU B 52 0.14 -23.17 2.48
N LYS B 53 0.04 -23.17 3.82
CA LYS B 53 0.23 -24.36 4.64
C LYS B 53 -0.79 -25.42 4.18
N GLY B 54 -0.27 -26.57 3.74
CA GLY B 54 -1.13 -27.72 3.41
C GLY B 54 -1.81 -27.59 2.05
N GLN B 55 -1.50 -26.55 1.26
CA GLN B 55 -2.19 -26.32 -0.03
C GLN B 55 -1.84 -27.46 -1.01
N ASN B 56 -2.78 -27.77 -1.93
CA ASN B 56 -2.51 -28.79 -2.94
C ASN B 56 -1.21 -28.58 -3.70
N GLU B 57 -0.32 -29.59 -3.72
CA GLU B 57 0.96 -29.47 -4.41
C GLU B 57 0.91 -29.00 -5.86
N GLN B 58 0.10 -29.66 -6.71
CA GLN B 58 0.09 -29.26 -8.09
C GLN B 58 -0.47 -27.85 -8.23
N TYR B 59 -1.36 -27.45 -7.31
CA TYR B 59 -1.93 -26.09 -7.35
C TYR B 59 -0.87 -25.03 -6.97
N ILE B 60 -0.05 -25.36 -5.99
CA ILE B 60 1.10 -24.46 -5.65
C ILE B 60 2.02 -24.25 -6.86
N VAL B 61 2.42 -25.36 -7.50
CA VAL B 61 3.19 -25.22 -8.75
C VAL B 61 2.52 -24.31 -9.81
N SER B 62 1.26 -24.62 -10.18
CA SER B 62 0.64 -23.87 -11.22
C SER B 62 0.46 -22.39 -10.86
N SER B 63 0.11 -22.11 -9.61
CA SER B 63 -0.20 -20.75 -9.26
C SER B 63 1.12 -19.92 -9.25
N ILE B 64 2.23 -20.50 -8.81
CA ILE B 64 3.48 -19.78 -8.83
C ILE B 64 3.85 -19.51 -10.26
N LYS B 65 3.70 -20.53 -11.13
CA LYS B 65 3.94 -20.26 -12.54
C LYS B 65 3.06 -19.18 -13.14
N ALA B 66 1.82 -19.13 -12.68
CA ALA B 66 0.93 -18.05 -13.16
C ALA B 66 1.48 -16.64 -12.83
N TYR B 67 1.96 -16.47 -11.60
CA TYR B 67 2.62 -15.20 -11.30
C TYR B 67 3.86 -14.98 -12.14
N LYS B 68 4.70 -16.00 -12.22
CA LYS B 68 5.92 -15.90 -13.06
C LYS B 68 5.62 -15.49 -14.52
N ASN B 69 4.54 -16.05 -15.09
CA ASN B 69 4.08 -15.67 -16.43
C ASN B 69 3.16 -14.44 -16.55
N LYS B 70 2.92 -13.73 -15.42
CA LYS B 70 2.00 -12.56 -15.39
C LYS B 70 0.55 -12.79 -15.81
N GLU B 71 0.10 -14.02 -15.55
CA GLU B 71 -1.26 -14.43 -15.84
C GLU B 71 -2.20 -14.15 -14.64
N ARG B 72 -1.63 -13.64 -13.54
CA ARG B 72 -2.43 -13.06 -12.45
C ARG B 72 -1.84 -11.65 -12.34
N SER B 73 -2.68 -10.64 -12.33
CA SER B 73 -2.20 -9.24 -12.38
C SER B 73 -3.08 -8.35 -11.53
N GLY B 74 -2.60 -7.13 -11.27
CA GLY B 74 -3.37 -6.17 -10.50
C GLY B 74 -3.29 -6.31 -9.00
N GLY B 75 -3.63 -5.22 -8.31
CA GLY B 75 -3.66 -5.26 -6.84
C GLY B 75 -2.36 -5.83 -6.29
N LEU B 76 -2.45 -6.83 -5.43
CA LEU B 76 -1.21 -7.35 -4.81
C LEU B 76 -0.47 -8.35 -5.68
N ALA B 77 -1.08 -8.75 -6.81
CA ALA B 77 -0.38 -9.68 -7.68
C ALA B 77 1.03 -9.24 -8.11
N ALA B 78 1.28 -7.96 -8.32
CA ALA B 78 2.64 -7.56 -8.73
C ALA B 78 3.71 -7.95 -7.73
N VAL B 79 3.37 -7.86 -6.45
CA VAL B 79 4.25 -8.25 -5.34
C VAL B 79 4.72 -9.70 -5.58
N MET B 80 3.76 -10.55 -5.94
CA MET B 80 4.12 -11.97 -6.03
C MET B 80 4.70 -12.31 -7.43
N GLN B 81 4.35 -11.53 -8.45
CA GLN B 81 5.00 -11.59 -9.77
C GLN B 81 6.51 -11.46 -9.63
N ALA B 82 6.88 -10.50 -8.80
CA ALA B 82 8.32 -10.13 -8.65
C ALA B 82 9.06 -11.25 -7.93
N GLN B 83 8.40 -11.87 -6.95
CA GLN B 83 9.06 -12.99 -6.29
C GLN B 83 9.19 -14.20 -7.23
N ALA B 84 8.10 -14.48 -7.91
CA ALA B 84 8.09 -15.65 -8.72
C ALA B 84 9.12 -15.63 -9.87
N SER B 85 9.39 -14.45 -10.42
CA SER B 85 10.44 -14.29 -11.43
C SER B 85 11.77 -14.79 -10.99
N LEU B 86 12.03 -14.84 -9.68
CA LEU B 86 13.35 -15.30 -9.22
C LEU B 86 13.48 -16.81 -9.02
N LEU B 87 12.42 -17.57 -9.30
CA LEU B 87 12.39 -19.00 -8.99
C LEU B 87 12.55 -19.87 -10.24
N SER B 88 13.40 -20.91 -10.14
CA SER B 88 13.51 -21.92 -11.22
C SER B 88 12.37 -22.94 -11.13
N ASP B 89 12.10 -23.70 -12.21
CA ASP B 89 11.14 -24.81 -12.13
C ASP B 89 11.43 -25.77 -11.03
N ASP B 90 12.70 -26.10 -10.81
CA ASP B 90 13.04 -26.96 -9.69
C ASP B 90 12.70 -26.33 -8.32
N ASP B 91 13.01 -25.04 -8.16
CA ASP B 91 12.68 -24.26 -6.94
C ASP B 91 11.19 -24.35 -6.68
N ILE B 92 10.39 -24.10 -7.74
CA ILE B 92 8.92 -24.18 -7.64
C ILE B 92 8.46 -25.59 -7.20
N ALA B 93 9.00 -26.64 -7.82
CA ALA B 93 8.66 -28.00 -7.35
C ALA B 93 8.99 -28.26 -5.90
N ASN B 94 10.17 -27.82 -5.47
CA ASN B 94 10.69 -28.09 -4.13
C ASN B 94 9.81 -27.36 -3.09
N LEU B 95 9.47 -26.13 -3.41
CA LEU B 95 8.65 -25.27 -2.56
C LEU B 95 7.23 -25.81 -2.48
N ALA B 96 6.65 -26.21 -3.62
CA ALA B 96 5.36 -26.92 -3.59
C ALA B 96 5.39 -28.21 -2.74
N ALA B 97 6.44 -29.03 -2.85
CA ALA B 97 6.56 -30.21 -1.99
C ALA B 97 6.60 -29.86 -0.50
N TYR B 98 7.30 -28.78 -0.16
CA TYR B 98 7.42 -28.39 1.22
C TYR B 98 6.07 -27.90 1.80
N TYR B 99 5.47 -26.88 1.20
CA TYR B 99 4.24 -26.31 1.74
C TYR B 99 3.09 -27.32 1.68
N SER B 100 2.99 -28.10 0.62
CA SER B 100 1.87 -29.02 0.55
C SER B 100 1.98 -30.08 1.67
N SER B 101 3.17 -30.36 2.15
CA SER B 101 3.29 -31.41 3.14
C SER B 101 3.26 -30.95 4.63
N LEU B 102 3.15 -29.65 4.88
CA LEU B 102 3.00 -29.10 6.23
C LEU B 102 1.63 -29.47 6.86
N GLY C 22 -13.88 40.21 28.95
CA GLY C 22 -15.13 39.57 28.46
C GLY C 22 -15.75 38.81 29.61
N ASP C 23 -16.87 38.14 29.34
CA ASP C 23 -17.69 37.52 30.39
C ASP C 23 -17.63 35.97 30.23
N ALA C 24 -16.97 35.28 31.17
CA ALA C 24 -16.72 33.84 31.08
C ALA C 24 -17.98 33.00 30.98
N ALA C 25 -19.04 33.38 31.71
CA ALA C 25 -20.29 32.63 31.68
C ALA C 25 -20.91 32.73 30.32
N ALA C 26 -20.95 33.93 29.77
CA ALA C 26 -21.50 34.14 28.45
C ALA C 26 -20.64 33.33 27.46
N GLY C 27 -19.35 33.25 27.73
CA GLY C 27 -18.43 32.49 26.86
C GLY C 27 -18.78 31.00 26.91
N GLN C 28 -19.05 30.52 28.12
CA GLN C 28 -19.46 29.11 28.34
C GLN C 28 -20.70 28.73 27.52
N ALA C 29 -21.71 29.60 27.50
CA ALA C 29 -22.94 29.36 26.72
C ALA C 29 -22.67 29.33 25.22
N LYS C 30 -21.82 30.25 24.75
CA LYS C 30 -21.52 30.35 23.31
C LYS C 30 -20.64 29.19 22.85
N ALA C 31 -19.90 28.60 23.77
CA ALA C 31 -18.95 27.54 23.42
C ALA C 31 -19.57 26.16 23.01
N ALA C 32 -20.88 26.03 23.10
CA ALA C 32 -21.54 24.76 22.72
C ALA C 32 -21.10 24.30 21.34
N VAL C 33 -21.17 25.22 20.38
CA VAL C 33 -20.87 24.85 19.01
C VAL C 33 -19.38 24.46 18.84
N CYS C 34 -18.50 24.98 19.70
CA CYS C 34 -17.06 24.74 19.58
C CYS C 34 -16.68 23.32 20.00
N ALA C 35 -17.49 22.76 20.90
CA ALA C 35 -17.17 21.50 21.59
C ALA C 35 -16.96 20.33 20.63
N ALA C 36 -17.73 20.32 19.56
CA ALA C 36 -17.61 19.27 18.53
C ALA C 36 -16.21 19.09 17.95
N CYS C 37 -15.46 20.18 17.81
CA CYS C 37 -14.13 20.14 17.25
C CYS C 37 -13.06 20.36 18.32
N HIS C 38 -13.36 21.20 19.30
CA HIS C 38 -12.32 21.53 20.28
C HIS C 38 -12.43 20.76 21.61
N GLY C 39 -13.50 19.97 21.74
CA GLY C 39 -13.62 19.16 22.93
C GLY C 39 -14.43 19.88 23.99
N ALA C 40 -15.02 19.10 24.90
CA ALA C 40 -15.79 19.60 26.04
C ALA C 40 -15.22 20.88 26.72
N ASP C 41 -14.01 20.83 27.22
CA ASP C 41 -13.55 22.01 27.94
C ASP C 41 -12.47 22.67 27.11
N GLY C 42 -12.50 22.46 25.80
CA GLY C 42 -11.42 22.91 24.98
C GLY C 42 -10.25 21.96 25.07
N ASN C 43 -10.44 20.84 25.74
CA ASN C 43 -9.47 19.74 25.65
C ASN C 43 -9.74 18.94 24.35
N ALA C 44 -9.05 19.22 23.24
CA ALA C 44 -9.41 18.61 21.98
C ALA C 44 -8.95 17.14 21.97
N THR C 45 -9.74 16.27 21.31
CA THR C 45 -9.34 14.87 21.14
C THR C 45 -9.01 14.51 19.69
N ILE C 46 -9.47 15.32 18.74
CA ILE C 46 -9.28 15.00 17.31
C ILE C 46 -7.88 15.34 16.89
N PRO C 47 -7.06 14.32 16.48
CA PRO C 47 -5.71 14.69 16.07
C PRO C 47 -5.66 15.70 14.93
N GLY C 48 -4.77 16.68 15.05
CA GLY C 48 -4.74 17.78 14.10
C GLY C 48 -5.48 19.06 14.49
N TYR C 49 -6.37 18.97 15.48
CA TYR C 49 -7.22 20.09 15.91
C TYR C 49 -6.63 20.60 17.23
N PRO C 50 -6.65 21.94 17.44
CA PRO C 50 -5.93 22.44 18.66
C PRO C 50 -6.73 22.46 19.97
N ASN C 51 -6.01 22.30 21.07
CA ASN C 51 -6.60 22.48 22.36
C ASN C 51 -6.75 23.99 22.58
N LEU C 52 -7.82 24.41 23.23
CA LEU C 52 -7.97 25.81 23.60
C LEU C 52 -7.89 26.05 25.09
N LYS C 53 -7.96 24.96 25.83
CA LYS C 53 -8.19 25.06 27.26
C LYS C 53 -7.01 25.77 27.89
N GLY C 54 -7.26 26.87 28.60
CA GLY C 54 -6.17 27.49 29.33
C GLY C 54 -5.33 28.41 28.49
N GLN C 55 -5.68 28.51 27.20
CA GLN C 55 -4.85 29.28 26.28
C GLN C 55 -4.92 30.78 26.62
N ASN C 56 -3.87 31.51 26.26
CA ASN C 56 -3.75 32.92 26.61
C ASN C 56 -4.91 33.71 26.04
N GLU C 57 -5.53 34.55 26.88
CA GLU C 57 -6.78 35.21 26.49
C GLU C 57 -6.65 36.13 25.29
N GLN C 58 -5.61 36.95 25.29
CA GLN C 58 -5.41 37.87 24.19
C GLN C 58 -5.09 37.11 22.90
N TYR C 59 -4.40 35.98 23.03
CA TYR C 59 -4.08 35.22 21.82
C TYR C 59 -5.36 34.57 21.28
N ILE C 60 -6.27 34.11 22.15
CA ILE C 60 -7.55 33.53 21.63
C ILE C 60 -8.24 34.60 20.76
N VAL C 61 -8.33 35.82 21.32
CA VAL C 61 -9.01 36.91 20.59
C VAL C 61 -8.34 37.20 19.23
N SER C 62 -7.03 37.36 19.25
CA SER C 62 -6.37 37.76 18.02
C SER C 62 -6.46 36.62 17.01
N SER C 63 -6.33 35.38 17.49
CA SER C 63 -6.35 34.25 16.53
C SER C 63 -7.73 34.08 15.86
N ILE C 64 -8.80 34.24 16.62
CA ILE C 64 -10.12 34.07 16.03
C ILE C 64 -10.31 35.20 15.06
N LYS C 65 -9.90 36.42 15.44
CA LYS C 65 -10.02 37.55 14.48
C LYS C 65 -9.19 37.28 13.23
N ALA C 66 -8.07 36.58 13.40
CA ALA C 66 -7.21 36.26 12.26
C ALA C 66 -7.94 35.36 11.27
N TYR C 67 -8.64 34.35 11.77
CA TYR C 67 -9.48 33.53 10.88
C TYR C 67 -10.59 34.35 10.23
N LYS C 68 -11.25 35.21 11.00
CA LYS C 68 -12.32 36.08 10.49
C LYS C 68 -11.84 36.97 9.37
N ASN C 69 -10.61 37.45 9.49
CA ASN C 69 -10.12 38.36 8.50
C ASN C 69 -9.35 37.61 7.43
N LYS C 70 -9.31 36.26 7.50
CA LYS C 70 -8.58 35.44 6.52
C LYS C 70 -7.03 35.67 6.49
N GLU C 71 -6.51 36.12 7.64
CA GLU C 71 -5.09 36.25 7.83
C GLU C 71 -4.44 34.93 8.21
N ARG C 72 -5.29 33.91 8.49
CA ARG C 72 -4.79 32.56 8.49
C ARG C 72 -5.54 31.86 7.35
N SER C 73 -4.82 31.18 6.47
CA SER C 73 -5.42 30.65 5.23
C SER C 73 -4.81 29.30 4.84
N GLY C 74 -5.47 28.54 3.96
CA GLY C 74 -4.91 27.28 3.49
C GLY C 74 -5.77 26.20 4.10
N GLY C 75 -5.69 24.97 3.60
CA GLY C 75 -6.23 23.80 4.27
C GLY C 75 -6.98 23.86 5.57
N LEU C 76 -6.31 23.62 6.69
CA LEU C 76 -7.01 23.49 7.94
C LEU C 76 -7.54 24.81 8.43
N ALA C 77 -6.81 25.90 8.14
CA ALA C 77 -7.30 27.23 8.46
C ALA C 77 -8.71 27.44 7.95
N ALA C 78 -8.97 26.92 6.75
CA ALA C 78 -10.24 27.17 6.07
C ALA C 78 -11.39 26.64 6.92
N VAL C 79 -11.14 25.52 7.63
CA VAL C 79 -12.15 24.98 8.54
C VAL C 79 -12.59 26.00 9.54
N MET C 80 -11.64 26.70 10.15
CA MET C 80 -11.96 27.61 11.24
C MET C 80 -12.43 28.98 10.72
N GLN C 81 -11.99 29.36 9.53
CA GLN C 81 -12.51 30.58 8.84
C GLN C 81 -14.05 30.62 8.83
N ALA C 82 -14.69 29.51 8.47
CA ALA C 82 -16.13 29.48 8.44
C ALA C 82 -16.76 29.77 9.81
N GLN C 83 -16.22 29.16 10.88
CA GLN C 83 -16.77 29.33 12.23
C GLN C 83 -16.53 30.79 12.75
N ALA C 84 -15.35 31.32 12.45
CA ALA C 84 -14.95 32.62 13.00
C ALA C 84 -15.84 33.71 12.42
N SER C 85 -16.18 33.56 11.16
CA SER C 85 -17.00 34.58 10.51
C SER C 85 -18.33 34.81 11.21
N LEU C 86 -18.81 33.81 11.94
CA LEU C 86 -20.10 33.85 12.62
C LEU C 86 -20.07 34.54 13.98
N LEU C 87 -18.90 34.95 14.44
CA LEU C 87 -18.75 35.43 15.80
C LEU C 87 -18.59 36.96 15.81
N SER C 88 -19.30 37.62 16.70
CA SER C 88 -19.14 39.04 16.88
C SER C 88 -17.93 39.31 17.75
N ASP C 89 -17.49 40.56 17.84
CA ASP C 89 -16.39 40.88 18.71
C ASP C 89 -16.73 40.54 20.16
N ASP C 90 -17.96 40.86 20.58
CA ASP C 90 -18.39 40.50 21.93
C ASP C 90 -18.30 38.97 22.15
N ASP C 91 -18.78 38.19 21.19
CA ASP C 91 -18.73 36.72 21.25
C ASP C 91 -17.29 36.30 21.41
N ILE C 92 -16.40 36.94 20.65
CA ILE C 92 -15.01 36.55 20.69
C ILE C 92 -14.40 36.81 22.05
N ALA C 93 -14.69 37.96 22.62
CA ALA C 93 -14.08 38.28 23.89
C ALA C 93 -14.64 37.36 24.98
N ASN C 94 -15.92 37.00 24.86
CA ASN C 94 -16.54 36.11 25.86
C ASN C 94 -15.94 34.73 25.81
N LEU C 95 -15.79 34.23 24.59
CA LEU C 95 -15.17 32.91 24.36
C LEU C 95 -13.73 32.88 24.84
N ALA C 96 -12.95 33.93 24.56
CA ALA C 96 -11.61 34.03 25.11
C ALA C 96 -11.58 33.99 26.64
N ALA C 97 -12.47 34.73 27.27
CA ALA C 97 -12.51 34.79 28.71
C ALA C 97 -12.84 33.39 29.25
N TYR C 98 -13.74 32.69 28.56
CA TYR C 98 -14.14 31.35 29.02
C TYR C 98 -12.96 30.38 28.95
N TYR C 99 -12.50 30.07 27.74
CA TYR C 99 -11.40 29.15 27.59
C TYR C 99 -10.16 29.54 28.39
N SER C 100 -9.75 30.82 28.37
CA SER C 100 -8.52 31.18 29.12
C SER C 100 -8.61 30.90 30.61
N SER C 101 -9.83 30.90 31.15
CA SER C 101 -10.04 30.79 32.58
C SER C 101 -10.02 29.33 33.11
N LEU C 102 -9.99 28.37 32.20
CA LEU C 102 -10.13 26.97 32.59
C LEU C 102 -8.85 26.39 33.19
N GLY D 22 8.25 12.20 15.38
CA GLY D 22 9.46 13.00 15.64
C GLY D 22 10.14 12.51 16.89
N ASP D 23 11.34 13.05 17.14
CA ASP D 23 12.23 12.70 18.26
C ASP D 23 12.15 13.78 19.33
N ALA D 24 11.47 13.49 20.44
CA ALA D 24 11.24 14.50 21.50
C ALA D 24 12.50 15.02 22.17
N ALA D 25 13.52 14.16 22.31
CA ALA D 25 14.73 14.62 22.97
C ALA D 25 15.48 15.57 22.02
N ALA D 26 15.37 15.30 20.73
CA ALA D 26 16.05 16.17 19.75
C ALA D 26 15.28 17.50 19.74
N GLY D 27 13.96 17.40 19.88
CA GLY D 27 13.10 18.59 19.99
C GLY D 27 13.48 19.38 21.23
N GLN D 28 13.71 18.70 22.34
CA GLN D 28 14.05 19.50 23.49
C GLN D 28 15.35 20.28 23.36
N ALA D 29 16.34 19.68 22.70
CA ALA D 29 17.61 20.35 22.50
C ALA D 29 17.37 21.61 21.68
N LYS D 30 16.51 21.48 20.68
CA LYS D 30 16.26 22.59 19.78
C LYS D 30 15.45 23.69 20.46
N ALA D 31 14.60 23.28 21.41
CA ALA D 31 13.60 24.19 21.98
C ALA D 31 14.14 25.41 22.76
N ALA D 32 15.41 25.36 23.14
CA ALA D 32 16.01 26.49 23.83
C ALA D 32 15.78 27.78 23.06
N VAL D 33 15.90 27.72 21.73
CA VAL D 33 15.62 28.89 20.89
C VAL D 33 14.17 29.43 20.96
N CYS D 34 13.24 28.60 21.44
CA CYS D 34 11.80 28.94 21.53
C CYS D 34 11.40 29.52 22.91
N ALA D 35 12.24 29.31 23.93
CA ALA D 35 11.82 29.47 25.32
C ALA D 35 11.56 30.91 25.80
N ALA D 36 12.19 31.90 25.18
CA ALA D 36 11.94 33.27 25.63
C ALA D 36 10.51 33.66 25.32
N CYS D 37 10.04 33.35 24.13
CA CYS D 37 8.68 33.70 23.77
C CYS D 37 7.58 32.75 24.24
N HIS D 38 7.90 31.46 24.29
CA HIS D 38 6.91 30.45 24.58
C HIS D 38 7.07 29.84 25.95
N GLY D 39 8.09 30.31 26.69
CA GLY D 39 8.25 29.89 28.09
C GLY D 39 9.09 28.66 28.20
N ALA D 40 9.79 28.58 29.33
CA ALA D 40 10.72 27.49 29.60
C ALA D 40 10.03 26.14 29.59
N ASP D 41 8.72 26.14 29.85
CA ASP D 41 7.98 24.87 29.83
C ASP D 41 6.83 24.90 28.82
N GLY D 42 6.93 25.79 27.84
CA GLY D 42 5.87 25.97 26.87
C GLY D 42 4.67 26.75 27.40
N ASN D 43 4.75 27.34 28.59
CA ASN D 43 3.68 28.28 28.98
C ASN D 43 4.17 29.70 28.80
N ALA D 44 3.48 30.47 27.97
CA ALA D 44 3.98 31.77 27.63
C ALA D 44 3.49 32.75 28.69
N THR D 45 4.14 33.90 28.78
CA THR D 45 3.68 34.91 29.74
C THR D 45 3.28 36.23 29.05
N ILE D 46 3.80 36.48 27.85
CA ILE D 46 3.51 37.75 27.21
C ILE D 46 2.13 37.72 26.61
N PRO D 47 1.33 38.81 26.81
CA PRO D 47 0.02 38.83 26.21
C PRO D 47 0.07 38.65 24.72
N GLY D 48 -0.78 37.75 24.23
CA GLY D 48 -0.88 37.47 22.85
C GLY D 48 0.10 36.43 22.37
N TYR D 49 0.99 35.97 23.26
CA TYR D 49 1.90 34.85 22.87
C TYR D 49 1.24 33.56 23.38
N PRO D 50 1.23 32.53 22.52
CA PRO D 50 0.46 31.35 22.90
C PRO D 50 1.30 30.30 23.69
N ASN D 51 0.65 29.61 24.62
CA ASN D 51 1.18 28.41 25.27
C ASN D 51 1.31 27.29 24.23
N LEU D 52 2.36 26.51 24.31
CA LEU D 52 2.52 25.33 23.49
C LEU D 52 2.44 24.03 24.29
N LYS D 53 2.57 24.11 25.60
CA LYS D 53 2.70 22.95 26.46
C LYS D 53 1.52 22.02 26.22
N GLY D 54 1.82 20.78 25.80
CA GLY D 54 0.83 19.70 25.68
C GLY D 54 -0.10 19.88 24.46
N GLN D 55 0.23 20.84 23.60
CA GLN D 55 -0.59 21.06 22.37
C GLN D 55 -0.54 19.83 21.47
N ASN D 56 -1.59 19.65 20.68
CA ASN D 56 -1.64 18.47 19.84
C ASN D 56 -0.47 18.35 18.86
N GLU D 57 0.13 17.16 18.77
CA GLU D 57 1.31 17.02 17.93
C GLU D 57 1.14 17.36 16.43
N GLN D 58 0.15 16.76 15.76
CA GLN D 58 -0.09 17.06 14.37
C GLN D 58 -0.32 18.60 14.18
N TYR D 59 -1.00 19.20 15.15
CA TYR D 59 -1.38 20.64 15.07
C TYR D 59 -0.15 21.53 15.17
N ILE D 60 0.77 21.19 16.09
CA ILE D 60 2.07 21.91 16.17
C ILE D 60 2.82 21.83 14.84
N VAL D 61 2.89 20.65 14.23
CA VAL D 61 3.53 20.50 12.92
C VAL D 61 2.89 21.45 11.87
N SER D 62 1.57 21.35 11.68
CA SER D 62 0.92 22.11 10.59
C SER D 62 1.02 23.59 10.87
N SER D 63 0.91 23.96 12.16
CA SER D 63 0.93 25.39 12.47
C SER D 63 2.31 25.99 12.28
N ILE D 64 3.39 25.30 12.69
CA ILE D 64 4.69 25.87 12.42
C ILE D 64 4.92 25.96 10.92
N LYS D 65 4.54 24.94 10.15
CA LYS D 65 4.73 25.05 8.70
C LYS D 65 3.90 26.17 8.07
N ALA D 66 2.75 26.47 8.65
CA ALA D 66 1.96 27.60 8.17
C ALA D 66 2.74 28.91 8.35
N TYR D 67 3.44 29.11 9.46
CA TYR D 67 4.32 30.31 9.58
C TYR D 67 5.49 30.30 8.58
N LYS D 68 6.12 29.15 8.48
CA LYS D 68 7.20 28.94 7.54
C LYS D 68 6.77 29.28 6.09
N ASN D 69 5.58 28.86 5.72
CA ASN D 69 5.02 29.12 4.37
C ASN D 69 4.27 30.46 4.23
N LYS D 70 4.26 31.26 5.29
CA LYS D 70 3.63 32.58 5.29
C LYS D 70 2.12 32.52 5.13
N GLU D 71 1.51 31.42 5.59
CA GLU D 71 0.09 31.22 5.42
C GLU D 71 -0.66 31.70 6.68
N ARG D 72 0.09 32.15 7.67
CA ARG D 72 -0.44 33.02 8.75
C ARG D 72 0.39 34.30 8.66
N SER D 73 -0.31 35.44 8.62
CA SER D 73 0.31 36.72 8.34
C SER D 73 -0.31 37.82 9.21
N GLY D 74 0.42 38.91 9.45
CA GLY D 74 -0.20 40.04 10.14
C GLY D 74 0.08 40.06 11.62
N GLY D 75 0.23 41.26 12.17
CA GLY D 75 0.51 41.41 13.61
C GLY D 75 1.65 40.54 14.09
N LEU D 76 1.45 39.75 15.15
CA LEU D 76 2.54 38.98 15.67
C LEU D 76 2.94 37.79 14.80
N ALA D 77 2.12 37.44 13.82
CA ALA D 77 2.54 36.38 12.87
C ALA D 77 3.89 36.67 12.21
N ALA D 78 4.18 37.94 11.91
CA ALA D 78 5.50 38.30 11.34
C ALA D 78 6.68 37.76 12.15
N VAL D 79 6.56 37.90 13.45
CA VAL D 79 7.57 37.52 14.41
C VAL D 79 7.82 36.03 14.37
N MET D 80 6.74 35.25 14.33
CA MET D 80 6.88 33.80 14.30
C MET D 80 7.29 33.32 12.89
N GLN D 81 6.83 33.97 11.84
CA GLN D 81 7.32 33.66 10.48
C GLN D 81 8.85 33.66 10.43
N ALA D 82 9.44 34.69 11.04
CA ALA D 82 10.91 34.85 10.94
C ALA D 82 11.61 33.68 11.66
N GLN D 83 11.06 33.30 12.81
CA GLN D 83 11.64 32.21 13.56
C GLN D 83 11.39 30.88 12.89
N ALA D 84 10.21 30.69 12.32
CA ALA D 84 9.91 29.42 11.68
C ALA D 84 10.81 29.16 10.46
N SER D 85 11.24 30.23 9.80
CA SER D 85 11.97 30.07 8.55
C SER D 85 13.32 29.34 8.78
N LEU D 86 13.80 29.42 10.01
CA LEU D 86 15.05 28.78 10.47
C LEU D 86 14.93 27.25 10.58
N LEU D 87 13.71 26.70 10.56
CA LEU D 87 13.51 25.28 10.91
C LEU D 87 13.32 24.37 9.69
N SER D 88 13.92 23.17 9.75
CA SER D 88 13.72 22.16 8.73
C SER D 88 12.46 21.35 9.09
N ASP D 89 11.91 20.59 8.15
CA ASP D 89 10.76 19.78 8.49
C ASP D 89 11.09 18.81 9.61
N ASP D 90 12.33 18.33 9.63
CA ASP D 90 12.74 17.44 10.72
C ASP D 90 12.75 18.14 12.11
N ASP D 91 13.36 19.33 12.17
CA ASP D 91 13.27 20.24 13.33
C ASP D 91 11.78 20.37 13.80
N ILE D 92 10.87 20.69 12.89
CA ILE D 92 9.45 20.92 13.24
C ILE D 92 8.91 19.64 13.85
N ALA D 93 9.16 18.51 13.18
CA ALA D 93 8.71 17.22 13.70
C ALA D 93 9.18 17.01 15.14
N ASN D 94 10.48 17.24 15.35
CA ASN D 94 11.12 17.03 16.63
C ASN D 94 10.53 17.94 17.71
N LEU D 95 10.34 19.21 17.35
CA LEU D 95 9.70 20.18 18.28
C LEU D 95 8.26 19.81 18.62
N ALA D 96 7.48 19.36 17.64
CA ALA D 96 6.10 18.97 17.89
C ALA D 96 6.09 17.78 18.89
N ALA D 97 6.99 16.82 18.65
CA ALA D 97 7.12 15.63 19.53
C ALA D 97 7.39 16.12 20.94
N TYR D 98 8.38 17.02 21.07
CA TYR D 98 8.68 17.65 22.37
C TYR D 98 7.52 18.35 23.06
N TYR D 99 7.03 19.43 22.46
CA TYR D 99 5.95 20.19 23.17
C TYR D 99 4.70 19.38 23.43
N SER D 100 4.34 18.52 22.46
CA SER D 100 3.15 17.70 22.63
C SER D 100 3.29 16.78 23.84
N SER D 101 4.53 16.47 24.21
CA SER D 101 4.77 15.45 25.21
C SER D 101 4.77 15.98 26.64
N LEU D 102 4.87 17.31 26.78
CA LEU D 102 5.09 17.94 28.09
C LEU D 102 3.92 17.74 29.05
N GLY E 22 -12.31 28.81 -10.63
CA GLY E 22 -12.00 28.24 -11.97
C GLY E 22 -13.13 28.49 -12.95
N ASP E 23 -12.96 28.03 -14.19
CA ASP E 23 -13.91 28.38 -15.26
C ASP E 23 -14.67 27.09 -15.54
N ALA E 24 -15.91 27.01 -15.08
CA ALA E 24 -16.68 25.76 -15.23
C ALA E 24 -16.98 25.40 -16.68
N ALA E 25 -17.12 26.40 -17.56
CA ALA E 25 -17.37 26.12 -18.94
C ALA E 25 -16.12 25.49 -19.56
N ALA E 26 -14.95 26.06 -19.27
CA ALA E 26 -13.67 25.44 -19.70
C ALA E 26 -13.47 24.04 -19.08
N GLY E 27 -13.84 23.90 -17.82
CA GLY E 27 -13.74 22.58 -17.12
C GLY E 27 -14.61 21.51 -17.77
N GLN E 28 -15.79 21.88 -18.24
CA GLN E 28 -16.64 20.89 -18.88
C GLN E 28 -16.03 20.42 -20.24
N ALA E 29 -15.42 21.34 -20.98
CA ALA E 29 -14.77 20.96 -22.24
C ALA E 29 -13.62 19.99 -21.92
N LYS E 30 -12.83 20.34 -20.92
CA LYS E 30 -11.66 19.54 -20.54
C LYS E 30 -12.12 18.15 -20.03
N ALA E 31 -13.23 18.14 -19.31
CA ALA E 31 -13.70 16.92 -18.64
C ALA E 31 -13.94 15.76 -19.60
N ALA E 32 -14.00 16.09 -20.88
CA ALA E 32 -14.13 15.03 -21.92
C ALA E 32 -13.07 13.95 -21.73
N VAL E 33 -11.89 14.34 -21.28
CA VAL E 33 -10.80 13.37 -21.16
C VAL E 33 -10.93 12.55 -19.88
N CYS E 34 -11.83 12.96 -18.96
CA CYS E 34 -12.11 12.21 -17.69
C CYS E 34 -13.31 11.26 -17.76
N ALA E 35 -14.14 11.40 -18.80
CA ALA E 35 -15.49 10.84 -18.82
C ALA E 35 -15.55 9.34 -18.90
N ALA E 36 -14.53 8.71 -19.50
CA ALA E 36 -14.60 7.26 -19.56
C ALA E 36 -14.51 6.59 -18.21
N CYS E 37 -13.77 7.21 -17.28
CA CYS E 37 -13.56 6.62 -15.98
C CYS E 37 -14.47 7.18 -14.93
N HIS E 38 -14.75 8.47 -15.00
CA HIS E 38 -15.61 9.09 -13.99
C HIS E 38 -17.05 9.33 -14.40
N GLY E 39 -17.39 9.01 -15.65
CA GLY E 39 -18.75 9.16 -16.13
C GLY E 39 -18.98 10.50 -16.80
N ALA E 40 -19.89 10.52 -17.79
CA ALA E 40 -20.24 11.77 -18.45
C ALA E 40 -20.87 12.80 -17.52
N ASP E 41 -21.43 12.36 -16.39
CA ASP E 41 -22.02 13.30 -15.45
C ASP E 41 -21.27 13.27 -14.11
N GLY E 42 -20.06 12.68 -14.09
CA GLY E 42 -19.27 12.59 -12.85
C GLY E 42 -19.77 11.47 -11.97
N ASN E 43 -20.72 10.70 -12.50
CA ASN E 43 -21.07 9.46 -11.81
C ASN E 43 -20.40 8.26 -12.47
N ALA E 44 -19.55 7.57 -11.73
CA ALA E 44 -18.75 6.48 -12.26
C ALA E 44 -19.58 5.21 -12.21
N THR E 45 -19.27 4.28 -13.10
CA THR E 45 -20.03 3.04 -13.16
C THR E 45 -19.08 1.88 -12.91
N ILE E 46 -17.79 2.11 -13.13
CA ILE E 46 -16.82 1.06 -12.91
C ILE E 46 -16.61 0.78 -11.43
N PRO E 47 -16.84 -0.47 -11.01
CA PRO E 47 -16.63 -0.72 -9.61
C PRO E 47 -15.27 -0.26 -9.09
N GLY E 48 -15.24 0.39 -7.93
CA GLY E 48 -13.95 0.88 -7.40
C GLY E 48 -13.54 2.30 -7.78
N TYR E 49 -14.17 2.85 -8.80
CA TYR E 49 -13.82 4.18 -9.26
C TYR E 49 -14.78 5.18 -8.64
N PRO E 50 -14.26 6.33 -8.27
CA PRO E 50 -15.07 7.26 -7.51
C PRO E 50 -15.99 8.18 -8.35
N ASN E 51 -17.20 8.48 -7.86
CA ASN E 51 -18.00 9.59 -8.37
C ASN E 51 -17.33 10.94 -8.02
N LEU E 52 -17.38 11.90 -8.94
CA LEU E 52 -16.87 13.26 -8.73
C LEU E 52 -18.04 14.25 -8.65
N LYS E 53 -19.21 13.78 -9.06
CA LYS E 53 -20.31 14.71 -9.25
C LYS E 53 -20.68 15.43 -7.95
N GLY E 54 -20.61 16.77 -7.98
CA GLY E 54 -21.03 17.62 -6.87
C GLY E 54 -20.05 17.54 -5.71
N GLN E 55 -18.89 16.93 -5.92
CA GLN E 55 -17.85 16.92 -4.85
C GLN E 55 -17.35 18.31 -4.51
N ASN E 56 -16.98 18.52 -3.23
CA ASN E 56 -16.46 19.81 -2.81
C ASN E 56 -15.27 20.33 -3.68
N GLU E 57 -15.35 21.58 -4.08
CA GLU E 57 -14.47 22.13 -5.08
C GLU E 57 -13.03 22.13 -4.62
N GLN E 58 -12.79 22.62 -3.40
CA GLN E 58 -11.40 22.65 -2.90
C GLN E 58 -10.84 21.21 -2.78
N TYR E 59 -11.70 20.27 -2.44
CA TYR E 59 -11.23 18.90 -2.25
C TYR E 59 -10.86 18.32 -3.59
N ILE E 60 -11.62 18.65 -4.64
CA ILE E 60 -11.23 18.20 -5.99
C ILE E 60 -9.86 18.75 -6.37
N VAL E 61 -9.62 20.03 -6.12
CA VAL E 61 -8.30 20.60 -6.42
C VAL E 61 -7.19 19.87 -5.63
N SER E 62 -7.36 19.78 -4.32
CA SER E 62 -6.32 19.21 -3.49
C SER E 62 -6.04 17.76 -3.91
N SER E 63 -7.10 16.97 -4.15
CA SER E 63 -7.03 15.56 -4.51
C SER E 63 -6.24 15.37 -5.75
N ILE E 64 -6.56 16.14 -6.76
CA ILE E 64 -5.89 15.94 -8.07
C ILE E 64 -4.44 16.31 -7.94
N LYS E 65 -4.16 17.36 -7.18
CA LYS E 65 -2.76 17.69 -6.91
C LYS E 65 -1.97 16.59 -6.18
N ALA E 66 -2.61 15.88 -5.28
CA ALA E 66 -2.00 14.76 -4.56
C ALA E 66 -1.61 13.64 -5.53
N TYR E 67 -2.48 13.34 -6.51
CA TYR E 67 -2.10 12.34 -7.50
C TYR E 67 -0.90 12.83 -8.33
N LYS E 68 -0.96 14.08 -8.71
CA LYS E 68 0.10 14.65 -9.53
C LYS E 68 1.46 14.64 -8.82
N ASN E 69 1.44 14.92 -7.51
CA ASN E 69 2.66 14.89 -6.70
C ASN E 69 2.99 13.53 -6.07
N LYS E 70 2.16 12.54 -6.39
CA LYS E 70 2.30 11.14 -5.96
C LYS E 70 2.21 10.96 -4.46
N GLU E 71 1.39 11.81 -3.83
CA GLU E 71 1.15 11.74 -2.38
C GLU E 71 -0.06 10.86 -2.06
N ARG E 72 -0.71 10.34 -3.12
CA ARG E 72 -1.58 9.19 -3.00
C ARG E 72 -0.94 8.04 -3.83
N SER E 73 -0.75 6.89 -3.24
CA SER E 73 -0.06 5.79 -3.95
C SER E 73 -0.78 4.45 -3.72
N GLY E 74 -0.52 3.46 -4.57
CA GLY E 74 -1.10 2.15 -4.27
C GLY E 74 -2.38 1.91 -4.99
N GLY E 75 -2.64 0.63 -5.29
CA GLY E 75 -3.81 0.22 -6.08
C GLY E 75 -4.05 1.08 -7.29
N LEU E 76 -5.28 1.55 -7.43
CA LEU E 76 -5.66 2.34 -8.59
C LEU E 76 -5.04 3.77 -8.60
N ALA E 77 -4.39 4.19 -7.52
CA ALA E 77 -3.76 5.51 -7.51
C ALA E 77 -2.84 5.70 -8.72
N ALA E 78 -2.13 4.64 -9.15
CA ALA E 78 -1.15 4.81 -10.22
C ALA E 78 -1.79 5.29 -11.54
N VAL E 79 -2.98 4.76 -11.81
CA VAL E 79 -3.79 5.07 -12.97
C VAL E 79 -4.11 6.57 -12.94
N MET E 80 -4.59 7.04 -11.78
CA MET E 80 -4.89 8.45 -11.66
C MET E 80 -3.66 9.38 -11.63
N GLN E 81 -2.54 8.92 -11.09
CA GLN E 81 -1.30 9.74 -11.09
C GLN E 81 -0.90 10.06 -12.55
N ALA E 82 -1.01 9.06 -13.42
CA ALA E 82 -0.67 9.24 -14.84
C ALA E 82 -1.56 10.29 -15.52
N GLN E 83 -2.86 10.15 -15.37
CA GLN E 83 -3.75 11.18 -15.93
C GLN E 83 -3.55 12.58 -15.27
N ALA E 84 -3.32 12.61 -13.96
CA ALA E 84 -3.23 13.90 -13.27
C ALA E 84 -2.00 14.65 -13.78
N SER E 85 -0.96 13.89 -14.12
CA SER E 85 0.28 14.54 -14.58
C SER E 85 0.11 15.41 -15.80
N LEU E 86 -0.92 15.12 -16.60
CA LEU E 86 -1.21 15.90 -17.81
C LEU E 86 -1.75 17.31 -17.54
N LEU E 87 -2.22 17.56 -16.31
CA LEU E 87 -3.07 18.72 -16.06
C LEU E 87 -2.31 19.94 -15.50
N SER E 88 -2.63 21.13 -16.00
CA SER E 88 -2.02 22.33 -15.43
C SER E 88 -2.85 22.77 -14.21
N ASP E 89 -2.29 23.66 -13.40
CA ASP E 89 -3.06 24.23 -12.31
C ASP E 89 -4.33 24.88 -12.76
N ASP E 90 -4.30 25.54 -13.93
CA ASP E 90 -5.55 26.12 -14.45
C ASP E 90 -6.56 25.01 -14.78
N ASP E 91 -6.10 23.97 -15.46
CA ASP E 91 -6.96 22.85 -15.82
C ASP E 91 -7.63 22.31 -14.56
N ILE E 92 -6.81 22.12 -13.51
CA ILE E 92 -7.32 21.58 -12.24
C ILE E 92 -8.44 22.47 -11.69
N ALA E 93 -8.19 23.79 -11.61
CA ALA E 93 -9.18 24.75 -11.14
C ALA E 93 -10.47 24.61 -11.94
N ASN E 94 -10.31 24.57 -13.27
CA ASN E 94 -11.47 24.50 -14.15
C ASN E 94 -12.28 23.22 -13.92
N LEU E 95 -11.59 22.07 -13.97
CA LEU E 95 -12.29 20.78 -13.72
C LEU E 95 -13.01 20.80 -12.37
N ALA E 96 -12.37 21.29 -11.33
CA ALA E 96 -13.00 21.32 -10.01
C ALA E 96 -14.25 22.22 -10.02
N ALA E 97 -14.18 23.35 -10.72
CA ALA E 97 -15.35 24.25 -10.81
C ALA E 97 -16.53 23.54 -11.51
N TYR E 98 -16.17 22.81 -12.55
CA TYR E 98 -17.13 22.00 -13.31
C TYR E 98 -17.83 20.92 -12.45
N TYR E 99 -17.05 19.99 -11.94
CA TYR E 99 -17.63 18.88 -11.23
C TYR E 99 -18.37 19.30 -9.97
N SER E 100 -17.81 20.30 -9.25
CA SER E 100 -18.41 20.71 -7.97
C SER E 100 -19.75 21.34 -8.23
N SER E 101 -19.97 21.85 -9.44
CA SER E 101 -21.19 22.60 -9.65
C SER E 101 -22.32 21.78 -10.29
N LEU E 102 -22.05 20.50 -10.56
CA LEU E 102 -23.14 19.61 -10.99
C LEU E 102 -24.13 19.28 -9.87
N GLY F 22 -20.73 -5.63 3.50
CA GLY F 22 -20.84 -5.02 4.87
C GLY F 22 -22.28 -4.85 5.29
N ASP F 23 -22.49 -4.50 6.55
CA ASP F 23 -23.83 -4.40 7.12
C ASP F 23 -24.22 -2.92 7.21
N ALA F 24 -25.07 -2.45 6.30
CA ALA F 24 -25.36 -1.02 6.27
C ALA F 24 -25.88 -0.44 7.60
N ALA F 25 -26.55 -1.26 8.39
CA ALA F 25 -27.17 -0.74 9.61
C ALA F 25 -26.13 -0.55 10.70
N ALA F 26 -25.22 -1.52 10.85
CA ALA F 26 -24.10 -1.36 11.75
C ALA F 26 -23.29 -0.13 11.32
N GLY F 27 -23.22 0.07 10.00
CA GLY F 27 -22.44 1.19 9.49
C GLY F 27 -23.10 2.48 9.89
N GLN F 28 -24.43 2.52 9.83
CA GLN F 28 -25.08 3.78 10.14
C GLN F 28 -24.83 4.15 11.59
N ALA F 29 -24.77 3.13 12.45
CA ALA F 29 -24.50 3.38 13.86
C ALA F 29 -23.04 3.86 14.03
N LYS F 30 -22.10 3.15 13.40
CA LYS F 30 -20.72 3.52 13.50
C LYS F 30 -20.50 4.95 13.02
N ALA F 31 -21.26 5.39 12.01
CA ALA F 31 -21.00 6.66 11.33
C ALA F 31 -21.25 7.89 12.19
N ALA F 32 -21.81 7.71 13.39
CA ALA F 32 -21.95 8.87 14.27
C ALA F 32 -20.62 9.58 14.50
N VAL F 33 -19.52 8.84 14.48
CA VAL F 33 -18.20 9.44 14.71
C VAL F 33 -17.66 10.19 13.51
N CYS F 34 -18.32 10.05 12.36
CA CYS F 34 -17.82 10.60 11.11
C CYS F 34 -18.55 11.90 10.77
N ALA F 35 -19.84 11.89 11.11
CA ALA F 35 -20.79 13.01 10.88
C ALA F 35 -20.22 14.36 11.21
N ALA F 36 -19.39 14.47 12.23
CA ALA F 36 -18.81 15.78 12.58
C ALA F 36 -17.87 16.40 11.53
N CYS F 37 -17.39 15.61 10.57
CA CYS F 37 -16.56 16.17 9.52
C CYS F 37 -17.19 15.93 8.16
N HIS F 38 -17.89 14.83 7.99
CA HIS F 38 -18.46 14.49 6.68
C HIS F 38 -19.97 14.77 6.57
N GLY F 39 -20.55 15.26 7.66
CA GLY F 39 -21.95 15.69 7.67
C GLY F 39 -22.97 14.60 7.93
N ALA F 40 -24.21 15.02 8.17
CA ALA F 40 -25.24 14.11 8.64
C ALA F 40 -25.19 12.70 8.00
N ASP F 41 -25.33 12.70 6.69
CA ASP F 41 -25.61 11.52 5.87
C ASP F 41 -24.45 11.42 4.86
N GLY F 42 -23.33 12.03 5.22
CA GLY F 42 -22.17 12.12 4.33
C GLY F 42 -22.20 13.30 3.38
N ASN F 43 -23.15 14.22 3.63
CA ASN F 43 -23.21 15.43 2.85
C ASN F 43 -22.39 16.47 3.58
N ALA F 44 -21.17 16.72 3.10
CA ALA F 44 -20.22 17.58 3.86
C ALA F 44 -20.43 19.07 3.58
N THR F 45 -20.15 19.90 4.57
CA THR F 45 -20.28 21.36 4.40
C THR F 45 -18.94 22.04 4.58
N ILE F 46 -18.11 21.44 5.42
CA ILE F 46 -16.81 22.02 5.79
C ILE F 46 -15.94 22.20 4.55
N PRO F 47 -15.30 23.37 4.34
CA PRO F 47 -14.56 23.45 3.07
C PRO F 47 -13.41 22.50 3.01
N GLY F 48 -13.20 21.97 1.82
CA GLY F 48 -12.11 21.05 1.60
C GLY F 48 -12.38 19.63 2.11
N TYR F 49 -13.48 19.40 2.84
CA TYR F 49 -13.78 18.05 3.39
C TYR F 49 -14.74 17.36 2.39
N PRO F 50 -14.48 16.10 2.06
CA PRO F 50 -15.21 15.51 0.91
C PRO F 50 -16.61 14.98 1.32
N ASN F 51 -17.61 15.09 0.42
CA ASN F 51 -18.88 14.34 0.59
C ASN F 51 -18.62 12.85 0.48
N LEU F 52 -19.33 12.05 1.27
CA LEU F 52 -19.29 10.58 1.12
C LEU F 52 -20.61 10.01 0.62
N LYS F 53 -21.66 10.84 0.68
CA LYS F 53 -23.01 10.36 0.32
C LYS F 53 -23.14 9.71 -1.05
N GLY F 54 -23.52 8.43 -1.04
CA GLY F 54 -23.79 7.66 -2.26
C GLY F 54 -22.53 7.32 -3.05
N GLN F 55 -21.36 7.53 -2.43
CA GLN F 55 -20.10 7.19 -3.11
C GLN F 55 -20.01 5.70 -3.37
N ASN F 56 -19.23 5.29 -4.38
CA ASN F 56 -19.10 3.88 -4.71
C ASN F 56 -18.60 3.04 -3.52
N GLU F 57 -19.27 1.93 -3.22
CA GLU F 57 -18.92 1.10 -2.04
C GLU F 57 -17.49 0.62 -1.99
N GLN F 58 -17.00 0.03 -3.08
CA GLN F 58 -15.69 -0.52 -3.14
C GLN F 58 -14.71 0.64 -3.02
N TYR F 59 -15.07 1.81 -3.58
CA TYR F 59 -14.15 3.03 -3.50
C TYR F 59 -14.07 3.52 -2.03
N ILE F 60 -15.18 3.55 -1.34
CA ILE F 60 -15.13 3.92 0.11
C ILE F 60 -14.21 2.97 0.87
N VAL F 61 -14.36 1.65 0.70
CA VAL F 61 -13.45 0.71 1.38
C VAL F 61 -11.97 0.94 1.06
N SER F 62 -11.64 1.06 -0.24
CA SER F 62 -10.29 1.14 -0.62
C SER F 62 -9.72 2.47 -0.12
N SER F 63 -10.54 3.54 -0.11
CA SER F 63 -9.99 4.87 0.25
C SER F 63 -9.78 4.94 1.79
N ILE F 64 -10.66 4.33 2.58
CA ILE F 64 -10.44 4.40 4.07
C ILE F 64 -9.23 3.54 4.37
N LYS F 65 -9.13 2.38 3.70
CA LYS F 65 -7.93 1.54 3.89
C LYS F 65 -6.65 2.27 3.52
N ALA F 66 -6.74 3.12 2.49
CA ALA F 66 -5.60 3.96 2.08
C ALA F 66 -5.14 4.82 3.23
N TYR F 67 -6.04 5.51 3.89
CA TYR F 67 -5.67 6.35 5.03
C TYR F 67 -5.15 5.50 6.19
N LYS F 68 -5.82 4.38 6.46
CA LYS F 68 -5.39 3.43 7.52
C LYS F 68 -3.95 2.99 7.33
N ASN F 69 -3.58 2.70 6.08
CA ASN F 69 -2.26 2.17 5.75
C ASN F 69 -1.28 3.27 5.32
N LYS F 70 -1.74 4.51 5.44
CA LYS F 70 -0.95 5.73 5.14
C LYS F 70 -0.43 5.81 3.67
N GLU F 71 -1.26 5.34 2.72
CA GLU F 71 -1.00 5.45 1.28
C GLU F 71 -1.51 6.77 0.75
N ARG F 72 -2.09 7.60 1.62
CA ARG F 72 -2.41 8.99 1.25
C ARG F 72 -1.74 9.81 2.32
N SER F 73 -0.93 10.81 1.94
CA SER F 73 -0.01 11.44 2.89
C SER F 73 -0.02 12.92 2.59
N GLY F 74 0.41 13.77 3.52
CA GLY F 74 0.60 15.18 3.14
C GLY F 74 -0.66 16.01 3.29
N GLY F 75 -0.56 17.19 3.89
CA GLY F 75 -1.77 18.06 3.96
C GLY F 75 -2.91 17.60 4.89
N LEU F 76 -4.16 17.66 4.41
CA LEU F 76 -5.28 17.20 5.23
C LEU F 76 -5.34 15.71 5.33
N ALA F 77 -4.56 15.00 4.52
CA ALA F 77 -4.61 13.55 4.69
C ALA F 77 -4.29 13.12 6.13
N ALA F 78 -3.34 13.79 6.78
CA ALA F 78 -2.98 13.44 8.15
C ALA F 78 -4.19 13.37 9.09
N VAL F 79 -5.16 14.25 8.92
CA VAL F 79 -6.31 14.31 9.81
C VAL F 79 -7.11 13.01 9.67
N MET F 80 -7.33 12.62 8.40
CA MET F 80 -8.08 11.42 8.14
C MET F 80 -7.29 10.16 8.43
N GLN F 81 -5.96 10.19 8.23
CA GLN F 81 -5.12 9.07 8.67
C GLN F 81 -5.42 8.70 10.09
N ALA F 82 -5.45 9.71 10.96
CA ALA F 82 -5.67 9.42 12.37
C ALA F 82 -7.05 8.79 12.63
N GLN F 83 -8.05 9.24 11.89
CA GLN F 83 -9.39 8.70 12.12
C GLN F 83 -9.49 7.25 11.58
N ALA F 84 -8.77 6.94 10.51
CA ALA F 84 -8.90 5.60 9.90
C ALA F 84 -8.15 4.55 10.73
N SER F 85 -7.11 4.98 11.44
CA SER F 85 -6.28 4.03 12.19
C SER F 85 -7.07 3.26 13.27
N LEU F 86 -8.19 3.83 13.71
CA LEU F 86 -9.11 3.29 14.75
C LEU F 86 -10.11 2.23 14.22
N LEU F 87 -10.14 2.06 12.91
CA LEU F 87 -11.25 1.31 12.29
C LEU F 87 -10.83 -0.10 11.93
N SER F 88 -11.63 -1.11 12.30
CA SER F 88 -11.36 -2.48 11.94
C SER F 88 -11.80 -2.68 10.50
N ASP F 89 -11.35 -3.74 9.86
CA ASP F 89 -11.78 -3.92 8.45
C ASP F 89 -13.29 -4.19 8.38
N ASP F 90 -13.86 -4.75 9.43
CA ASP F 90 -15.31 -4.84 9.55
C ASP F 90 -16.02 -3.48 9.61
N ASP F 91 -15.52 -2.57 10.45
CA ASP F 91 -16.11 -1.25 10.61
C ASP F 91 -16.13 -0.62 9.22
N ILE F 92 -15.00 -0.78 8.52
CA ILE F 92 -14.84 -0.16 7.18
C ILE F 92 -15.89 -0.69 6.17
N ALA F 93 -16.04 -2.01 6.10
CA ALA F 93 -17.04 -2.59 5.23
C ALA F 93 -18.41 -2.08 5.56
N ASN F 94 -18.70 -1.92 6.85
CA ASN F 94 -20.02 -1.48 7.31
C ASN F 94 -20.27 -0.03 7.00
N LEU F 95 -19.25 0.78 7.26
CA LEU F 95 -19.36 2.17 6.92
C LEU F 95 -19.57 2.40 5.41
N ALA F 96 -18.84 1.65 4.58
CA ALA F 96 -18.93 1.77 3.13
C ALA F 96 -20.36 1.41 2.71
N ALA F 97 -20.81 0.27 3.21
CA ALA F 97 -22.18 -0.22 2.99
C ALA F 97 -23.22 0.84 3.21
N TYR F 98 -23.10 1.55 4.32
CA TYR F 98 -24.00 2.64 4.69
C TYR F 98 -23.95 3.82 3.72
N TYR F 99 -22.79 4.48 3.62
CA TYR F 99 -22.70 5.61 2.75
C TYR F 99 -23.10 5.33 1.31
N SER F 100 -22.66 4.21 0.76
CA SER F 100 -22.97 3.88 -0.64
C SER F 100 -24.48 3.69 -0.83
N SER F 101 -25.15 3.18 0.20
CA SER F 101 -26.58 2.88 0.12
C SER F 101 -27.47 4.11 0.03
N LEU F 102 -26.94 5.30 0.25
CA LEU F 102 -27.71 6.54 0.27
C LEU F 102 -27.87 7.25 -1.09
N GLY G 22 -28.33 37.48 -18.25
CA GLY G 22 -28.70 36.06 -18.02
C GLY G 22 -27.60 35.43 -17.21
N ASP G 23 -27.85 34.23 -16.71
CA ASP G 23 -26.97 33.50 -15.79
C ASP G 23 -26.26 32.37 -16.57
N ALA G 24 -24.98 32.58 -16.91
CA ALA G 24 -24.23 31.62 -17.74
C ALA G 24 -24.11 30.23 -17.09
N ALA G 25 -23.96 30.19 -15.78
CA ALA G 25 -23.93 28.91 -15.07
C ALA G 25 -25.24 28.11 -15.24
N ALA G 26 -26.40 28.76 -15.04
CA ALA G 26 -27.66 28.07 -15.29
C ALA G 26 -27.79 27.78 -16.79
N GLY G 27 -27.29 28.67 -17.64
CA GLY G 27 -27.33 28.35 -19.09
C GLY G 27 -26.46 27.16 -19.42
N GLN G 28 -25.27 27.06 -18.80
CA GLN G 28 -24.43 25.88 -19.05
C GLN G 28 -25.16 24.55 -18.67
N ALA G 29 -25.86 24.54 -17.53
CA ALA G 29 -26.64 23.37 -17.09
C ALA G 29 -27.74 23.05 -18.12
N LYS G 30 -28.42 24.09 -18.56
CA LYS G 30 -29.54 23.91 -19.45
C LYS G 30 -29.10 23.33 -20.81
N ALA G 31 -27.87 23.68 -21.22
CA ALA G 31 -27.34 23.39 -22.57
C ALA G 31 -27.25 21.92 -22.89
N ALA G 32 -27.43 21.09 -21.87
CA ALA G 32 -27.37 19.67 -22.05
C ALA G 32 -28.35 19.28 -23.13
N VAL G 33 -29.51 19.93 -23.12
CA VAL G 33 -30.63 19.54 -23.96
C VAL G 33 -30.41 20.01 -25.40
N CYS G 34 -29.37 20.82 -25.64
CA CYS G 34 -29.01 21.34 -26.99
C CYS G 34 -27.90 20.53 -27.65
N ALA G 35 -27.18 19.72 -26.85
CA ALA G 35 -25.85 19.22 -27.23
C ALA G 35 -25.84 18.23 -28.40
N ALA G 36 -26.88 17.44 -28.54
CA ALA G 36 -26.89 16.42 -29.60
C ALA G 36 -26.91 17.09 -30.99
N CYS G 37 -27.39 18.33 -31.05
CA CYS G 37 -27.52 18.99 -32.35
C CYS G 37 -26.52 20.13 -32.53
N HIS G 38 -26.21 20.85 -31.45
CA HIS G 38 -25.27 21.99 -31.50
C HIS G 38 -23.88 21.70 -30.88
N GLY G 39 -23.66 20.46 -30.48
CA GLY G 39 -22.36 20.07 -29.95
C GLY G 39 -22.27 20.36 -28.48
N ALA G 40 -21.40 19.65 -27.77
CA ALA G 40 -21.25 19.92 -26.32
C ALA G 40 -20.88 21.37 -26.01
N ASP G 41 -20.03 21.94 -26.86
CA ASP G 41 -19.52 23.30 -26.69
C ASP G 41 -20.18 24.31 -27.65
N GLY G 42 -21.29 23.93 -28.30
CA GLY G 42 -21.89 24.81 -29.31
C GLY G 42 -21.14 24.78 -30.63
N ASN G 43 -20.20 23.85 -30.72
CA ASN G 43 -19.60 23.53 -32.00
C ASN G 43 -20.31 22.41 -32.72
N ALA G 44 -20.95 22.69 -33.84
CA ALA G 44 -21.86 21.70 -34.44
C ALA G 44 -21.08 20.91 -35.46
N THR G 45 -21.57 19.75 -35.86
CA THR G 45 -20.85 18.98 -36.87
C THR G 45 -21.80 18.49 -37.96
N ILE G 46 -23.08 18.33 -37.64
CA ILE G 46 -24.04 17.93 -38.67
C ILE G 46 -24.19 19.01 -39.77
N PRO G 47 -24.03 18.62 -41.06
CA PRO G 47 -24.27 19.58 -42.15
C PRO G 47 -25.59 20.32 -41.97
N GLY G 48 -25.53 21.63 -42.09
CA GLY G 48 -26.73 22.40 -42.03
C GLY G 48 -27.09 22.85 -40.63
N TYR G 49 -26.41 22.33 -39.60
CA TYR G 49 -26.69 22.76 -38.23
C TYR G 49 -25.72 23.82 -37.83
N PRO G 50 -26.19 24.88 -37.17
CA PRO G 50 -25.30 25.97 -36.99
C PRO G 50 -24.50 25.89 -35.68
N ASN G 51 -23.28 26.43 -35.70
CA ASN G 51 -22.51 26.60 -34.45
C ASN G 51 -23.11 27.72 -33.62
N LEU G 52 -23.05 27.58 -32.30
CA LEU G 52 -23.54 28.56 -31.32
C LEU G 52 -22.39 29.16 -30.54
N LYS G 53 -21.27 28.44 -30.52
CA LYS G 53 -20.14 28.80 -29.68
C LYS G 53 -19.63 30.20 -30.02
N GLY G 54 -19.59 31.08 -29.02
CA GLY G 54 -19.08 32.42 -29.25
C GLY G 54 -20.05 33.38 -29.92
N GLN G 55 -21.27 32.93 -30.23
CA GLN G 55 -22.20 33.80 -30.98
C GLN G 55 -22.64 35.00 -30.14
N ASN G 56 -22.95 36.10 -30.82
CA ASN G 56 -23.35 37.32 -30.12
C ASN G 56 -24.54 37.08 -29.22
N GLU G 57 -24.47 37.57 -27.98
CA GLU G 57 -25.45 37.19 -26.98
C GLU G 57 -26.84 37.65 -27.38
N GLN G 58 -26.98 38.93 -27.78
CA GLN G 58 -28.33 39.39 -28.02
C GLN G 58 -28.86 38.75 -29.30
N TYR G 59 -27.95 38.38 -30.22
CA TYR G 59 -28.39 37.61 -31.41
C TYR G 59 -28.92 36.22 -31.06
N ILE G 60 -28.24 35.53 -30.17
CA ILE G 60 -28.82 34.24 -29.70
C ILE G 60 -30.24 34.44 -29.13
N VAL G 61 -30.44 35.48 -28.32
CA VAL G 61 -31.73 35.66 -27.73
C VAL G 61 -32.76 35.93 -28.84
N SER G 62 -32.50 36.90 -29.72
CA SER G 62 -33.52 37.23 -30.73
C SER G 62 -33.74 36.02 -31.65
N SER G 63 -32.68 35.27 -31.95
CA SER G 63 -32.85 34.17 -32.90
C SER G 63 -33.63 33.01 -32.29
N ILE G 64 -33.36 32.67 -31.04
CA ILE G 64 -34.21 31.63 -30.42
C ILE G 64 -35.67 32.09 -30.34
N LYS G 65 -35.90 33.36 -29.98
CA LYS G 65 -37.28 33.87 -29.95
C LYS G 65 -37.93 33.79 -31.34
N ALA G 66 -37.15 34.03 -32.40
CA ALA G 66 -37.68 33.85 -33.78
C ALA G 66 -38.25 32.44 -33.99
N TYR G 67 -37.53 31.39 -33.59
CA TYR G 67 -38.06 30.02 -33.76
C TYR G 67 -39.27 29.82 -32.85
N LYS G 68 -39.18 30.36 -31.63
CA LYS G 68 -40.28 30.16 -30.65
C LYS G 68 -41.56 30.78 -31.22
N ASN G 69 -41.41 31.95 -31.89
CA ASN G 69 -42.48 32.66 -32.54
C ASN G 69 -42.81 32.27 -33.99
N LYS G 70 -42.11 31.27 -34.49
CA LYS G 70 -42.28 30.66 -35.81
C LYS G 70 -42.01 31.64 -36.94
N GLU G 71 -41.14 32.61 -36.66
CA GLU G 71 -40.77 33.59 -37.70
C GLU G 71 -39.65 33.10 -38.62
N ARG G 72 -39.14 31.90 -38.35
CA ARG G 72 -38.24 31.22 -39.25
C ARG G 72 -38.98 29.90 -39.48
N SER G 73 -39.14 29.54 -40.73
CA SER G 73 -40.03 28.42 -41.09
C SER G 73 -39.42 27.59 -42.23
N GLY G 74 -39.89 26.36 -42.38
CA GLY G 74 -39.45 25.52 -43.47
C GLY G 74 -38.18 24.72 -43.21
N GLY G 75 -38.21 23.48 -43.67
CA GLY G 75 -37.02 22.59 -43.60
C GLY G 75 -36.61 22.35 -42.17
N LEU G 76 -35.32 22.58 -41.90
CA LEU G 76 -34.80 22.34 -40.57
C LEU G 76 -35.32 23.35 -39.56
N ALA G 77 -35.87 24.47 -40.00
CA ALA G 77 -36.35 25.47 -39.02
C ALA G 77 -37.46 24.90 -38.16
N ALA G 78 -38.19 23.95 -38.71
CA ALA G 78 -39.29 23.35 -38.00
C ALA G 78 -38.75 22.53 -36.81
N VAL G 79 -37.60 21.90 -37.02
CA VAL G 79 -36.93 21.15 -35.96
C VAL G 79 -36.59 22.09 -34.79
N MET G 80 -36.01 23.25 -35.09
CA MET G 80 -35.66 24.16 -34.03
C MET G 80 -36.89 24.90 -33.42
N GLN G 81 -37.91 25.22 -34.22
CA GLN G 81 -39.17 25.74 -33.66
C GLN G 81 -39.64 24.88 -32.50
N ALA G 82 -39.60 23.57 -32.70
CA ALA G 82 -40.14 22.67 -31.70
C ALA G 82 -39.31 22.70 -30.42
N GLN G 83 -38.00 22.72 -30.58
CA GLN G 83 -37.10 22.76 -29.44
C GLN G 83 -37.24 24.11 -28.74
N ALA G 84 -37.41 25.18 -29.53
CA ALA G 84 -37.53 26.53 -28.97
C ALA G 84 -38.78 26.71 -28.09
N SER G 85 -39.85 26.01 -28.48
CA SER G 85 -41.12 26.16 -27.80
C SER G 85 -41.01 25.71 -26.32
N LEU G 86 -39.98 24.91 -26.00
CA LEU G 86 -39.79 24.41 -24.64
C LEU G 86 -39.18 25.46 -23.68
N LEU G 87 -38.68 26.58 -24.19
CA LEU G 87 -37.81 27.43 -23.36
C LEU G 87 -38.53 28.65 -22.81
N SER G 88 -38.22 29.01 -21.57
CA SER G 88 -38.79 30.27 -21.04
C SER G 88 -37.89 31.44 -21.41
N ASP G 89 -38.41 32.66 -21.31
CA ASP G 89 -37.54 33.82 -21.46
C ASP G 89 -36.29 33.74 -20.59
N ASP G 90 -36.45 33.34 -19.33
CA ASP G 90 -35.27 33.07 -18.46
C ASP G 90 -34.29 32.07 -19.10
N ASP G 91 -34.78 30.92 -19.54
CA ASP G 91 -33.87 29.90 -20.12
C ASP G 91 -33.09 30.53 -21.29
N ILE G 92 -33.80 31.25 -22.15
CA ILE G 92 -33.19 31.86 -23.32
C ILE G 92 -32.08 32.86 -22.94
N ALA G 93 -32.31 33.69 -21.93
CA ALA G 93 -31.25 34.62 -21.55
C ALA G 93 -30.04 33.88 -21.03
N ASN G 94 -30.30 32.78 -20.33
CA ASN G 94 -29.26 32.00 -19.67
C ASN G 94 -28.45 31.27 -20.69
N LEU G 95 -29.14 30.60 -21.60
CA LEU G 95 -28.48 29.92 -22.70
C LEU G 95 -27.63 30.89 -23.49
N ALA G 96 -28.15 32.08 -23.80
CA ALA G 96 -27.39 33.06 -24.58
C ALA G 96 -26.11 33.51 -23.86
N ALA G 97 -26.23 33.75 -22.55
CA ALA G 97 -25.08 34.17 -21.79
C ALA G 97 -24.06 33.05 -21.79
N TYR G 98 -24.50 31.81 -21.68
CA TYR G 98 -23.57 30.67 -21.74
C TYR G 98 -22.79 30.55 -23.08
N TYR G 99 -23.50 30.32 -24.16
CA TYR G 99 -22.84 30.14 -25.46
C TYR G 99 -21.98 31.33 -25.90
N SER G 100 -22.45 32.54 -25.64
CA SER G 100 -21.73 33.75 -26.07
C SER G 100 -20.42 33.89 -25.32
N SER G 101 -20.37 33.32 -24.12
CA SER G 101 -19.16 33.32 -23.27
C SER G 101 -18.02 32.42 -23.71
N LEU G 102 -18.27 31.53 -24.67
CA LEU G 102 -17.26 30.51 -24.98
C LEU G 102 -16.24 30.98 -26.02
N GLY H 22 -18.31 26.06 -53.56
CA GLY H 22 -18.26 27.50 -53.95
C GLY H 22 -16.82 27.97 -53.96
N ASP H 23 -16.60 29.20 -54.41
CA ASP H 23 -15.23 29.71 -54.65
C ASP H 23 -15.02 30.76 -53.57
N ALA H 24 -14.15 30.49 -52.60
CA ALA H 24 -13.99 31.38 -51.43
C ALA H 24 -13.41 32.74 -51.83
N ALA H 25 -12.55 32.73 -52.85
CA ALA H 25 -11.98 33.98 -53.36
C ALA H 25 -13.10 34.83 -53.94
N ALA H 26 -14.00 34.25 -54.74
CA ALA H 26 -15.09 35.06 -55.27
C ALA H 26 -15.96 35.54 -54.13
N GLY H 27 -16.11 34.69 -53.11
CA GLY H 27 -16.93 35.04 -51.94
C GLY H 27 -16.33 36.22 -51.21
N GLN H 28 -15.02 36.24 -51.11
CA GLN H 28 -14.30 37.33 -50.44
C GLN H 28 -14.58 38.65 -51.13
N ALA H 29 -14.60 38.60 -52.47
CA ALA H 29 -14.86 39.77 -53.28
C ALA H 29 -16.30 40.23 -53.07
N LYS H 30 -17.25 39.28 -53.04
CA LYS H 30 -18.66 39.60 -52.93
C LYS H 30 -19.03 40.15 -51.55
N ALA H 31 -18.19 39.86 -50.55
CA ALA H 31 -18.47 40.17 -49.15
C ALA H 31 -18.32 41.64 -48.82
N ALA H 32 -17.94 42.46 -49.80
CA ALA H 32 -17.61 43.86 -49.45
C ALA H 32 -18.81 44.55 -48.80
N VAL H 33 -19.98 44.36 -49.40
CA VAL H 33 -21.16 45.02 -48.91
C VAL H 33 -21.64 44.42 -47.58
N CYS H 34 -21.27 43.18 -47.32
CA CYS H 34 -21.65 42.53 -46.09
C CYS H 34 -20.91 43.07 -44.89
N ALA H 35 -19.72 43.60 -45.11
CA ALA H 35 -18.78 43.90 -44.06
C ALA H 35 -19.32 45.00 -43.13
N ALA H 36 -20.18 45.87 -43.67
CA ALA H 36 -20.67 46.97 -42.87
C ALA H 36 -21.48 46.50 -41.70
N CYS H 37 -22.06 45.32 -41.85
CA CYS H 37 -22.90 44.74 -40.83
C CYS H 37 -22.28 43.50 -40.19
N HIS H 38 -21.56 42.70 -40.98
CA HIS H 38 -21.00 41.44 -40.44
C HIS H 38 -19.49 41.46 -40.09
N GLY H 39 -18.82 42.59 -40.36
CA GLY H 39 -17.36 42.72 -40.07
C GLY H 39 -16.54 42.25 -41.27
N ALA H 40 -15.37 42.86 -41.50
CA ALA H 40 -14.51 42.32 -42.60
C ALA H 40 -14.19 40.84 -42.35
N ASP H 41 -13.99 40.54 -41.07
CA ASP H 41 -13.66 39.19 -40.56
C ASP H 41 -14.85 38.24 -40.44
N GLY H 42 -16.07 38.77 -40.58
CA GLY H 42 -17.26 37.97 -40.32
C GLY H 42 -17.54 37.90 -38.82
N ASN H 43 -16.81 38.69 -38.02
CA ASN H 43 -17.19 38.85 -36.60
C ASN H 43 -17.90 40.18 -36.46
N ALA H 44 -19.17 40.18 -36.09
CA ALA H 44 -19.95 41.39 -36.04
C ALA H 44 -19.59 42.13 -34.75
N THR H 45 -19.63 43.44 -34.76
CA THR H 45 -19.24 44.23 -33.60
C THR H 45 -20.48 44.87 -33.05
N ILE H 46 -21.55 44.76 -33.82
CA ILE H 46 -22.77 45.43 -33.45
C ILE H 46 -23.57 44.54 -32.52
N PRO H 47 -24.05 45.12 -31.39
CA PRO H 47 -24.90 44.24 -30.61
C PRO H 47 -26.09 43.78 -31.46
N GLY H 48 -26.46 42.52 -31.26
CA GLY H 48 -27.65 42.00 -31.88
C GLY H 48 -27.41 41.40 -33.25
N TYR H 49 -26.27 41.66 -33.86
CA TYR H 49 -25.97 41.13 -35.22
C TYR H 49 -25.14 39.85 -35.08
N PRO H 50 -25.38 38.86 -35.95
CA PRO H 50 -24.64 37.57 -35.92
C PRO H 50 -23.24 37.62 -36.51
N ASN H 51 -22.32 36.85 -35.91
CA ASN H 51 -21.04 36.56 -36.51
C ASN H 51 -21.27 35.51 -37.53
N LEU H 52 -20.55 35.56 -38.63
CA LEU H 52 -20.64 34.53 -39.63
C LEU H 52 -19.34 33.75 -39.69
N LYS H 53 -18.27 34.33 -39.10
CA LYS H 53 -16.94 33.72 -39.19
C LYS H 53 -16.88 32.24 -38.80
N GLY H 54 -16.49 31.39 -39.75
CA GLY H 54 -16.36 29.96 -39.44
C GLY H 54 -17.67 29.20 -39.25
N GLN H 55 -18.81 29.83 -39.60
CA GLN H 55 -20.09 29.15 -39.50
C GLN H 55 -20.15 27.99 -40.49
N ASN H 56 -20.98 26.98 -40.19
CA ASN H 56 -21.12 25.82 -41.09
C ASN H 56 -21.54 26.26 -42.51
N GLU H 57 -20.87 25.70 -43.53
CA GLU H 57 -21.00 26.18 -44.90
C GLU H 57 -22.40 25.94 -45.42
N GLN H 58 -22.90 24.74 -45.28
CA GLN H 58 -24.25 24.41 -45.71
C GLN H 58 -25.30 25.26 -44.99
N TYR H 59 -25.10 25.54 -43.70
CA TYR H 59 -26.03 26.38 -42.95
C TYR H 59 -26.04 27.81 -43.52
N ILE H 60 -24.87 28.33 -43.84
CA ILE H 60 -24.88 29.69 -44.45
C ILE H 60 -25.72 29.68 -45.73
N VAL H 61 -25.47 28.70 -46.58
CA VAL H 61 -26.25 28.58 -47.81
C VAL H 61 -27.76 28.54 -47.54
N SER H 62 -28.22 27.66 -46.66
CA SER H 62 -29.64 27.48 -46.46
C SER H 62 -30.24 28.71 -45.78
N SER H 63 -29.46 29.37 -44.93
CA SER H 63 -29.93 30.54 -44.23
C SER H 63 -30.14 31.70 -45.20
N ILE H 64 -29.19 31.91 -46.09
CA ILE H 64 -29.35 33.05 -47.02
C ILE H 64 -30.53 32.76 -47.96
N LYS H 65 -30.59 31.52 -48.43
CA LYS H 65 -31.78 31.08 -49.19
C LYS H 65 -33.14 31.24 -48.47
N ALA H 66 -33.16 31.00 -47.16
CA ALA H 66 -34.36 31.21 -46.42
C ALA H 66 -34.74 32.70 -46.46
N TYR H 67 -33.78 33.62 -46.29
CA TYR H 67 -34.12 35.05 -46.37
C TYR H 67 -34.66 35.33 -47.78
N LYS H 68 -33.97 34.81 -48.79
CA LYS H 68 -34.33 35.11 -50.17
C LYS H 68 -35.75 34.67 -50.45
N ASN H 69 -36.17 33.57 -49.84
CA ASN H 69 -37.56 33.11 -50.04
C ASN H 69 -38.56 33.60 -49.00
N LYS H 70 -38.13 34.56 -48.18
CA LYS H 70 -38.93 35.17 -47.14
C LYS H 70 -39.42 34.20 -46.09
N GLU H 71 -38.64 33.14 -45.91
CA GLU H 71 -38.93 32.10 -44.92
C GLU H 71 -38.36 32.44 -43.51
N ARG H 72 -37.57 33.51 -43.43
CA ARG H 72 -37.31 34.20 -42.19
C ARG H 72 -37.87 35.61 -42.37
N SER H 73 -38.62 36.08 -41.38
CA SER H 73 -39.29 37.33 -41.52
C SER H 73 -39.41 38.06 -40.19
N GLY H 74 -39.52 39.38 -40.25
CA GLY H 74 -39.76 40.15 -39.03
C GLY H 74 -38.47 40.74 -38.52
N GLY H 75 -38.55 41.94 -37.95
CA GLY H 75 -37.40 42.49 -37.28
C GLY H 75 -36.22 42.66 -38.21
N LEU H 76 -35.05 42.25 -37.73
CA LEU H 76 -33.84 42.36 -38.49
C LEU H 76 -33.80 41.45 -39.73
N ALA H 77 -34.73 40.50 -39.83
CA ALA H 77 -34.81 39.66 -41.05
C ALA H 77 -35.12 40.46 -42.31
N ALA H 78 -35.89 41.54 -42.17
CA ALA H 78 -36.32 42.25 -43.38
C ALA H 78 -35.16 42.73 -44.23
N VAL H 79 -34.11 43.27 -43.61
CA VAL H 79 -32.99 43.75 -44.43
C VAL H 79 -32.27 42.61 -45.10
N MET H 80 -32.18 41.47 -44.44
CA MET H 80 -31.55 40.29 -45.08
C MET H 80 -32.38 39.71 -46.22
N GLN H 81 -33.71 39.82 -46.14
CA GLN H 81 -34.58 39.44 -47.27
C GLN H 81 -34.13 40.25 -48.51
N ALA H 82 -33.95 41.56 -48.32
CA ALA H 82 -33.40 42.41 -49.39
C ALA H 82 -31.99 42.04 -49.87
N GLN H 83 -31.07 41.96 -48.93
CA GLN H 83 -29.68 41.55 -49.21
C GLN H 83 -29.61 40.20 -49.92
N ALA H 84 -30.37 39.23 -49.42
CA ALA H 84 -30.32 37.89 -49.99
C ALA H 84 -30.90 37.87 -51.44
N SER H 85 -31.87 38.71 -51.68
CA SER H 85 -32.54 38.77 -52.98
C SER H 85 -31.62 39.34 -54.07
N LEU H 86 -30.58 40.04 -53.64
CA LEU H 86 -29.56 40.56 -54.56
C LEU H 86 -28.54 39.52 -55.06
N LEU H 87 -28.51 38.34 -54.43
CA LEU H 87 -27.48 37.34 -54.67
C LEU H 87 -27.96 36.20 -55.55
N SER H 88 -27.11 35.77 -56.47
CA SER H 88 -27.42 34.60 -57.25
C SER H 88 -27.09 33.34 -56.43
N ASP H 89 -27.60 32.20 -56.86
CA ASP H 89 -27.19 30.92 -56.27
C ASP H 89 -25.66 30.78 -56.25
N ASP H 90 -24.98 31.26 -57.29
CA ASP H 90 -23.51 31.16 -57.30
C ASP H 90 -22.89 32.03 -56.20
N ASP H 91 -23.39 33.26 -56.07
CA ASP H 91 -22.93 34.23 -55.08
C ASP H 91 -23.11 33.59 -53.71
N ILE H 92 -24.29 33.01 -53.50
CA ILE H 92 -24.57 32.35 -52.21
C ILE H 92 -23.53 31.25 -51.88
N ALA H 93 -23.24 30.37 -52.84
CA ALA H 93 -22.25 29.31 -52.58
C ALA H 93 -20.87 29.92 -52.26
N ASN H 94 -20.53 30.98 -52.98
CA ASN H 94 -19.20 31.59 -52.87
C ASN H 94 -19.05 32.31 -51.54
N LEU H 95 -20.08 33.03 -51.13
CA LEU H 95 -20.08 33.71 -49.82
C LEU H 95 -19.98 32.70 -48.68
N ALA H 96 -20.71 31.61 -48.82
CA ALA H 96 -20.63 30.52 -47.83
C ALA H 96 -19.26 29.90 -47.72
N ALA H 97 -18.60 29.66 -48.86
CA ALA H 97 -17.26 29.10 -48.92
C ALA H 97 -16.28 30.07 -48.23
N TYR H 98 -16.46 31.37 -48.45
CA TYR H 98 -15.62 32.36 -47.84
C TYR H 98 -15.78 32.40 -46.29
N TYR H 99 -16.97 32.71 -45.81
CA TYR H 99 -17.14 32.80 -44.35
C TYR H 99 -16.83 31.51 -43.59
N SER H 100 -17.24 30.36 -44.15
CA SER H 100 -17.02 29.07 -43.47
C SER H 100 -15.51 28.73 -43.35
N SER H 101 -14.70 29.32 -44.23
CA SER H 101 -13.29 28.92 -44.30
C SER H 101 -12.41 29.77 -43.41
N LEU H 102 -12.96 30.81 -42.82
CA LEU H 102 -12.17 31.66 -41.95
C LEU H 102 -11.79 30.96 -40.64
N GLY I 22 42.12 -72.62 -1.46
CA GLY I 22 42.46 -71.27 -2.00
C GLY I 22 43.96 -71.16 -2.15
N ASP I 23 44.41 -70.00 -2.63
CA ASP I 23 45.80 -69.77 -2.94
C ASP I 23 46.35 -68.72 -1.94
N ALA I 24 47.17 -69.16 -1.00
CA ALA I 24 47.67 -68.26 0.05
C ALA I 24 48.53 -67.09 -0.49
N ALA I 25 49.25 -67.27 -1.61
CA ALA I 25 50.01 -66.18 -2.22
C ALA I 25 49.07 -65.14 -2.73
N ALA I 26 48.03 -65.58 -3.41
CA ALA I 26 47.05 -64.63 -3.92
C ALA I 26 46.34 -63.92 -2.75
N GLY I 27 46.13 -64.62 -1.65
CA GLY I 27 45.47 -64.06 -0.47
C GLY I 27 46.38 -62.98 0.13
N GLN I 28 47.66 -63.29 0.24
CA GLN I 28 48.61 -62.26 0.72
C GLN I 28 48.52 -60.98 -0.13
N ALA I 29 48.42 -61.11 -1.44
CA ALA I 29 48.32 -59.92 -2.28
C ALA I 29 47.04 -59.14 -1.96
N LYS I 30 45.95 -59.84 -1.75
CA LYS I 30 44.67 -59.19 -1.57
C LYS I 30 44.51 -58.60 -0.17
N ALA I 31 45.33 -59.08 0.76
CA ALA I 31 45.23 -58.71 2.20
C ALA I 31 45.64 -57.29 2.52
N ALA I 32 46.27 -56.59 1.58
CA ALA I 32 46.63 -55.21 1.83
C ALA I 32 45.45 -54.42 2.43
N VAL I 33 44.28 -54.52 1.82
CA VAL I 33 43.12 -53.78 2.35
C VAL I 33 42.73 -54.14 3.79
N CYS I 34 42.92 -55.42 4.15
CA CYS I 34 42.47 -55.93 5.41
C CYS I 34 43.36 -55.43 6.54
N ALA I 35 44.62 -55.17 6.20
CA ALA I 35 45.63 -54.87 7.22
C ALA I 35 45.31 -53.60 8.03
N ALA I 36 44.61 -52.65 7.42
CA ALA I 36 44.28 -51.41 8.12
C ALA I 36 43.43 -51.67 9.37
N CYS I 37 42.67 -52.76 9.35
CA CYS I 37 41.82 -53.08 10.45
C CYS I 37 42.20 -54.34 11.24
N HIS I 38 42.84 -55.31 10.57
CA HIS I 38 43.13 -56.58 11.21
C HIS I 38 44.62 -56.75 11.50
N GLY I 39 45.40 -55.75 11.14
CA GLY I 39 46.83 -55.74 11.50
C GLY I 39 47.72 -56.23 10.37
N ALA I 40 48.92 -55.68 10.26
CA ALA I 40 49.88 -56.15 9.23
C ALA I 40 50.11 -57.64 9.34
N ASP I 41 49.90 -58.19 10.54
CA ASP I 41 50.14 -59.62 10.76
C ASP I 41 48.87 -60.44 11.06
N GLY I 42 47.68 -59.83 10.95
CA GLY I 42 46.45 -60.54 11.34
C GLY I 42 46.14 -60.42 12.81
N ASN I 43 46.96 -59.67 13.55
CA ASN I 43 46.60 -59.40 14.94
C ASN I 43 46.15 -57.97 15.00
N ALA I 44 44.94 -57.77 15.51
CA ALA I 44 44.28 -56.46 15.45
C ALA I 44 44.59 -55.69 16.73
N THR I 45 44.49 -54.37 16.69
CA THR I 45 44.85 -53.53 17.83
C THR I 45 43.70 -52.60 18.20
N ILE I 46 42.84 -52.31 17.23
CA ILE I 46 41.74 -51.40 17.46
C ILE I 46 40.74 -52.07 18.40
N PRO I 47 40.19 -51.31 19.35
CA PRO I 47 39.39 -52.00 20.33
C PRO I 47 38.19 -52.68 19.72
N GLY I 48 37.95 -53.92 20.10
CA GLY I 48 36.75 -54.61 19.64
C GLY I 48 36.90 -55.26 18.29
N TYR I 49 37.99 -54.95 17.59
CA TYR I 49 38.25 -55.60 16.28
C TYR I 49 38.93 -56.96 16.47
N PRO I 50 38.61 -57.95 15.61
CA PRO I 50 39.18 -59.26 15.93
C PRO I 50 40.50 -59.62 15.22
N ASN I 51 41.26 -60.53 15.84
CA ASN I 51 42.46 -61.03 15.20
C ASN I 51 41.99 -62.08 14.17
N LEU I 52 42.73 -62.22 13.07
CA LEU I 52 42.52 -63.24 12.04
C LEU I 52 43.72 -64.20 11.95
N LYS I 53 44.90 -63.78 12.46
CA LYS I 53 46.10 -64.64 12.32
C LYS I 53 45.88 -66.09 12.81
N GLY I 54 46.10 -67.05 11.91
CA GLY I 54 45.95 -68.47 12.30
C GLY I 54 44.54 -69.00 12.43
N GLN I 55 43.54 -68.18 12.11
CA GLN I 55 42.16 -68.62 12.34
C GLN I 55 41.81 -69.78 11.43
N ASN I 56 40.84 -70.59 11.84
CA ASN I 56 40.47 -71.73 11.05
C ASN I 56 40.07 -71.32 9.63
N GLU I 57 40.56 -72.02 8.61
CA GLU I 57 40.29 -71.61 7.25
C GLU I 57 38.79 -71.63 6.91
N GLN I 58 38.16 -72.74 7.21
CA GLN I 58 36.77 -72.89 6.87
C GLN I 58 35.90 -71.86 7.61
N TYR I 59 36.29 -71.51 8.83
CA TYR I 59 35.65 -70.47 9.59
C TYR I 59 35.85 -69.10 8.99
N ILE I 60 37.03 -68.84 8.44
CA ILE I 60 37.21 -67.52 7.84
C ILE I 60 36.26 -67.40 6.66
N VAL I 61 36.14 -68.44 5.87
CA VAL I 61 35.23 -68.43 4.73
C VAL I 61 33.73 -68.26 5.11
N SER I 62 33.27 -69.06 6.05
CA SER I 62 31.88 -68.97 6.46
C SER I 62 31.60 -67.62 7.07
N SER I 63 32.53 -67.11 7.86
CA SER I 63 32.35 -65.85 8.54
C SER I 63 32.25 -64.67 7.58
N ILE I 64 33.17 -64.62 6.64
CA ILE I 64 33.09 -63.51 5.65
C ILE I 64 31.79 -63.59 4.84
N LYS I 65 31.38 -64.80 4.47
CA LYS I 65 30.11 -64.98 3.76
C LYS I 65 28.91 -64.57 4.63
N ALA I 66 28.99 -64.87 5.92
CA ALA I 66 27.91 -64.41 6.84
C ALA I 66 27.79 -62.87 6.78
N TYR I 67 28.92 -62.17 6.82
CA TYR I 67 28.92 -60.70 6.65
C TYR I 67 28.34 -60.27 5.30
N LYS I 68 28.73 -60.97 4.25
CA LYS I 68 28.26 -60.65 2.88
C LYS I 68 26.73 -60.82 2.79
N ASN I 69 26.17 -61.73 3.57
CA ASN I 69 24.74 -62.04 3.51
C ASN I 69 23.96 -61.36 4.63
N LYS I 70 24.65 -60.53 5.41
CA LYS I 70 24.04 -59.77 6.48
C LYS I 70 23.44 -60.65 7.62
N GLU I 71 24.04 -61.80 7.82
CA GLU I 71 23.65 -62.74 8.87
C GLU I 71 24.41 -62.45 10.13
N ARG I 72 25.27 -61.44 10.06
CA ARG I 72 25.90 -60.82 11.21
C ARG I 72 25.62 -59.34 11.06
N SER I 73 25.00 -58.74 12.07
CA SER I 73 24.51 -57.38 11.99
C SER I 73 24.63 -56.68 13.35
N GLY I 74 24.60 -55.35 13.32
CA GLY I 74 24.71 -54.60 14.52
C GLY I 74 25.68 -53.47 14.25
N GLY I 75 26.48 -53.16 15.27
CA GLY I 75 27.40 -52.03 15.22
C GLY I 75 28.62 -52.28 14.36
N LEU I 76 29.64 -52.91 14.93
CA LEU I 76 30.83 -53.13 14.15
C LEU I 76 30.58 -54.16 13.06
N ALA I 77 29.49 -54.95 13.16
CA ALA I 77 29.22 -55.95 12.12
C ALA I 77 28.98 -55.23 10.83
N ALA I 78 28.36 -54.06 10.92
CA ALA I 78 28.08 -53.26 9.70
C ALA I 78 29.38 -52.88 8.98
N VAL I 79 30.43 -52.62 9.77
CA VAL I 79 31.70 -52.21 9.21
C VAL I 79 32.23 -53.32 8.32
N MET I 80 32.16 -54.56 8.82
CA MET I 80 32.69 -55.69 8.07
C MET I 80 31.72 -56.15 6.95
N GLN I 81 30.41 -55.95 7.15
CA GLN I 81 29.45 -56.21 6.08
C GLN I 81 29.86 -55.49 4.80
N ALA I 82 30.23 -54.21 4.93
CA ALA I 82 30.62 -53.42 3.75
C ALA I 82 31.87 -53.96 3.06
N GLN I 83 32.84 -54.42 3.83
CA GLN I 83 34.08 -54.94 3.23
C GLN I 83 33.80 -56.29 2.56
N ALA I 84 32.99 -57.12 3.21
CA ALA I 84 32.67 -58.45 2.68
C ALA I 84 31.99 -58.39 1.32
N SER I 85 31.12 -57.41 1.10
CA SER I 85 30.46 -57.26 -0.21
C SER I 85 31.39 -57.02 -1.38
N LEU I 86 32.62 -56.62 -1.13
CA LEU I 86 33.57 -56.30 -2.18
C LEU I 86 34.32 -57.57 -2.64
N LEU I 87 34.11 -58.69 -1.96
CA LEU I 87 35.01 -59.84 -2.16
C LEU I 87 34.32 -60.96 -2.95
N SER I 88 35.00 -61.51 -3.95
CA SER I 88 34.44 -62.64 -4.70
C SER I 88 34.65 -63.91 -3.92
N ASP I 89 34.01 -65.01 -4.35
CA ASP I 89 34.24 -66.27 -3.69
C ASP I 89 35.70 -66.72 -3.76
N ASP I 90 36.36 -66.46 -4.89
CA ASP I 90 37.78 -66.81 -5.01
C ASP I 90 38.65 -65.98 -4.05
N ASP I 91 38.38 -64.67 -3.97
CA ASP I 91 39.06 -63.76 -3.01
C ASP I 91 38.93 -64.32 -1.59
N ILE I 92 37.71 -64.71 -1.20
CA ILE I 92 37.46 -65.20 0.13
C ILE I 92 38.25 -66.47 0.38
N ALA I 93 38.25 -67.38 -0.60
CA ALA I 93 39.04 -68.60 -0.46
C ALA I 93 40.54 -68.29 -0.26
N ASN I 94 41.06 -67.38 -1.07
CA ASN I 94 42.47 -67.00 -1.07
C ASN I 94 42.85 -66.30 0.23
N LEU I 95 42.04 -65.36 0.65
CA LEU I 95 42.28 -64.70 1.96
C LEU I 95 42.26 -65.70 3.11
N ALA I 96 41.33 -66.66 3.05
CA ALA I 96 41.19 -67.65 4.13
C ALA I 96 42.42 -68.52 4.18
N ALA I 97 42.91 -68.89 2.98
CA ALA I 97 44.13 -69.68 2.90
C ALA I 97 45.35 -68.89 3.47
N TYR I 98 45.36 -67.59 3.21
CA TYR I 98 46.46 -66.75 3.68
C TYR I 98 46.44 -66.66 5.21
N TYR I 99 45.35 -66.14 5.77
CA TYR I 99 45.30 -65.86 7.21
C TYR I 99 45.45 -67.13 8.03
N SER I 100 44.79 -68.21 7.58
CA SER I 100 44.82 -69.47 8.29
C SER I 100 46.23 -70.09 8.32
N SER I 101 47.08 -69.72 7.35
CA SER I 101 48.43 -70.32 7.28
C SER I 101 49.50 -69.53 8.04
N LEU I 102 49.13 -68.40 8.63
CA LEU I 102 50.09 -67.55 9.36
C LEU I 102 50.50 -68.12 10.71
N GLY J 22 37.36 -58.61 33.81
CA GLY J 22 36.74 -59.90 34.26
C GLY J 22 37.82 -60.75 34.89
N ASP J 23 37.49 -61.99 35.25
CA ASP J 23 38.41 -62.84 36.00
C ASP J 23 38.79 -64.09 35.22
N ALA J 24 40.04 -64.15 34.79
CA ALA J 24 40.47 -65.22 33.92
C ALA J 24 40.37 -66.59 34.61
N ALA J 25 40.61 -66.61 35.92
CA ALA J 25 40.49 -67.83 36.70
C ALA J 25 39.03 -68.23 36.86
N ALA J 26 38.18 -67.24 37.10
CA ALA J 26 36.73 -67.47 37.09
C ALA J 26 36.29 -67.94 35.69
N GLY J 27 36.77 -67.27 34.65
CA GLY J 27 36.57 -67.74 33.27
C GLY J 27 37.02 -69.17 33.00
N GLN J 28 38.21 -69.52 33.50
CA GLN J 28 38.80 -70.83 33.31
C GLN J 28 37.94 -71.91 33.91
N ALA J 29 37.35 -71.61 35.07
CA ALA J 29 36.56 -72.56 35.84
C ALA J 29 35.36 -73.02 35.02
N LYS J 30 34.88 -72.10 34.19
CA LYS J 30 33.63 -72.26 33.47
C LYS J 30 33.86 -72.90 32.11
N ALA J 31 35.11 -73.12 31.75
CA ALA J 31 35.40 -73.33 30.34
C ALA J 31 35.40 -74.79 29.86
N ALA J 32 35.17 -75.75 30.76
CA ALA J 32 35.18 -77.15 30.32
C ALA J 32 34.16 -77.40 29.22
N VAL J 33 33.02 -76.72 29.33
CA VAL J 33 31.95 -76.85 28.37
C VAL J 33 32.39 -76.30 27.02
N CYS J 34 32.90 -75.07 27.04
CA CYS J 34 33.42 -74.43 25.83
C CYS J 34 34.42 -75.29 25.09
N ALA J 35 35.15 -76.11 25.85
CA ALA J 35 36.35 -76.71 25.34
C ALA J 35 35.98 -77.85 24.42
N ALA J 36 34.76 -78.35 24.56
CA ALA J 36 34.31 -79.41 23.70
C ALA J 36 34.28 -78.92 22.25
N CYS J 37 34.03 -77.63 22.05
CA CYS J 37 33.78 -77.12 20.70
C CYS J 37 34.92 -76.21 20.23
N HIS J 38 35.60 -75.56 21.17
CA HIS J 38 36.67 -74.60 20.86
C HIS J 38 38.05 -75.10 21.27
N GLY J 39 38.08 -76.35 21.74
CA GLY J 39 39.30 -77.11 21.92
C GLY J 39 39.89 -77.01 23.31
N ALA J 40 40.58 -78.08 23.71
CA ALA J 40 41.12 -78.17 25.05
C ALA J 40 41.72 -76.81 25.40
N ASP J 41 42.32 -76.19 24.38
CA ASP J 41 43.21 -75.07 24.58
C ASP J 41 42.85 -73.81 23.80
N GLY J 42 41.59 -73.69 23.40
CA GLY J 42 41.22 -72.50 22.66
C GLY J 42 41.42 -72.64 21.16
N ASN J 43 42.00 -73.77 20.73
CA ASN J 43 42.07 -74.08 19.32
C ASN J 43 41.13 -75.18 18.97
N ALA J 44 40.27 -74.91 18.00
CA ALA J 44 39.22 -75.84 17.63
C ALA J 44 39.70 -76.92 16.64
N THR J 45 39.03 -78.06 16.63
CA THR J 45 39.44 -79.15 15.76
C THR J 45 38.30 -79.59 14.87
N ILE J 46 37.08 -79.44 15.36
CA ILE J 46 35.94 -79.77 14.54
C ILE J 46 35.95 -78.78 13.39
N PRO J 47 35.73 -79.25 12.16
CA PRO J 47 35.99 -78.33 11.05
C PRO J 47 35.00 -77.15 10.98
N GLY J 48 35.46 -76.02 10.50
CA GLY J 48 34.63 -74.84 10.49
C GLY J 48 34.40 -74.16 11.82
N TYR J 49 34.71 -74.78 12.97
CA TYR J 49 34.55 -74.04 14.25
C TYR J 49 35.77 -73.15 14.52
N PRO J 50 35.57 -72.02 15.21
CA PRO J 50 36.62 -71.02 15.40
C PRO J 50 37.55 -71.23 16.61
N ASN J 51 38.85 -70.99 16.42
CA ASN J 51 39.71 -70.83 17.59
C ASN J 51 39.38 -69.55 18.34
N LEU J 52 39.54 -69.58 19.67
CA LEU J 52 39.37 -68.39 20.51
C LEU J 52 40.64 -67.97 21.22
N LYS J 53 41.66 -68.83 21.15
CA LYS J 53 42.89 -68.65 21.92
C LYS J 53 43.48 -67.28 21.60
N GLY J 54 43.71 -66.46 22.62
CA GLY J 54 44.35 -65.16 22.39
C GLY J 54 43.46 -64.17 21.66
N GLN J 55 42.21 -64.54 21.39
CA GLN J 55 41.35 -63.56 20.72
C GLN J 55 41.25 -62.27 21.54
N ASN J 56 41.08 -61.15 20.87
CA ASN J 56 40.83 -59.87 21.54
C ASN J 56 39.66 -59.89 22.60
N GLU J 57 39.89 -59.30 23.77
CA GLU J 57 38.95 -59.52 24.89
C GLU J 57 37.60 -58.88 24.64
N GLN J 58 37.62 -57.66 24.17
CA GLN J 58 36.36 -56.98 23.95
C GLN J 58 35.58 -57.61 22.80
N TYR J 59 36.32 -58.19 21.85
CA TYR J 59 35.63 -58.82 20.73
C TYR J 59 35.01 -60.12 21.24
N ILE J 60 35.67 -60.81 22.17
CA ILE J 60 35.02 -62.03 22.66
C ILE J 60 33.65 -61.68 23.30
N VAL J 61 33.67 -60.59 24.06
CA VAL J 61 32.48 -60.11 24.80
C VAL J 61 31.36 -59.73 23.83
N SER J 62 31.60 -58.76 22.96
CA SER J 62 30.59 -58.38 21.93
C SER J 62 30.06 -59.55 21.11
N SER J 63 30.98 -60.47 20.73
CA SER J 63 30.64 -61.63 19.93
C SER J 63 29.71 -62.58 20.68
N ILE J 64 30.05 -62.98 21.90
CA ILE J 64 29.12 -63.88 22.60
C ILE J 64 27.77 -63.19 22.76
N LYS J 65 27.81 -61.88 22.94
CA LYS J 65 26.57 -61.15 23.17
C LYS J 65 25.71 -61.18 21.92
N ALA J 66 26.36 -60.95 20.76
CA ALA J 66 25.65 -61.01 19.52
C ALA J 66 24.96 -62.39 19.38
N TYR J 67 25.58 -63.46 19.84
CA TYR J 67 24.90 -64.74 19.74
C TYR J 67 23.71 -64.74 20.71
N LYS J 68 23.96 -64.28 21.94
CA LYS J 68 22.93 -64.35 22.96
C LYS J 68 21.74 -63.52 22.50
N ASN J 69 22.02 -62.42 21.82
CA ASN J 69 20.95 -61.55 21.30
C ASN J 69 20.46 -61.95 19.91
N LYS J 70 21.01 -63.03 19.38
CA LYS J 70 20.63 -63.53 18.07
C LYS J 70 20.95 -62.54 16.95
N GLU J 71 21.93 -61.67 17.20
CA GLU J 71 22.43 -60.81 16.13
C GLU J 71 23.42 -61.49 15.14
N ARG J 72 23.79 -62.74 15.44
CA ARG J 72 24.41 -63.59 14.43
C ARG J 72 23.47 -64.75 14.31
N SER J 73 23.15 -65.13 13.08
CA SER J 73 22.09 -66.09 12.84
C SER J 73 22.47 -66.91 11.61
N GLY J 74 21.82 -68.06 11.43
CA GLY J 74 22.10 -68.88 10.27
C GLY J 74 23.17 -69.93 10.54
N GLY J 75 22.92 -71.14 10.02
CA GLY J 75 23.90 -72.21 9.99
C GLY J 75 24.42 -72.49 11.37
N LEU J 76 25.74 -72.58 11.47
CA LEU J 76 26.41 -72.81 12.72
C LEU J 76 26.11 -71.78 13.81
N ALA J 77 25.62 -70.58 13.48
CA ALA J 77 25.37 -69.58 14.52
C ALA J 77 24.34 -70.07 15.49
N ALA J 78 23.44 -70.93 15.05
CA ALA J 78 22.37 -71.40 15.91
C ALA J 78 22.93 -72.24 17.04
N VAL J 79 23.90 -73.11 16.70
CA VAL J 79 24.64 -73.92 17.67
C VAL J 79 25.10 -73.02 18.82
N MET J 80 25.78 -71.94 18.47
CA MET J 80 26.36 -71.06 19.47
C MET J 80 25.34 -70.13 20.16
N GLN J 81 24.26 -69.79 19.43
CA GLN J 81 23.16 -69.08 20.07
C GLN J 81 22.70 -69.88 21.28
N ALA J 82 22.42 -71.16 21.11
CA ALA J 82 21.96 -71.97 22.24
C ALA J 82 22.91 -71.95 23.42
N GLN J 83 24.22 -71.98 23.17
CA GLN J 83 25.19 -71.96 24.26
C GLN J 83 25.26 -70.58 24.91
N ALA J 84 25.23 -69.54 24.09
CA ALA J 84 25.32 -68.19 24.64
C ALA J 84 24.13 -67.85 25.55
N SER J 85 23.00 -68.52 25.31
CA SER J 85 21.78 -68.24 26.08
C SER J 85 21.95 -68.63 27.56
N LEU J 86 22.95 -69.45 27.82
CA LEU J 86 23.15 -70.05 29.15
C LEU J 86 24.04 -69.17 30.00
N LEU J 87 24.58 -68.12 29.41
CA LEU J 87 25.65 -67.40 30.05
C LEU J 87 25.25 -66.03 30.57
N SER J 88 25.61 -65.73 31.81
CA SER J 88 25.35 -64.40 32.35
C SER J 88 26.43 -63.45 31.87
N ASP J 89 26.12 -62.15 31.92
CA ASP J 89 27.07 -61.15 31.49
C ASP J 89 28.37 -61.33 32.28
N ASP J 90 28.24 -61.77 33.54
CA ASP J 90 29.40 -62.14 34.34
C ASP J 90 30.29 -63.17 33.66
N ASP J 91 29.72 -64.36 33.46
CA ASP J 91 30.41 -65.45 32.84
C ASP J 91 31.07 -64.96 31.58
N ILE J 92 30.35 -64.15 30.83
CA ILE J 92 30.83 -63.69 29.52
C ILE J 92 32.11 -62.91 29.69
N ALA J 93 32.08 -61.97 30.63
CA ALA J 93 33.25 -61.19 30.94
C ALA J 93 34.41 -62.09 31.42
N ASN J 94 34.09 -63.09 32.25
CA ASN J 94 35.15 -63.95 32.76
C ASN J 94 35.70 -64.90 31.69
N LEU J 95 34.80 -65.41 30.85
CA LEU J 95 35.22 -66.29 29.76
C LEU J 95 36.09 -65.52 28.79
N ALA J 96 35.79 -64.23 28.58
CA ALA J 96 36.60 -63.44 27.69
C ALA J 96 38.01 -63.25 28.27
N ALA J 97 38.07 -62.91 29.54
CA ALA J 97 39.35 -62.69 30.20
C ALA J 97 40.24 -63.94 30.09
N TYR J 98 39.64 -65.12 30.23
CA TYR J 98 40.40 -66.36 30.12
C TYR J 98 40.89 -66.60 28.70
N TYR J 99 39.97 -66.63 27.74
CA TYR J 99 40.44 -66.95 26.38
C TYR J 99 41.44 -65.95 25.85
N SER J 100 41.21 -64.69 26.10
CA SER J 100 42.10 -63.69 25.57
C SER J 100 43.48 -63.75 26.22
N SER J 101 43.58 -64.39 27.41
CA SER J 101 44.88 -64.47 28.08
C SER J 101 45.73 -65.61 27.60
N LEU J 102 45.15 -66.51 26.82
CA LEU J 102 45.80 -67.75 26.48
C LEU J 102 47.07 -67.57 25.65
N GLY K 22 31.66 31.51 39.09
CA GLY K 22 32.95 32.25 39.06
C GLY K 22 33.02 33.26 40.18
N ASP K 23 34.22 33.76 40.45
CA ASP K 23 34.41 34.68 41.56
C ASP K 23 34.79 36.05 41.06
N ALA K 24 34.09 37.05 41.59
CA ALA K 24 34.18 38.44 41.16
C ALA K 24 35.50 39.14 41.40
N ALA K 25 36.04 38.99 42.61
CA ALA K 25 37.36 39.52 43.01
C ALA K 25 38.46 38.99 42.14
N ALA K 26 38.39 37.70 41.86
CA ALA K 26 39.30 37.07 40.91
C ALA K 26 39.21 37.70 39.51
N GLY K 27 37.99 37.93 39.02
CA GLY K 27 37.79 38.63 37.72
C GLY K 27 38.22 40.09 37.74
N GLN K 28 37.95 40.80 38.82
CA GLN K 28 38.44 42.18 38.91
C GLN K 28 39.96 42.25 38.74
N ALA K 29 40.66 41.27 39.30
CA ALA K 29 42.12 41.25 39.23
C ALA K 29 42.62 40.94 37.82
N LYS K 30 41.80 40.28 37.02
CA LYS K 30 42.20 39.87 35.68
C LYS K 30 41.75 40.97 34.68
N ALA K 31 41.09 42.02 35.18
CA ALA K 31 40.43 42.99 34.29
C ALA K 31 41.23 44.21 33.83
N ALA K 32 42.48 44.42 34.29
CA ALA K 32 43.17 45.69 33.94
C ALA K 32 43.21 46.03 32.47
N VAL K 33 43.52 45.06 31.61
CA VAL K 33 43.52 45.36 30.17
C VAL K 33 42.12 45.49 29.54
N CYS K 34 41.22 44.60 29.97
CA CYS K 34 39.82 44.76 29.59
C CYS K 34 39.40 46.22 29.76
N ALA K 35 39.83 46.83 30.86
CA ALA K 35 39.31 48.13 31.32
C ALA K 35 39.71 49.29 30.38
N ALA K 36 40.75 49.03 29.59
CA ALA K 36 41.26 50.05 28.69
C ALA K 36 40.24 50.31 27.61
N CYS K 37 39.53 49.24 27.22
CA CYS K 37 38.58 49.37 26.11
C CYS K 37 37.16 49.47 26.62
N HIS K 38 36.87 48.73 27.68
CA HIS K 38 35.48 48.62 28.21
C HIS K 38 35.19 49.55 29.37
N GLY K 39 36.21 50.29 29.82
CA GLY K 39 36.03 51.24 30.91
C GLY K 39 36.36 50.64 32.27
N ALA K 40 36.82 51.47 33.19
CA ALA K 40 37.23 51.00 34.52
C ALA K 40 36.05 50.44 35.30
N ASP K 41 34.85 50.91 35.01
CA ASP K 41 33.68 50.33 35.68
C ASP K 41 32.83 49.52 34.69
N GLY K 42 33.42 49.16 33.56
CA GLY K 42 32.68 48.47 32.50
C GLY K 42 31.83 49.39 31.65
N ASN K 43 31.96 50.70 31.84
CA ASN K 43 31.36 51.61 30.85
C ASN K 43 32.32 52.12 29.80
N ALA K 44 32.06 51.81 28.54
CA ALA K 44 32.97 52.20 27.48
C ALA K 44 32.63 53.60 27.06
N THR K 45 33.59 54.30 26.49
CA THR K 45 33.40 55.67 26.11
C THR K 45 33.65 55.86 24.61
N ILE K 46 34.08 54.80 23.95
CA ILE K 46 34.50 54.88 22.56
C ILE K 46 33.37 54.36 21.71
N PRO K 47 33.00 55.13 20.69
CA PRO K 47 31.93 54.71 19.84
C PRO K 47 32.21 53.34 19.24
N GLY K 48 31.30 52.41 19.42
CA GLY K 48 31.45 51.14 18.75
C GLY K 48 32.00 50.14 19.72
N TYR K 49 32.50 50.63 20.86
CA TYR K 49 32.97 49.73 21.93
C TYR K 49 31.90 49.49 22.99
N PRO K 50 31.62 48.23 23.32
CA PRO K 50 30.46 48.01 24.18
C PRO K 50 30.73 48.18 25.70
N ASN K 51 29.74 48.71 26.42
CA ASN K 51 29.70 48.60 27.89
C ASN K 51 29.51 47.16 28.34
N LEU K 52 30.10 46.80 29.48
CA LEU K 52 29.95 45.45 30.05
C LEU K 52 29.31 45.51 31.46
N LYS K 53 29.25 46.72 31.98
CA LYS K 53 28.79 46.98 33.31
C LYS K 53 27.39 46.41 33.53
N GLY K 54 27.30 45.51 34.50
CA GLY K 54 26.06 44.87 34.88
C GLY K 54 25.45 43.98 33.82
N GLN K 55 26.20 43.65 32.78
CA GLN K 55 25.66 42.82 31.70
C GLN K 55 25.33 41.45 32.28
N ASN K 56 24.37 40.76 31.68
CA ASN K 56 24.01 39.40 32.07
C ASN K 56 25.19 38.42 32.15
N GLU K 57 25.39 37.79 33.33
CA GLU K 57 26.55 36.93 33.55
C GLU K 57 26.77 35.83 32.51
N GLN K 58 25.75 35.00 32.25
CA GLN K 58 25.88 33.94 31.25
C GLN K 58 26.06 34.47 29.81
N TYR K 59 25.56 35.67 29.53
CA TYR K 59 25.79 36.27 28.24
C TYR K 59 27.28 36.68 28.11
N ILE K 60 27.83 37.22 29.18
CA ILE K 60 29.26 37.55 29.14
C ILE K 60 30.07 36.28 28.84
N VAL K 61 29.73 35.17 29.50
CA VAL K 61 30.43 33.91 29.22
C VAL K 61 30.24 33.42 27.78
N SER K 62 29.01 33.40 27.30
CA SER K 62 28.82 32.84 25.98
C SER K 62 29.45 33.77 24.97
N SER K 63 29.44 35.08 25.24
CA SER K 63 29.94 35.97 24.17
C SER K 63 31.45 35.91 24.07
N ILE K 64 32.13 35.85 25.20
CA ILE K 64 33.59 35.65 25.19
C ILE K 64 33.91 34.35 24.47
N LYS K 65 33.18 33.28 24.77
CA LYS K 65 33.41 32.02 24.08
C LYS K 65 33.18 32.09 22.57
N ALA K 66 32.24 32.93 22.16
CA ALA K 66 32.02 33.09 20.75
C ALA K 66 33.22 33.74 20.05
N TYR K 67 33.87 34.72 20.66
CA TYR K 67 35.10 35.28 20.04
C TYR K 67 36.21 34.22 20.12
N LYS K 68 36.37 33.63 21.30
CA LYS K 68 37.35 32.59 21.46
C LYS K 68 37.20 31.60 20.36
N ASN K 69 35.96 31.36 19.96
CA ASN K 69 35.62 30.35 18.96
C ASN K 69 35.48 30.90 17.56
N LYS K 70 35.81 32.16 17.37
CA LYS K 70 35.73 32.73 16.02
C LYS K 70 34.32 32.65 15.43
N GLU K 71 33.28 32.75 16.26
CA GLU K 71 31.92 32.75 15.72
C GLU K 71 31.37 34.16 15.57
N ARG K 72 32.18 35.18 15.85
CA ARG K 72 31.74 36.53 15.56
C ARG K 72 32.61 37.21 14.55
N SER K 73 31.99 37.78 13.52
CA SER K 73 32.63 38.69 12.57
C SER K 73 31.85 40.02 12.51
N GLY K 74 32.24 40.91 11.58
CA GLY K 74 31.57 42.22 11.47
C GLY K 74 31.86 43.12 12.68
N GLY K 75 31.19 44.26 12.75
CA GLY K 75 31.40 45.23 13.85
C GLY K 75 32.89 45.47 14.10
N LEU K 76 33.34 45.37 15.34
CA LEU K 76 34.76 45.59 15.65
C LEU K 76 35.28 44.30 16.22
N ALA K 77 34.72 43.20 15.75
CA ALA K 77 35.10 41.87 16.24
C ALA K 77 36.60 41.61 16.25
N ALA K 78 37.29 42.11 15.22
CA ALA K 78 38.76 41.94 15.09
C ALA K 78 39.50 42.58 16.25
N VAL K 79 38.90 43.60 16.85
CA VAL K 79 39.53 44.27 18.01
C VAL K 79 39.45 43.39 19.26
N MET K 80 38.39 42.60 19.40
CA MET K 80 38.21 41.75 20.58
C MET K 80 38.70 40.31 20.47
N GLN K 81 38.73 39.74 19.27
CA GLN K 81 38.96 38.30 19.07
C GLN K 81 40.18 37.71 19.77
N ALA K 82 41.31 38.40 19.74
CA ALA K 82 42.51 37.85 20.40
C ALA K 82 42.43 37.87 21.92
N GLN K 83 41.82 38.91 22.49
CA GLN K 83 41.63 38.97 23.92
C GLN K 83 40.94 37.68 24.40
N ALA K 84 40.07 37.15 23.57
CA ALA K 84 39.20 36.02 23.96
C ALA K 84 39.95 34.70 23.82
N SER K 85 40.70 34.58 22.73
CA SER K 85 41.51 33.38 22.47
C SER K 85 42.37 32.96 23.66
N LEU K 86 42.97 33.93 24.35
CA LEU K 86 43.90 33.63 25.44
C LEU K 86 43.22 33.10 26.72
N LEU K 87 41.91 33.32 26.87
CA LEU K 87 41.22 33.06 28.14
C LEU K 87 40.74 31.64 28.42
N SER K 88 41.05 31.14 29.61
CA SER K 88 40.56 29.84 30.06
C SER K 88 39.09 29.93 30.43
N ASP K 89 38.43 28.78 30.53
CA ASP K 89 37.05 28.72 30.96
C ASP K 89 36.87 29.39 32.32
N ASP K 90 37.82 29.16 33.22
CA ASP K 90 37.68 29.68 34.57
C ASP K 90 38.00 31.18 34.60
N ASP K 91 38.87 31.64 33.71
CA ASP K 91 39.09 33.09 33.65
C ASP K 91 37.83 33.74 33.09
N ILE K 92 37.22 33.07 32.12
CA ILE K 92 35.96 33.55 31.56
C ILE K 92 34.87 33.67 32.65
N ALA K 93 34.71 32.61 33.46
CA ALA K 93 33.68 32.60 34.49
C ALA K 93 33.94 33.73 35.46
N ASN K 94 35.21 34.03 35.70
CA ASN K 94 35.52 35.00 36.75
C ASN K 94 35.30 36.43 36.25
N LEU K 95 35.65 36.65 34.99
CA LEU K 95 35.38 37.95 34.36
C LEU K 95 33.88 38.21 34.29
N ALA K 96 33.11 37.19 33.94
CA ALA K 96 31.67 37.38 33.80
C ALA K 96 31.13 37.65 35.18
N ALA K 97 31.61 36.90 36.17
CA ALA K 97 31.26 37.19 37.54
C ALA K 97 31.46 38.67 37.87
N TYR K 98 32.59 39.22 37.52
CA TYR K 98 32.94 40.57 37.98
C TYR K 98 32.09 41.66 37.31
N TYR K 99 32.05 41.60 35.98
CA TYR K 99 31.32 42.61 35.21
C TYR K 99 29.84 42.62 35.53
N SER K 100 29.24 41.43 35.62
CA SER K 100 27.81 41.34 35.91
C SER K 100 27.44 41.92 37.26
N SER K 101 28.38 41.83 38.21
CA SER K 101 28.14 42.24 39.58
C SER K 101 28.22 43.76 39.74
N LEU K 102 28.58 44.49 38.69
CA LEU K 102 28.74 45.93 38.82
C LEU K 102 27.44 46.73 38.75
N GLY L 22 19.82 58.96 14.76
CA GLY L 22 18.53 58.16 14.88
C GLY L 22 17.48 58.94 15.63
N ASP L 23 16.24 58.45 15.62
CA ASP L 23 15.14 59.10 16.34
C ASP L 23 14.73 58.19 17.49
N ALA L 24 15.01 58.64 18.73
CA ALA L 24 14.77 57.80 19.91
C ALA L 24 13.30 57.47 20.12
N ALA L 25 12.42 58.41 19.82
CA ALA L 25 10.97 58.14 19.93
C ALA L 25 10.54 57.04 18.94
N ALA L 26 11.01 57.13 17.71
CA ALA L 26 10.73 56.05 16.70
C ALA L 26 11.31 54.72 17.17
N GLY L 27 12.51 54.79 17.74
CA GLY L 27 13.11 53.60 18.38
C GLY L 27 12.21 53.02 19.45
N GLN L 28 11.67 53.85 20.36
CA GLN L 28 10.80 53.31 21.41
C GLN L 28 9.53 52.67 20.82
N ALA L 29 8.94 53.33 19.82
CA ALA L 29 7.76 52.81 19.15
C ALA L 29 7.99 51.43 18.50
N LYS L 30 9.14 51.27 17.89
CA LYS L 30 9.56 50.01 17.25
C LYS L 30 9.97 48.89 18.23
N ALA L 31 10.23 49.23 19.48
CA ALA L 31 10.90 48.28 20.40
C ALA L 31 9.98 47.28 21.13
N ALA L 32 8.68 47.35 20.85
CA ALA L 32 7.73 46.44 21.47
C ALA L 32 8.16 44.98 21.46
N VAL L 33 8.53 44.44 20.29
CA VAL L 33 8.85 43.03 20.20
C VAL L 33 10.16 42.69 20.88
N CYS L 34 11.05 43.69 20.99
CA CYS L 34 12.39 43.43 21.54
C CYS L 34 12.30 43.02 23.00
N ALA L 35 11.32 43.64 23.66
CA ALA L 35 11.09 43.44 25.06
C ALA L 35 10.91 41.96 25.45
N ALA L 36 10.45 41.14 24.52
CA ALA L 36 10.20 39.74 24.82
C ALA L 36 11.51 39.08 25.31
N CYS L 37 12.61 39.59 24.82
CA CYS L 37 13.87 38.91 25.01
C CYS L 37 14.83 39.78 25.75
N HIS L 38 14.76 41.10 25.50
CA HIS L 38 15.67 42.08 26.10
C HIS L 38 15.06 42.85 27.29
N GLY L 39 13.79 42.59 27.57
CA GLY L 39 13.11 43.17 28.74
C GLY L 39 12.51 44.53 28.43
N ALA L 40 11.43 44.90 29.12
CA ALA L 40 10.77 46.13 28.76
C ALA L 40 11.70 47.31 29.01
N ASP L 41 12.60 47.15 29.96
CA ASP L 41 13.44 48.28 30.32
C ASP L 41 14.83 48.19 29.64
N GLY L 42 14.95 47.31 28.65
CA GLY L 42 16.25 46.98 28.06
C GLY L 42 17.06 46.15 29.05
N ASN L 43 16.47 45.77 30.18
CA ASN L 43 17.12 44.81 31.07
C ASN L 43 16.57 43.42 30.90
N ALA L 44 17.39 42.50 30.41
CA ALA L 44 16.97 41.14 30.16
C ALA L 44 16.82 40.36 31.45
N THR L 45 16.03 39.30 31.44
CA THR L 45 15.87 38.52 32.67
C THR L 45 16.29 37.07 32.48
N ILE L 46 16.32 36.60 31.24
CA ILE L 46 16.69 35.20 31.00
C ILE L 46 18.20 34.99 30.90
N PRO L 47 18.72 33.98 31.61
CA PRO L 47 20.15 33.83 31.48
C PRO L 47 20.59 33.58 30.03
N GLY L 48 21.65 34.29 29.66
CA GLY L 48 22.24 34.21 28.35
C GLY L 48 21.76 35.27 27.37
N TYR L 49 20.78 36.08 27.76
CA TYR L 49 20.23 37.13 26.88
C TYR L 49 20.82 38.46 27.33
N PRO L 50 21.26 39.31 26.40
CA PRO L 50 21.97 40.54 26.80
C PRO L 50 21.02 41.68 27.16
N ASN L 51 21.41 42.52 28.14
CA ASN L 51 20.74 43.78 28.43
C ASN L 51 21.16 44.69 27.29
N LEU L 52 20.28 45.62 26.89
CA LEU L 52 20.63 46.66 25.88
C LEU L 52 20.60 48.03 26.50
N LYS L 53 20.02 48.13 27.68
CA LYS L 53 19.74 49.42 28.30
C LYS L 53 21.04 50.24 28.43
N GLY L 54 21.04 51.43 27.86
CA GLY L 54 22.22 52.33 27.94
C GLY L 54 23.45 51.92 27.10
N GLN L 55 23.30 50.93 26.21
CA GLN L 55 24.42 50.45 25.44
C GLN L 55 24.87 51.50 24.42
N ASN L 56 26.16 51.50 24.11
CA ASN L 56 26.76 52.40 23.12
C ASN L 56 26.00 52.39 21.83
N GLU L 57 25.60 53.57 21.37
CA GLU L 57 24.78 53.67 20.17
C GLU L 57 25.42 53.05 18.92
N GLN L 58 26.67 53.40 18.61
CA GLN L 58 27.28 52.83 17.42
C GLN L 58 27.41 51.31 17.52
N TYR L 59 27.65 50.80 18.74
CA TYR L 59 27.78 49.37 18.95
C TYR L 59 26.41 48.69 18.71
N ILE L 60 25.34 49.33 19.14
CA ILE L 60 24.01 48.72 18.91
C ILE L 60 23.76 48.59 17.39
N VAL L 61 24.04 49.67 16.67
CA VAL L 61 23.94 49.59 15.21
C VAL L 61 24.81 48.47 14.62
N SER L 62 26.08 48.41 14.98
CA SER L 62 26.98 47.47 14.30
C SER L 62 26.63 46.07 14.63
N SER L 63 26.19 45.84 15.85
CA SER L 63 25.88 44.48 16.26
C SER L 63 24.58 43.96 15.62
N ILE L 64 23.52 44.79 15.55
CA ILE L 64 22.35 44.33 14.85
C ILE L 64 22.68 44.07 13.40
N LYS L 65 23.49 44.95 12.78
CA LYS L 65 23.84 44.74 11.38
C LYS L 65 24.66 43.45 11.21
N ALA L 66 25.51 43.14 12.18
CA ALA L 66 26.24 41.88 12.13
C ALA L 66 25.28 40.64 12.11
N TYR L 67 24.26 40.61 12.96
CA TYR L 67 23.24 39.54 12.91
C TYR L 67 22.56 39.53 11.55
N LYS L 68 22.12 40.69 11.10
CA LYS L 68 21.37 40.77 9.85
C LYS L 68 22.22 40.16 8.73
N ASN L 69 23.53 40.39 8.78
CA ASN L 69 24.44 39.93 7.74
C ASN L 69 25.03 38.55 8.05
N LYS L 70 24.46 37.84 9.00
CA LYS L 70 24.88 36.49 9.31
C LYS L 70 26.35 36.41 9.72
N GLU L 71 26.85 37.47 10.35
CA GLU L 71 28.22 37.51 10.87
C GLU L 71 28.40 37.12 12.34
N ARG L 72 27.33 36.76 13.03
CA ARG L 72 27.47 36.15 14.35
C ARG L 72 26.71 34.86 14.29
N SER L 73 27.37 33.75 14.61
CA SER L 73 26.77 32.47 14.30
C SER L 73 26.52 31.66 15.53
N GLY L 74 25.77 30.57 15.36
CA GLY L 74 25.26 29.76 16.46
C GLY L 74 23.75 29.97 16.47
N GLY L 75 23.07 29.39 17.44
CA GLY L 75 21.70 29.81 17.69
C GLY L 75 21.76 29.86 19.16
N LEU L 76 21.88 31.07 19.62
CA LEU L 76 20.77 31.79 20.10
C LEU L 76 20.95 32.95 19.15
N ALA L 77 22.17 33.09 18.62
CA ALA L 77 22.50 34.05 17.59
C ALA L 77 21.53 33.98 16.40
N ALA L 78 21.09 32.79 16.03
CA ALA L 78 20.19 32.68 14.84
C ALA L 78 18.80 33.24 15.12
N VAL L 79 18.38 33.14 16.36
CA VAL L 79 17.14 33.77 16.83
C VAL L 79 17.22 35.31 16.62
N MET L 80 18.36 35.90 16.96
CA MET L 80 18.54 37.33 16.73
C MET L 80 18.72 37.62 15.24
N GLN L 81 19.41 36.74 14.55
CA GLN L 81 19.53 36.93 13.14
C GLN L 81 18.13 37.03 12.55
N ALA L 82 17.26 36.14 12.99
CA ALA L 82 15.90 36.10 12.44
C ALA L 82 15.12 37.40 12.70
N GLN L 83 15.20 37.90 13.93
CA GLN L 83 14.63 39.22 14.25
C GLN L 83 15.26 40.37 13.46
N ALA L 84 16.59 40.36 13.38
CA ALA L 84 17.31 41.37 12.63
C ALA L 84 16.88 41.39 11.16
N SER L 85 16.45 40.26 10.63
CA SER L 85 16.06 40.23 9.22
C SER L 85 14.83 41.14 8.96
N LEU L 86 14.03 41.38 9.98
CA LEU L 86 12.83 42.20 9.89
C LEU L 86 13.09 43.70 9.97
N LEU L 87 14.34 44.10 10.22
CA LEU L 87 14.62 45.48 10.55
C LEU L 87 15.27 46.24 9.41
N SER L 88 14.75 47.42 9.08
CA SER L 88 15.38 48.26 8.08
C SER L 88 16.56 49.00 8.69
N ASP L 89 17.44 49.54 7.84
CA ASP L 89 18.57 50.33 8.36
C ASP L 89 18.05 51.49 9.22
N ASP L 90 16.95 52.12 8.79
CA ASP L 90 16.37 53.19 9.61
C ASP L 90 15.91 52.65 10.95
N ASP L 91 15.22 51.50 10.93
CA ASP L 91 14.78 50.85 12.17
C ASP L 91 15.98 50.69 13.14
N ILE L 92 17.09 50.21 12.60
CA ILE L 92 18.29 49.97 13.44
C ILE L 92 18.82 51.25 14.11
N ALA L 93 18.92 52.29 13.32
CA ALA L 93 19.37 53.56 13.83
C ALA L 93 18.44 54.06 14.91
N ASN L 94 17.12 53.96 14.66
CA ASN L 94 16.12 54.44 15.59
C ASN L 94 16.15 53.65 16.91
N LEU L 95 16.25 52.34 16.82
CA LEU L 95 16.34 51.52 18.00
C LEU L 95 17.63 51.81 18.79
N ALA L 96 18.72 52.02 18.05
CA ALA L 96 20.02 52.31 18.68
C ALA L 96 19.91 53.62 19.46
N ALA L 97 19.26 54.62 18.86
CA ALA L 97 19.06 55.92 19.52
C ALA L 97 18.25 55.73 20.76
N TYR L 98 17.23 54.88 20.69
CA TYR L 98 16.38 54.68 21.85
C TYR L 98 17.15 53.99 23.00
N TYR L 99 17.66 52.80 22.76
CA TYR L 99 18.26 52.02 23.84
C TYR L 99 19.48 52.72 24.44
N SER L 100 20.24 53.41 23.59
CA SER L 100 21.45 54.07 24.07
C SER L 100 21.13 55.23 25.02
N SER L 101 19.95 55.82 24.83
CA SER L 101 19.59 57.01 25.55
C SER L 101 18.94 56.69 26.88
N LEU L 102 18.72 55.41 27.17
CA LEU L 102 18.02 55.04 28.41
C LEU L 102 18.95 55.17 29.61
N GLY M 22 15.15 13.71 -4.35
CA GLY M 22 13.85 12.99 -4.12
C GLY M 22 12.92 13.79 -3.26
N ASP M 23 11.63 13.43 -3.25
CA ASP M 23 10.54 14.12 -2.52
C ASP M 23 10.00 13.39 -1.31
N ALA M 24 10.33 13.92 -0.14
CA ALA M 24 10.01 13.24 1.12
C ALA M 24 8.55 12.83 1.37
N ALA M 25 7.57 13.64 0.98
CA ALA M 25 6.15 13.30 1.20
C ALA M 25 5.56 12.22 0.21
N ALA M 26 5.98 12.23 -1.03
CA ALA M 26 5.68 11.08 -1.91
C ALA M 26 6.25 9.74 -1.36
N GLY M 27 7.49 9.81 -0.89
CA GLY M 27 8.18 8.57 -0.51
C GLY M 27 7.45 8.12 0.69
N GLN M 28 7.12 9.12 1.49
CA GLN M 28 6.30 8.84 2.62
C GLN M 28 5.09 8.02 2.25
N ALA M 29 4.36 8.32 1.15
CA ALA M 29 3.19 7.50 0.72
C ALA M 29 3.49 6.16 0.03
N LYS M 30 4.56 6.11 -0.73
CA LYS M 30 4.93 4.85 -1.36
C LYS M 30 5.39 3.89 -0.26
N ALA M 31 6.00 4.46 0.80
CA ALA M 31 6.67 3.70 1.89
C ALA M 31 5.69 2.82 2.56
N ALA M 32 4.43 3.01 2.22
CA ALA M 32 3.39 2.26 2.90
C ALA M 32 3.50 0.80 2.50
N VAL M 33 4.13 0.54 1.37
CA VAL M 33 4.34 -0.89 0.95
C VAL M 33 5.44 -1.62 1.80
N CYS M 34 6.29 -0.85 2.42
CA CYS M 34 7.47 -1.43 3.07
C CYS M 34 7.23 -1.62 4.56
N ALA M 35 6.14 -1.04 5.04
CA ALA M 35 6.00 -0.69 6.46
C ALA M 35 5.88 -1.92 7.29
N ALA M 36 5.38 -2.97 6.67
CA ALA M 36 5.11 -4.14 7.43
C ALA M 36 6.36 -4.89 7.72
N CYS M 37 7.42 -4.62 6.96
CA CYS M 37 8.70 -5.24 7.27
C CYS M 37 9.64 -4.28 7.99
N HIS M 38 9.57 -3.00 7.66
CA HIS M 38 10.61 -2.05 8.11
C HIS M 38 10.06 -1.03 9.14
N GLY M 39 8.78 -1.09 9.41
CA GLY M 39 8.10 -0.06 10.21
C GLY M 39 7.49 1.07 9.40
N ALA M 40 6.50 1.75 9.96
CA ALA M 40 5.87 2.89 9.27
C ALA M 40 6.91 4.00 9.06
N ASP M 41 7.82 3.98 10.05
CA ASP M 41 8.86 4.93 10.42
C ASP M 41 10.20 4.63 9.76
N GLY M 42 10.36 3.38 9.35
CA GLY M 42 11.66 2.84 9.04
C GLY M 42 12.22 2.23 10.31
N ASN M 43 11.39 2.17 11.35
CA ASN M 43 11.88 1.49 12.53
C ASN M 43 11.39 0.10 12.69
N ALA M 44 12.29 -0.84 12.47
CA ALA M 44 11.95 -2.21 12.24
C ALA M 44 11.87 -2.94 13.55
N THR M 45 11.06 -3.99 13.56
CA THR M 45 10.66 -4.67 14.77
C THR M 45 10.95 -6.15 14.66
N ILE M 46 10.80 -6.68 13.46
CA ILE M 46 11.10 -8.10 13.25
C ILE M 46 12.59 -8.44 13.44
N PRO M 47 12.87 -9.53 14.17
CA PRO M 47 14.24 -9.95 14.39
C PRO M 47 14.98 -10.24 13.10
N GLY M 48 16.21 -9.73 12.97
CA GLY M 48 16.97 -9.95 11.78
C GLY M 48 16.72 -8.91 10.72
N TYR M 49 15.64 -8.12 10.81
CA TYR M 49 15.35 -7.11 9.74
C TYR M 49 15.98 -5.77 10.03
N PRO M 50 16.45 -5.05 8.99
CA PRO M 50 17.11 -3.75 9.27
C PRO M 50 16.11 -2.62 9.55
N ASN M 51 16.39 -1.75 10.53
CA ASN M 51 15.77 -0.41 10.59
C ASN M 51 16.22 0.41 9.42
N LEU M 52 15.30 1.20 8.84
CA LEU M 52 15.62 2.16 7.81
C LEU M 52 15.44 3.54 8.44
N LYS M 53 14.68 3.52 9.54
CA LYS M 53 14.30 4.71 10.30
C LYS M 53 15.51 5.56 10.49
N GLY M 54 15.53 6.67 9.77
CA GLY M 54 16.60 7.66 9.81
C GLY M 54 17.91 7.33 9.14
N GLN M 55 17.92 6.24 8.36
CA GLN M 55 19.14 5.86 7.66
C GLN M 55 19.51 6.93 6.66
N ASN M 56 20.78 6.94 6.26
CA ASN M 56 21.29 7.95 5.34
C ASN M 56 20.70 7.84 3.94
N GLU M 57 20.34 9.00 3.37
CA GLU M 57 19.73 9.05 2.00
C GLU M 57 20.40 8.37 0.83
N GLN M 58 21.66 8.70 0.51
CA GLN M 58 22.42 8.10 -0.61
C GLN M 58 22.61 6.61 -0.45
N TYR M 59 22.73 6.19 0.80
CA TYR M 59 22.90 4.77 1.10
C TYR M 59 21.60 4.02 0.85
N ILE M 60 20.47 4.58 1.28
CA ILE M 60 19.13 4.00 1.00
C ILE M 60 19.08 3.79 -0.53
N VAL M 61 19.35 4.85 -1.32
CA VAL M 61 19.39 4.72 -2.78
C VAL M 61 20.29 3.63 -3.31
N SER M 62 21.56 3.60 -2.93
CA SER M 62 22.46 2.63 -3.52
C SER M 62 22.12 1.23 -3.05
N SER M 63 21.70 1.07 -1.83
CA SER M 63 21.43 -0.29 -1.36
C SER M 63 20.19 -0.88 -2.06
N ILE M 64 19.21 -0.03 -2.33
CA ILE M 64 18.00 -0.54 -3.02
C ILE M 64 18.41 -1.00 -4.40
N LYS M 65 19.23 -0.21 -5.10
CA LYS M 65 19.72 -0.58 -6.44
C LYS M 65 20.64 -1.79 -6.49
N ALA M 66 21.38 -2.04 -5.42
CA ALA M 66 22.20 -3.22 -5.29
C ALA M 66 21.31 -4.47 -5.28
N TYR M 67 20.16 -4.39 -4.61
CA TYR M 67 19.25 -5.52 -4.65
C TYR M 67 18.69 -5.65 -6.07
N LYS M 68 18.22 -4.50 -6.61
CA LYS M 68 17.60 -4.43 -7.93
C LYS M 68 18.52 -5.12 -8.92
N ASN M 69 19.83 -4.90 -8.80
CA ASN M 69 20.81 -5.55 -9.68
C ASN M 69 21.38 -6.86 -9.19
N LYS M 70 20.75 -7.44 -8.17
CA LYS M 70 21.15 -8.74 -7.68
C LYS M 70 22.61 -8.79 -7.27
N GLU M 71 23.10 -7.65 -6.79
CA GLU M 71 24.42 -7.55 -6.18
C GLU M 71 24.47 -8.02 -4.72
N ARG M 72 23.30 -8.24 -4.12
CA ARG M 72 23.20 -8.80 -2.79
C ARG M 72 22.37 -10.09 -2.94
N SER M 73 22.85 -11.21 -2.39
CA SER M 73 22.23 -12.55 -2.50
C SER M 73 22.22 -13.31 -1.20
N GLY M 74 21.46 -14.41 -1.13
CA GLY M 74 21.51 -15.25 0.05
C GLY M 74 20.62 -14.69 1.13
N GLY M 75 20.32 -15.54 2.11
CA GLY M 75 19.44 -15.18 3.21
C GLY M 75 18.12 -14.64 2.69
N LEU M 76 17.71 -13.48 3.20
CA LEU M 76 16.48 -12.87 2.73
C LEU M 76 16.63 -11.89 1.57
N ALA M 77 17.78 -11.88 0.88
CA ALA M 77 18.01 -10.80 -0.08
C ALA M 77 17.01 -10.88 -1.23
N ALA M 78 16.52 -12.07 -1.52
CA ALA M 78 15.57 -12.21 -2.66
C ALA M 78 14.29 -11.45 -2.34
N VAL M 79 14.00 -11.25 -1.05
CA VAL M 79 12.82 -10.42 -0.77
C VAL M 79 13.06 -9.04 -1.44
N MET M 80 14.25 -8.48 -1.28
CA MET M 80 14.46 -7.12 -1.68
C MET M 80 14.79 -7.03 -3.13
N GLN M 81 15.42 -8.07 -3.66
CA GLN M 81 15.63 -8.11 -5.10
C GLN M 81 14.28 -7.98 -5.81
N ALA M 82 13.26 -8.65 -5.27
CA ALA M 82 11.93 -8.66 -5.90
C ALA M 82 11.29 -7.30 -5.70
N GLN M 83 11.31 -6.83 -4.45
CA GLN M 83 10.71 -5.53 -4.07
C GLN M 83 11.34 -4.35 -4.81
N ALA M 84 12.67 -4.34 -4.96
CA ALA M 84 13.31 -3.27 -5.71
C ALA M 84 12.94 -3.27 -7.20
N SER M 85 12.64 -4.44 -7.78
CA SER M 85 12.33 -4.49 -9.21
C SER M 85 11.06 -3.72 -9.49
N LEU M 86 10.23 -3.54 -8.46
CA LEU M 86 8.94 -2.85 -8.64
C LEU M 86 9.09 -1.33 -8.53
N LEU M 87 10.28 -0.82 -8.20
CA LEU M 87 10.42 0.62 -7.91
C LEU M 87 11.07 1.38 -9.04
N SER M 88 10.49 2.52 -9.43
CA SER M 88 11.18 3.44 -10.36
C SER M 88 12.33 4.20 -9.69
N ASP M 89 13.16 4.87 -10.48
CA ASP M 89 14.19 5.70 -9.88
C ASP M 89 13.58 6.83 -9.02
N ASP M 90 12.52 7.45 -9.52
CA ASP M 90 11.81 8.41 -8.73
C ASP M 90 11.29 7.84 -7.39
N ASP M 91 10.64 6.66 -7.40
CA ASP M 91 10.11 6.01 -6.17
C ASP M 91 11.26 5.86 -5.16
N ILE M 92 12.37 5.34 -5.63
CA ILE M 92 13.54 5.09 -4.78
C ILE M 92 14.08 6.40 -4.14
N ALA M 93 14.23 7.46 -4.94
CA ALA M 93 14.61 8.74 -4.40
C ALA M 93 13.57 9.25 -3.43
N ASN M 94 12.29 9.06 -3.72
CA ASN M 94 11.26 9.45 -2.78
C ASN M 94 11.28 8.66 -1.49
N LEU M 95 11.42 7.35 -1.62
CA LEU M 95 11.45 6.52 -0.43
C LEU M 95 12.68 6.91 0.44
N ALA M 96 13.81 7.11 -0.21
CA ALA M 96 15.09 7.49 0.43
C ALA M 96 15.03 8.84 1.09
N ALA M 97 14.67 9.85 0.26
CA ALA M 97 14.54 11.24 0.70
C ALA M 97 13.84 11.20 2.01
N TYR M 98 12.88 10.32 2.05
CA TYR M 98 12.01 10.22 3.19
C TYR M 98 12.56 9.48 4.42
N TYR M 99 12.59 8.12 4.36
CA TYR M 99 12.76 7.23 5.57
C TYR M 99 13.87 7.89 6.36
N SER M 100 14.63 8.69 5.62
CA SER M 100 15.94 9.29 5.91
C SER M 100 16.08 10.78 6.33
N SER M 101 14.98 11.52 6.26
CA SER M 101 14.94 12.95 6.62
C SER M 101 14.60 13.04 8.12
N GLY N 22 26.70 -11.34 22.75
CA GLY N 22 28.05 -10.71 22.51
C GLY N 22 28.29 -9.75 23.64
N ASP N 23 29.46 -9.11 23.66
CA ASP N 23 29.82 -8.18 24.76
C ASP N 23 30.02 -6.76 24.17
N ALA N 24 29.18 -5.82 24.60
CA ALA N 24 29.18 -4.47 24.01
C ALA N 24 30.44 -3.67 24.38
N ALA N 25 31.00 -3.91 25.56
CA ALA N 25 32.20 -3.19 26.01
C ALA N 25 33.33 -3.60 25.13
N ALA N 26 33.40 -4.90 24.86
CA ALA N 26 34.40 -5.39 23.93
C ALA N 26 34.21 -4.92 22.48
N GLY N 27 32.96 -4.92 22.03
CA GLY N 27 32.64 -4.39 20.73
C GLY N 27 33.06 -2.92 20.65
N GLN N 28 32.83 -2.12 21.69
CA GLN N 28 33.20 -0.70 21.65
C GLN N 28 34.69 -0.53 21.35
N ALA N 29 35.50 -1.32 22.04
CA ALA N 29 36.94 -1.30 21.83
C ALA N 29 37.31 -1.77 20.43
N LYS N 30 36.62 -2.79 19.94
CA LYS N 30 36.93 -3.29 18.62
C LYS N 30 36.44 -2.30 17.50
N ALA N 31 35.46 -1.47 17.85
CA ALA N 31 34.80 -0.53 16.90
C ALA N 31 35.68 0.64 16.55
N ALA N 32 36.88 0.69 17.16
CA ALA N 32 37.71 1.86 16.93
C ALA N 32 38.06 1.96 15.44
N VAL N 33 38.33 0.82 14.81
CA VAL N 33 38.69 0.74 13.40
C VAL N 33 37.51 1.12 12.49
N CYS N 34 36.27 1.03 13.02
CA CYS N 34 35.09 1.18 12.20
C CYS N 34 34.79 2.65 11.97
N ALA N 35 35.16 3.48 12.93
CA ALA N 35 34.76 4.85 12.86
C ALA N 35 35.36 5.69 11.69
N ALA N 36 36.43 5.22 11.02
CA ALA N 36 37.02 5.95 9.86
C ALA N 36 36.02 6.01 8.72
N CYS N 37 35.24 4.93 8.57
CA CYS N 37 34.26 4.81 7.51
C CYS N 37 32.82 4.91 8.08
N HIS N 38 32.55 4.27 9.22
CA HIS N 38 31.18 4.26 9.77
C HIS N 38 30.89 5.42 10.79
N GLY N 39 31.86 6.28 11.09
CA GLY N 39 31.50 7.36 12.06
C GLY N 39 31.45 6.97 13.54
N ALA N 40 31.08 7.92 14.42
CA ALA N 40 31.32 7.75 15.86
C ALA N 40 30.21 7.11 16.66
N ASP N 41 29.25 7.91 17.10
CA ASP N 41 28.14 7.35 17.85
C ASP N 41 27.39 6.27 17.02
N GLY N 42 28.04 5.78 15.95
CA GLY N 42 27.38 4.87 15.00
C GLY N 42 26.72 5.60 13.83
N ASN N 43 26.46 6.90 14.01
CA ASN N 43 25.91 7.72 12.90
C ASN N 43 27.02 8.14 11.92
N ALA N 44 26.92 7.75 10.64
CA ALA N 44 27.97 8.07 9.66
C ALA N 44 27.91 9.52 9.15
N THR N 45 29.01 9.95 8.51
CA THR N 45 29.04 11.23 7.79
C THR N 45 29.42 11.15 6.29
N ILE N 46 30.19 10.16 5.86
CA ILE N 46 30.39 9.99 4.43
C ILE N 46 29.01 9.66 3.85
N PRO N 47 28.58 10.40 2.82
CA PRO N 47 27.12 10.32 2.60
C PRO N 47 26.59 9.00 1.98
N GLY N 48 27.39 8.32 1.17
CA GLY N 48 26.96 6.99 0.71
C GLY N 48 27.21 5.81 1.66
N TYR N 49 27.75 6.09 2.84
CA TYR N 49 28.13 5.04 3.81
C TYR N 49 27.03 4.98 4.87
N PRO N 50 26.74 3.78 5.43
CA PRO N 50 25.58 3.62 6.32
C PRO N 50 25.76 3.97 7.78
N ASN N 51 24.73 4.48 8.42
CA ASN N 51 24.68 4.46 9.88
C ASN N 51 24.51 3.04 10.42
N LEU N 52 25.14 2.78 11.57
CA LEU N 52 25.03 1.51 12.32
C LEU N 52 24.38 1.70 13.67
N LYS N 53 24.36 2.95 14.15
CA LYS N 53 23.82 3.24 15.48
C LYS N 53 22.43 2.67 15.72
N GLY N 54 22.31 1.77 16.70
CA GLY N 54 21.01 1.26 17.06
C GLY N 54 20.46 0.24 16.04
N GLN N 55 21.25 -0.13 15.05
CA GLN N 55 20.81 -1.17 14.09
C GLN N 55 20.49 -2.50 14.81
N ASN N 56 19.47 -3.21 14.32
CA ASN N 56 19.11 -4.52 14.88
C ASN N 56 20.30 -5.46 15.00
N GLU N 57 20.51 -6.02 16.20
CA GLU N 57 21.69 -6.88 16.44
C GLU N 57 21.89 -8.03 15.46
N GLN N 58 20.83 -8.82 15.22
CA GLN N 58 20.95 -9.95 14.28
C GLN N 58 21.22 -9.51 12.89
N TYR N 59 20.72 -8.35 12.48
CA TYR N 59 21.01 -7.87 11.15
C TYR N 59 22.49 -7.44 11.03
N ILE N 60 23.05 -6.81 12.05
CA ILE N 60 24.48 -6.47 11.93
C ILE N 60 25.28 -7.74 11.74
N VAL N 61 24.96 -8.77 12.52
CA VAL N 61 25.64 -10.06 12.37
C VAL N 61 25.47 -10.60 10.96
N SER N 62 24.22 -10.71 10.48
CA SER N 62 24.03 -11.31 9.17
C SER N 62 24.66 -10.49 8.07
N SER N 63 24.62 -9.15 8.17
CA SER N 63 25.16 -8.34 7.09
C SER N 63 26.68 -8.39 7.05
N ILE N 64 27.34 -8.27 8.20
CA ILE N 64 28.79 -8.44 8.17
C ILE N 64 29.15 -9.82 7.56
N LYS N 65 28.54 -10.89 8.04
CA LYS N 65 28.82 -12.25 7.50
C LYS N 65 28.49 -12.33 6.04
N ALA N 66 27.56 -11.49 5.59
CA ALA N 66 27.24 -11.44 4.17
C ALA N 66 28.38 -10.88 3.33
N TYR N 67 29.07 -9.86 3.81
CA TYR N 67 30.29 -9.37 3.13
C TYR N 67 31.41 -10.39 3.27
N LYS N 68 31.46 -11.07 4.40
CA LYS N 68 32.51 -12.03 4.65
C LYS N 68 32.37 -13.24 3.73
N ASN N 69 31.14 -13.63 3.42
CA ASN N 69 30.88 -14.80 2.58
C ASN N 69 30.64 -14.41 1.12
N LYS N 70 31.00 -13.19 0.77
CA LYS N 70 30.84 -12.70 -0.59
C LYS N 70 29.38 -12.75 -1.14
N GLU N 71 28.37 -12.76 -0.27
CA GLU N 71 26.97 -12.64 -0.71
C GLU N 71 26.58 -11.19 -1.07
N ARG N 72 27.38 -10.24 -0.61
CA ARG N 72 27.26 -8.88 -1.10
C ARG N 72 28.53 -8.53 -1.85
N SER N 73 28.37 -8.05 -3.07
CA SER N 73 29.53 -7.83 -3.93
C SER N 73 29.38 -6.55 -4.76
N GLY N 74 30.36 -6.27 -5.60
CA GLY N 74 30.23 -5.14 -6.51
C GLY N 74 29.89 -3.86 -5.77
N GLY N 75 30.12 -2.72 -6.43
CA GLY N 75 29.81 -1.42 -5.83
C GLY N 75 30.62 -1.12 -4.58
N LEU N 76 29.99 -0.51 -3.57
CA LEU N 76 30.67 -0.24 -2.29
C LEU N 76 30.88 -1.50 -1.50
N ALA N 77 30.13 -2.55 -1.83
CA ALA N 77 30.35 -3.86 -1.22
C ALA N 77 31.84 -4.23 -1.18
N ALA N 78 32.54 -4.01 -2.28
CA ALA N 78 33.99 -4.26 -2.36
C ALA N 78 34.80 -3.64 -1.20
N VAL N 79 34.42 -2.46 -0.74
CA VAL N 79 35.12 -1.79 0.36
C VAL N 79 35.03 -2.57 1.70
N MET N 80 33.81 -2.95 2.06
CA MET N 80 33.50 -3.53 3.37
C MET N 80 33.88 -5.02 3.41
N GLN N 81 33.97 -5.60 2.24
CA GLN N 81 34.27 -7.02 2.09
C GLN N 81 35.60 -7.32 2.77
N ALA N 82 36.53 -6.38 2.58
CA ALA N 82 37.88 -6.60 3.04
C ALA N 82 37.87 -6.58 4.56
N GLN N 83 37.15 -5.63 5.14
CA GLN N 83 37.13 -5.50 6.61
C GLN N 83 36.47 -6.72 7.26
N ALA N 84 35.40 -7.20 6.64
CA ALA N 84 34.68 -8.34 7.18
C ALA N 84 35.51 -9.61 7.16
N SER N 85 36.38 -9.73 6.16
CA SER N 85 37.34 -10.84 6.12
C SER N 85 38.30 -10.79 7.34
N LEU N 86 38.49 -9.63 7.94
CA LEU N 86 39.36 -9.48 9.12
C LEU N 86 38.67 -9.83 10.46
N LEU N 87 37.38 -10.14 10.43
CA LEU N 87 36.61 -10.28 11.65
C LEU N 87 36.26 -11.73 12.00
N SER N 88 36.54 -12.10 13.23
CA SER N 88 36.14 -13.41 13.70
C SER N 88 34.66 -13.32 14.03
N ASP N 89 34.02 -14.48 14.23
CA ASP N 89 32.64 -14.52 14.66
C ASP N 89 32.45 -13.85 16.03
N ASP N 90 33.44 -13.98 16.90
CA ASP N 90 33.43 -13.27 18.17
C ASP N 90 33.41 -11.78 17.95
N ASP N 91 34.32 -11.29 17.11
CA ASP N 91 34.44 -9.85 16.85
C ASP N 91 33.06 -9.37 16.37
N ILE N 92 32.45 -10.15 15.50
CA ILE N 92 31.19 -9.80 14.93
C ILE N 92 30.10 -9.73 15.97
N ALA N 93 30.00 -10.77 16.81
CA ALA N 93 29.04 -10.78 17.87
C ALA N 93 29.20 -9.57 18.78
N ASN N 94 30.45 -9.24 19.10
CA ASN N 94 30.73 -8.15 20.04
C ASN N 94 30.38 -6.76 19.39
N LEU N 95 30.77 -6.58 18.16
CA LEU N 95 30.44 -5.35 17.39
C LEU N 95 28.92 -5.16 17.26
N ALA N 96 28.20 -6.24 16.97
CA ALA N 96 26.75 -6.10 16.85
C ALA N 96 26.14 -5.76 18.21
N ALA N 97 26.69 -6.31 19.29
CA ALA N 97 26.18 -6.01 20.63
C ALA N 97 26.38 -4.55 20.91
N TYR N 98 27.51 -4.06 20.46
CA TYR N 98 27.82 -2.68 20.80
C TYR N 98 26.93 -1.70 20.03
N TYR N 99 26.96 -1.73 18.71
CA TYR N 99 26.17 -0.79 17.92
C TYR N 99 24.67 -0.92 18.13
N SER N 100 24.16 -2.14 18.26
CA SER N 100 22.71 -2.28 18.47
C SER N 100 22.27 -1.65 19.80
N SER N 101 23.18 -1.53 20.76
CA SER N 101 22.66 -1.11 22.07
C SER N 101 22.77 0.41 22.30
N LEU N 102 23.34 1.10 21.33
CA LEU N 102 23.53 2.54 21.39
C LEU N 102 22.22 3.26 21.20
N GLY O 22 3.72 -13.00 -27.67
CA GLY O 22 3.22 -12.51 -26.36
C GLY O 22 2.28 -13.57 -25.83
N ASP O 23 1.82 -13.40 -24.60
CA ASP O 23 1.05 -14.39 -23.86
C ASP O 23 -0.32 -13.75 -23.70
N ALA O 24 -1.33 -14.30 -24.37
CA ALA O 24 -2.65 -13.70 -24.38
C ALA O 24 -3.34 -13.71 -23.01
N ALA O 25 -3.17 -14.78 -22.23
CA ALA O 25 -3.75 -14.81 -20.90
C ALA O 25 -3.14 -13.71 -20.04
N ALA O 26 -1.83 -13.51 -20.15
CA ALA O 26 -1.19 -12.40 -19.38
C ALA O 26 -1.76 -11.07 -19.90
N GLY O 27 -2.04 -11.00 -21.20
CA GLY O 27 -2.65 -9.79 -21.77
C GLY O 27 -4.03 -9.56 -21.18
N GLN O 28 -4.87 -10.59 -21.14
CA GLN O 28 -6.18 -10.42 -20.55
C GLN O 28 -6.06 -9.96 -19.06
N ALA O 29 -5.20 -10.62 -18.32
CA ALA O 29 -4.98 -10.29 -16.90
C ALA O 29 -4.65 -8.78 -16.73
N LYS O 30 -3.87 -8.27 -17.66
CA LYS O 30 -3.38 -6.85 -17.63
C LYS O 30 -4.42 -5.87 -18.16
N ALA O 31 -5.47 -6.38 -18.80
CA ALA O 31 -6.36 -5.52 -19.57
C ALA O 31 -7.50 -4.82 -18.79
N ALA O 32 -7.64 -5.13 -17.49
CA ALA O 32 -8.77 -4.56 -16.74
C ALA O 32 -8.91 -3.05 -16.97
N VAL O 33 -7.81 -2.29 -16.82
CA VAL O 33 -7.94 -0.81 -16.94
C VAL O 33 -8.32 -0.32 -18.32
N CYS O 34 -7.83 -1.04 -19.34
CA CYS O 34 -8.21 -0.76 -20.73
C CYS O 34 -9.72 -0.78 -21.02
N ALA O 35 -10.46 -1.65 -20.33
CA ALA O 35 -11.89 -1.85 -20.56
C ALA O 35 -12.69 -0.59 -20.36
N ALA O 36 -12.28 0.29 -19.44
CA ALA O 36 -12.97 1.56 -19.27
C ALA O 36 -13.08 2.27 -20.60
N CYS O 37 -12.07 2.17 -21.45
CA CYS O 37 -12.02 3.07 -22.61
C CYS O 37 -12.24 2.32 -23.93
N HIS O 38 -11.72 1.08 -23.94
CA HIS O 38 -11.75 0.25 -25.14
C HIS O 38 -12.80 -0.88 -25.04
N GLY O 39 -13.59 -0.88 -23.95
CA GLY O 39 -14.70 -1.85 -23.85
C GLY O 39 -14.30 -3.15 -23.20
N ALA O 40 -15.24 -3.79 -22.49
CA ALA O 40 -14.95 -5.09 -21.91
C ALA O 40 -14.62 -6.13 -22.98
N ASP O 41 -15.18 -5.93 -24.18
CA ASP O 41 -14.97 -6.87 -25.28
C ASP O 41 -14.01 -6.30 -26.35
N GLY O 42 -13.29 -5.23 -25.99
CA GLY O 42 -12.42 -4.53 -26.95
C GLY O 42 -13.14 -3.69 -27.97
N ASN O 43 -14.48 -3.60 -27.87
CA ASN O 43 -15.24 -2.64 -28.64
C ASN O 43 -15.52 -1.42 -27.78
N ALA O 44 -15.17 -0.24 -28.26
CA ALA O 44 -15.31 0.96 -27.47
C ALA O 44 -16.73 1.46 -27.54
N THR O 45 -17.12 2.25 -26.55
CA THR O 45 -18.49 2.77 -26.56
C THR O 45 -18.58 4.27 -26.86
N ILE O 46 -17.51 4.98 -26.58
CA ILE O 46 -17.52 6.42 -26.73
C ILE O 46 -17.05 6.87 -28.11
N PRO O 47 -17.74 7.86 -28.71
CA PRO O 47 -17.28 8.32 -30.00
C PRO O 47 -15.89 8.87 -29.83
N GLY O 48 -15.03 8.57 -30.79
CA GLY O 48 -13.65 9.01 -30.71
C GLY O 48 -12.68 8.00 -30.15
N TYR O 49 -13.20 6.96 -29.49
CA TYR O 49 -12.31 5.97 -28.88
C TYR O 49 -12.28 4.74 -29.74
N PRO O 50 -11.09 4.13 -29.90
CA PRO O 50 -11.05 3.03 -30.89
C PRO O 50 -11.37 1.63 -30.33
N ASN O 51 -12.02 0.81 -31.15
CA ASN O 51 -12.06 -0.58 -30.90
C ASN O 51 -10.68 -1.19 -31.04
N LEU O 52 -10.37 -2.16 -30.21
CA LEU O 52 -9.13 -2.96 -30.33
C LEU O 52 -9.37 -4.43 -30.74
N LYS O 53 -10.62 -4.84 -30.65
CA LYS O 53 -10.98 -6.26 -30.79
C LYS O 53 -10.47 -6.73 -32.15
N GLY O 54 -9.65 -7.77 -32.13
CA GLY O 54 -9.15 -8.42 -33.35
C GLY O 54 -8.19 -7.55 -34.15
N GLN O 55 -7.67 -6.48 -33.59
CA GLN O 55 -6.74 -5.63 -34.35
C GLN O 55 -5.45 -6.42 -34.65
N ASN O 56 -4.75 -6.06 -35.72
CA ASN O 56 -3.52 -6.72 -36.08
C ASN O 56 -2.51 -6.63 -34.93
N GLU O 57 -1.91 -7.75 -34.53
CA GLU O 57 -0.99 -7.81 -33.38
C GLU O 57 0.19 -6.87 -33.51
N GLN O 58 0.92 -6.91 -34.64
CA GLN O 58 2.06 -6.00 -34.83
C GLN O 58 1.67 -4.55 -34.76
N TYR O 59 0.49 -4.23 -35.29
CA TYR O 59 0.02 -2.83 -35.27
C TYR O 59 -0.32 -2.42 -33.81
N ILE O 60 -0.87 -3.35 -33.03
CA ILE O 60 -1.19 -3.00 -31.63
C ILE O 60 0.12 -2.66 -30.93
N VAL O 61 1.14 -3.51 -31.11
CA VAL O 61 2.49 -3.21 -30.56
C VAL O 61 3.06 -1.83 -30.98
N SER O 62 3.06 -1.57 -32.29
CA SER O 62 3.66 -0.33 -32.82
C SER O 62 2.86 0.91 -32.35
N SER O 63 1.53 0.85 -32.38
CA SER O 63 0.69 2.00 -31.99
C SER O 63 0.84 2.27 -30.48
N ILE O 64 0.86 1.24 -29.63
CA ILE O 64 1.04 1.50 -28.19
C ILE O 64 2.40 2.16 -28.00
N LYS O 65 3.41 1.66 -28.69
CA LYS O 65 4.71 2.25 -28.56
C LYS O 65 4.76 3.68 -29.11
N ALA O 66 4.00 3.98 -30.15
CA ALA O 66 3.91 5.41 -30.63
C ALA O 66 3.46 6.37 -29.50
N TYR O 67 2.41 6.03 -28.77
CA TYR O 67 1.98 6.86 -27.63
C TYR O 67 3.09 6.95 -26.55
N LYS O 68 3.72 5.84 -26.26
CA LYS O 68 4.70 5.78 -25.20
C LYS O 68 5.86 6.69 -25.60
N ASN O 69 6.20 6.71 -26.89
CA ASN O 69 7.26 7.60 -27.39
C ASN O 69 6.77 8.99 -27.76
N LYS O 70 5.56 9.33 -27.31
CA LYS O 70 4.99 10.66 -27.54
C LYS O 70 4.96 11.04 -29.02
N GLU O 71 4.67 10.08 -29.90
CA GLU O 71 4.58 10.29 -31.35
C GLU O 71 3.17 10.52 -31.86
N ARG O 72 2.15 10.45 -31.00
CA ARG O 72 0.81 10.86 -31.41
C ARG O 72 0.33 12.01 -30.50
N SER O 73 0.02 13.17 -31.09
CA SER O 73 -0.41 14.40 -30.39
C SER O 73 -1.92 14.59 -30.29
N GLY O 74 -2.40 15.34 -29.30
CA GLY O 74 -3.84 15.56 -29.19
C GLY O 74 -4.34 15.31 -27.76
N GLY O 75 -5.50 15.86 -27.45
CA GLY O 75 -6.06 15.75 -26.11
C GLY O 75 -6.33 14.31 -25.76
N LEU O 76 -7.12 13.61 -26.60
CA LEU O 76 -7.38 12.23 -26.29
C LEU O 76 -6.13 11.41 -26.45
N ALA O 77 -5.27 11.77 -27.42
CA ALA O 77 -3.99 11.01 -27.57
C ALA O 77 -3.12 11.13 -26.32
N ALA O 78 -3.16 12.28 -25.66
CA ALA O 78 -2.39 12.41 -24.43
C ALA O 78 -2.89 11.46 -23.30
N VAL O 79 -4.20 11.21 -23.27
CA VAL O 79 -4.81 10.31 -22.29
C VAL O 79 -4.24 8.90 -22.50
N MET O 80 -4.21 8.51 -23.77
CA MET O 80 -3.58 7.22 -24.04
C MET O 80 -2.07 7.20 -23.79
N GLN O 81 -1.35 8.29 -24.09
CA GLN O 81 0.07 8.33 -23.77
C GLN O 81 0.31 8.14 -22.27
N ALA O 82 -0.56 8.77 -21.47
CA ALA O 82 -0.42 8.64 -20.03
C ALA O 82 -0.53 7.16 -19.64
N GLN O 83 -1.46 6.43 -20.23
CA GLN O 83 -1.62 5.02 -19.89
C GLN O 83 -0.47 4.18 -20.40
N ALA O 84 -0.01 4.51 -21.61
CA ALA O 84 1.05 3.80 -22.30
C ALA O 84 2.36 3.88 -21.48
N SER O 85 2.52 4.97 -20.77
CA SER O 85 3.70 5.21 -19.95
C SER O 85 3.83 4.16 -18.82
N LEU O 86 2.70 3.59 -18.44
CA LEU O 86 2.64 2.59 -17.35
C LEU O 86 2.93 1.16 -17.80
N LEU O 87 3.14 0.96 -19.11
CA LEU O 87 3.23 -0.37 -19.68
C LEU O 87 4.67 -0.74 -20.05
N SER O 88 5.11 -1.93 -19.66
CA SER O 88 6.44 -2.44 -20.05
C SER O 88 6.35 -2.97 -21.45
N ASP O 89 7.48 -3.23 -22.07
CA ASP O 89 7.40 -3.87 -23.39
C ASP O 89 6.77 -5.26 -23.34
N ASP O 90 7.01 -6.03 -22.26
CA ASP O 90 6.32 -7.33 -22.09
C ASP O 90 4.82 -7.17 -22.05
N ASP O 91 4.35 -6.21 -21.22
CA ASP O 91 2.93 -5.88 -21.11
C ASP O 91 2.38 -5.63 -22.50
N ILE O 92 3.09 -4.79 -23.28
CA ILE O 92 2.59 -4.43 -24.61
C ILE O 92 2.46 -5.67 -25.52
N ALA O 93 3.46 -6.53 -25.49
CA ALA O 93 3.44 -7.73 -26.27
C ALA O 93 2.27 -8.63 -25.82
N ASN O 94 2.02 -8.71 -24.52
CA ASN O 94 0.96 -9.60 -24.00
C ASN O 94 -0.41 -9.06 -24.32
N LEU O 95 -0.57 -7.75 -24.14
CA LEU O 95 -1.85 -7.08 -24.50
C LEU O 95 -2.17 -7.24 -26.03
N ALA O 96 -1.15 -7.09 -26.85
CA ALA O 96 -1.30 -7.21 -28.32
C ALA O 96 -1.77 -8.63 -28.61
N ALA O 97 -1.18 -9.60 -27.93
CA ALA O 97 -1.52 -11.03 -28.12
C ALA O 97 -2.97 -11.26 -27.75
N TYR O 98 -3.38 -10.63 -26.64
CA TYR O 98 -4.77 -10.73 -26.17
C TYR O 98 -5.76 -10.08 -27.14
N TYR O 99 -5.61 -8.79 -27.42
CA TYR O 99 -6.66 -8.13 -28.20
C TYR O 99 -6.70 -8.63 -29.64
N SER O 100 -5.53 -8.98 -30.16
CA SER O 100 -5.49 -9.47 -31.56
C SER O 100 -6.22 -10.82 -31.71
N SER O 101 -6.24 -11.60 -30.65
CA SER O 101 -6.83 -12.92 -30.73
C SER O 101 -8.33 -12.94 -30.49
N LEU O 102 -8.96 -11.78 -30.21
CA LEU O 102 -10.43 -11.74 -30.00
C LEU O 102 -11.24 -11.91 -31.28
N GLY P 22 -21.93 11.56 -42.61
CA GLY P 22 -21.30 11.30 -43.94
C GLY P 22 -22.11 10.29 -44.71
N ASP P 23 -21.83 10.22 -46.01
CA ASP P 23 -22.55 9.29 -46.87
C ASP P 23 -21.73 8.02 -47.12
N ALA P 24 -22.20 6.88 -46.58
CA ALA P 24 -21.50 5.58 -46.66
C ALA P 24 -21.27 5.04 -48.05
N ALA P 25 -22.25 5.20 -48.96
CA ALA P 25 -22.07 4.81 -50.36
C ALA P 25 -21.00 5.67 -50.97
N ALA P 26 -21.00 6.96 -50.63
CA ALA P 26 -19.99 7.86 -51.16
C ALA P 26 -18.61 7.36 -50.66
N GLY P 27 -18.61 6.93 -49.41
CA GLY P 27 -17.40 6.44 -48.76
C GLY P 27 -16.94 5.17 -49.45
N GLN P 28 -17.88 4.27 -49.73
CA GLN P 28 -17.51 3.00 -50.37
C GLN P 28 -16.76 3.22 -51.66
N ALA P 29 -17.17 4.22 -52.43
CA ALA P 29 -16.54 4.50 -53.73
C ALA P 29 -15.16 5.09 -53.52
N LYS P 30 -15.03 5.98 -52.55
CA LYS P 30 -13.76 6.62 -52.26
C LYS P 30 -12.76 5.58 -51.75
N ALA P 31 -13.28 4.52 -51.14
CA ALA P 31 -12.46 3.51 -50.42
C ALA P 31 -11.73 2.58 -51.35
N ALA P 32 -11.90 2.78 -52.66
CA ALA P 32 -11.18 1.93 -53.59
C ALA P 32 -9.69 2.01 -53.29
N VAL P 33 -9.13 3.19 -53.12
CA VAL P 33 -7.68 3.30 -53.00
C VAL P 33 -7.16 2.74 -51.67
N CYS P 34 -8.04 2.74 -50.66
CA CYS P 34 -7.71 2.27 -49.31
C CYS P 34 -7.43 0.78 -49.25
N ALA P 35 -8.18 0.01 -50.04
CA ALA P 35 -8.12 -1.46 -49.97
C ALA P 35 -6.74 -2.11 -50.18
N ALA P 36 -5.87 -1.47 -50.95
CA ALA P 36 -4.56 -2.03 -51.19
C ALA P 36 -3.78 -2.18 -49.90
N CYS P 37 -4.02 -1.30 -48.94
CA CYS P 37 -3.26 -1.35 -47.70
C CYS P 37 -4.12 -1.83 -46.53
N HIS P 38 -5.40 -1.45 -46.52
CA HIS P 38 -6.28 -1.76 -45.37
C HIS P 38 -7.13 -3.01 -45.66
N GLY P 39 -6.95 -3.63 -46.82
CA GLY P 39 -7.71 -4.87 -47.06
C GLY P 39 -9.07 -4.59 -47.66
N ALA P 40 -9.62 -5.61 -48.33
CA ALA P 40 -11.04 -5.60 -48.76
C ALA P 40 -11.94 -5.41 -47.57
N ASP P 41 -12.78 -4.37 -47.61
CA ASP P 41 -13.73 -4.00 -46.53
C ASP P 41 -13.04 -3.61 -45.21
N GLY P 42 -11.77 -3.24 -45.28
CA GLY P 42 -11.05 -2.80 -44.07
C GLY P 42 -10.52 -3.94 -43.23
N ASN P 43 -10.69 -5.16 -43.70
CA ASN P 43 -10.03 -6.28 -43.08
C ASN P 43 -8.60 -6.41 -43.59
N ALA P 44 -7.66 -5.90 -42.82
CA ALA P 44 -6.27 -5.81 -43.29
C ALA P 44 -5.61 -7.15 -43.11
N THR P 45 -4.61 -7.41 -43.95
CA THR P 45 -3.90 -8.67 -43.98
C THR P 45 -2.38 -8.44 -43.83
N ILE P 46 -1.92 -7.27 -44.22
CA ILE P 46 -0.48 -7.02 -44.20
C ILE P 46 -0.03 -6.87 -42.76
N PRO P 47 1.06 -7.58 -42.34
CA PRO P 47 1.51 -7.45 -40.98
C PRO P 47 1.79 -6.01 -40.63
N GLY P 48 1.27 -5.54 -39.50
CA GLY P 48 1.54 -4.16 -39.12
C GLY P 48 0.57 -3.07 -39.58
N TYR P 49 -0.31 -3.38 -40.53
CA TYR P 49 -1.27 -2.49 -41.12
C TYR P 49 -2.60 -2.68 -40.39
N PRO P 50 -3.28 -1.56 -40.09
CA PRO P 50 -4.45 -1.66 -39.20
C PRO P 50 -5.74 -2.09 -39.94
N ASN P 51 -6.53 -2.91 -39.30
CA ASN P 51 -7.89 -3.15 -39.71
C ASN P 51 -8.69 -1.85 -39.51
N LEU P 52 -9.62 -1.57 -40.41
CA LEU P 52 -10.53 -0.41 -40.28
C LEU P 52 -11.96 -0.90 -40.17
N LYS P 53 -12.18 -2.18 -40.45
CA LYS P 53 -13.55 -2.66 -40.60
C LYS P 53 -14.31 -2.51 -39.29
N GLY P 54 -15.39 -1.73 -39.28
CA GLY P 54 -16.21 -1.66 -38.06
C GLY P 54 -15.71 -0.62 -37.06
N GLN P 55 -14.64 0.08 -37.40
CA GLN P 55 -14.05 1.01 -36.46
C GLN P 55 -15.01 2.18 -36.14
N ASN P 56 -14.88 2.67 -34.92
CA ASN P 56 -15.64 3.78 -34.41
C ASN P 56 -15.60 4.97 -35.37
N GLU P 57 -16.76 5.46 -35.77
CA GLU P 57 -16.81 6.48 -36.82
C GLU P 57 -16.02 7.71 -36.45
N GLN P 58 -16.28 8.27 -35.29
CA GLN P 58 -15.61 9.52 -34.94
C GLN P 58 -14.08 9.30 -34.80
N TYR P 59 -13.68 8.11 -34.39
CA TYR P 59 -12.26 7.79 -34.28
C TYR P 59 -11.59 7.75 -35.69
N ILE P 60 -12.31 7.19 -36.64
CA ILE P 60 -11.81 7.25 -38.05
C ILE P 60 -11.62 8.70 -38.48
N VAL P 61 -12.60 9.57 -38.19
CA VAL P 61 -12.44 10.96 -38.57
C VAL P 61 -11.26 11.62 -37.88
N SER P 62 -11.13 11.45 -36.56
CA SER P 62 -10.08 12.15 -35.86
C SER P 62 -8.73 11.62 -36.27
N SER P 63 -8.62 10.32 -36.39
CA SER P 63 -7.31 9.75 -36.73
C SER P 63 -6.84 10.15 -38.14
N ILE P 64 -7.72 10.10 -39.14
CA ILE P 64 -7.30 10.58 -40.46
C ILE P 64 -6.87 12.06 -40.43
N LYS P 65 -7.67 12.95 -39.81
CA LYS P 65 -7.21 14.33 -39.67
C LYS P 65 -5.87 14.44 -39.00
N ALA P 66 -5.60 13.53 -38.06
CA ALA P 66 -4.34 13.65 -37.34
C ALA P 66 -3.15 13.36 -38.27
N TYR P 67 -3.31 12.39 -39.16
CA TYR P 67 -2.30 12.14 -40.22
C TYR P 67 -2.20 13.35 -41.13
N LYS P 68 -3.36 13.84 -41.55
CA LYS P 68 -3.42 15.03 -42.43
C LYS P 68 -2.77 16.27 -41.83
N ASN P 69 -2.90 16.42 -40.52
CA ASN P 69 -2.25 17.49 -39.80
C ASN P 69 -0.88 17.16 -39.21
N LYS P 70 -0.32 16.00 -39.58
CA LYS P 70 0.99 15.61 -39.12
C LYS P 70 1.07 15.50 -37.59
N GLU P 71 -0.04 15.16 -36.92
CA GLU P 71 0.00 14.97 -35.47
C GLU P 71 0.35 13.52 -35.07
N ARG P 72 0.40 12.62 -36.05
CA ARG P 72 0.97 11.29 -35.84
C ARG P 72 2.33 11.09 -36.54
N SER P 73 3.36 10.66 -35.81
CA SER P 73 4.70 10.48 -36.38
C SER P 73 5.35 9.15 -36.06
N GLY P 74 6.48 8.86 -36.72
CA GLY P 74 7.19 7.63 -36.48
C GLY P 74 6.55 6.39 -37.10
N GLY P 75 7.31 5.30 -37.10
CA GLY P 75 6.85 4.02 -37.59
C GLY P 75 6.37 4.21 -39.02
N LEU P 76 5.24 3.59 -39.34
CA LEU P 76 4.62 3.67 -40.68
C LEU P 76 3.74 4.91 -40.84
N ALA P 77 3.77 5.82 -39.86
CA ALA P 77 2.89 6.98 -39.95
C ALA P 77 3.08 7.81 -41.23
N ALA P 78 4.32 7.91 -41.72
CA ALA P 78 4.61 8.74 -42.90
C ALA P 78 3.82 8.23 -44.11
N VAL P 79 3.49 6.95 -44.12
CA VAL P 79 2.73 6.35 -45.24
C VAL P 79 1.34 6.87 -45.25
N MET P 80 0.67 6.82 -44.09
CA MET P 80 -0.68 7.36 -44.03
C MET P 80 -0.77 8.90 -44.11
N GLN P 81 0.27 9.62 -43.67
CA GLN P 81 0.30 11.07 -43.84
C GLN P 81 0.14 11.41 -45.31
N ALA P 82 0.82 10.64 -46.16
CA ALA P 82 0.81 10.94 -47.59
C ALA P 82 -0.60 10.75 -48.14
N GLN P 83 -1.25 9.69 -47.72
CA GLN P 83 -2.58 9.40 -48.21
C GLN P 83 -3.60 10.38 -47.63
N ALA P 84 -3.39 10.77 -46.38
CA ALA P 84 -4.38 11.60 -45.69
C ALA P 84 -4.38 12.98 -46.33
N SER P 85 -3.21 13.42 -46.80
CA SER P 85 -3.09 14.76 -47.34
C SER P 85 -3.92 14.93 -48.62
N LEU P 86 -4.34 13.80 -49.21
CA LEU P 86 -5.15 13.81 -50.42
C LEU P 86 -6.66 13.86 -50.17
N LEU P 87 -7.08 13.96 -48.91
CA LEU P 87 -8.49 13.72 -48.55
C LEU P 87 -9.19 14.94 -47.97
N SER P 88 -10.33 15.32 -48.54
CA SER P 88 -11.10 16.48 -48.05
C SER P 88 -11.85 16.13 -46.75
N ASP P 89 -12.25 17.14 -45.99
CA ASP P 89 -13.06 16.88 -44.80
C ASP P 89 -14.28 16.07 -45.19
N ASP P 90 -14.80 16.33 -46.37
CA ASP P 90 -15.96 15.55 -46.78
C ASP P 90 -15.67 14.11 -47.08
N ASP P 91 -14.54 13.89 -47.75
CA ASP P 91 -14.05 12.56 -48.06
C ASP P 91 -13.97 11.80 -46.73
N ILE P 92 -13.28 12.41 -45.79
CA ILE P 92 -12.99 11.77 -44.52
C ILE P 92 -14.30 11.35 -43.88
N ALA P 93 -15.29 12.26 -43.88
CA ALA P 93 -16.60 11.94 -43.31
C ALA P 93 -17.28 10.76 -43.96
N ASN P 94 -17.27 10.73 -45.30
CA ASN P 94 -17.86 9.63 -46.04
C ASN P 94 -17.16 8.29 -45.77
N LEU P 95 -15.83 8.34 -45.83
CA LEU P 95 -15.03 7.16 -45.55
C LEU P 95 -15.28 6.63 -44.13
N ALA P 96 -15.31 7.56 -43.16
CA ALA P 96 -15.64 7.15 -41.77
C ALA P 96 -17.02 6.49 -41.71
N ALA P 97 -18.02 7.10 -42.38
CA ALA P 97 -19.35 6.46 -42.45
C ALA P 97 -19.33 5.05 -43.03
N TYR P 98 -18.59 4.89 -44.14
CA TYR P 98 -18.43 3.58 -44.77
C TYR P 98 -17.85 2.48 -43.86
N TYR P 99 -16.62 2.70 -43.42
CA TYR P 99 -15.95 1.69 -42.62
C TYR P 99 -16.66 1.38 -41.29
N SER P 100 -17.13 2.41 -40.62
CA SER P 100 -17.83 2.22 -39.34
C SER P 100 -19.15 1.45 -39.51
N SER P 101 -19.70 1.44 -40.71
CA SER P 101 -20.95 0.74 -40.93
C SER P 101 -20.77 -0.73 -41.25
N LEU P 102 -19.53 -1.18 -41.42
CA LEU P 102 -19.37 -2.58 -41.84
C LEU P 102 -19.64 -3.61 -40.74
N GLY Q 22 15.54 -13.02 44.38
CA GLY Q 22 16.61 -13.79 43.64
C GLY Q 22 17.81 -12.89 43.32
N ASP Q 23 18.86 -13.46 42.74
CA ASP Q 23 20.14 -12.76 42.55
C ASP Q 23 20.39 -12.64 41.05
N ALA Q 24 20.24 -11.44 40.52
CA ALA Q 24 20.31 -11.22 39.07
C ALA Q 24 21.64 -11.62 38.44
N ALA Q 25 22.76 -11.44 39.14
CA ALA Q 25 24.01 -11.84 38.55
C ALA Q 25 24.14 -13.39 38.48
N ALA Q 26 23.60 -14.09 39.47
CA ALA Q 26 23.51 -15.56 39.45
C ALA Q 26 22.63 -15.98 38.27
N GLY Q 27 21.55 -15.27 38.05
CA GLY Q 27 20.72 -15.52 36.87
C GLY Q 27 21.48 -15.36 35.58
N GLN Q 28 22.21 -14.27 35.43
CA GLN Q 28 23.07 -14.08 34.26
C GLN Q 28 24.02 -15.25 34.06
N ALA Q 29 24.68 -15.70 35.14
CA ALA Q 29 25.70 -16.74 35.04
C ALA Q 29 25.06 -18.06 34.62
N LYS Q 30 23.78 -18.22 34.97
CA LYS Q 30 23.06 -19.44 34.58
C LYS Q 30 22.44 -19.39 33.17
N ALA Q 31 22.43 -18.21 32.54
CA ALA Q 31 21.56 -17.95 31.40
C ALA Q 31 22.16 -18.28 30.04
N ALA Q 32 23.42 -18.76 29.99
CA ALA Q 32 24.04 -19.00 28.66
C ALA Q 32 23.17 -19.82 27.75
N VAL Q 33 22.69 -20.93 28.30
CA VAL Q 33 22.00 -21.85 27.46
C VAL Q 33 20.65 -21.33 26.97
N CYS Q 34 20.05 -20.40 27.73
CA CYS Q 34 18.77 -19.82 27.35
C CYS Q 34 18.82 -19.02 26.05
N ALA Q 35 19.99 -18.40 25.78
CA ALA Q 35 20.14 -17.52 24.63
C ALA Q 35 19.82 -18.23 23.30
N ALA Q 36 20.04 -19.53 23.23
CA ALA Q 36 19.72 -20.22 21.96
C ALA Q 36 18.26 -20.01 21.58
N CYS Q 37 17.36 -19.96 22.57
CA CYS Q 37 15.92 -19.92 22.24
C CYS Q 37 15.23 -18.61 22.59
N HIS Q 38 15.80 -17.87 23.56
CA HIS Q 38 15.16 -16.66 24.02
C HIS Q 38 16.03 -15.44 23.73
N GLY Q 39 17.12 -15.65 22.99
CA GLY Q 39 17.94 -14.53 22.52
C GLY Q 39 19.04 -14.13 23.48
N ALA Q 40 20.06 -13.46 22.95
CA ALA Q 40 21.17 -12.95 23.75
C ALA Q 40 20.74 -11.90 24.77
N ASP Q 41 19.65 -11.21 24.48
CA ASP Q 41 19.19 -10.04 25.17
C ASP Q 41 17.81 -10.35 25.78
N GLY Q 42 17.40 -11.62 25.70
CA GLY Q 42 16.10 -12.02 26.21
C GLY Q 42 14.99 -11.82 25.19
N ASN Q 43 15.31 -11.34 23.98
CA ASN Q 43 14.31 -11.28 22.90
C ASN Q 43 14.52 -12.43 21.93
N ALA Q 44 13.48 -13.21 21.69
CA ALA Q 44 13.65 -14.41 20.90
C ALA Q 44 13.85 -14.03 19.45
N THR Q 45 14.45 -14.94 18.67
CA THR Q 45 14.60 -14.64 17.23
C THR Q 45 13.78 -15.60 16.35
N ILE Q 46 13.40 -16.73 16.91
CA ILE Q 46 12.64 -17.71 16.13
C ILE Q 46 11.15 -17.45 16.32
N PRO Q 47 10.36 -17.37 15.22
CA PRO Q 47 8.93 -17.11 15.39
C PRO Q 47 8.29 -18.24 16.21
N GLY Q 48 7.42 -17.87 17.13
CA GLY Q 48 6.80 -18.85 18.02
C GLY Q 48 7.47 -18.93 19.36
N TYR Q 49 8.70 -18.37 19.48
CA TYR Q 49 9.44 -18.51 20.73
C TYR Q 49 9.24 -17.24 21.50
N PRO Q 50 9.12 -17.33 22.84
CA PRO Q 50 8.77 -16.11 23.56
C PRO Q 50 9.95 -15.24 24.00
N ASN Q 51 9.79 -13.91 23.96
CA ASN Q 51 10.68 -12.98 24.60
C ASN Q 51 10.49 -13.12 26.11
N LEU Q 52 11.61 -12.98 26.86
CA LEU Q 52 11.59 -12.97 28.32
C LEU Q 52 12.00 -11.65 28.92
N LYS Q 53 12.64 -10.80 28.11
CA LYS Q 53 13.21 -9.53 28.57
C LYS Q 53 12.16 -8.67 29.27
N GLY Q 54 12.43 -8.31 30.51
CA GLY Q 54 11.50 -7.44 31.18
C GLY Q 54 10.25 -8.11 31.68
N GLN Q 55 10.15 -9.44 31.55
CA GLN Q 55 8.91 -10.12 31.96
C GLN Q 55 8.73 -10.07 33.48
N ASN Q 56 7.48 -10.09 33.97
CA ASN Q 56 7.21 -10.02 35.42
C ASN Q 56 7.98 -11.10 36.16
N GLU Q 57 8.72 -10.74 37.22
CA GLU Q 57 9.58 -11.73 37.89
C GLU Q 57 8.78 -12.92 38.45
N GLN Q 58 7.69 -12.66 39.18
CA GLN Q 58 6.94 -13.81 39.72
C GLN Q 58 6.34 -14.70 38.62
N TYR Q 59 5.99 -14.08 37.49
CA TYR Q 59 5.49 -14.84 36.34
C TYR Q 59 6.57 -15.76 35.71
N ILE Q 60 7.81 -15.28 35.64
CA ILE Q 60 8.87 -16.14 35.12
C ILE Q 60 9.04 -17.40 36.03
N VAL Q 61 9.07 -17.19 37.35
CA VAL Q 61 9.18 -18.28 38.30
C VAL Q 61 8.04 -19.27 38.15
N SER Q 62 6.80 -18.76 38.14
CA SER Q 62 5.67 -19.70 38.05
C SER Q 62 5.63 -20.44 36.70
N SER Q 63 5.95 -19.72 35.63
CA SER Q 63 5.89 -20.41 34.35
C SER Q 63 6.97 -21.46 34.17
N ILE Q 64 8.20 -21.19 34.63
CA ILE Q 64 9.24 -22.21 34.51
C ILE Q 64 8.77 -23.41 35.33
N LYS Q 65 8.19 -23.16 36.51
CA LYS Q 65 7.74 -24.29 37.36
C LYS Q 65 6.65 -25.10 36.71
N ALA Q 66 5.82 -24.43 35.93
CA ALA Q 66 4.77 -25.09 35.18
C ALA Q 66 5.34 -26.04 34.15
N TYR Q 67 6.40 -25.66 33.44
CA TYR Q 67 7.12 -26.61 32.55
C TYR Q 67 7.73 -27.74 33.39
N LYS Q 68 8.44 -27.41 34.47
CA LYS Q 68 9.08 -28.44 35.31
C LYS Q 68 8.09 -29.50 35.80
N ASN Q 69 6.90 -29.01 36.20
CA ASN Q 69 5.82 -29.83 36.72
C ASN Q 69 4.90 -30.35 35.62
N LYS Q 70 5.41 -30.35 34.38
CA LYS Q 70 4.70 -30.82 33.18
C LYS Q 70 3.27 -30.29 33.00
N GLU Q 71 3.04 -29.03 33.36
CA GLU Q 71 1.72 -28.43 33.30
C GLU Q 71 1.46 -27.70 31.96
N ARG Q 72 2.46 -27.63 31.08
CA ARG Q 72 2.24 -27.07 29.76
C ARG Q 72 2.59 -28.07 28.67
N SER Q 73 1.60 -28.39 27.83
CA SER Q 73 1.69 -29.49 26.89
C SER Q 73 1.94 -29.09 25.45
N GLY Q 74 2.13 -30.17 24.71
CA GLY Q 74 3.15 -30.51 23.78
C GLY Q 74 4.42 -29.96 23.14
N GLY Q 75 4.29 -29.76 21.83
CA GLY Q 75 5.41 -29.64 20.94
C GLY Q 75 5.76 -28.20 20.70
N LEU Q 76 6.49 -27.75 21.72
CA LEU Q 76 7.67 -26.91 21.76
C LEU Q 76 7.68 -26.75 23.24
N ALA Q 77 6.52 -26.88 23.89
CA ALA Q 77 6.52 -26.80 25.35
C ALA Q 77 7.37 -27.94 25.90
N ALA Q 78 7.38 -29.08 25.21
CA ALA Q 78 8.14 -30.22 25.69
C ALA Q 78 9.63 -29.89 25.71
N VAL Q 79 10.09 -29.08 24.76
CA VAL Q 79 11.49 -28.68 24.73
C VAL Q 79 11.85 -27.91 25.95
N MET Q 80 10.94 -27.03 26.40
CA MET Q 80 11.23 -26.17 27.53
C MET Q 80 11.06 -26.95 28.84
N GLN Q 81 10.15 -27.91 28.84
CA GLN Q 81 10.06 -28.83 29.95
C GLN Q 81 11.42 -29.54 30.20
N ALA Q 82 12.06 -30.03 29.16
CA ALA Q 82 13.35 -30.72 29.30
C ALA Q 82 14.37 -29.77 29.92
N GLN Q 83 14.41 -28.54 29.41
CA GLN Q 83 15.29 -27.54 30.00
C GLN Q 83 14.99 -27.24 31.47
N ALA Q 84 13.70 -27.01 31.79
CA ALA Q 84 13.21 -26.76 33.13
C ALA Q 84 13.60 -27.89 34.11
N SER Q 85 13.59 -29.11 33.61
CA SER Q 85 13.97 -30.31 34.40
C SER Q 85 15.38 -30.22 34.97
N LEU Q 86 16.22 -29.35 34.38
CA LEU Q 86 17.60 -29.19 34.83
C LEU Q 86 17.79 -28.06 35.82
N LEU Q 87 16.72 -27.33 36.14
CA LEU Q 87 16.78 -26.12 36.95
C LEU Q 87 16.24 -26.36 38.36
N SER Q 88 17.02 -25.98 39.37
CA SER Q 88 16.62 -25.98 40.76
C SER Q 88 15.78 -24.77 41.10
N ASP Q 89 15.15 -24.76 42.29
CA ASP Q 89 14.35 -23.62 42.67
C ASP Q 89 15.17 -22.34 42.77
N ASP Q 90 16.42 -22.47 43.22
CA ASP Q 90 17.28 -21.29 43.32
C ASP Q 90 17.59 -20.82 41.90
N ASP Q 91 17.88 -21.76 41.00
CA ASP Q 91 18.15 -21.40 39.60
C ASP Q 91 17.00 -20.57 39.02
N ILE Q 92 15.77 -21.03 39.27
CA ILE Q 92 14.55 -20.41 38.75
C ILE Q 92 14.42 -19.00 39.28
N ALA Q 93 14.64 -18.85 40.57
CA ALA Q 93 14.56 -17.56 41.22
C ALA Q 93 15.58 -16.57 40.65
N ASN Q 94 16.80 -17.04 40.45
CA ASN Q 94 17.87 -16.16 39.98
C ASN Q 94 17.67 -15.78 38.53
N LEU Q 95 17.32 -16.77 37.72
CA LEU Q 95 16.97 -16.51 36.32
C LEU Q 95 15.83 -15.46 36.19
N ALA Q 96 14.81 -15.60 37.02
CA ALA Q 96 13.72 -14.64 37.07
C ALA Q 96 14.25 -13.26 37.43
N ALA Q 97 15.12 -13.17 38.46
CA ALA Q 97 15.65 -11.89 38.83
C ALA Q 97 16.44 -11.30 37.67
N TYR Q 98 17.18 -12.13 36.95
CA TYR Q 98 17.94 -11.68 35.79
C TYR Q 98 17.06 -11.14 34.64
N TYR Q 99 16.19 -11.99 34.06
CA TYR Q 99 15.36 -11.57 32.91
C TYR Q 99 14.42 -10.40 33.28
N SER Q 100 13.86 -10.40 34.48
CA SER Q 100 12.83 -9.40 34.80
C SER Q 100 13.51 -8.04 34.87
N SER Q 101 14.79 -8.03 35.20
CA SER Q 101 15.50 -6.77 35.41
C SER Q 101 16.11 -6.16 34.16
N LEU Q 102 16.06 -6.88 33.05
CA LEU Q 102 16.57 -6.30 31.81
C LEU Q 102 15.61 -5.21 31.34
N GLY R 22 -3.19 -10.62 11.31
CA GLY R 22 -4.35 -10.04 12.05
C GLY R 22 -4.59 -8.58 11.79
N ASP R 23 -5.72 -8.07 12.29
CA ASP R 23 -6.13 -6.67 12.09
C ASP R 23 -5.88 -6.00 13.45
N ALA R 24 -4.78 -5.28 13.56
CA ALA R 24 -4.37 -4.68 14.83
C ALA R 24 -5.41 -3.72 15.38
N ALA R 25 -6.14 -3.04 14.50
CA ALA R 25 -7.19 -2.14 14.97
C ALA R 25 -8.31 -2.89 15.67
N ALA R 26 -8.69 -4.02 15.07
CA ALA R 26 -9.71 -4.82 15.69
C ALA R 26 -9.22 -5.38 17.04
N GLY R 27 -7.93 -5.79 17.08
CA GLY R 27 -7.32 -6.29 18.30
C GLY R 27 -7.35 -5.23 19.39
N GLN R 28 -6.97 -4.00 19.08
CA GLN R 28 -7.05 -2.87 20.04
C GLN R 28 -8.44 -2.72 20.64
N ALA R 29 -9.46 -2.78 19.80
CA ALA R 29 -10.81 -2.67 20.30
C ALA R 29 -11.13 -3.86 21.21
N LYS R 30 -10.76 -5.08 20.78
CA LYS R 30 -11.03 -6.27 21.54
C LYS R 30 -10.25 -6.28 22.89
N ALA R 31 -9.10 -5.61 22.92
CA ALA R 31 -8.16 -5.59 24.06
C ALA R 31 -8.75 -4.93 25.33
N ALA R 32 -9.87 -4.24 25.14
CA ALA R 32 -10.55 -3.62 26.29
C ALA R 32 -10.79 -4.71 27.31
N VAL R 33 -11.11 -5.90 26.85
CA VAL R 33 -11.31 -7.00 27.77
C VAL R 33 -10.03 -7.69 28.29
N CYS R 34 -8.83 -7.27 27.90
CA CYS R 34 -7.60 -7.90 28.40
C CYS R 34 -6.89 -6.98 29.38
N ALA R 35 -7.15 -5.71 29.24
CA ALA R 35 -6.32 -4.68 29.86
C ALA R 35 -6.43 -4.72 31.40
N ALA R 36 -7.55 -5.21 31.87
CA ALA R 36 -7.75 -5.23 33.33
C ALA R 36 -6.70 -6.09 33.98
N CYS R 37 -6.23 -7.11 33.25
CA CYS R 37 -5.23 -8.04 33.79
C CYS R 37 -3.83 -7.82 33.24
N HIS R 38 -3.75 -7.47 31.96
CA HIS R 38 -2.45 -7.42 31.27
C HIS R 38 -2.00 -5.96 31.14
N GLY R 39 -2.85 -5.02 31.58
CA GLY R 39 -2.48 -3.60 31.67
C GLY R 39 -2.90 -2.82 30.43
N ALA R 40 -3.19 -1.53 30.57
CA ALA R 40 -3.69 -0.80 29.41
C ALA R 40 -2.66 -0.78 28.26
N ASP R 41 -1.39 -0.92 28.62
CA ASP R 41 -0.32 -0.86 27.63
C ASP R 41 0.35 -2.21 27.40
N GLY R 42 -0.26 -3.29 27.85
CA GLY R 42 0.35 -4.61 27.69
C GLY R 42 1.38 -4.87 28.79
N ASN R 43 1.55 -3.92 29.70
CA ASN R 43 2.33 -4.24 30.90
C ASN R 43 1.46 -4.58 32.11
N ALA R 44 1.65 -5.76 32.67
CA ALA R 44 0.87 -6.15 33.80
C ALA R 44 1.51 -5.43 35.00
N THR R 45 0.67 -5.07 35.94
CA THR R 45 1.08 -4.50 37.22
C THR R 45 0.97 -5.54 38.33
N ILE R 46 -0.01 -6.44 38.23
CA ILE R 46 -0.21 -7.49 39.21
C ILE R 46 0.90 -8.50 39.14
N PRO R 47 1.59 -8.68 40.25
CA PRO R 47 2.60 -9.70 40.49
C PRO R 47 2.10 -11.08 40.13
N GLY R 48 2.71 -11.68 39.12
CA GLY R 48 2.36 -13.02 38.77
C GLY R 48 1.62 -13.08 37.45
N TYR R 49 1.10 -11.91 37.01
CA TYR R 49 0.41 -11.82 35.73
C TYR R 49 1.39 -11.39 34.61
N PRO R 50 1.30 -11.97 33.42
CA PRO R 50 2.39 -11.62 32.49
C PRO R 50 2.17 -10.35 31.67
N ASN R 51 3.26 -9.70 31.29
CA ASN R 51 3.21 -8.62 30.31
C ASN R 51 3.03 -9.23 28.91
N LEU R 52 2.23 -8.59 28.05
CA LEU R 52 2.09 -9.01 26.64
C LEU R 52 2.76 -8.01 25.67
N LYS R 53 3.08 -6.82 26.18
CA LYS R 53 3.56 -5.75 25.27
C LYS R 53 4.79 -6.22 24.46
N GLY R 54 4.68 -6.23 23.12
CA GLY R 54 5.80 -6.54 22.20
C GLY R 54 6.18 -8.01 22.16
N GLN R 55 5.33 -8.87 22.75
CA GLN R 55 5.58 -10.29 22.70
C GLN R 55 5.49 -10.73 21.22
N ASN R 56 6.19 -11.80 20.90
CA ASN R 56 6.21 -12.34 19.54
C ASN R 56 4.82 -12.74 19.11
N GLU R 57 4.38 -12.25 17.96
CA GLU R 57 3.01 -12.43 17.48
C GLU R 57 2.61 -13.89 17.36
N GLN R 58 3.46 -14.73 16.75
CA GLN R 58 3.15 -16.14 16.67
C GLN R 58 3.04 -16.82 18.04
N TYR R 59 3.90 -16.41 18.98
CA TYR R 59 3.84 -16.98 20.33
C TYR R 59 2.52 -16.59 21.02
N ILE R 60 2.07 -15.37 20.78
CA ILE R 60 0.77 -14.89 21.36
C ILE R 60 -0.36 -15.79 20.88
N VAL R 61 -0.36 -16.05 19.59
CA VAL R 61 -1.35 -16.96 19.03
C VAL R 61 -1.28 -18.36 19.62
N SER R 62 -0.09 -18.97 19.65
CA SER R 62 -0.02 -20.35 20.10
C SER R 62 -0.39 -20.41 21.58
N SER R 63 0.08 -19.44 22.38
CA SER R 63 -0.17 -19.49 23.81
C SER R 63 -1.70 -19.38 24.08
N ILE R 64 -2.39 -18.43 23.46
CA ILE R 64 -3.80 -18.26 23.74
C ILE R 64 -4.52 -19.52 23.33
N LYS R 65 -4.15 -20.09 22.17
CA LYS R 65 -4.78 -21.35 21.78
C LYS R 65 -4.53 -22.49 22.76
N ALA R 66 -3.35 -22.53 23.38
CA ALA R 66 -3.09 -23.56 24.39
C ALA R 66 -4.07 -23.43 25.56
N TYR R 67 -4.34 -22.22 25.98
CA TYR R 67 -5.30 -22.03 27.08
C TYR R 67 -6.67 -22.50 26.61
N LYS R 68 -7.09 -22.03 25.44
CA LYS R 68 -8.42 -22.38 24.88
C LYS R 68 -8.62 -23.88 24.75
N ASN R 69 -7.53 -24.61 24.56
CA ASN R 69 -7.55 -26.05 24.38
C ASN R 69 -7.14 -26.80 25.65
N LYS R 70 -6.96 -26.08 26.75
CA LYS R 70 -6.67 -26.68 28.07
C LYS R 70 -5.30 -27.35 28.12
N GLU R 71 -4.36 -26.90 27.26
CA GLU R 71 -3.02 -27.47 27.23
C GLU R 71 -2.07 -26.82 28.25
N ARG R 72 -2.53 -25.78 28.93
CA ARG R 72 -1.78 -25.20 30.04
C ARG R 72 -2.50 -25.36 31.39
N SER R 73 -1.81 -25.95 32.37
CA SER R 73 -2.23 -25.94 33.78
C SER R 73 -1.14 -25.30 34.65
N GLY R 74 -1.26 -25.44 35.96
CA GLY R 74 -0.25 -24.89 36.88
C GLY R 74 -0.29 -23.37 37.00
N GLY R 75 0.39 -22.87 38.04
CA GLY R 75 0.22 -21.45 38.43
C GLY R 75 -1.22 -20.99 38.18
N LEU R 76 -1.33 -19.90 37.43
CA LEU R 76 -2.59 -19.22 37.29
C LEU R 76 -3.28 -19.56 35.97
N ALA R 77 -2.95 -20.70 35.37
CA ALA R 77 -3.56 -21.01 34.08
C ALA R 77 -5.10 -20.93 34.10
N ALA R 78 -5.72 -21.29 35.23
CA ALA R 78 -7.18 -21.30 35.34
C ALA R 78 -7.79 -19.94 35.07
N VAL R 79 -7.08 -18.90 35.47
CA VAL R 79 -7.51 -17.51 35.27
C VAL R 79 -7.59 -17.24 33.78
N MET R 80 -6.58 -17.71 33.04
CA MET R 80 -6.53 -17.40 31.61
C MET R 80 -7.35 -18.35 30.75
N GLN R 81 -7.51 -19.60 31.18
CA GLN R 81 -8.37 -20.53 30.42
C GLN R 81 -9.76 -19.94 30.16
N ALA R 82 -10.31 -19.33 31.20
CA ALA R 82 -11.66 -18.78 31.17
C ALA R 82 -11.77 -17.65 30.14
N GLN R 83 -10.71 -16.86 29.98
CA GLN R 83 -10.73 -15.76 29.01
C GLN R 83 -10.59 -16.30 27.57
N ALA R 84 -9.76 -17.33 27.40
CA ALA R 84 -9.44 -17.87 26.08
C ALA R 84 -10.62 -18.53 25.42
N SER R 85 -11.46 -19.17 26.21
CA SER R 85 -12.64 -19.84 25.67
C SER R 85 -13.54 -18.89 24.90
N LEU R 86 -13.49 -17.60 25.23
CA LEU R 86 -14.41 -16.63 24.64
C LEU R 86 -13.93 -16.07 23.31
N LEU R 87 -12.71 -16.44 22.90
CA LEU R 87 -12.10 -15.80 21.74
C LEU R 87 -12.19 -16.68 20.52
N SER R 88 -12.57 -16.11 19.39
CA SER R 88 -12.53 -16.82 18.11
C SER R 88 -11.10 -16.86 17.56
N ASP R 89 -10.88 -17.71 16.56
CA ASP R 89 -9.60 -17.66 15.85
C ASP R 89 -9.25 -16.28 15.30
N ASP R 90 -10.23 -15.60 14.73
CA ASP R 90 -10.01 -14.24 14.30
C ASP R 90 -9.66 -13.30 15.43
N ASP R 91 -10.39 -13.37 16.56
CA ASP R 91 -10.02 -12.52 17.69
C ASP R 91 -8.55 -12.74 18.06
N ILE R 92 -8.15 -14.00 18.12
CA ILE R 92 -6.81 -14.34 18.59
C ILE R 92 -5.78 -13.73 17.67
N ALA R 93 -6.01 -13.80 16.36
CA ALA R 93 -5.06 -13.19 15.43
C ALA R 93 -5.00 -11.67 15.54
N ASN R 94 -6.17 -11.06 15.75
CA ASN R 94 -6.25 -9.59 15.85
C ASN R 94 -5.58 -9.12 17.13
N LEU R 95 -5.83 -9.84 18.20
CA LEU R 95 -5.15 -9.52 19.47
C LEU R 95 -3.63 -9.69 19.39
N ALA R 96 -3.18 -10.74 18.71
CA ALA R 96 -1.75 -10.96 18.52
C ALA R 96 -1.11 -9.82 17.75
N ALA R 97 -1.76 -9.38 16.68
CA ALA R 97 -1.23 -8.30 15.87
C ALA R 97 -1.16 -7.03 16.71
N TYR R 98 -2.20 -6.81 17.52
CA TYR R 98 -2.24 -5.65 18.40
C TYR R 98 -1.11 -5.66 19.43
N TYR R 99 -1.08 -6.69 20.28
CA TYR R 99 -0.03 -6.71 21.35
C TYR R 99 1.40 -6.75 20.84
N SER R 100 1.64 -7.48 19.76
CA SER R 100 2.98 -7.68 19.26
C SER R 100 3.48 -6.37 18.69
N SER R 101 2.56 -5.47 18.34
CA SER R 101 2.90 -4.26 17.59
C SER R 101 3.27 -3.16 18.55
N LEU R 102 2.97 -3.34 19.84
CA LEU R 102 3.25 -2.31 20.85
C LEU R 102 4.75 -2.11 21.18
N GLY S 22 -12.01 -15.69 -39.56
CA GLY S 22 -12.51 -16.56 -40.66
C GLY S 22 -13.70 -16.00 -41.42
N ASP S 23 -13.96 -16.59 -42.59
CA ASP S 23 -14.97 -16.18 -43.55
C ASP S 23 -15.94 -17.33 -43.77
N ALA S 24 -17.12 -17.22 -43.19
CA ALA S 24 -18.06 -18.32 -43.23
C ALA S 24 -18.41 -18.72 -44.65
N ALA S 25 -18.61 -17.77 -45.55
CA ALA S 25 -18.98 -18.19 -46.91
C ALA S 25 -17.83 -19.00 -47.51
N ALA S 26 -16.60 -18.66 -47.17
CA ALA S 26 -15.48 -19.47 -47.68
C ALA S 26 -15.51 -20.88 -47.04
N GLY S 27 -15.84 -20.98 -45.76
CA GLY S 27 -15.98 -22.28 -45.15
C GLY S 27 -17.23 -23.02 -45.60
N GLN S 28 -18.18 -22.26 -46.13
CA GLN S 28 -19.37 -22.92 -46.64
C GLN S 28 -19.02 -23.72 -47.89
N ALA S 29 -18.12 -23.19 -48.71
CA ALA S 29 -17.85 -23.86 -49.98
C ALA S 29 -16.98 -25.07 -49.69
N LYS S 30 -15.99 -24.89 -48.83
CA LYS S 30 -15.08 -25.98 -48.48
C LYS S 30 -15.78 -27.15 -47.74
N ALA S 31 -16.92 -26.89 -47.13
CA ALA S 31 -17.54 -27.82 -46.22
C ALA S 31 -18.21 -28.99 -46.92
N ALA S 32 -18.23 -28.97 -48.25
CA ALA S 32 -18.86 -30.12 -48.93
C ALA S 32 -18.13 -31.43 -48.54
N VAL S 33 -16.82 -31.34 -48.38
CA VAL S 33 -15.99 -32.51 -48.09
C VAL S 33 -16.23 -33.11 -46.71
N CYS S 34 -16.94 -32.40 -45.84
CA CYS S 34 -17.21 -32.82 -44.43
C CYS S 34 -18.57 -33.47 -44.24
N ALA S 35 -19.44 -33.28 -45.24
CA ALA S 35 -20.86 -33.53 -45.12
C ALA S 35 -21.24 -34.99 -44.98
N ALA S 36 -20.45 -35.92 -45.51
CA ALA S 36 -20.82 -37.36 -45.43
C ALA S 36 -20.75 -37.90 -44.04
N CYS S 37 -19.78 -37.37 -43.28
CA CYS S 37 -19.61 -37.80 -41.92
C CYS S 37 -20.34 -36.86 -40.96
N HIS S 38 -20.39 -35.58 -41.28
CA HIS S 38 -20.90 -34.60 -40.28
C HIS S 38 -22.30 -34.06 -40.62
N GLY S 39 -22.87 -34.57 -41.72
CA GLY S 39 -24.20 -34.13 -42.11
C GLY S 39 -24.26 -32.91 -43.00
N ALA S 40 -25.30 -32.88 -43.84
CA ALA S 40 -25.49 -31.76 -44.75
C ALA S 40 -25.56 -30.42 -44.04
N ASP S 41 -26.10 -30.41 -42.82
CA ASP S 41 -26.13 -29.19 -42.02
C ASP S 41 -25.38 -29.20 -40.69
N GLY S 42 -24.39 -30.09 -40.58
CA GLY S 42 -23.60 -30.20 -39.38
C GLY S 42 -24.20 -31.13 -38.37
N ASN S 43 -25.33 -31.75 -38.68
CA ASN S 43 -25.82 -32.80 -37.83
C ASN S 43 -25.46 -34.13 -38.44
N ALA S 44 -24.68 -34.90 -37.68
CA ALA S 44 -24.28 -36.22 -38.11
C ALA S 44 -25.42 -37.19 -37.93
N THR S 45 -25.42 -38.23 -38.73
CA THR S 45 -26.42 -39.27 -38.64
C THR S 45 -25.77 -40.60 -38.22
N ILE S 46 -24.52 -40.79 -38.62
CA ILE S 46 -23.80 -42.04 -38.32
C ILE S 46 -23.46 -42.27 -36.84
N PRO S 47 -23.71 -43.49 -36.37
CA PRO S 47 -23.44 -43.82 -35.01
C PRO S 47 -22.08 -43.27 -34.57
N GLY S 48 -22.07 -42.45 -33.53
CA GLY S 48 -20.82 -42.07 -32.92
C GLY S 48 -20.08 -40.92 -33.58
N TYR S 49 -20.55 -40.41 -34.72
CA TYR S 49 -19.91 -39.24 -35.34
C TYR S 49 -20.54 -38.01 -34.73
N PRO S 50 -19.74 -36.97 -34.54
CA PRO S 50 -20.32 -35.84 -33.81
C PRO S 50 -21.01 -34.80 -34.64
N ASN S 51 -22.04 -34.16 -34.05
CA ASN S 51 -22.51 -32.91 -34.62
C ASN S 51 -21.55 -31.74 -34.49
N LEU S 52 -21.56 -30.94 -35.54
CA LEU S 52 -20.82 -29.71 -35.58
C LEU S 52 -21.70 -28.43 -35.57
N LYS S 53 -22.99 -28.61 -35.85
CA LYS S 53 -23.90 -27.48 -36.13
C LYS S 53 -23.90 -26.54 -34.96
N GLY S 54 -23.45 -25.30 -35.14
CA GLY S 54 -23.56 -24.26 -34.07
C GLY S 54 -22.57 -24.43 -32.92
N GLN S 55 -21.59 -25.30 -33.11
CA GLN S 55 -20.60 -25.52 -32.05
C GLN S 55 -19.78 -24.27 -31.87
N ASN S 56 -19.13 -24.12 -30.70
CA ASN S 56 -18.29 -22.95 -30.47
C ASN S 56 -17.20 -22.81 -31.53
N GLU S 57 -17.12 -21.65 -32.17
CA GLU S 57 -16.08 -21.37 -33.17
C GLU S 57 -14.65 -21.65 -32.72
N GLN S 58 -14.28 -21.18 -31.54
CA GLN S 58 -12.92 -21.39 -31.11
C GLN S 58 -12.64 -22.90 -30.81
N TYR S 59 -13.64 -23.58 -30.30
CA TYR S 59 -13.46 -25.01 -29.99
C TYR S 59 -13.33 -25.81 -31.28
N ILE S 60 -14.05 -25.39 -32.32
CA ILE S 60 -13.87 -26.03 -33.65
C ILE S 60 -12.46 -25.88 -34.17
N VAL S 61 -11.86 -24.70 -34.05
CA VAL S 61 -10.49 -24.47 -34.40
C VAL S 61 -9.52 -25.38 -33.60
N SER S 62 -9.59 -25.30 -32.26
CA SER S 62 -8.67 -26.06 -31.43
C SER S 62 -8.85 -27.57 -31.61
N SER S 63 -10.08 -28.02 -31.76
CA SER S 63 -10.28 -29.46 -31.87
C SER S 63 -9.80 -29.98 -33.23
N ILE S 64 -10.05 -29.24 -34.32
CA ILE S 64 -9.51 -29.70 -35.62
C ILE S 64 -8.00 -29.78 -35.58
N LYS S 65 -7.35 -28.78 -34.97
CA LYS S 65 -5.90 -28.77 -34.87
C LYS S 65 -5.40 -29.88 -33.99
N ALA S 66 -6.18 -30.22 -32.96
CA ALA S 66 -5.82 -31.36 -32.12
C ALA S 66 -5.71 -32.65 -33.01
N TYR S 67 -6.71 -32.89 -33.88
CA TYR S 67 -6.60 -34.06 -34.79
C TYR S 67 -5.40 -33.93 -35.71
N LYS S 68 -5.20 -32.72 -36.24
CA LYS S 68 -4.13 -32.48 -37.18
C LYS S 68 -2.78 -32.74 -36.54
N ASN S 69 -2.66 -32.44 -35.24
CA ASN S 69 -1.42 -32.69 -34.48
C ASN S 69 -1.39 -34.04 -33.77
N LYS S 70 -2.43 -34.86 -33.99
CA LYS S 70 -2.59 -36.18 -33.40
C LYS S 70 -2.62 -36.20 -31.90
N GLU S 71 -3.18 -35.14 -31.34
CA GLU S 71 -3.35 -35.05 -29.92
C GLU S 71 -4.65 -35.66 -29.46
N ARG S 72 -5.47 -36.10 -30.42
CA ARG S 72 -6.57 -37.02 -30.14
C ARG S 72 -6.26 -38.26 -30.95
N SER S 73 -6.34 -39.42 -30.33
CA SER S 73 -5.87 -40.68 -30.95
C SER S 73 -6.79 -41.82 -30.57
N GLY S 74 -6.79 -42.90 -31.34
CA GLY S 74 -7.51 -44.11 -30.89
C GLY S 74 -8.89 -44.22 -31.50
N GLY S 75 -9.39 -45.44 -31.68
CA GLY S 75 -10.77 -45.54 -32.18
C GLY S 75 -11.01 -44.71 -33.43
N LEU S 76 -12.12 -43.96 -33.46
CA LEU S 76 -12.45 -43.15 -34.64
C LEU S 76 -11.59 -41.91 -34.85
N ALA S 77 -10.67 -41.64 -33.94
CA ALA S 77 -9.92 -40.40 -34.10
C ALA S 77 -9.00 -40.47 -35.32
N ALA S 78 -8.52 -41.66 -35.64
CA ALA S 78 -7.62 -41.83 -36.78
C ALA S 78 -8.31 -41.33 -38.07
N VAL S 79 -9.62 -41.56 -38.17
CA VAL S 79 -10.39 -41.16 -39.33
C VAL S 79 -10.29 -39.65 -39.48
N MET S 80 -10.51 -38.94 -38.39
CA MET S 80 -10.50 -37.50 -38.42
C MET S 80 -9.06 -36.94 -38.49
N GLN S 81 -8.10 -37.65 -37.94
CA GLN S 81 -6.72 -37.20 -38.12
C GLN S 81 -6.42 -37.08 -39.61
N ALA S 82 -6.83 -38.09 -40.37
CA ALA S 82 -6.53 -38.11 -41.83
C ALA S 82 -7.22 -36.95 -42.59
N GLN S 83 -8.46 -36.66 -42.24
CA GLN S 83 -9.22 -35.59 -42.90
C GLN S 83 -8.65 -34.26 -42.49
N ALA S 84 -8.31 -34.15 -41.20
CA ALA S 84 -7.68 -32.90 -40.68
C ALA S 84 -6.36 -32.51 -41.34
N SER S 85 -5.58 -33.51 -41.75
CA SER S 85 -4.27 -33.24 -42.34
C SER S 85 -4.35 -32.44 -43.65
N LEU S 86 -5.49 -32.51 -44.30
CA LEU S 86 -5.67 -31.87 -45.58
C LEU S 86 -5.92 -30.36 -45.45
N LEU S 87 -6.24 -29.92 -44.23
CA LEU S 87 -6.68 -28.54 -44.02
C LEU S 87 -5.57 -27.53 -43.68
N SER S 88 -5.61 -26.36 -44.33
CA SER S 88 -4.76 -25.25 -43.93
C SER S 88 -5.40 -24.50 -42.74
N ASP S 89 -4.60 -23.63 -42.14
CA ASP S 89 -5.07 -22.85 -40.99
C ASP S 89 -6.21 -21.92 -41.44
N ASP S 90 -6.08 -21.32 -42.64
CA ASP S 90 -7.21 -20.52 -43.13
C ASP S 90 -8.44 -21.39 -43.37
N ASP S 91 -8.22 -22.58 -43.93
CA ASP S 91 -9.31 -23.52 -44.16
C ASP S 91 -10.04 -23.75 -42.82
N ILE S 92 -9.27 -24.06 -41.80
CA ILE S 92 -9.89 -24.35 -40.48
C ILE S 92 -10.59 -23.11 -39.93
N ALA S 93 -9.94 -21.95 -40.06
CA ALA S 93 -10.59 -20.68 -39.66
C ALA S 93 -11.95 -20.57 -40.35
N ASN S 94 -11.97 -20.69 -41.68
CA ASN S 94 -13.24 -20.53 -42.42
C ASN S 94 -14.26 -21.62 -42.14
N LEU S 95 -13.80 -22.84 -41.85
CA LEU S 95 -14.76 -23.90 -41.56
C LEU S 95 -15.40 -23.73 -40.19
N ALA S 96 -14.63 -23.22 -39.24
CA ALA S 96 -15.14 -22.91 -37.87
C ALA S 96 -16.19 -21.81 -37.98
N ALA S 97 -15.83 -20.78 -38.73
CA ALA S 97 -16.74 -19.63 -38.94
C ALA S 97 -18.06 -20.11 -39.52
N TYR S 98 -18.02 -21.07 -40.43
CA TYR S 98 -19.22 -21.58 -41.01
C TYR S 98 -20.05 -22.43 -40.03
N TYR S 99 -19.45 -23.47 -39.49
CA TYR S 99 -20.26 -24.38 -38.67
C TYR S 99 -20.83 -23.67 -37.41
N SER S 100 -20.07 -22.76 -36.84
CA SER S 100 -20.49 -22.07 -35.60
C SER S 100 -21.67 -21.12 -35.83
N SER S 101 -21.86 -20.73 -37.09
CA SER S 101 -22.86 -19.74 -37.44
C SER S 101 -24.16 -20.42 -37.82
N LEU S 102 -24.13 -21.73 -38.03
CA LEU S 102 -25.37 -22.44 -38.42
C LEU S 102 -26.48 -22.30 -37.37
N GLY T 22 -28.61 -45.67 -21.01
CA GLY T 22 -28.40 -44.60 -19.99
C GLY T 22 -29.72 -43.96 -19.61
N ASP T 23 -29.76 -43.40 -18.40
CA ASP T 23 -30.96 -42.86 -17.77
C ASP T 23 -30.84 -41.35 -17.70
N ALA T 24 -31.60 -40.64 -18.53
CA ALA T 24 -31.47 -39.18 -18.67
C ALA T 24 -31.75 -38.43 -17.36
N ALA T 25 -32.74 -38.87 -16.60
CA ALA T 25 -33.01 -38.20 -15.34
C ALA T 25 -31.83 -38.33 -14.42
N ALA T 26 -31.22 -39.51 -14.38
CA ALA T 26 -30.13 -39.73 -13.45
C ALA T 26 -28.94 -38.86 -13.91
N GLY T 27 -28.82 -38.69 -15.22
CA GLY T 27 -27.75 -37.86 -15.78
C GLY T 27 -27.97 -36.41 -15.41
N GLN T 28 -29.22 -35.96 -15.53
CA GLN T 28 -29.56 -34.62 -15.12
C GLN T 28 -29.08 -34.37 -13.71
N ALA T 29 -29.35 -35.28 -12.79
CA ALA T 29 -28.94 -35.06 -11.40
C ALA T 29 -27.42 -35.07 -11.19
N LYS T 30 -26.67 -35.48 -12.21
CA LYS T 30 -25.23 -35.65 -12.08
C LYS T 30 -24.55 -34.43 -12.71
N ALA T 31 -25.36 -33.63 -13.39
CA ALA T 31 -24.84 -32.70 -14.37
C ALA T 31 -24.42 -31.32 -13.85
N ALA T 32 -24.58 -31.06 -12.54
CA ALA T 32 -24.40 -29.65 -12.04
C ALA T 32 -22.96 -29.20 -12.20
N VAL T 33 -22.04 -30.07 -11.83
CA VAL T 33 -20.62 -29.72 -12.12
C VAL T 33 -20.35 -29.54 -13.60
N CYS T 34 -20.97 -30.34 -14.48
CA CYS T 34 -20.73 -30.13 -15.93
C CYS T 34 -21.15 -28.72 -16.36
N ALA T 35 -22.19 -28.21 -15.69
CA ALA T 35 -22.79 -26.94 -16.09
C ALA T 35 -21.85 -25.78 -15.80
N ALA T 36 -20.93 -26.05 -14.89
CA ALA T 36 -19.93 -25.06 -14.54
C ALA T 36 -19.03 -24.73 -15.72
N CYS T 37 -18.71 -25.74 -16.56
CA CYS T 37 -17.86 -25.50 -17.71
C CYS T 37 -18.56 -25.56 -19.06
N HIS T 38 -19.67 -26.28 -19.12
CA HIS T 38 -20.37 -26.45 -20.38
C HIS T 38 -21.72 -25.73 -20.42
N GLY T 39 -22.02 -24.93 -19.41
CA GLY T 39 -23.19 -24.05 -19.52
C GLY T 39 -24.45 -24.63 -18.92
N ALA T 40 -25.36 -23.74 -18.51
CA ALA T 40 -26.59 -24.14 -17.82
C ALA T 40 -27.37 -25.18 -18.56
N ASP T 41 -27.39 -25.10 -19.90
CA ASP T 41 -28.14 -26.07 -20.68
C ASP T 41 -27.30 -26.71 -21.79
N GLY T 42 -26.05 -27.04 -21.45
CA GLY T 42 -25.11 -27.64 -22.37
C GLY T 42 -24.69 -26.65 -23.41
N ASN T 43 -25.12 -25.39 -23.30
CA ASN T 43 -24.49 -24.42 -24.18
C ASN T 43 -23.45 -23.64 -23.44
N ALA T 44 -22.21 -23.75 -23.92
CA ALA T 44 -21.09 -23.26 -23.13
C ALA T 44 -20.95 -21.77 -23.34
N THR T 45 -20.29 -21.11 -22.38
CA THR T 45 -20.05 -19.66 -22.46
C THR T 45 -18.59 -19.31 -22.29
N ILE T 46 -17.81 -20.22 -21.73
CA ILE T 46 -16.40 -19.96 -21.52
C ILE T 46 -15.76 -19.98 -22.91
N PRO T 47 -14.97 -18.94 -23.26
CA PRO T 47 -14.41 -18.95 -24.61
C PRO T 47 -13.64 -20.25 -24.92
N GLY T 48 -13.90 -20.83 -26.11
CA GLY T 48 -13.14 -22.03 -26.51
C GLY T 48 -13.66 -23.34 -25.95
N TYR T 49 -14.65 -23.30 -25.06
CA TYR T 49 -15.17 -24.55 -24.48
C TYR T 49 -16.35 -25.08 -25.29
N PRO T 50 -16.55 -26.42 -25.35
CA PRO T 50 -17.58 -26.92 -26.28
C PRO T 50 -19.01 -27.03 -25.69
N ASN T 51 -20.02 -26.82 -26.54
CA ASN T 51 -21.39 -27.12 -26.20
C ASN T 51 -21.57 -28.60 -26.16
N LEU T 52 -22.44 -29.05 -25.29
CA LEU T 52 -22.82 -30.44 -25.27
C LEU T 52 -24.29 -30.65 -25.68
N LYS T 53 -25.09 -29.57 -25.74
CA LYS T 53 -26.55 -29.72 -25.82
C LYS T 53 -26.89 -30.49 -27.09
N GLY T 54 -27.53 -31.65 -26.96
CA GLY T 54 -28.05 -32.34 -28.16
C GLY T 54 -26.97 -33.09 -28.94
N GLN T 55 -25.78 -33.25 -28.35
CA GLN T 55 -24.69 -33.91 -29.05
C GLN T 55 -25.00 -35.39 -29.19
N ASN T 56 -24.42 -36.02 -30.20
CA ASN T 56 -24.66 -37.42 -30.42
C ASN T 56 -24.37 -38.29 -29.19
N GLU T 57 -25.31 -39.14 -28.78
CA GLU T 57 -25.14 -39.95 -27.56
C GLU T 57 -23.93 -40.88 -27.49
N GLN T 58 -23.70 -41.73 -28.51
CA GLN T 58 -22.54 -42.60 -28.36
C GLN T 58 -21.26 -41.77 -28.46
N TYR T 59 -21.34 -40.63 -29.11
CA TYR T 59 -20.15 -39.82 -29.21
C TYR T 59 -19.79 -39.26 -27.84
N ILE T 60 -20.81 -38.85 -27.06
CA ILE T 60 -20.55 -38.27 -25.74
C ILE T 60 -19.89 -39.36 -24.96
N VAL T 61 -20.43 -40.57 -25.05
CA VAL T 61 -19.83 -41.66 -24.32
C VAL T 61 -18.36 -41.93 -24.72
N SER T 62 -18.09 -42.00 -26.03
CA SER T 62 -16.74 -42.32 -26.46
C SER T 62 -15.76 -41.22 -26.06
N SER T 63 -16.20 -39.98 -26.23
CA SER T 63 -15.27 -38.85 -26.03
C SER T 63 -14.89 -38.75 -24.54
N ILE T 64 -15.85 -38.91 -23.62
CA ILE T 64 -15.50 -38.89 -22.18
C ILE T 64 -14.54 -40.00 -21.82
N LYS T 65 -14.83 -41.21 -22.31
CA LYS T 65 -13.86 -42.30 -22.14
C LYS T 65 -12.48 -41.96 -22.71
N ALA T 66 -12.42 -41.19 -23.80
CA ALA T 66 -11.10 -40.84 -24.38
C ALA T 66 -10.33 -39.94 -23.39
N TYR T 67 -11.02 -38.98 -22.78
CA TYR T 67 -10.38 -38.12 -21.75
C TYR T 67 -9.91 -39.00 -20.63
N LYS T 68 -10.77 -39.90 -20.19
CA LYS T 68 -10.46 -40.74 -19.05
C LYS T 68 -9.20 -41.57 -19.29
N ASN T 69 -9.07 -42.07 -20.51
CA ASN T 69 -7.93 -42.87 -20.91
C ASN T 69 -6.74 -42.10 -21.46
N LYS T 70 -6.79 -40.75 -21.34
CA LYS T 70 -5.74 -39.88 -21.89
C LYS T 70 -5.45 -39.98 -23.39
N GLU T 71 -6.44 -40.45 -24.17
CA GLU T 71 -6.36 -40.49 -25.61
C GLU T 71 -6.74 -39.14 -26.26
N ARG T 72 -7.28 -38.20 -25.47
CA ARG T 72 -7.20 -36.82 -25.87
C ARG T 72 -6.28 -36.10 -24.85
N SER T 73 -5.30 -35.36 -25.34
CA SER T 73 -4.25 -34.89 -24.44
C SER T 73 -3.90 -33.50 -24.87
N GLY T 74 -3.27 -32.71 -23.98
CA GLY T 74 -2.79 -31.43 -24.42
C GLY T 74 -3.74 -30.26 -24.29
N GLY T 75 -3.27 -29.20 -23.61
CA GLY T 75 -4.07 -27.98 -23.57
C GLY T 75 -5.35 -28.14 -22.78
N LEU T 76 -6.47 -27.81 -23.42
CA LEU T 76 -7.79 -27.92 -22.88
C LEU T 76 -8.12 -29.35 -22.45
N ALA T 77 -7.56 -30.34 -23.15
CA ALA T 77 -7.96 -31.70 -22.79
C ALA T 77 -7.61 -32.02 -21.33
N ALA T 78 -6.50 -31.48 -20.81
CA ALA T 78 -6.12 -31.82 -19.46
C ALA T 78 -7.20 -31.35 -18.47
N VAL T 79 -7.95 -30.30 -18.82
CA VAL T 79 -8.99 -29.77 -17.95
C VAL T 79 -10.08 -30.84 -17.85
N MET T 80 -10.42 -31.41 -19.00
CA MET T 80 -11.50 -32.41 -18.98
C MET T 80 -11.05 -33.75 -18.51
N GLN T 81 -9.81 -34.13 -18.80
CA GLN T 81 -9.24 -35.37 -18.19
C GLN T 81 -9.50 -35.50 -16.69
N ALA T 82 -9.17 -34.45 -15.94
CA ALA T 82 -9.31 -34.58 -14.49
C ALA T 82 -10.77 -34.76 -14.04
N GLN T 83 -11.71 -34.09 -14.68
CA GLN T 83 -13.14 -34.32 -14.43
C GLN T 83 -13.63 -35.72 -14.91
N ALA T 84 -13.08 -36.19 -16.03
CA ALA T 84 -13.58 -37.43 -16.62
C ALA T 84 -13.22 -38.58 -15.72
N SER T 85 -12.09 -38.45 -15.03
CA SER T 85 -11.57 -39.55 -14.17
C SER T 85 -12.53 -39.84 -12.99
N LEU T 86 -13.39 -38.89 -12.62
CA LEU T 86 -14.31 -39.04 -11.51
C LEU T 86 -15.58 -39.77 -11.93
N LEU T 87 -15.71 -40.10 -13.21
CA LEU T 87 -16.99 -40.59 -13.73
C LEU T 87 -17.00 -42.13 -13.88
N SER T 88 -18.02 -42.83 -13.41
CA SER T 88 -18.09 -44.30 -13.64
C SER T 88 -18.70 -44.46 -15.04
N ASP T 89 -18.55 -45.65 -15.62
CA ASP T 89 -19.22 -45.99 -16.89
C ASP T 89 -20.71 -45.70 -16.80
N ASP T 90 -21.31 -45.96 -15.64
CA ASP T 90 -22.74 -45.65 -15.46
C ASP T 90 -23.06 -44.17 -15.59
N ASP T 91 -22.30 -43.36 -14.85
CA ASP T 91 -22.40 -41.91 -14.92
C ASP T 91 -22.28 -41.47 -16.35
N ILE T 92 -21.27 -42.01 -17.04
CA ILE T 92 -21.06 -41.65 -18.44
C ILE T 92 -22.28 -41.89 -19.32
N ALA T 93 -22.91 -43.08 -19.22
CA ALA T 93 -24.07 -43.42 -20.01
C ALA T 93 -25.19 -42.44 -19.68
N ASN T 94 -25.33 -42.24 -18.39
CA ASN T 94 -26.41 -41.38 -17.88
C ASN T 94 -26.29 -39.94 -18.42
N LEU T 95 -25.08 -39.37 -18.31
CA LEU T 95 -24.85 -38.01 -18.76
C LEU T 95 -25.03 -37.95 -20.26
N ALA T 96 -24.62 -39.03 -20.95
CA ALA T 96 -24.76 -39.02 -22.42
C ALA T 96 -26.26 -38.98 -22.77
N ALA T 97 -27.03 -39.70 -22.00
CA ALA T 97 -28.51 -39.76 -22.26
C ALA T 97 -29.11 -38.38 -22.07
N TYR T 98 -28.70 -37.70 -21.00
CA TYR T 98 -29.23 -36.37 -20.69
C TYR T 98 -28.86 -35.34 -21.75
N TYR T 99 -27.57 -35.18 -22.02
CA TYR T 99 -27.19 -34.15 -22.99
C TYR T 99 -27.72 -34.39 -24.42
N SER T 100 -27.69 -35.64 -24.88
CA SER T 100 -28.12 -35.92 -26.27
C SER T 100 -29.62 -35.70 -26.42
N SER T 101 -30.32 -35.68 -25.28
CA SER T 101 -31.76 -35.56 -25.28
C SER T 101 -32.25 -34.12 -25.31
N LEU T 102 -31.35 -33.16 -25.12
CA LEU T 102 -31.74 -31.74 -25.10
C LEU T 102 -32.00 -31.11 -26.48
N GLY U 22 44.36 -22.86 16.67
CA GLY U 22 45.06 -24.03 16.07
C GLY U 22 45.70 -23.75 14.73
N ASP U 23 46.58 -24.64 14.30
CA ASP U 23 47.27 -24.49 13.01
C ASP U 23 46.68 -25.50 12.08
N ALA U 24 45.89 -25.04 11.11
CA ALA U 24 45.23 -25.95 10.16
C ALA U 24 46.21 -26.78 9.35
N ALA U 25 47.40 -26.22 9.04
CA ALA U 25 48.33 -26.98 8.24
C ALA U 25 48.89 -28.15 9.03
N ALA U 26 49.22 -27.88 10.30
CA ALA U 26 49.73 -28.96 11.15
C ALA U 26 48.63 -30.00 11.38
N GLY U 27 47.39 -29.53 11.43
CA GLY U 27 46.28 -30.48 11.65
C GLY U 27 46.14 -31.39 10.45
N GLN U 28 46.29 -30.83 9.25
CA GLN U 28 46.19 -31.63 8.03
C GLN U 28 47.23 -32.75 8.05
N ALA U 29 48.43 -32.44 8.52
CA ALA U 29 49.51 -33.44 8.56
C ALA U 29 49.14 -34.52 9.57
N LYS U 30 48.62 -34.10 10.71
CA LYS U 30 48.22 -35.07 11.74
C LYS U 30 47.02 -35.91 11.32
N ALA U 31 46.20 -35.37 10.40
CA ALA U 31 44.92 -35.99 10.03
C ALA U 31 45.08 -37.30 9.24
N ALA U 32 46.29 -37.62 8.79
CA ALA U 32 46.45 -38.85 8.03
C ALA U 32 46.01 -40.07 8.87
N VAL U 33 46.27 -40.04 10.17
CA VAL U 33 45.86 -41.18 11.02
C VAL U 33 44.36 -41.21 11.10
N CYS U 34 43.73 -40.04 11.04
CA CYS U 34 42.27 -40.01 11.24
C CYS U 34 41.52 -40.49 10.04
N ALA U 35 42.10 -40.29 8.86
CA ALA U 35 41.40 -40.61 7.61
C ALA U 35 41.08 -42.08 7.49
N ALA U 36 41.80 -42.96 8.19
CA ALA U 36 41.46 -44.41 8.20
C ALA U 36 40.03 -44.74 8.66
N CYS U 37 39.47 -43.90 9.53
CA CYS U 37 38.16 -44.15 10.06
C CYS U 37 37.17 -43.04 9.76
N HIS U 38 37.68 -41.83 9.57
CA HIS U 38 36.82 -40.69 9.28
C HIS U 38 36.80 -40.20 7.82
N GLY U 39 37.57 -40.91 6.98
CA GLY U 39 37.58 -40.62 5.58
C GLY U 39 38.55 -39.52 5.16
N ALA U 40 38.86 -39.53 3.88
CA ALA U 40 39.50 -38.39 3.26
C ALA U 40 38.75 -37.07 3.53
N ASP U 41 39.45 -36.07 4.02
CA ASP U 41 38.82 -34.77 4.29
C ASP U 41 37.69 -34.88 5.29
N GLY U 42 37.67 -35.98 6.04
CA GLY U 42 36.65 -36.09 7.06
C GLY U 42 35.26 -36.42 6.54
N ASN U 43 35.19 -36.86 5.30
CA ASN U 43 33.99 -37.46 4.75
C ASN U 43 33.99 -39.00 5.01
N ALA U 44 33.32 -39.47 6.07
CA ALA U 44 33.47 -40.90 6.46
C ALA U 44 32.69 -41.78 5.50
N THR U 45 33.19 -43.00 5.31
CA THR U 45 32.54 -44.00 4.47
C THR U 45 32.18 -45.25 5.30
N ILE U 46 32.89 -45.50 6.40
CA ILE U 46 32.64 -46.71 7.18
C ILE U 46 31.27 -46.59 7.83
N PRO U 47 30.41 -47.61 7.69
CA PRO U 47 29.08 -47.49 8.33
C PRO U 47 29.12 -47.12 9.83
N GLY U 48 28.29 -46.15 10.21
CA GLY U 48 28.21 -45.79 11.61
C GLY U 48 29.29 -44.88 12.15
N TYR U 49 30.29 -44.54 11.33
CA TYR U 49 31.39 -43.70 11.83
C TYR U 49 31.13 -42.25 11.38
N PRO U 50 31.51 -41.25 12.20
CA PRO U 50 30.99 -39.91 11.88
C PRO U 50 31.85 -39.11 10.89
N ASN U 51 31.20 -38.32 10.06
CA ASN U 51 31.92 -37.29 9.29
C ASN U 51 32.45 -36.24 10.23
N LEU U 52 33.62 -35.68 9.94
CA LEU U 52 34.18 -34.58 10.72
C LEU U 52 34.26 -33.34 9.85
N LYS U 53 34.08 -33.51 8.57
CA LYS U 53 34.32 -32.42 7.62
C LYS U 53 33.50 -31.20 8.02
N GLY U 54 34.13 -30.06 8.26
CA GLY U 54 33.34 -28.82 8.48
C GLY U 54 32.70 -28.68 9.86
N GLN U 55 32.97 -29.66 10.72
CA GLN U 55 32.37 -29.62 12.08
C GLN U 55 32.88 -28.43 12.86
N ASN U 56 32.04 -27.99 13.80
CA ASN U 56 32.35 -26.87 14.62
C ASN U 56 33.65 -27.04 15.37
N GLU U 57 34.52 -26.03 15.31
CA GLU U 57 35.85 -26.15 15.89
C GLU U 57 35.88 -26.44 17.39
N GLN U 58 35.14 -25.67 18.20
CA GLN U 58 35.13 -25.86 19.62
C GLN U 58 34.52 -27.22 20.00
N TYR U 59 33.55 -27.68 19.20
CA TYR U 59 32.96 -28.97 19.43
C TYR U 59 33.93 -30.11 19.18
N ILE U 60 34.71 -29.99 18.10
CA ILE U 60 35.73 -31.00 17.81
C ILE U 60 36.67 -31.09 18.98
N VAL U 61 37.11 -29.95 19.51
CA VAL U 61 37.96 -29.94 20.72
C VAL U 61 37.31 -30.63 21.93
N SER U 62 36.09 -30.25 22.28
CA SER U 62 35.51 -30.82 23.50
C SER U 62 35.21 -32.25 23.34
N SER U 63 34.74 -32.65 22.16
CA SER U 63 34.37 -34.04 22.04
C SER U 63 35.61 -34.93 22.10
N ILE U 64 36.69 -34.50 21.47
CA ILE U 64 37.95 -35.27 21.59
C ILE U 64 38.37 -35.40 23.03
N LYS U 65 38.39 -34.29 23.76
CA LYS U 65 38.78 -34.33 25.15
C LYS U 65 37.86 -35.20 26.01
N ALA U 66 36.60 -35.28 25.61
CA ALA U 66 35.64 -36.16 26.29
C ALA U 66 35.93 -37.63 26.13
N TYR U 67 36.38 -38.04 24.93
CA TYR U 67 36.86 -39.43 24.78
C TYR U 67 38.09 -39.64 25.65
N LYS U 68 39.00 -38.67 25.63
CA LYS U 68 40.24 -38.80 26.37
C LYS U 68 39.95 -39.06 27.88
N ASN U 69 38.97 -38.37 28.42
CA ASN U 69 38.74 -38.54 29.84
C ASN U 69 37.53 -39.40 30.10
N LYS U 70 37.11 -40.16 29.09
CA LYS U 70 35.98 -41.08 29.17
C LYS U 70 34.65 -40.48 29.63
N GLU U 71 34.48 -39.17 29.55
CA GLU U 71 33.13 -38.56 29.67
C GLU U 71 32.20 -39.02 28.52
N ARG U 72 32.78 -39.58 27.45
CA ARG U 72 32.00 -40.37 26.47
C ARG U 72 32.52 -41.81 26.67
N SER U 73 31.64 -42.71 27.10
CA SER U 73 31.99 -44.12 27.36
C SER U 73 30.90 -45.02 26.75
N GLY U 74 31.14 -46.33 26.72
CA GLY U 74 30.15 -47.25 26.14
C GLY U 74 30.11 -47.28 24.61
N GLY U 75 29.48 -48.32 24.06
CA GLY U 75 29.38 -48.47 22.59
C GLY U 75 30.73 -48.41 21.89
N LEU U 76 30.80 -47.61 20.84
CA LEU U 76 31.99 -47.48 20.06
C LEU U 76 32.85 -46.38 20.60
N ALA U 77 32.40 -45.71 21.67
CA ALA U 77 33.29 -44.75 22.29
C ALA U 77 34.68 -45.33 22.57
N ALA U 78 34.76 -46.58 23.05
CA ALA U 78 36.05 -47.20 23.34
C ALA U 78 37.03 -47.08 22.19
N VAL U 79 36.52 -47.27 20.97
CA VAL U 79 37.38 -47.15 19.76
C VAL U 79 38.04 -45.77 19.67
N MET U 80 37.24 -44.73 19.86
CA MET U 80 37.77 -43.40 19.83
C MET U 80 38.55 -42.94 21.10
N GLN U 81 38.18 -43.44 22.27
CA GLN U 81 39.01 -43.22 23.49
C GLN U 81 40.44 -43.59 23.23
N ALA U 82 40.65 -44.73 22.56
CA ALA U 82 42.01 -45.21 22.34
C ALA U 82 42.78 -44.24 21.46
N GLN U 83 42.08 -43.72 20.45
CA GLN U 83 42.71 -42.78 19.58
C GLN U 83 42.97 -41.43 20.28
N ALA U 84 41.98 -40.95 21.01
CA ALA U 84 42.05 -39.62 21.65
C ALA U 84 43.22 -39.55 22.60
N SER U 85 43.49 -40.67 23.26
CA SER U 85 44.60 -40.74 24.21
C SER U 85 45.97 -40.48 23.62
N LEU U 86 46.12 -40.69 22.30
CA LEU U 86 47.42 -40.48 21.63
C LEU U 86 47.68 -39.04 21.27
N LEU U 87 46.70 -38.17 21.53
CA LEU U 87 46.76 -36.83 21.01
C LEU U 87 47.23 -35.81 22.06
N SER U 88 48.07 -34.87 21.66
CA SER U 88 48.44 -33.80 22.58
C SER U 88 47.43 -32.68 22.50
N ASP U 89 47.51 -31.71 23.39
CA ASP U 89 46.51 -30.64 23.38
C ASP U 89 46.72 -29.74 22.19
N ASP U 90 47.96 -29.65 21.72
CA ASP U 90 48.25 -28.93 20.50
C ASP U 90 47.73 -29.71 19.29
N ASP U 91 47.88 -31.02 19.34
CA ASP U 91 47.39 -31.87 18.25
C ASP U 91 45.88 -31.65 18.08
N ILE U 92 45.17 -31.71 19.21
CA ILE U 92 43.70 -31.55 19.22
C ILE U 92 43.30 -30.21 18.63
N ALA U 93 43.99 -29.16 19.02
CA ALA U 93 43.68 -27.80 18.51
C ALA U 93 43.91 -27.74 17.00
N ASN U 94 45.01 -28.35 16.56
CA ASN U 94 45.36 -28.27 15.17
C ASN U 94 44.41 -29.09 14.31
N LEU U 95 44.10 -30.30 14.76
CA LEU U 95 43.08 -31.12 14.07
C LEU U 95 41.75 -30.39 14.00
N ALA U 96 41.35 -29.75 15.10
CA ALA U 96 40.06 -29.03 15.09
C ALA U 96 40.10 -27.91 14.07
N ALA U 97 41.20 -27.14 14.07
CA ALA U 97 41.35 -26.08 13.07
C ALA U 97 41.29 -26.61 11.64
N TYR U 98 41.89 -27.77 11.40
CA TYR U 98 41.86 -28.39 10.07
C TYR U 98 40.43 -28.79 9.63
N TYR U 99 39.80 -29.68 10.40
CA TYR U 99 38.49 -30.19 9.95
C TYR U 99 37.46 -29.07 9.93
N SER U 100 37.53 -28.18 10.89
CA SER U 100 36.54 -27.11 10.89
C SER U 100 36.63 -26.25 9.62
N SER U 101 37.86 -26.09 9.09
CA SER U 101 38.19 -25.28 7.88
C SER U 101 37.50 -25.73 6.63
N LEU U 102 37.31 -27.03 6.51
CA LEU U 102 36.97 -27.64 5.25
C LEU U 102 35.58 -27.25 4.78
N GLY V 22 14.09 -45.30 9.06
CA GLY V 22 13.20 -44.24 9.62
C GLY V 22 12.63 -43.46 8.44
N ASP V 23 11.72 -42.53 8.75
CA ASP V 23 10.94 -41.76 7.76
C ASP V 23 11.44 -40.31 7.73
N ALA V 24 12.06 -39.92 6.62
CA ALA V 24 12.71 -38.60 6.55
C ALA V 24 11.71 -37.45 6.57
N ALA V 25 10.49 -37.68 6.07
CA ALA V 25 9.49 -36.62 6.04
C ALA V 25 8.97 -36.35 7.44
N ALA V 26 8.74 -37.44 8.17
CA ALA V 26 8.37 -37.30 9.56
C ALA V 26 9.51 -36.67 10.34
N GLY V 27 10.74 -37.05 10.03
CA GLY V 27 11.87 -36.46 10.74
C GLY V 27 11.98 -34.97 10.47
N GLN V 28 11.69 -34.55 9.25
CA GLN V 28 11.74 -33.13 8.85
C GLN V 28 10.77 -32.33 9.70
N ALA V 29 9.57 -32.89 9.90
CA ALA V 29 8.63 -32.16 10.74
C ALA V 29 9.11 -32.18 12.18
N LYS V 30 9.61 -33.32 12.68
CA LYS V 30 10.09 -33.41 14.04
C LYS V 30 11.29 -32.46 14.31
N ALA V 31 12.11 -32.26 13.30
CA ALA V 31 13.35 -31.50 13.46
C ALA V 31 13.12 -30.07 13.87
N ALA V 32 11.87 -29.61 13.76
CA ALA V 32 11.57 -28.25 14.22
C ALA V 32 11.95 -28.13 15.68
N VAL V 33 11.85 -29.21 16.46
CA VAL V 33 12.19 -29.06 17.88
C VAL V 33 13.68 -28.95 18.13
N CYS V 34 14.49 -29.18 17.08
CA CYS V 34 15.95 -29.18 17.19
C CYS V 34 16.59 -27.90 16.68
N ALA V 35 15.81 -27.12 15.93
CA ALA V 35 16.37 -26.04 15.10
C ALA V 35 17.06 -24.90 15.82
N ALA V 36 16.63 -24.56 17.02
CA ALA V 36 17.26 -23.44 17.72
C ALA V 36 18.70 -23.76 18.02
N CYS V 37 18.98 -25.02 18.28
CA CYS V 37 20.32 -25.38 18.67
C CYS V 37 21.18 -25.94 17.55
N HIS V 38 20.58 -26.67 16.60
CA HIS V 38 21.36 -27.29 15.51
C HIS V 38 21.17 -26.64 14.15
N GLY V 39 20.36 -25.58 14.11
CA GLY V 39 20.07 -24.93 12.84
C GLY V 39 18.90 -25.50 12.08
N ALA V 40 18.26 -24.69 11.24
CA ALA V 40 17.02 -25.12 10.64
C ALA V 40 17.22 -26.40 9.80
N ASP V 41 18.42 -26.52 9.27
CA ASP V 41 18.80 -27.64 8.42
C ASP V 41 20.10 -28.29 8.89
N GLY V 42 20.33 -28.34 10.19
CA GLY V 42 21.43 -29.11 10.73
C GLY V 42 22.73 -28.37 10.75
N ASN V 43 22.69 -27.14 10.28
CA ASN V 43 23.88 -26.37 10.29
C ASN V 43 23.90 -25.44 11.51
N ALA V 44 24.76 -25.74 12.49
CA ALA V 44 24.72 -25.02 13.79
C ALA V 44 25.58 -23.78 13.74
N THR V 45 25.34 -22.82 14.63
CA THR V 45 26.26 -21.66 14.70
C THR V 45 26.84 -21.39 16.08
N ILE V 46 26.16 -21.83 17.13
CA ILE V 46 26.62 -21.49 18.49
C ILE V 46 27.88 -22.25 18.76
N PRO V 47 28.91 -21.57 19.32
CA PRO V 47 30.10 -22.34 19.58
C PRO V 47 29.84 -23.54 20.45
N GLY V 48 30.49 -24.66 20.09
CA GLY V 48 30.35 -25.88 20.83
C GLY V 48 29.18 -26.73 20.47
N TYR V 49 28.28 -26.18 19.64
CA TYR V 49 27.13 -26.94 19.19
C TYR V 49 27.41 -27.57 17.84
N PRO V 50 27.07 -28.84 17.70
CA PRO V 50 27.53 -29.57 16.52
C PRO V 50 26.56 -29.43 15.34
N ASN V 51 27.09 -29.38 14.12
CA ASN V 51 26.28 -29.59 12.90
C ASN V 51 25.78 -31.01 12.81
N LEU V 52 24.57 -31.19 12.30
CA LEU V 52 24.00 -32.53 12.05
C LEU V 52 23.84 -32.80 10.56
N LYS V 53 23.92 -31.74 9.76
CA LYS V 53 23.58 -31.78 8.35
C LYS V 53 24.48 -32.78 7.62
N GLY V 54 23.85 -33.74 6.96
CA GLY V 54 24.53 -34.80 6.21
C GLY V 54 25.34 -35.81 7.03
N GLN V 55 25.17 -35.80 8.35
CA GLN V 55 25.87 -36.75 9.20
C GLN V 55 25.39 -38.19 8.93
N ASN V 56 26.29 -39.17 9.08
CA ASN V 56 25.91 -40.56 8.84
C ASN V 56 24.72 -40.99 9.69
N GLU V 57 23.78 -41.67 9.06
CA GLU V 57 22.48 -42.00 9.68
C GLU V 57 22.62 -42.93 10.88
N GLN V 58 23.44 -43.98 10.78
CA GLN V 58 23.66 -44.88 11.89
C GLN V 58 24.30 -44.15 13.05
N TYR V 59 25.22 -43.23 12.75
CA TYR V 59 25.87 -42.48 13.81
C TYR V 59 24.89 -41.55 14.51
N ILE V 60 24.00 -40.92 13.75
CA ILE V 60 22.99 -40.04 14.41
C ILE V 60 22.11 -40.82 15.45
N VAL V 61 21.60 -41.96 15.01
CA VAL V 61 20.94 -42.90 15.93
C VAL V 61 21.73 -43.29 17.18
N SER V 62 22.97 -43.75 17.02
CA SER V 62 23.74 -44.17 18.17
C SER V 62 24.03 -43.01 19.06
N SER V 63 24.31 -41.82 18.49
CA SER V 63 24.78 -40.77 19.39
C SER V 63 23.60 -40.25 20.24
N ILE V 64 22.43 -40.15 19.63
CA ILE V 64 21.28 -39.65 20.38
C ILE V 64 20.95 -40.60 21.52
N LYS V 65 21.08 -41.90 21.28
CA LYS V 65 20.87 -42.91 22.34
C LYS V 65 21.90 -42.82 23.45
N ALA V 66 23.16 -42.59 23.11
CA ALA V 66 24.16 -42.28 24.11
C ALA V 66 23.73 -41.13 25.03
N TYR V 67 23.13 -40.07 24.48
CA TYR V 67 22.70 -38.97 25.35
C TYR V 67 21.56 -39.45 26.24
N LYS V 68 20.58 -40.09 25.63
CA LYS V 68 19.49 -40.71 26.40
C LYS V 68 19.90 -41.56 27.58
N ASN V 69 20.99 -42.33 27.44
CA ASN V 69 21.41 -43.27 28.46
C ASN V 69 22.49 -42.65 29.31
N LYS V 70 22.76 -41.38 29.05
CA LYS V 70 23.71 -40.67 29.84
C LYS V 70 25.10 -41.28 29.77
N GLU V 71 25.41 -41.87 28.61
CA GLU V 71 26.77 -42.33 28.35
C GLU V 71 27.70 -41.25 27.77
N ARG V 72 27.14 -40.08 27.49
CA ARG V 72 27.96 -38.91 27.22
C ARG V 72 27.56 -37.97 28.35
N SER V 73 28.55 -37.48 29.08
CA SER V 73 28.27 -36.70 30.25
C SER V 73 29.15 -35.47 30.30
N GLY V 74 28.71 -34.46 31.06
CA GLY V 74 29.58 -33.35 31.36
C GLY V 74 29.39 -32.23 30.39
N GLY V 75 29.57 -31.00 30.88
CA GLY V 75 29.59 -29.81 29.98
C GLY V 75 28.26 -29.66 29.27
N LEU V 76 28.29 -29.44 27.95
CA LEU V 76 27.04 -29.35 27.19
C LEU V 76 26.28 -30.67 26.95
N ALA V 77 26.90 -31.80 27.26
CA ALA V 77 26.18 -33.08 27.14
C ALA V 77 24.90 -33.07 28.00
N ALA V 78 24.94 -32.43 29.15
CA ALA V 78 23.73 -32.43 30.01
C ALA V 78 22.54 -31.76 29.36
N VAL V 79 22.82 -30.77 28.53
CA VAL V 79 21.78 -30.05 27.83
C VAL V 79 21.11 -30.99 26.82
N MET V 80 21.94 -31.71 26.06
CA MET V 80 21.41 -32.66 25.07
C MET V 80 20.82 -33.95 25.70
N GLN V 81 21.39 -34.42 26.83
CA GLN V 81 20.70 -35.52 27.58
C GLN V 81 19.20 -35.23 27.79
N ALA V 82 18.90 -34.03 28.29
CA ALA V 82 17.49 -33.69 28.60
C ALA V 82 16.62 -33.66 27.34
N GLN V 83 17.09 -33.00 26.29
CA GLN V 83 16.39 -33.07 25.02
C GLN V 83 16.22 -34.48 24.45
N ALA V 84 17.27 -35.29 24.50
CA ALA V 84 17.27 -36.63 23.97
C ALA V 84 16.18 -37.46 24.66
N SER V 85 16.03 -37.24 25.95
CA SER V 85 15.13 -38.06 26.71
C SER V 85 13.67 -37.89 26.29
N LEU V 86 13.36 -36.86 25.50
CA LEU V 86 12.00 -36.68 24.97
C LEU V 86 11.65 -37.61 23.82
N LEU V 87 12.67 -38.18 23.21
CA LEU V 87 12.54 -38.86 21.92
C LEU V 87 12.29 -40.36 21.97
N SER V 88 11.39 -40.82 21.13
CA SER V 88 11.17 -42.25 21.04
C SER V 88 12.16 -42.82 20.03
N ASP V 89 12.31 -44.15 20.03
CA ASP V 89 13.16 -44.79 19.06
C ASP V 89 12.71 -44.49 17.65
N ASP V 90 11.39 -44.43 17.43
CA ASP V 90 10.89 -44.07 16.11
C ASP V 90 11.26 -42.60 15.77
N ASP V 91 11.09 -41.70 16.74
CA ASP V 91 11.50 -40.28 16.59
C ASP V 91 12.97 -40.28 16.14
N ILE V 92 13.81 -41.00 16.87
CA ILE V 92 15.25 -41.03 16.58
C ILE V 92 15.54 -41.49 15.15
N ALA V 93 14.91 -42.58 14.75
CA ALA V 93 15.06 -43.10 13.41
C ALA V 93 14.66 -42.11 12.30
N ASN V 94 13.56 -41.37 12.51
CA ASN V 94 13.06 -40.41 11.53
C ASN V 94 13.97 -39.20 11.43
N LEU V 95 14.41 -38.72 12.58
CA LEU V 95 15.33 -37.57 12.64
C LEU V 95 16.64 -37.92 11.94
N ALA V 96 17.14 -39.13 12.21
CA ALA V 96 18.40 -39.58 11.59
C ALA V 96 18.24 -39.64 10.06
N ALA V 97 17.11 -40.17 9.62
CA ALA V 97 16.83 -40.25 8.17
C ALA V 97 16.81 -38.85 7.52
N TYR V 98 16.26 -37.89 8.23
CA TYR V 98 16.16 -36.51 7.71
C TYR V 98 17.55 -35.87 7.56
N TYR V 99 18.23 -35.74 8.69
CA TYR V 99 19.53 -35.06 8.68
C TYR V 99 20.55 -35.77 7.78
N SER V 100 20.63 -37.10 7.85
CA SER V 100 21.53 -37.82 6.93
C SER V 100 21.27 -37.59 5.44
N SER V 101 20.03 -37.21 5.08
CA SER V 101 19.64 -37.04 3.66
C SER V 101 20.06 -35.69 3.04
N LEU V 102 20.43 -34.75 3.91
CA LEU V 102 20.72 -33.38 3.51
C LEU V 102 22.09 -33.18 2.83
N GLY W 22 45.77 20.36 36.52
CA GLY W 22 46.54 19.16 36.13
C GLY W 22 46.84 19.11 34.66
N ASP W 23 47.35 17.97 34.24
CA ASP W 23 47.97 17.85 32.93
C ASP W 23 47.24 16.76 32.16
N ALA W 24 46.42 17.16 31.18
CA ALA W 24 45.60 16.24 30.40
C ALA W 24 46.41 15.17 29.68
N ALA W 25 47.54 15.54 29.05
CA ALA W 25 48.33 14.57 28.34
C ALA W 25 48.83 13.48 29.30
N ALA W 26 49.30 13.88 30.48
CA ALA W 26 49.70 12.94 31.49
C ALA W 26 48.49 12.08 31.87
N GLY W 27 47.35 12.72 32.06
CA GLY W 27 46.14 11.98 32.44
C GLY W 27 45.77 10.93 31.37
N GLN W 28 45.86 11.30 30.11
CA GLN W 28 45.52 10.37 29.04
C GLN W 28 46.45 9.16 29.08
N ALA W 29 47.73 9.42 29.37
CA ALA W 29 48.71 8.34 29.39
C ALA W 29 48.45 7.32 30.49
N LYS W 30 47.72 7.71 31.53
CA LYS W 30 47.50 6.82 32.64
C LYS W 30 46.09 6.25 32.61
N ALA W 31 45.30 6.71 31.64
CA ALA W 31 43.87 6.36 31.60
C ALA W 31 43.54 5.00 31.01
N ALA W 32 44.49 4.27 30.45
CA ALA W 32 44.11 2.97 29.86
C ALA W 32 43.33 2.03 30.80
N VAL W 33 43.74 1.97 32.06
CA VAL W 33 43.09 1.09 32.97
C VAL W 33 41.65 1.58 33.23
N CYS W 34 41.46 2.90 33.25
CA CYS W 34 40.12 3.49 33.44
C CYS W 34 39.18 3.06 32.33
N ALA W 35 39.71 3.06 31.11
CA ALA W 35 38.95 2.66 29.91
C ALA W 35 38.33 1.27 30.06
N ALA W 36 38.91 0.41 30.87
CA ALA W 36 38.46 -1.00 30.99
C ALA W 36 37.02 -1.03 31.56
N CYS W 37 36.71 -0.04 32.39
CA CYS W 37 35.38 0.07 32.98
C CYS W 37 34.59 1.28 32.52
N HIS W 38 35.27 2.39 32.22
CA HIS W 38 34.56 3.62 31.86
C HIS W 38 34.46 3.82 30.34
N GLY W 39 35.01 2.90 29.57
CA GLY W 39 34.86 2.96 28.14
C GLY W 39 35.92 3.77 27.44
N ALA W 40 36.04 3.61 26.13
CA ALA W 40 36.93 4.45 25.38
C ALA W 40 36.44 5.89 25.53
N ASP W 41 37.37 6.82 25.79
CA ASP W 41 37.01 8.22 25.89
C ASP W 41 35.97 8.51 26.95
N GLY W 42 35.82 7.62 27.92
CA GLY W 42 34.94 7.88 29.04
C GLY W 42 33.45 7.71 28.72
N ASN W 43 33.15 7.06 27.60
CA ASN W 43 31.75 6.65 27.28
C ASN W 43 31.59 5.19 27.71
N ALA W 44 30.93 4.97 28.84
CA ALA W 44 30.87 3.64 29.48
C ALA W 44 29.85 2.75 28.75
N THR W 45 30.08 1.44 28.74
CA THR W 45 29.13 0.50 28.13
C THR W 45 28.63 -0.56 29.09
N ILE W 46 29.43 -0.93 30.08
CA ILE W 46 28.99 -1.94 31.06
C ILE W 46 27.74 -1.40 31.75
N PRO W 47 26.65 -2.20 31.81
CA PRO W 47 25.42 -1.58 32.31
C PRO W 47 25.60 -1.06 33.73
N GLY W 48 25.04 0.10 34.01
CA GLY W 48 25.16 0.67 35.34
C GLY W 48 26.40 1.48 35.62
N TYR W 49 27.40 1.40 34.73
CA TYR W 49 28.64 2.14 34.99
C TYR W 49 28.56 3.56 34.42
N PRO W 50 29.24 4.50 35.08
CA PRO W 50 29.00 5.89 34.66
C PRO W 50 29.92 6.37 33.53
N ASN W 51 29.41 7.26 32.68
CA ASN W 51 30.27 7.96 31.76
C ASN W 51 31.16 8.95 32.53
N LEU W 52 32.35 9.20 32.00
CA LEU W 52 33.24 10.22 32.54
C LEU W 52 33.45 11.37 31.55
N LYS W 53 33.14 11.15 30.30
CA LYS W 53 33.46 12.08 29.24
C LYS W 53 32.88 13.48 29.51
N GLY W 54 33.75 14.47 29.59
CA GLY W 54 33.33 15.84 29.72
C GLY W 54 32.85 16.20 31.11
N GLN W 55 33.03 15.31 32.08
CA GLN W 55 32.52 15.60 33.44
C GLN W 55 33.24 16.79 34.04
N ASN W 56 32.58 17.51 34.95
CA ASN W 56 33.18 18.64 35.62
C ASN W 56 34.53 18.25 36.25
N GLU W 57 35.57 19.05 36.04
CA GLU W 57 36.93 18.68 36.52
C GLU W 57 37.03 18.61 38.04
N GLN W 58 36.50 19.61 38.75
CA GLN W 58 36.59 19.59 40.22
C GLN W 58 35.77 18.43 40.78
N TYR W 59 34.71 18.08 40.08
CA TYR W 59 33.86 16.98 40.50
C TYR W 59 34.61 15.66 40.35
N ILE W 60 35.30 15.49 39.24
CA ILE W 60 36.11 14.27 39.06
C ILE W 60 37.09 14.13 40.22
N VAL W 61 37.77 15.21 40.55
CA VAL W 61 38.73 15.18 41.66
C VAL W 61 38.08 14.79 43.01
N SER W 62 36.98 15.44 43.35
CA SER W 62 36.37 15.18 44.65
C SER W 62 35.85 13.77 44.72
N SER W 63 35.32 13.29 43.61
CA SER W 63 34.62 12.03 43.61
C SER W 63 35.62 10.89 43.73
N ILE W 64 36.68 10.93 42.92
CA ILE W 64 37.75 9.94 43.11
C ILE W 64 38.21 9.92 44.55
N LYS W 65 38.47 11.08 45.12
CA LYS W 65 38.80 11.13 46.55
C LYS W 65 37.73 10.60 47.51
N ALA W 66 36.47 10.71 47.18
CA ALA W 66 35.46 10.09 48.07
C ALA W 66 35.52 8.54 47.99
N TYR W 67 35.83 8.00 46.82
CA TYR W 67 36.02 6.56 46.74
C TYR W 67 37.22 6.15 47.54
N LYS W 68 38.28 6.94 47.42
CA LYS W 68 39.55 6.62 48.04
C LYS W 68 39.37 6.50 49.54
N ASN W 69 38.60 7.43 50.11
CA ASN W 69 38.33 7.45 51.54
C ASN W 69 37.02 6.74 51.93
N LYS W 70 36.39 6.04 51.01
CA LYS W 70 35.21 5.26 51.34
C LYS W 70 34.05 6.13 51.83
N GLU W 71 34.00 7.38 51.37
CA GLU W 71 32.85 8.23 51.60
C GLU W 71 31.77 7.89 50.62
N ARG W 72 32.10 7.14 49.58
CA ARG W 72 31.11 6.43 48.81
C ARG W 72 31.26 4.93 49.07
N SER W 73 30.19 4.29 49.55
CA SER W 73 30.26 2.89 49.98
C SER W 73 29.16 1.95 49.44
N GLY W 74 29.37 0.64 49.67
CA GLY W 74 28.43 -0.40 49.23
C GLY W 74 28.86 -1.20 48.01
N GLY W 75 28.11 -2.27 47.75
CA GLY W 75 28.39 -3.13 46.60
C GLY W 75 28.80 -2.40 45.34
N LEU W 76 28.03 -1.38 44.92
CA LEU W 76 28.32 -0.70 43.66
C LEU W 76 29.60 0.12 43.76
N ALA W 77 29.71 0.92 44.80
CA ALA W 77 30.87 1.79 44.97
C ALA W 77 32.12 0.95 45.14
N ALA W 78 31.95 -0.20 45.77
CA ALA W 78 33.08 -1.09 46.00
C ALA W 78 33.86 -1.38 44.71
N VAL W 79 33.18 -1.35 43.56
CA VAL W 79 33.85 -1.72 42.31
C VAL W 79 34.91 -0.69 41.90
N MET W 80 34.77 0.54 42.45
CA MET W 80 35.66 1.66 42.10
C MET W 80 36.66 1.98 43.18
N GLN W 81 36.44 1.49 44.40
CA GLN W 81 37.27 1.92 45.56
C GLN W 81 38.77 1.52 45.49
N ALA W 82 39.06 0.29 45.09
CA ALA W 82 40.47 -0.14 44.97
C ALA W 82 41.22 0.60 43.87
N GLN W 83 40.55 0.84 42.74
CA GLN W 83 41.18 1.72 41.73
C GLN W 83 41.60 3.09 42.28
N ALA W 84 40.72 3.71 43.07
CA ALA W 84 40.98 5.06 43.57
C ALA W 84 42.20 5.08 44.51
N SER W 85 42.39 4.03 45.30
CA SER W 85 43.52 4.13 46.24
C SER W 85 44.87 3.91 45.55
N LEU W 86 44.87 3.55 44.28
CA LEU W 86 46.12 3.48 43.54
C LEU W 86 46.63 4.83 43.09
N LEU W 87 45.79 5.85 43.23
CA LEU W 87 46.06 7.13 42.57
C LEU W 87 46.62 8.18 43.54
N SER W 88 47.68 8.86 43.14
CA SER W 88 48.17 9.98 43.93
C SER W 88 47.35 11.23 43.66
N ASP W 89 47.54 12.26 44.50
CA ASP W 89 46.88 13.54 44.24
C ASP W 89 47.21 14.08 42.83
N ASP W 90 48.49 14.04 42.42
CA ASP W 90 48.87 14.41 41.03
C ASP W 90 48.17 13.58 39.93
N ASP W 91 48.13 12.26 40.10
CA ASP W 91 47.42 11.39 39.14
C ASP W 91 45.94 11.81 39.03
N ILE W 92 45.29 12.06 40.16
CA ILE W 92 43.88 12.40 40.18
C ILE W 92 43.71 13.74 39.42
N ALA W 93 44.56 14.72 39.70
CA ALA W 93 44.42 16.02 39.04
C ALA W 93 44.55 15.82 37.53
N ASN W 94 45.49 14.98 37.11
CA ASN W 94 45.78 14.77 35.67
C ASN W 94 44.67 14.02 34.93
N LEU W 95 44.19 12.93 35.51
CA LEU W 95 42.98 12.24 35.02
C LEU W 95 41.74 13.19 34.95
N ALA W 96 41.55 14.03 35.97
CA ALA W 96 40.42 14.96 35.93
C ALA W 96 40.57 15.96 34.76
N ALA W 97 41.79 16.44 34.54
CA ALA W 97 42.08 17.32 33.41
C ALA W 97 41.81 16.60 32.09
N TYR W 98 42.16 15.32 32.03
CA TYR W 98 41.95 14.59 30.79
C TYR W 98 40.45 14.40 30.50
N TYR W 99 39.76 13.70 31.39
CA TYR W 99 38.31 13.44 31.14
C TYR W 99 37.49 14.70 30.95
N SER W 100 37.77 15.73 31.74
CA SER W 100 36.98 16.92 31.70
C SER W 100 37.19 17.67 30.36
N SER W 101 38.29 17.41 29.65
CA SER W 101 38.57 18.14 28.40
C SER W 101 38.02 17.45 27.16
N LEU W 102 37.49 16.24 27.34
CA LEU W 102 36.96 15.47 26.22
C LEU W 102 35.65 16.03 25.65
N GLY X 22 11.13 4.01 32.96
CA GLY X 22 10.73 5.31 33.56
C GLY X 22 10.17 6.20 32.48
N ASP X 23 9.57 7.30 32.90
CA ASP X 23 8.77 8.14 32.03
C ASP X 23 9.56 9.42 31.81
N ALA X 24 10.24 9.54 30.66
CA ALA X 24 11.07 10.71 30.43
C ALA X 24 10.28 12.02 30.59
N ALA X 25 8.99 11.99 30.21
CA ALA X 25 8.25 13.25 30.18
C ALA X 25 7.85 13.62 31.62
N ALA X 26 7.56 12.61 32.44
CA ALA X 26 7.25 12.82 33.86
C ALA X 26 8.50 13.29 34.56
N GLY X 27 9.61 12.70 34.14
CA GLY X 27 10.91 13.17 34.58
C GLY X 27 11.19 14.62 34.22
N GLN X 28 10.92 14.98 32.96
CA GLN X 28 11.10 16.36 32.54
C GLN X 28 10.35 17.36 33.46
N ALA X 29 9.08 17.07 33.75
CA ALA X 29 8.31 17.93 34.66
C ALA X 29 9.00 18.06 36.01
N LYS X 30 9.46 16.95 36.53
CA LYS X 30 10.00 16.97 37.87
C LYS X 30 11.34 17.73 37.92
N ALA X 31 12.09 17.76 36.83
CA ALA X 31 13.52 18.16 36.92
C ALA X 31 13.69 19.67 37.14
N ALA X 32 12.61 20.42 36.96
CA ALA X 32 12.64 21.83 37.36
C ALA X 32 13.37 22.00 38.69
N VAL X 33 13.19 21.06 39.63
CA VAL X 33 13.77 21.26 40.97
C VAL X 33 15.27 20.97 41.03
N CYS X 34 15.76 20.31 39.99
CA CYS X 34 17.18 19.97 39.92
C CYS X 34 17.98 20.95 39.09
N ALA X 35 17.29 21.82 38.37
CA ALA X 35 17.93 22.61 37.32
C ALA X 35 18.87 23.66 37.84
N ALA X 36 18.66 24.14 39.05
CA ALA X 36 19.50 25.23 39.53
C ALA X 36 20.90 24.74 39.80
N CYS X 37 21.00 23.47 40.15
CA CYS X 37 22.29 22.91 40.54
C CYS X 37 22.92 22.13 39.39
N HIS X 38 22.12 21.36 38.65
CA HIS X 38 22.59 20.51 37.55
C HIS X 38 22.43 21.12 36.16
N GLY X 39 21.83 22.31 36.13
CA GLY X 39 21.70 23.04 34.89
C GLY X 39 20.43 22.68 34.15
N ALA X 40 19.93 23.68 33.42
CA ALA X 40 18.68 23.53 32.71
C ALA X 40 18.72 22.33 31.82
N ASP X 41 19.87 22.09 31.19
CA ASP X 41 20.02 20.96 30.26
C ASP X 41 20.96 19.88 30.76
N GLY X 42 21.01 19.72 32.08
CA GLY X 42 21.85 18.67 32.68
C GLY X 42 23.34 18.97 32.69
N ASN X 43 23.73 20.16 32.24
CA ASN X 43 25.13 20.57 32.37
C ASN X 43 25.29 21.59 33.49
N ALA X 44 26.11 21.25 34.49
CA ALA X 44 26.27 22.09 35.66
C ALA X 44 27.28 23.21 35.40
N THR X 45 27.17 24.33 36.09
CA THR X 45 28.14 25.38 35.88
C THR X 45 28.94 25.73 37.16
N ILE X 46 28.37 25.38 38.30
CA ILE X 46 29.04 25.53 39.57
C ILE X 46 30.19 24.56 39.76
N PRO X 47 31.37 25.06 40.17
CA PRO X 47 32.46 24.11 40.29
C PRO X 47 32.12 23.10 41.37
N GLY X 48 32.44 21.84 41.09
CA GLY X 48 32.21 20.77 42.03
C GLY X 48 30.90 20.05 41.79
N TYR X 49 30.01 20.61 40.96
CA TYR X 49 28.73 20.00 40.70
C TYR X 49 28.78 19.21 39.43
N PRO X 50 28.20 18.02 39.44
CA PRO X 50 28.27 17.15 38.28
C PRO X 50 27.23 17.39 37.20
N ASN X 51 27.68 17.28 35.94
CA ASN X 51 26.78 17.19 34.82
C ASN X 51 26.01 15.87 34.91
N LEU X 52 24.70 15.90 34.68
CA LEU X 52 23.89 14.69 34.54
C LEU X 52 23.53 14.37 33.09
N LYS X 53 23.72 15.34 32.21
CA LYS X 53 23.29 15.18 30.84
C LYS X 53 23.77 13.91 30.16
N GLY X 54 22.83 13.09 29.74
CA GLY X 54 23.17 11.94 28.93
C GLY X 54 23.87 10.83 29.70
N GLN X 55 23.81 10.91 31.03
CA GLN X 55 24.45 9.92 31.88
C GLN X 55 23.70 8.58 31.84
N ASN X 56 24.37 7.50 32.21
CA ASN X 56 23.76 6.17 32.13
C ASN X 56 22.50 6.13 33.03
N GLU X 57 21.38 5.67 32.48
CA GLU X 57 20.09 5.72 33.16
C GLU X 57 20.17 4.87 34.40
N GLN X 58 20.68 3.65 34.25
CA GLN X 58 20.85 2.77 35.41
C GLN X 58 21.78 3.37 36.50
N TYR X 59 22.85 4.01 36.07
CA TYR X 59 23.69 4.70 37.05
C TYR X 59 23.01 5.88 37.71
N ILE X 60 22.20 6.61 36.96
CA ILE X 60 21.44 7.70 37.61
C ILE X 60 20.51 7.12 38.68
N VAL X 61 19.78 6.07 38.34
CA VAL X 61 18.90 5.48 39.35
C VAL X 61 19.76 5.10 40.56
N SER X 62 20.80 4.29 40.36
CA SER X 62 21.55 3.82 41.54
C SER X 62 22.23 4.90 42.37
N SER X 63 22.73 5.95 41.73
CA SER X 63 23.37 7.02 42.49
C SER X 63 22.40 7.92 43.25
N ILE X 64 21.24 8.23 42.67
CA ILE X 64 20.26 9.00 43.43
C ILE X 64 19.89 8.18 44.66
N LYS X 65 19.64 6.89 44.46
CA LYS X 65 19.26 6.05 45.60
C LYS X 65 20.35 6.06 46.65
N ALA X 66 21.61 6.05 46.21
CA ALA X 66 22.74 6.08 47.14
C ALA X 66 22.71 7.32 48.02
N TYR X 67 22.31 8.48 47.48
CA TYR X 67 22.20 9.67 48.31
C TYR X 67 20.99 9.52 49.23
N LYS X 68 19.92 8.93 48.71
CA LYS X 68 18.69 8.77 49.48
C LYS X 68 18.97 7.90 50.71
N ASN X 69 19.76 6.85 50.49
CA ASN X 69 20.13 5.94 51.56
C ASN X 69 21.41 6.37 52.30
N LYS X 70 21.90 7.58 52.00
CA LYS X 70 23.13 8.14 52.62
C LYS X 70 24.39 7.26 52.44
N GLU X 71 24.42 6.48 51.36
CA GLU X 71 25.58 5.64 51.05
C GLU X 71 26.72 6.46 50.43
N ARG X 72 26.39 7.68 49.99
CA ARG X 72 27.45 8.64 49.70
C ARG X 72 27.31 9.75 50.73
N SER X 73 28.42 10.12 51.35
CA SER X 73 28.41 11.01 52.49
C SER X 73 29.61 11.94 52.45
N GLY X 74 29.53 13.08 53.12
CA GLY X 74 30.64 14.07 53.18
C GLY X 74 30.56 15.21 52.16
N GLY X 75 30.96 16.41 52.61
CA GLY X 75 30.98 17.60 51.79
C GLY X 75 29.72 17.71 50.97
N LEU X 76 29.86 17.90 49.67
CA LEU X 76 28.70 18.25 48.88
C LEU X 76 27.62 17.17 48.91
N ALA X 77 28.00 15.96 49.32
CA ALA X 77 27.05 14.85 49.32
C ALA X 77 25.86 15.18 50.23
N ALA X 78 26.17 15.96 51.28
CA ALA X 78 25.15 16.38 52.28
C ALA X 78 24.04 17.18 51.61
N VAL X 79 24.42 18.01 50.65
CA VAL X 79 23.45 18.83 49.93
C VAL X 79 22.53 17.90 49.12
N MET X 80 23.11 16.89 48.50
CA MET X 80 22.35 16.04 47.61
C MET X 80 21.54 14.94 48.33
N GLN X 81 21.99 14.52 49.50
CA GLN X 81 21.14 13.71 50.38
C GLN X 81 19.78 14.34 50.68
N ALA X 82 19.80 15.61 51.09
CA ALA X 82 18.56 16.31 51.42
C ALA X 82 17.64 16.37 50.19
N GLN X 83 18.17 16.75 49.04
CA GLN X 83 17.35 16.77 47.83
C GLN X 83 16.81 15.39 47.45
N ALA X 84 17.61 14.37 47.73
CA ALA X 84 17.22 13.02 47.32
C ALA X 84 16.11 12.44 48.21
N SER X 85 16.09 12.83 49.48
CA SER X 85 15.06 12.35 50.43
C SER X 85 13.65 12.64 49.94
N LEU X 86 13.50 13.65 49.11
CA LEU X 86 12.18 14.09 48.70
C LEU X 86 11.67 13.25 47.57
N LEU X 87 12.50 12.35 47.07
CA LEU X 87 12.14 11.61 45.85
C LEU X 87 11.57 10.21 46.07
N SER X 88 10.53 9.86 45.32
CA SER X 88 10.04 8.50 45.35
C SER X 88 10.80 7.67 44.32
N ASP X 89 10.74 6.36 44.47
CA ASP X 89 11.28 5.45 43.48
C ASP X 89 10.78 5.77 42.08
N ASP X 90 9.49 6.05 41.96
CA ASP X 90 8.96 6.38 40.65
C ASP X 90 9.56 7.73 40.19
N ASP X 91 9.76 8.67 41.11
CA ASP X 91 10.40 9.95 40.74
C ASP X 91 11.79 9.65 40.13
N ILE X 92 12.54 8.80 40.81
CA ILE X 92 13.91 8.48 40.41
C ILE X 92 14.01 7.82 39.04
N ALA X 93 13.08 6.92 38.75
CA ALA X 93 13.08 6.26 37.47
C ALA X 93 12.76 7.27 36.39
N ASN X 94 11.81 8.15 36.70
CA ASN X 94 11.42 9.16 35.74
C ASN X 94 12.56 10.12 35.42
N LEU X 95 13.26 10.57 36.45
CA LEU X 95 14.35 11.56 36.30
C LEU X 95 15.55 10.90 35.58
N ALA X 96 15.82 9.64 35.91
CA ALA X 96 16.82 8.86 35.18
C ALA X 96 16.51 8.77 33.70
N ALA X 97 15.26 8.49 33.37
CA ALA X 97 14.90 8.33 31.97
C ALA X 97 15.15 9.67 31.31
N TYR X 98 14.71 10.71 32.00
CA TYR X 98 14.84 12.07 31.46
C TYR X 98 16.31 12.52 31.23
N TYR X 99 17.13 12.51 32.27
CA TYR X 99 18.51 13.01 32.12
C TYR X 99 19.25 12.11 31.15
N SER X 100 19.06 10.80 31.28
CA SER X 100 19.82 9.94 30.40
C SER X 100 19.44 10.17 28.92
N SER X 101 18.25 10.73 28.68
CA SER X 101 17.70 10.85 27.33
C SER X 101 18.20 12.08 26.59
N LEU X 102 18.79 13.04 27.30
CA LEU X 102 19.09 14.36 26.72
C LEU X 102 20.19 14.30 25.68
N GLY Y 22 -46.70 -0.40 -41.45
CA GLY Y 22 -45.97 0.81 -41.94
C GLY Y 22 -45.03 0.51 -43.09
N ASP Y 23 -44.51 1.57 -43.71
CA ASP Y 23 -43.64 1.44 -44.87
C ASP Y 23 -42.20 1.79 -44.43
N ALA Y 24 -41.35 0.77 -44.31
CA ALA Y 24 -39.95 0.96 -43.87
C ALA Y 24 -39.17 1.95 -44.76
N ALA Y 25 -39.44 1.89 -46.07
CA ALA Y 25 -38.85 2.79 -47.06
C ALA Y 25 -39.24 4.24 -46.80
N ALA Y 26 -40.51 4.46 -46.45
CA ALA Y 26 -40.95 5.80 -46.07
C ALA Y 26 -40.28 6.18 -44.74
N GLY Y 27 -40.09 5.18 -43.85
CA GLY Y 27 -39.40 5.43 -42.60
C GLY Y 27 -37.98 5.92 -42.85
N GLN Y 28 -37.23 5.15 -43.63
CA GLN Y 28 -35.87 5.56 -43.96
C GLN Y 28 -35.87 6.98 -44.55
N ALA Y 29 -36.73 7.23 -45.52
CA ALA Y 29 -36.82 8.58 -46.12
C ALA Y 29 -37.03 9.73 -45.08
N LYS Y 30 -37.68 9.39 -43.95
CA LYS Y 30 -38.04 10.38 -42.92
C LYS Y 30 -37.02 10.50 -41.77
N ALA Y 31 -36.03 9.60 -41.75
CA ALA Y 31 -35.26 9.34 -40.55
C ALA Y 31 -34.03 10.23 -40.32
N ALA Y 32 -33.67 11.09 -41.27
CA ALA Y 32 -32.42 11.84 -41.07
C ALA Y 32 -32.38 12.60 -39.74
N VAL Y 33 -33.47 13.26 -39.35
CA VAL Y 33 -33.35 14.11 -38.16
C VAL Y 33 -33.09 13.25 -36.91
N CYS Y 34 -33.54 12.02 -36.98
CA CYS Y 34 -33.44 11.11 -35.83
C CYS Y 34 -31.99 10.76 -35.60
N ALA Y 35 -31.20 10.68 -36.66
CA ALA Y 35 -29.79 10.26 -36.52
C ALA Y 35 -28.99 11.13 -35.54
N ALA Y 36 -29.30 12.41 -35.45
CA ALA Y 36 -28.62 13.31 -34.47
C ALA Y 36 -28.58 12.71 -33.05
N CYS Y 37 -29.66 12.02 -32.66
CA CYS Y 37 -29.71 11.59 -31.28
C CYS Y 37 -29.76 10.09 -31.06
N HIS Y 38 -30.14 9.34 -32.12
CA HIS Y 38 -30.36 7.87 -31.98
C HIS Y 38 -29.37 7.09 -32.85
N GLY Y 39 -28.54 7.84 -33.55
CA GLY Y 39 -27.41 7.24 -34.18
C GLY Y 39 -27.71 7.00 -35.62
N ALA Y 40 -26.65 7.05 -36.42
CA ALA Y 40 -26.76 6.82 -37.82
C ALA Y 40 -27.53 5.54 -38.10
N ASP Y 41 -27.33 4.55 -37.25
CA ASP Y 41 -27.88 3.21 -37.49
C ASP Y 41 -28.84 2.75 -36.39
N GLY Y 42 -29.45 3.71 -35.68
CA GLY Y 42 -30.32 3.37 -34.53
C GLY Y 42 -29.60 3.03 -33.21
N ASN Y 43 -28.26 3.05 -33.17
CA ASN Y 43 -27.62 2.97 -31.87
C ASN Y 43 -27.15 4.34 -31.45
N ALA Y 44 -27.63 4.81 -30.29
CA ALA Y 44 -27.28 6.14 -29.83
C ALA Y 44 -25.80 6.15 -29.39
N THR Y 45 -25.25 7.35 -29.27
CA THR Y 45 -23.85 7.50 -28.90
C THR Y 45 -23.67 8.39 -27.67
N ILE Y 46 -24.74 9.04 -27.21
CA ILE Y 46 -24.68 9.92 -26.04
C ILE Y 46 -25.30 9.21 -24.85
N PRO Y 47 -24.61 9.22 -23.71
CA PRO Y 47 -25.23 8.61 -22.53
C PRO Y 47 -26.61 9.18 -22.22
N GLY Y 48 -27.55 8.28 -21.91
CA GLY Y 48 -28.91 8.62 -21.55
C GLY Y 48 -29.83 8.62 -22.75
N TYR Y 49 -29.25 8.45 -23.93
CA TYR Y 49 -30.07 8.41 -25.14
C TYR Y 49 -30.27 6.97 -25.55
N PRO Y 50 -31.52 6.60 -25.93
CA PRO Y 50 -31.75 5.18 -26.25
C PRO Y 50 -31.39 4.74 -27.68
N ASN Y 51 -30.98 3.48 -27.81
CA ASN Y 51 -30.93 2.83 -29.13
C ASN Y 51 -32.35 2.51 -29.62
N LEU Y 52 -32.61 2.64 -30.91
CA LEU Y 52 -33.90 2.24 -31.49
C LEU Y 52 -33.77 1.00 -32.36
N LYS Y 53 -32.53 0.72 -32.71
CA LYS Y 53 -32.22 -0.36 -33.64
C LYS Y 53 -32.84 -1.70 -33.19
N GLY Y 54 -33.73 -2.26 -34.01
CA GLY Y 54 -34.34 -3.56 -33.72
C GLY Y 54 -35.38 -3.54 -32.59
N GLN Y 55 -35.71 -2.36 -32.07
CA GLN Y 55 -36.73 -2.30 -31.01
C GLN Y 55 -38.08 -2.78 -31.53
N ASN Y 56 -38.87 -3.32 -30.63
CA ASN Y 56 -40.21 -3.80 -30.98
C ASN Y 56 -41.06 -2.77 -31.72
N GLU Y 57 -41.72 -3.18 -32.80
CA GLU Y 57 -42.41 -2.22 -33.67
C GLU Y 57 -43.59 -1.54 -32.99
N GLN Y 58 -44.44 -2.33 -32.29
CA GLN Y 58 -45.62 -1.76 -31.61
C GLN Y 58 -45.15 -0.83 -30.54
N TYR Y 59 -44.00 -1.15 -29.93
CA TYR Y 59 -43.45 -0.36 -28.79
C TYR Y 59 -42.92 0.99 -29.30
N ILE Y 60 -42.27 0.95 -30.46
CA ILE Y 60 -41.78 2.22 -31.06
C ILE Y 60 -42.97 3.13 -31.34
N VAL Y 61 -44.05 2.59 -31.91
CA VAL Y 61 -45.25 3.40 -32.15
C VAL Y 61 -45.81 3.90 -30.84
N SER Y 62 -46.01 3.00 -29.86
CA SER Y 62 -46.55 3.48 -28.57
C SER Y 62 -45.67 4.48 -27.82
N SER Y 63 -44.35 4.27 -27.80
CA SER Y 63 -43.49 5.21 -27.06
C SER Y 63 -43.41 6.55 -27.76
N ILE Y 64 -43.41 6.57 -29.10
CA ILE Y 64 -43.44 7.89 -29.76
C ILE Y 64 -44.69 8.64 -29.42
N LYS Y 65 -45.83 7.93 -29.44
CA LYS Y 65 -47.10 8.59 -29.10
C LYS Y 65 -47.12 9.07 -27.65
N ALA Y 66 -46.37 8.43 -26.77
CA ALA Y 66 -46.37 8.89 -25.37
C ALA Y 66 -45.75 10.27 -25.22
N TYR Y 67 -44.61 10.47 -25.89
CA TYR Y 67 -43.96 11.78 -25.94
C TYR Y 67 -44.91 12.81 -26.57
N LYS Y 68 -45.56 12.41 -27.65
CA LYS Y 68 -46.43 13.35 -28.36
C LYS Y 68 -47.55 13.80 -27.48
N ASN Y 69 -48.12 12.84 -26.73
CA ASN Y 69 -49.16 13.10 -25.71
C ASN Y 69 -48.67 13.67 -24.36
N LYS Y 70 -47.40 14.04 -24.29
CA LYS Y 70 -46.85 14.64 -23.09
C LYS Y 70 -46.87 13.66 -21.90
N GLU Y 71 -46.73 12.35 -22.16
CA GLU Y 71 -46.84 11.38 -21.08
C GLU Y 71 -45.48 11.03 -20.42
N ARG Y 72 -44.39 11.51 -21.00
CA ARG Y 72 -43.09 11.26 -20.44
C ARG Y 72 -42.42 12.58 -20.09
N SER Y 73 -42.23 12.83 -18.80
CA SER Y 73 -41.79 14.12 -18.32
C SER Y 73 -40.30 14.12 -17.95
N GLY Y 74 -39.69 15.30 -18.01
CA GLY Y 74 -38.27 15.46 -17.67
C GLY Y 74 -37.51 16.16 -18.79
N GLY Y 75 -36.27 16.52 -18.52
CA GLY Y 75 -35.51 17.36 -19.43
C GLY Y 75 -35.28 16.84 -20.85
N LEU Y 76 -34.67 15.67 -20.96
CA LEU Y 76 -34.41 15.07 -22.26
C LEU Y 76 -35.69 14.50 -22.79
N ALA Y 77 -36.61 14.11 -21.90
CA ALA Y 77 -37.86 13.56 -22.43
C ALA Y 77 -38.52 14.73 -23.17
N ALA Y 78 -38.38 15.94 -22.64
CA ALA Y 78 -39.00 17.10 -23.32
C ALA Y 78 -38.37 17.25 -24.71
N VAL Y 79 -37.09 16.98 -24.84
CA VAL Y 79 -36.45 17.14 -26.17
C VAL Y 79 -37.12 16.22 -27.20
N MET Y 80 -37.43 15.01 -26.76
CA MET Y 80 -38.07 14.05 -27.65
C MET Y 80 -39.56 14.37 -27.86
N GLN Y 81 -40.20 14.94 -26.86
CA GLN Y 81 -41.57 15.36 -26.98
C GLN Y 81 -41.66 16.40 -28.10
N ALA Y 82 -40.73 17.34 -28.06
CA ALA Y 82 -40.76 18.42 -29.05
C ALA Y 82 -40.60 17.76 -30.41
N GLN Y 83 -39.69 16.79 -30.58
CA GLN Y 83 -39.59 16.14 -31.91
C GLN Y 83 -40.81 15.37 -32.30
N ALA Y 84 -41.40 14.65 -31.35
CA ALA Y 84 -42.58 13.83 -31.70
C ALA Y 84 -43.76 14.70 -32.07
N SER Y 85 -43.78 15.93 -31.58
CA SER Y 85 -44.81 16.90 -31.99
C SER Y 85 -44.88 17.12 -33.51
N LEU Y 86 -43.81 16.79 -34.23
CA LEU Y 86 -43.72 17.09 -35.66
C LEU Y 86 -44.06 15.91 -36.54
N LEU Y 87 -44.45 14.79 -35.92
CA LEU Y 87 -44.67 13.51 -36.60
C LEU Y 87 -46.13 13.12 -36.68
N SER Y 88 -46.57 12.77 -37.88
CA SER Y 88 -47.94 12.36 -38.08
C SER Y 88 -48.10 10.88 -37.71
N ASP Y 89 -49.33 10.42 -37.50
CA ASP Y 89 -49.53 9.01 -37.25
C ASP Y 89 -48.87 8.14 -38.34
N ASP Y 90 -48.94 8.61 -39.59
CA ASP Y 90 -48.24 7.95 -40.72
C ASP Y 90 -46.73 7.94 -40.56
N ASP Y 91 -46.17 9.07 -40.16
CA ASP Y 91 -44.74 9.17 -39.95
C ASP Y 91 -44.36 8.16 -38.86
N ILE Y 92 -45.14 8.12 -37.81
CA ILE Y 92 -44.80 7.24 -36.70
C ILE Y 92 -44.82 5.78 -37.14
N ALA Y 93 -45.88 5.35 -37.81
CA ALA Y 93 -45.94 3.96 -38.22
C ALA Y 93 -44.76 3.62 -39.15
N ASN Y 94 -44.43 4.53 -40.08
CA ASN Y 94 -43.30 4.31 -41.03
C ASN Y 94 -41.94 4.25 -40.34
N LEU Y 95 -41.70 5.18 -39.44
CA LEU Y 95 -40.47 5.16 -38.67
C LEU Y 95 -40.34 3.89 -37.79
N ALA Y 96 -41.43 3.50 -37.13
CA ALA Y 96 -41.49 2.23 -36.39
C ALA Y 96 -41.12 1.02 -37.28
N ALA Y 97 -41.68 0.96 -38.49
CA ALA Y 97 -41.28 -0.10 -39.44
C ALA Y 97 -39.84 -0.04 -39.87
N TYR Y 98 -39.26 1.15 -40.03
CA TYR Y 98 -37.86 1.22 -40.41
C TYR Y 98 -36.94 0.74 -39.27
N TYR Y 99 -37.06 1.37 -38.09
CA TYR Y 99 -36.16 1.05 -36.99
C TYR Y 99 -36.29 -0.41 -36.50
N SER Y 100 -37.52 -0.91 -36.46
CA SER Y 100 -37.74 -2.29 -35.97
C SER Y 100 -37.07 -3.26 -36.94
N SER Y 101 -36.97 -2.87 -38.22
CA SER Y 101 -36.55 -3.78 -39.26
C SER Y 101 -35.03 -3.81 -39.46
N LEU Y 102 -34.29 -3.13 -38.59
CA LEU Y 102 -32.88 -2.86 -38.86
C LEU Y 102 -32.01 -3.99 -38.37
N GLY Z 22 -22.12 -0.14 -11.77
CA GLY Z 22 -23.10 -1.12 -11.24
C GLY Z 22 -22.44 -2.50 -11.22
N ASP Z 23 -23.06 -3.47 -10.53
CA ASP Z 23 -22.54 -4.85 -10.33
C ASP Z 23 -23.38 -5.71 -11.27
N ALA Z 24 -22.81 -6.08 -12.40
CA ALA Z 24 -23.57 -6.79 -13.42
C ALA Z 24 -24.01 -8.20 -12.97
N ALA Z 25 -23.21 -8.82 -12.11
CA ALA Z 25 -23.56 -10.15 -11.56
C ALA Z 25 -24.85 -10.08 -10.73
N ALA Z 26 -24.90 -9.08 -9.86
CA ALA Z 26 -26.08 -8.81 -9.05
C ALA Z 26 -27.26 -8.44 -9.97
N GLY Z 27 -26.99 -7.67 -11.03
CA GLY Z 27 -28.09 -7.33 -11.95
C GLY Z 27 -28.64 -8.59 -12.60
N GLN Z 28 -27.76 -9.48 -13.02
CA GLN Z 28 -28.20 -10.71 -13.64
C GLN Z 28 -29.17 -11.52 -12.74
N ALA Z 29 -28.82 -11.60 -11.46
CA ALA Z 29 -29.64 -12.29 -10.46
C ALA Z 29 -30.98 -11.59 -10.34
N LYS Z 30 -30.90 -10.27 -10.29
CA LYS Z 30 -32.07 -9.49 -9.97
C LYS Z 30 -33.01 -9.50 -11.19
N ALA Z 31 -32.45 -9.79 -12.36
CA ALA Z 31 -33.20 -9.68 -13.61
C ALA Z 31 -34.12 -10.86 -13.85
N ALA Z 32 -34.09 -11.85 -12.97
CA ALA Z 32 -34.98 -13.01 -13.11
C ALA Z 32 -36.44 -12.57 -13.14
N VAL Z 33 -36.83 -11.66 -12.26
CA VAL Z 33 -38.23 -11.16 -12.29
C VAL Z 33 -38.55 -10.48 -13.65
N CYS Z 34 -37.56 -9.76 -14.20
CA CYS Z 34 -37.78 -8.98 -15.43
C CYS Z 34 -38.13 -9.79 -16.70
N ALA Z 35 -37.60 -10.99 -16.79
CA ALA Z 35 -37.70 -11.84 -17.96
C ALA Z 35 -39.14 -12.18 -18.28
N ALA Z 36 -39.98 -12.15 -17.25
CA ALA Z 36 -41.41 -12.48 -17.45
C ALA Z 36 -42.04 -11.56 -18.53
N CYS Z 37 -41.59 -10.31 -18.58
CA CYS Z 37 -42.14 -9.33 -19.53
C CYS Z 37 -41.14 -8.82 -20.57
N HIS Z 38 -39.85 -8.79 -20.23
CA HIS Z 38 -38.84 -8.36 -21.19
C HIS Z 38 -38.09 -9.52 -21.88
N GLY Z 39 -38.42 -10.76 -21.52
CA GLY Z 39 -37.88 -11.92 -22.23
C GLY Z 39 -36.66 -12.43 -21.52
N ALA Z 40 -36.34 -13.71 -21.73
CA ALA Z 40 -35.17 -14.25 -21.08
C ALA Z 40 -34.05 -13.42 -21.69
N ASP Z 41 -34.13 -13.29 -23.00
CA ASP Z 41 -33.24 -12.53 -23.83
C ASP Z 41 -32.81 -11.10 -23.42
N GLY Z 42 -33.63 -10.47 -22.57
CA GLY Z 42 -33.92 -9.00 -22.67
C GLY Z 42 -34.53 -8.72 -24.03
N ASN Z 43 -34.81 -9.79 -24.75
CA ASN Z 43 -35.58 -9.65 -25.97
C ASN Z 43 -37.01 -10.01 -25.72
N ALA Z 44 -37.90 -9.02 -25.85
CA ALA Z 44 -39.28 -9.19 -25.43
C ALA Z 44 -40.05 -9.97 -26.50
N THR Z 45 -41.08 -10.69 -26.07
CA THR Z 45 -41.90 -11.47 -27.01
C THR Z 45 -43.37 -11.07 -26.94
N ILE Z 46 -43.79 -10.55 -25.80
CA ILE Z 46 -45.17 -10.08 -25.69
C ILE Z 46 -45.32 -8.92 -26.66
N PRO Z 47 -46.37 -8.91 -27.48
CA PRO Z 47 -46.54 -7.81 -28.43
C PRO Z 47 -46.54 -6.42 -27.78
N GLY Z 48 -45.83 -5.46 -28.37
CA GLY Z 48 -45.78 -4.12 -27.78
C GLY Z 48 -44.87 -3.89 -26.59
N TYR Z 49 -44.21 -4.93 -26.07
CA TYR Z 49 -43.35 -4.74 -24.89
C TYR Z 49 -41.89 -4.51 -25.35
N PRO Z 50 -41.17 -3.68 -24.63
CA PRO Z 50 -39.84 -3.31 -25.19
C PRO Z 50 -38.71 -4.30 -24.93
N ASN Z 51 -37.76 -4.35 -25.86
CA ASN Z 51 -36.53 -5.11 -25.65
C ASN Z 51 -35.62 -4.31 -24.74
N LEU Z 52 -34.84 -4.99 -23.89
CA LEU Z 52 -33.83 -4.28 -23.06
C LEU Z 52 -32.40 -4.63 -23.46
N LYS Z 53 -32.26 -5.66 -24.27
CA LYS Z 53 -30.94 -6.25 -24.52
C LYS Z 53 -30.02 -5.21 -25.16
N GLY Z 54 -28.93 -4.89 -24.48
CA GLY Z 54 -27.89 -4.01 -25.04
C GLY Z 54 -28.28 -2.54 -25.05
N GLN Z 55 -29.33 -2.20 -24.29
CA GLN Z 55 -29.75 -0.78 -24.21
C GLN Z 55 -28.68 0.06 -23.53
N ASN Z 56 -28.65 1.33 -23.91
CA ASN Z 56 -27.71 2.29 -23.28
C ASN Z 56 -27.79 2.31 -21.76
N GLU Z 57 -26.66 2.10 -21.08
CA GLU Z 57 -26.66 1.94 -19.63
C GLU Z 57 -27.33 3.07 -18.89
N GLN Z 58 -26.93 4.30 -19.18
CA GLN Z 58 -27.47 5.45 -18.48
C GLN Z 58 -28.97 5.66 -18.82
N TYR Z 59 -29.40 5.24 -20.00
CA TYR Z 59 -30.80 5.40 -20.36
C TYR Z 59 -31.59 4.34 -19.54
N ILE Z 60 -31.03 3.15 -19.37
CA ILE Z 60 -31.74 2.19 -18.48
C ILE Z 60 -31.92 2.76 -17.10
N VAL Z 61 -30.86 3.37 -16.55
CA VAL Z 61 -30.98 3.97 -15.26
C VAL Z 61 -32.04 5.09 -15.28
N SER Z 62 -31.95 6.02 -16.23
CA SER Z 62 -32.88 7.15 -16.20
C SER Z 62 -34.32 6.70 -16.44
N SER Z 63 -34.51 5.76 -17.35
CA SER Z 63 -35.88 5.32 -17.68
C SER Z 63 -36.53 4.60 -16.45
N ILE Z 64 -35.82 3.68 -15.82
CA ILE Z 64 -36.38 3.05 -14.62
C ILE Z 64 -36.66 4.05 -13.49
N LYS Z 65 -35.78 5.01 -13.25
CA LYS Z 65 -36.09 6.02 -12.22
C LYS Z 65 -37.31 6.87 -12.61
N ALA Z 66 -37.46 7.10 -13.91
CA ALA Z 66 -38.65 7.80 -14.39
C ALA Z 66 -39.95 7.08 -14.02
N TYR Z 67 -39.98 5.76 -14.13
CA TYR Z 67 -41.16 4.97 -13.68
C TYR Z 67 -41.27 5.07 -12.15
N LYS Z 68 -40.17 4.82 -11.46
CA LYS Z 68 -40.18 4.88 -9.99
C LYS Z 68 -40.78 6.20 -9.49
N ASN Z 69 -40.43 7.28 -10.17
CA ASN Z 69 -40.87 8.62 -9.79
C ASN Z 69 -42.17 9.09 -10.47
N LYS Z 70 -42.83 8.19 -11.20
CA LYS Z 70 -44.13 8.50 -11.81
C LYS Z 70 -43.97 9.64 -12.82
N GLU Z 71 -42.81 9.68 -13.47
CA GLU Z 71 -42.55 10.67 -14.54
C GLU Z 71 -42.93 10.12 -15.93
N ARG Z 72 -43.26 8.83 -16.01
CA ARG Z 72 -43.83 8.27 -17.25
C ARG Z 72 -45.21 7.80 -16.92
N SER Z 73 -46.22 8.26 -17.64
CA SER Z 73 -47.60 7.95 -17.22
C SER Z 73 -48.46 7.51 -18.36
N GLY Z 74 -49.58 6.86 -18.03
CA GLY Z 74 -50.50 6.39 -19.04
C GLY Z 74 -50.00 5.25 -19.92
N GLY Z 75 -50.87 4.82 -20.84
CA GLY Z 75 -50.53 3.66 -21.65
C GLY Z 75 -50.11 2.57 -20.71
N LEU Z 76 -49.06 1.84 -21.06
CA LEU Z 76 -48.53 0.72 -20.28
C LEU Z 76 -47.65 1.14 -19.11
N ALA Z 77 -47.37 2.45 -18.98
CA ALA Z 77 -46.41 2.89 -17.96
C ALA Z 77 -46.74 2.43 -16.53
N ALA Z 78 -48.03 2.28 -16.18
CA ALA Z 78 -48.38 1.84 -14.83
C ALA Z 78 -47.82 0.48 -14.54
N VAL Z 79 -47.67 -0.35 -15.57
CA VAL Z 79 -47.18 -1.72 -15.33
C VAL Z 79 -45.76 -1.57 -14.83
N MET Z 80 -44.98 -0.77 -15.55
CA MET Z 80 -43.59 -0.62 -15.16
C MET Z 80 -43.42 0.22 -13.90
N GLN Z 81 -44.31 1.19 -13.68
CA GLN Z 81 -44.32 1.94 -12.41
C GLN Z 81 -44.35 0.97 -11.22
N ALA Z 82 -45.22 -0.03 -11.31
CA ALA Z 82 -45.30 -1.04 -10.25
C ALA Z 82 -43.94 -1.72 -9.99
N GLN Z 83 -43.32 -2.22 -11.06
CA GLN Z 83 -42.06 -2.96 -10.91
C GLN Z 83 -40.92 -2.07 -10.41
N ALA Z 84 -40.91 -0.80 -10.84
CA ALA Z 84 -39.80 0.08 -10.51
C ALA Z 84 -39.87 0.53 -9.06
N SER Z 85 -41.06 0.60 -8.49
CA SER Z 85 -41.15 1.13 -7.13
C SER Z 85 -40.53 0.09 -6.16
N LEU Z 86 -40.36 -1.14 -6.64
CA LEU Z 86 -39.72 -2.22 -5.88
C LEU Z 86 -38.19 -2.17 -5.90
N LEU Z 87 -37.60 -1.27 -6.69
CA LEU Z 87 -36.15 -1.31 -6.88
C LEU Z 87 -35.41 -0.20 -6.15
N SER Z 88 -34.30 -0.56 -5.51
CA SER Z 88 -33.42 0.43 -4.87
C SER Z 88 -32.59 1.12 -5.96
N ASP Z 89 -31.97 2.26 -5.66
CA ASP Z 89 -31.10 2.84 -6.70
C ASP Z 89 -29.96 1.89 -7.04
N ASP Z 90 -29.49 1.13 -6.04
CA ASP Z 90 -28.45 0.15 -6.33
C ASP Z 90 -28.97 -0.93 -7.26
N ASP Z 91 -30.18 -1.44 -7.03
CA ASP Z 91 -30.67 -2.47 -7.95
C ASP Z 91 -30.67 -1.91 -9.37
N ILE Z 92 -31.19 -0.69 -9.52
CA ILE Z 92 -31.27 -0.06 -10.85
C ILE Z 92 -29.89 0.02 -11.54
N ALA Z 93 -28.91 0.57 -10.81
CA ALA Z 93 -27.53 0.54 -11.33
C ALA Z 93 -27.09 -0.86 -11.76
N ASN Z 94 -27.38 -1.87 -10.92
CA ASN Z 94 -26.91 -3.20 -11.27
C ASN Z 94 -27.65 -3.80 -12.48
N LEU Z 95 -28.97 -3.64 -12.49
CA LEU Z 95 -29.78 -4.07 -13.63
C LEU Z 95 -29.31 -3.35 -14.91
N ALA Z 96 -29.03 -2.07 -14.82
CA ALA Z 96 -28.58 -1.39 -16.05
C ALA Z 96 -27.22 -1.95 -16.55
N ALA Z 97 -26.32 -2.24 -15.59
CA ALA Z 97 -25.03 -2.81 -15.89
C ALA Z 97 -25.18 -4.16 -16.57
N TYR Z 98 -26.09 -4.98 -16.06
CA TYR Z 98 -26.34 -6.26 -16.65
C TYR Z 98 -26.93 -6.15 -18.07
N TYR Z 99 -28.04 -5.46 -18.20
CA TYR Z 99 -28.67 -5.42 -19.50
C TYR Z 99 -27.82 -4.74 -20.58
N SER Z 100 -27.12 -3.66 -20.24
CA SER Z 100 -26.35 -2.94 -21.29
C SER Z 100 -25.17 -3.82 -21.73
N SER Z 101 -24.74 -4.72 -20.84
CA SER Z 101 -23.66 -5.72 -21.06
C SER Z 101 -23.98 -6.72 -22.13
N LEU Z 102 -25.26 -6.96 -22.40
CA LEU Z 102 -25.61 -8.09 -23.28
C LEU Z 102 -25.30 -7.80 -24.76
N GLY AA 22 3.48 30.81 -7.07
CA GLY AA 22 3.35 31.34 -5.69
C GLY AA 22 2.26 30.62 -4.93
N ASP AA 23 2.07 31.05 -3.69
CA ASP AA 23 1.24 30.34 -2.76
C ASP AA 23 -0.02 31.16 -2.54
N ALA AA 24 -1.15 30.73 -3.11
CA ALA AA 24 -2.36 31.55 -3.04
C ALA AA 24 -2.86 31.71 -1.60
N ALA AA 25 -2.61 30.71 -0.76
CA ALA AA 25 -3.04 30.82 0.63
C ALA AA 25 -2.25 31.93 1.35
N ALA AA 26 -0.94 31.92 1.15
CA ALA AA 26 -0.05 32.95 1.63
C ALA AA 26 -0.42 34.31 1.05
N GLY AA 27 -0.89 34.30 -0.17
CA GLY AA 27 -1.43 35.51 -0.85
C GLY AA 27 -2.69 35.97 -0.13
N GLN AA 28 -3.66 35.08 0.09
CA GLN AA 28 -4.84 35.47 0.87
C GLN AA 28 -4.51 36.03 2.27
N ALA AA 29 -3.58 35.39 2.96
CA ALA AA 29 -3.16 35.79 4.33
C ALA AA 29 -2.61 37.22 4.31
N LYS AA 30 -1.94 37.56 3.23
CA LYS AA 30 -1.28 38.86 3.08
C LYS AA 30 -2.25 39.92 2.57
N ALA AA 31 -3.42 39.51 2.08
CA ALA AA 31 -4.31 40.43 1.36
C ALA AA 31 -5.24 41.29 2.17
N ALA AA 32 -5.21 41.19 3.50
CA ALA AA 32 -6.21 41.90 4.30
C ALA AA 32 -6.26 43.40 3.99
N VAL AA 33 -5.10 44.05 3.93
CA VAL AA 33 -5.11 45.48 3.75
C VAL AA 33 -5.57 45.82 2.36
N CYS AA 34 -5.30 44.93 1.41
CA CYS AA 34 -5.62 45.28 0.02
C CYS AA 34 -7.13 45.40 -0.14
N ALA AA 35 -7.85 44.75 0.76
CA ALA AA 35 -9.31 44.84 0.74
C ALA AA 35 -9.82 46.27 1.05
N ALA AA 36 -9.04 47.07 1.72
CA ALA AA 36 -9.44 48.44 1.93
C ALA AA 36 -9.80 49.07 0.58
N CYS AA 37 -8.93 48.97 -0.42
CA CYS AA 37 -9.19 49.55 -1.74
C CYS AA 37 -9.69 48.56 -2.82
N HIS AA 38 -9.36 47.27 -2.72
CA HIS AA 38 -9.68 46.33 -3.79
C HIS AA 38 -10.84 45.39 -3.50
N GLY AA 39 -11.49 45.58 -2.33
CA GLY AA 39 -12.65 44.81 -1.96
C GLY AA 39 -12.31 43.47 -1.34
N ALA AA 40 -13.25 42.95 -0.55
CA ALA AA 40 -13.01 41.72 0.18
C ALA AA 40 -12.77 40.50 -0.73
N ASP AA 41 -13.32 40.50 -1.94
CA ASP AA 41 -13.04 39.42 -2.88
C ASP AA 41 -12.43 39.90 -4.18
N GLY AA 42 -11.74 41.04 -4.11
CA GLY AA 42 -11.00 41.54 -5.26
C GLY AA 42 -11.85 42.29 -6.27
N ASN AA 43 -13.06 42.69 -5.85
CA ASN AA 43 -13.86 43.63 -6.62
C ASN AA 43 -13.95 44.96 -5.92
N ALA AA 44 -13.52 46.00 -6.61
CA ALA AA 44 -13.44 47.30 -5.97
C ALA AA 44 -14.82 47.95 -5.85
N THR AA 45 -14.97 48.80 -4.85
CA THR AA 45 -16.19 49.56 -4.72
C THR AA 45 -16.06 50.98 -5.32
N ILE AA 46 -15.09 51.74 -4.83
CA ILE AA 46 -14.90 53.12 -5.26
C ILE AA 46 -14.67 53.27 -6.77
N PRO AA 47 -15.36 54.23 -7.39
CA PRO AA 47 -15.06 54.47 -8.79
C PRO AA 47 -13.59 54.82 -8.90
N GLY AA 48 -12.96 54.39 -9.99
CA GLY AA 48 -11.55 54.67 -10.27
C GLY AA 48 -10.59 53.60 -9.79
N TYR AA 49 -11.04 52.83 -8.81
CA TYR AA 49 -10.26 51.72 -8.21
C TYR AA 49 -10.42 50.40 -8.98
N PRO AA 50 -9.31 49.66 -9.27
CA PRO AA 50 -9.46 48.51 -10.19
C PRO AA 50 -9.85 47.22 -9.48
N ASN AA 51 -10.65 46.37 -10.14
CA ASN AA 51 -10.95 45.03 -9.60
C ASN AA 51 -9.70 44.21 -9.85
N LEU AA 52 -9.28 43.38 -8.89
CA LEU AA 52 -8.17 42.46 -9.14
C LEU AA 52 -8.72 41.05 -9.35
N LYS AA 53 -9.97 40.83 -8.94
CA LYS AA 53 -10.56 39.49 -8.91
C LYS AA 53 -10.41 38.80 -10.25
N GLY AA 54 -9.74 37.65 -10.18
CA GLY AA 54 -9.52 36.78 -11.31
C GLY AA 54 -8.62 37.38 -12.37
N GLN AA 55 -8.00 38.52 -12.07
CA GLN AA 55 -7.03 39.13 -13.02
C GLN AA 55 -5.90 38.18 -13.40
N ASN AA 56 -5.25 38.44 -14.54
CA ASN AA 56 -4.26 37.50 -15.05
C ASN AA 56 -3.04 37.53 -14.12
N GLU AA 57 -2.61 36.35 -13.64
CA GLU AA 57 -1.52 36.20 -12.65
C GLU AA 57 -0.21 36.93 -12.97
N GLN AA 58 0.34 36.72 -14.16
CA GLN AA 58 1.52 37.44 -14.63
C GLN AA 58 1.33 38.96 -14.69
N TYR AA 59 0.13 39.38 -15.02
CA TYR AA 59 -0.12 40.80 -15.09
C TYR AA 59 -0.19 41.38 -13.67
N ILE AA 60 -0.79 40.64 -12.73
CA ILE AA 60 -0.72 41.17 -11.35
C ILE AA 60 0.75 41.36 -10.95
N VAL AA 61 1.57 40.33 -11.15
CA VAL AA 61 2.96 40.47 -10.73
C VAL AA 61 3.63 41.68 -11.37
N SER AA 62 3.52 41.82 -12.70
CA SER AA 62 4.21 42.91 -13.37
C SER AA 62 3.65 44.28 -12.95
N SER AA 63 2.33 44.41 -12.83
CA SER AA 63 1.81 45.77 -12.47
C SER AA 63 2.23 46.25 -11.06
N ILE AA 64 2.24 45.36 -10.09
CA ILE AA 64 2.63 45.74 -8.73
C ILE AA 64 4.08 46.18 -8.76
N LYS AA 65 4.93 45.35 -9.34
CA LYS AA 65 6.33 45.75 -9.48
C LYS AA 65 6.38 47.08 -10.21
N ALA AA 66 5.69 47.16 -11.34
CA ALA AA 66 5.58 48.45 -12.03
C ALA AA 66 5.43 49.60 -11.04
N TYR AA 67 4.51 49.52 -10.07
CA TYR AA 67 4.30 50.60 -9.06
C TYR AA 67 5.50 50.68 -8.13
N LYS AA 68 6.07 49.51 -7.83
CA LYS AA 68 7.17 49.45 -6.86
C LYS AA 68 8.35 50.20 -7.46
N ASN AA 69 8.57 50.02 -8.76
CA ASN AA 69 9.66 50.68 -9.47
C ASN AA 69 9.24 52.03 -10.07
N LYS AA 70 8.22 52.65 -9.48
CA LYS AA 70 7.76 53.96 -9.90
C LYS AA 70 7.59 54.13 -11.41
N GLU AA 71 7.18 53.08 -12.08
CA GLU AA 71 6.87 53.20 -13.50
C GLU AA 71 5.44 53.67 -13.79
N ARG AA 72 4.64 53.87 -12.74
CA ARG AA 72 3.30 54.44 -12.90
C ARG AA 72 3.09 55.69 -12.06
N SER AA 73 2.79 56.80 -12.72
CA SER AA 73 2.73 58.08 -11.97
C SER AA 73 1.35 58.71 -11.84
N GLY AA 74 1.19 59.55 -10.81
CA GLY AA 74 0.01 60.41 -10.66
C GLY AA 74 -1.40 59.90 -10.40
N GLY AA 75 -2.33 60.84 -10.26
CA GLY AA 75 -3.65 60.49 -9.78
C GLY AA 75 -3.40 59.64 -8.54
N LEU AA 76 -4.11 58.53 -8.42
CA LEU AA 76 -3.93 57.65 -7.28
C LEU AA 76 -2.77 56.64 -7.38
N ALA AA 77 -1.86 56.76 -8.33
CA ALA AA 77 -0.84 55.76 -8.46
C ALA AA 77 0.12 55.80 -7.27
N ALA AA 78 0.37 56.97 -6.74
CA ALA AA 78 1.31 57.09 -5.65
C ALA AA 78 0.84 56.30 -4.41
N VAL AA 79 -0.46 56.36 -4.11
CA VAL AA 79 -1.08 55.55 -3.09
C VAL AA 79 -0.73 54.04 -3.17
N MET AA 80 -0.80 53.52 -4.39
CA MET AA 80 -0.35 52.16 -4.65
C MET AA 80 1.17 52.06 -4.57
N GLN AA 81 1.88 53.05 -5.08
CA GLN AA 81 3.35 53.06 -4.91
C GLN AA 81 3.70 52.82 -3.43
N ALA AA 82 3.03 53.55 -2.54
CA ALA AA 82 3.20 53.44 -1.10
C ALA AA 82 2.90 52.04 -0.56
N GLN AA 83 1.74 51.51 -0.93
CA GLN AA 83 1.47 50.15 -0.50
C GLN AA 83 2.46 49.13 -1.10
N ALA AA 84 2.90 49.34 -2.33
CA ALA AA 84 3.79 48.38 -3.01
C ALA AA 84 5.18 48.42 -2.35
N SER AA 85 5.49 49.55 -1.75
CA SER AA 85 6.76 49.74 -0.98
C SER AA 85 6.81 48.88 0.30
N LEU AA 86 5.68 48.39 0.74
CA LEU AA 86 5.67 47.51 1.89
C LEU AA 86 5.72 46.01 1.49
N LEU AA 87 5.86 45.73 0.20
CA LEU AA 87 5.78 44.34 -0.30
C LEU AA 87 7.10 43.75 -0.78
N SER AA 88 7.34 42.47 -0.48
CA SER AA 88 8.53 41.76 -0.96
C SER AA 88 8.19 41.06 -2.26
N ASP AA 89 9.21 40.54 -2.95
CA ASP AA 89 8.96 39.86 -4.23
C ASP AA 89 8.23 38.59 -3.94
N ASP AA 90 8.49 38.05 -2.76
CA ASP AA 90 7.74 36.90 -2.31
C ASP AA 90 6.26 37.25 -2.14
N ASP AA 91 6.02 38.35 -1.41
CA ASP AA 91 4.66 38.87 -1.19
C ASP AA 91 3.89 39.05 -2.51
N ILE AA 92 4.58 39.55 -3.54
CA ILE AA 92 3.98 39.78 -4.86
C ILE AA 92 3.53 38.52 -5.59
N ALA AA 93 4.41 37.50 -5.68
CA ALA AA 93 3.98 36.20 -6.24
C ALA AA 93 2.76 35.59 -5.56
N ASN AA 94 2.74 35.69 -4.24
CA ASN AA 94 1.69 35.12 -3.45
C ASN AA 94 0.38 35.86 -3.69
N LEU AA 95 0.45 37.19 -3.60
CA LEU AA 95 -0.74 38.01 -3.84
C LEU AA 95 -1.30 37.78 -5.26
N ALA AA 96 -0.44 37.52 -6.22
CA ALA AA 96 -0.90 37.14 -7.59
C ALA AA 96 -1.62 35.79 -7.75
N ALA AA 97 -1.07 34.74 -7.11
CA ALA AA 97 -1.68 33.44 -7.06
C ALA AA 97 -3.04 33.59 -6.47
N TYR AA 98 -3.11 34.36 -5.38
CA TYR AA 98 -4.38 34.60 -4.77
C TYR AA 98 -5.44 35.24 -5.69
N TYR AA 99 -5.22 36.48 -6.07
CA TYR AA 99 -6.19 37.24 -6.82
C TYR AA 99 -6.62 36.56 -8.14
N SER AA 100 -5.63 36.05 -8.84
CA SER AA 100 -5.87 35.33 -10.08
C SER AA 100 -6.76 34.06 -9.96
N SER AA 101 -6.78 33.39 -8.81
CA SER AA 101 -7.60 32.20 -8.66
C SER AA 101 -9.03 32.51 -8.19
N LEU AA 102 -9.36 33.78 -7.98
CA LEU AA 102 -10.72 34.05 -7.50
C LEU AA 102 -11.73 33.89 -8.64
N GLY BA 22 -21.19 56.73 -20.57
CA GLY BA 22 -20.76 56.45 -21.98
C GLY BA 22 -21.73 55.51 -22.64
N ASP BA 23 -21.55 55.28 -23.94
CA ASP BA 23 -22.47 54.46 -24.75
C ASP BA 23 -21.93 53.04 -24.91
N ALA BA 24 -22.45 52.08 -24.14
CA ALA BA 24 -21.98 50.69 -24.22
C ALA BA 24 -21.98 50.12 -25.64
N ALA BA 25 -23.03 50.42 -26.41
CA ALA BA 25 -23.17 49.83 -27.74
C ALA BA 25 -22.13 50.43 -28.66
N ALA BA 26 -21.95 51.74 -28.59
CA ALA BA 26 -20.88 52.38 -29.36
C ALA BA 26 -19.56 51.71 -28.98
N GLY BA 27 -19.36 51.52 -27.68
CA GLY BA 27 -18.10 50.99 -27.18
C GLY BA 27 -17.82 49.61 -27.72
N GLN BA 28 -18.86 48.80 -27.84
CA GLN BA 28 -18.66 47.46 -28.39
C GLN BA 28 -18.10 47.57 -29.82
N ALA BA 29 -18.62 48.51 -30.60
CA ALA BA 29 -18.19 48.67 -31.99
C ALA BA 29 -16.74 49.09 -32.03
N LYS BA 30 -16.42 50.08 -31.20
CA LYS BA 30 -15.05 50.60 -31.13
C LYS BA 30 -14.09 49.51 -30.65
N ALA BA 31 -14.60 48.61 -29.82
CA ALA BA 31 -13.74 47.59 -29.17
C ALA BA 31 -13.16 46.58 -30.18
N ALA BA 32 -13.56 46.72 -31.46
CA ALA BA 32 -13.14 45.79 -32.51
C ALA BA 32 -11.63 45.62 -32.49
N VAL BA 33 -10.93 46.74 -32.51
CA VAL BA 33 -9.48 46.70 -32.56
C VAL BA 33 -8.83 46.31 -31.21
N CYS BA 34 -9.62 46.23 -30.15
CA CYS BA 34 -9.03 45.88 -28.84
C CYS BA 34 -8.97 44.37 -28.70
N ALA BA 35 -9.84 43.68 -29.43
CA ALA BA 35 -9.99 42.24 -29.29
C ALA BA 35 -8.65 41.52 -29.52
N ALA BA 36 -7.80 42.11 -30.37
CA ALA BA 36 -6.51 41.52 -30.69
C ALA BA 36 -5.75 41.07 -29.45
N CYS BA 37 -5.78 41.91 -28.42
CA CYS BA 37 -4.94 41.69 -27.24
C CYS BA 37 -5.68 41.39 -25.95
N HIS BA 38 -6.92 41.86 -25.83
CA HIS BA 38 -7.65 41.78 -24.54
C HIS BA 38 -8.73 40.73 -24.66
N GLY BA 39 -8.55 40.03 -25.76
CA GLY BA 39 -9.48 39.89 -26.83
C GLY BA 39 -10.98 39.84 -26.74
N ALA BA 40 -11.51 38.75 -27.29
CA ALA BA 40 -12.93 38.64 -27.66
C ALA BA 40 -13.93 39.16 -26.64
N ASP BA 41 -13.72 38.85 -25.37
CA ASP BA 41 -14.71 39.12 -24.35
C ASP BA 41 -14.31 40.16 -23.30
N GLY BA 42 -13.12 40.74 -23.44
CA GLY BA 42 -12.52 41.52 -22.38
C GLY BA 42 -11.57 40.66 -21.54
N ASN BA 43 -11.55 39.37 -21.86
CA ASN BA 43 -10.56 38.45 -21.29
C ASN BA 43 -9.46 38.12 -22.28
N ALA BA 44 -8.25 38.55 -21.94
CA ALA BA 44 -7.09 38.30 -22.77
C ALA BA 44 -6.69 36.82 -22.75
N THR BA 45 -5.80 36.44 -23.67
CA THR BA 45 -5.31 35.07 -23.79
C THR BA 45 -3.79 35.09 -23.70
N ILE BA 46 -3.19 35.98 -24.48
CA ILE BA 46 -1.78 36.27 -24.40
C ILE BA 46 -1.43 36.34 -22.93
N PRO BA 47 -0.36 35.63 -22.51
CA PRO BA 47 -0.04 35.67 -21.09
C PRO BA 47 0.69 36.98 -20.76
N GLY BA 48 0.48 37.50 -19.55
CA GLY BA 48 1.01 38.80 -19.17
C GLY BA 48 0.14 39.94 -19.66
N TYR BA 49 -1.02 39.61 -20.21
CA TYR BA 49 -1.91 40.64 -20.73
C TYR BA 49 -3.14 40.80 -19.83
N PRO BA 50 -3.57 42.06 -19.62
CA PRO BA 50 -4.68 42.29 -18.68
C PRO BA 50 -6.10 42.02 -19.19
N ASN BA 51 -6.87 41.25 -18.43
CA ASN BA 51 -8.32 41.16 -18.61
C ASN BA 51 -9.01 42.51 -18.39
N LEU BA 52 -9.94 42.84 -19.27
CA LEU BA 52 -10.68 44.08 -19.10
C LEU BA 52 -12.13 43.82 -18.74
N LYS BA 53 -12.56 42.57 -18.93
CA LYS BA 53 -13.95 42.19 -18.69
C LYS BA 53 -14.47 42.54 -17.31
N GLY BA 54 -15.49 43.39 -17.24
CA GLY BA 54 -16.14 43.72 -15.97
C GLY BA 54 -15.37 44.70 -15.11
N GLN BA 55 -14.33 45.29 -15.69
CA GLN BA 55 -13.48 46.21 -14.94
C GLN BA 55 -14.22 47.50 -14.57
N ASN BA 56 -13.78 48.13 -13.50
CA ASN BA 56 -14.43 49.29 -12.99
C ASN BA 56 -14.43 50.41 -14.06
N GLU BA 57 -15.58 51.02 -14.28
CA GLU BA 57 -15.74 51.94 -15.40
C GLU BA 57 -14.74 53.09 -15.39
N GLN BA 58 -14.68 53.80 -14.28
CA GLN BA 58 -13.87 55.00 -14.22
C GLN BA 58 -12.39 54.63 -14.15
N TYR BA 59 -12.08 53.40 -13.71
CA TYR BA 59 -10.71 52.93 -13.81
C TYR BA 59 -10.30 52.73 -15.27
N ILE BA 60 -11.21 52.19 -16.07
CA ILE BA 60 -10.86 51.98 -17.47
C ILE BA 60 -10.59 53.36 -18.07
N VAL BA 61 -11.42 54.33 -17.71
CA VAL BA 61 -11.21 55.67 -18.23
C VAL BA 61 -9.82 56.21 -17.84
N SER BA 62 -9.53 56.23 -16.53
CA SER BA 62 -8.25 56.80 -16.05
C SER BA 62 -7.04 56.07 -16.56
N SER BA 63 -7.08 54.75 -16.56
CA SER BA 63 -5.89 54.04 -16.99
C SER BA 63 -5.63 54.26 -18.49
N ILE BA 64 -6.68 54.24 -19.31
CA ILE BA 64 -6.45 54.57 -20.74
C ILE BA 64 -5.82 55.96 -20.93
N LYS BA 65 -6.36 56.98 -20.26
CA LYS BA 65 -5.72 58.30 -20.36
C LYS BA 65 -4.30 58.34 -19.79
N ALA BA 66 -3.94 57.38 -18.94
CA ALA BA 66 -2.65 57.46 -18.29
C ALA BA 66 -1.62 57.07 -19.33
N TYR BA 67 -1.99 56.08 -20.14
CA TYR BA 67 -1.21 55.64 -21.28
C TYR BA 67 -1.15 56.74 -22.34
N LYS BA 68 -2.27 57.39 -22.58
CA LYS BA 68 -2.32 58.48 -23.55
C LYS BA 68 -1.40 59.61 -23.09
N ASN BA 69 -1.39 59.88 -21.79
CA ASN BA 69 -0.51 60.91 -21.26
C ASN BA 69 0.88 60.42 -20.82
N LYS BA 70 1.26 59.25 -21.31
CA LYS BA 70 2.60 58.71 -21.05
C LYS BA 70 2.93 58.61 -19.56
N GLU BA 71 1.93 58.25 -18.74
CA GLU BA 71 2.19 58.16 -17.30
C GLU BA 71 2.55 56.76 -16.85
N ARG BA 72 2.28 55.78 -17.68
CA ARG BA 72 2.73 54.43 -17.41
C ARG BA 72 3.93 54.10 -18.31
N SER BA 73 5.01 53.59 -17.70
CA SER BA 73 6.24 53.28 -18.44
C SER BA 73 6.68 51.85 -18.34
N GLY BA 74 7.93 51.70 -18.77
CA GLY BA 74 8.18 51.50 -20.16
C GLY BA 74 7.19 50.49 -20.63
N GLY BA 75 6.97 49.56 -19.71
CA GLY BA 75 5.90 48.57 -19.86
C GLY BA 75 6.41 47.41 -20.67
N LEU BA 76 5.48 46.47 -20.85
CA LEU BA 76 4.75 46.44 -22.12
C LEU BA 76 3.90 47.77 -22.26
N ALA BA 77 4.18 48.82 -21.48
CA ALA BA 77 3.34 49.99 -21.50
C ALA BA 77 3.39 50.79 -22.82
N ALA BA 78 4.58 50.98 -23.38
CA ALA BA 78 4.71 51.63 -24.69
C ALA BA 78 3.63 51.18 -25.69
N VAL BA 79 3.36 49.86 -25.68
CA VAL BA 79 2.43 49.24 -26.61
C VAL BA 79 1.05 49.85 -26.53
N MET BA 80 0.49 49.77 -25.34
CA MET BA 80 -0.83 50.31 -25.09
C MET BA 80 -0.87 51.83 -25.24
N GLN BA 81 0.24 52.50 -24.94
CA GLN BA 81 0.27 53.93 -25.14
C GLN BA 81 0.00 54.30 -26.61
N ALA BA 82 0.50 53.51 -27.53
CA ALA BA 82 0.30 53.81 -28.94
C ALA BA 82 -1.16 53.55 -29.30
N GLN BA 83 -1.72 52.51 -28.70
CA GLN BA 83 -3.11 52.19 -28.95
C GLN BA 83 -4.01 53.28 -28.40
N ALA BA 84 -3.56 53.93 -27.32
CA ALA BA 84 -4.36 54.97 -26.63
C ALA BA 84 -4.21 56.38 -27.21
N SER BA 85 -3.08 56.65 -27.85
CA SER BA 85 -2.91 57.90 -28.60
C SER BA 85 -4.05 57.98 -29.61
N LEU BA 86 -4.33 56.84 -30.20
CA LEU BA 86 -5.52 56.62 -30.97
C LEU BA 86 -6.69 56.50 -29.98
N LEU BA 87 -7.38 57.61 -29.71
CA LEU BA 87 -8.59 57.57 -28.87
C LEU BA 87 -9.05 58.93 -28.35
N SER BA 88 -10.25 59.34 -28.72
CA SER BA 88 -10.85 60.54 -28.13
C SER BA 88 -11.47 60.27 -26.75
N ASP BA 89 -11.73 61.33 -26.00
CA ASP BA 89 -12.39 61.21 -24.71
C ASP BA 89 -13.72 60.45 -24.84
N ASP BA 90 -14.47 60.75 -25.89
CA ASP BA 90 -15.74 60.09 -26.18
C ASP BA 90 -15.55 58.59 -26.38
N ASP BA 91 -14.56 58.24 -27.19
CA ASP BA 91 -14.21 56.86 -27.49
C ASP BA 91 -13.96 56.10 -26.20
N ILE BA 92 -13.14 56.72 -25.36
CA ILE BA 92 -12.72 56.14 -24.11
C ILE BA 92 -13.92 55.92 -23.20
N ALA BA 93 -14.82 56.91 -23.13
CA ALA BA 93 -15.97 56.74 -22.27
C ALA BA 93 -16.81 55.56 -22.77
N ASN BA 94 -16.88 55.40 -24.08
CA ASN BA 94 -17.69 54.34 -24.66
C ASN BA 94 -17.06 52.96 -24.40
N LEU BA 95 -15.77 52.85 -24.67
CA LEU BA 95 -15.03 51.61 -24.36
C LEU BA 95 -15.17 51.22 -22.91
N ALA BA 96 -15.10 52.20 -22.01
CA ALA BA 96 -15.26 51.89 -20.57
C ALA BA 96 -16.67 51.37 -20.29
N ALA BA 97 -17.68 52.07 -20.79
CA ALA BA 97 -19.06 51.66 -20.56
C ALA BA 97 -19.25 50.24 -21.08
N TYR BA 98 -18.67 49.96 -22.24
CA TYR BA 98 -18.67 48.61 -22.81
C TYR BA 98 -18.07 47.53 -21.91
N TYR BA 99 -16.77 47.59 -21.65
CA TYR BA 99 -16.15 46.52 -20.83
C TYR BA 99 -16.69 46.41 -19.41
N SER BA 100 -17.07 47.54 -18.82
CA SER BA 100 -17.59 47.52 -17.47
C SER BA 100 -18.98 46.85 -17.40
N SER BA 101 -19.68 46.80 -18.52
CA SER BA 101 -21.05 46.25 -18.51
C SER BA 101 -20.98 44.73 -18.58
N LEU BA 102 -19.83 44.22 -18.99
CA LEU BA 102 -19.66 42.79 -19.34
C LEU BA 102 -19.67 41.82 -18.16
N GLY CA 22 -5.44 -50.76 -13.83
CA GLY CA 22 -6.52 -49.87 -13.31
C GLY CA 22 -6.20 -48.42 -13.65
N ASP CA 23 -7.04 -47.50 -13.16
CA ASP CA 23 -6.94 -46.08 -13.50
C ASP CA 23 -6.64 -45.30 -12.21
N ALA CA 24 -5.40 -44.85 -12.07
CA ALA CA 24 -4.91 -44.23 -10.84
C ALA CA 24 -5.65 -42.94 -10.43
N ALA CA 25 -6.06 -42.11 -11.40
CA ALA CA 25 -6.81 -40.89 -11.05
C ALA CA 25 -8.21 -41.22 -10.53
N ALA CA 26 -8.83 -42.26 -11.09
CA ALA CA 26 -10.15 -42.67 -10.61
C ALA CA 26 -10.05 -43.28 -9.20
N GLY CA 27 -8.98 -44.03 -8.99
CA GLY CA 27 -8.71 -44.56 -7.69
C GLY CA 27 -8.47 -43.47 -6.68
N GLN CA 28 -7.71 -42.45 -7.06
CA GLN CA 28 -7.49 -41.36 -6.15
C GLN CA 28 -8.82 -40.74 -5.65
N ALA CA 29 -9.78 -40.59 -6.55
CA ALA CA 29 -11.11 -40.13 -6.16
C ALA CA 29 -11.78 -41.12 -5.21
N LYS CA 30 -11.62 -42.41 -5.46
CA LYS CA 30 -12.29 -43.44 -4.67
C LYS CA 30 -11.73 -43.52 -3.26
N ALA CA 31 -10.47 -43.11 -3.12
CA ALA CA 31 -9.69 -43.33 -1.91
C ALA CA 31 -10.13 -42.43 -0.79
N ALA CA 32 -11.02 -41.49 -1.10
CA ALA CA 32 -11.38 -40.53 -0.07
C ALA CA 32 -11.77 -41.31 1.17
N VAL CA 33 -12.58 -42.34 0.96
CA VAL CA 33 -13.07 -43.26 2.00
C VAL CA 33 -11.96 -43.97 2.80
N CYS CA 34 -10.84 -44.25 2.14
CA CYS CA 34 -9.74 -45.02 2.74
C CYS CA 34 -8.86 -44.20 3.67
N ALA CA 35 -8.80 -42.89 3.43
CA ALA CA 35 -7.74 -42.06 4.03
C ALA CA 35 -7.83 -41.91 5.51
N ALA CA 36 -9.01 -42.18 6.07
CA ALA CA 36 -9.25 -41.94 7.48
C ALA CA 36 -8.44 -42.94 8.30
N CYS CA 37 -8.24 -44.14 7.75
CA CYS CA 37 -7.43 -45.17 8.41
C CYS CA 37 -5.99 -45.25 7.84
N HIS CA 38 -5.91 -45.18 6.52
CA HIS CA 38 -4.62 -45.39 5.83
C HIS CA 38 -3.80 -44.13 5.55
N GLY CA 39 -4.36 -42.97 5.84
CA GLY CA 39 -3.58 -41.74 5.78
C GLY CA 39 -3.71 -41.04 4.45
N ALA CA 40 -3.31 -39.77 4.44
CA ALA CA 40 -3.56 -38.88 3.31
C ALA CA 40 -2.86 -39.33 2.04
N ASP CA 41 -1.69 -39.94 2.20
CA ASP CA 41 -0.94 -40.44 1.03
C ASP CA 41 -0.53 -41.89 1.21
N GLY CA 42 -1.40 -42.67 1.86
CA GLY CA 42 -1.19 -44.10 2.06
C GLY CA 42 -0.33 -44.47 3.27
N ASN CA 43 0.14 -43.46 3.98
CA ASN CA 43 0.90 -43.68 5.20
C ASN CA 43 0.00 -43.55 6.43
N ALA CA 44 -0.17 -44.66 7.13
CA ALA CA 44 -1.04 -44.71 8.28
C ALA CA 44 -0.34 -44.14 9.51
N THR CA 45 -1.11 -43.65 10.48
CA THR CA 45 -0.59 -43.18 11.76
C THR CA 45 -1.36 -43.77 12.95
N ILE CA 46 -2.50 -44.42 12.71
CA ILE CA 46 -3.15 -45.16 13.77
C ILE CA 46 -2.33 -46.39 14.09
N PRO CA 47 -1.97 -46.60 15.37
CA PRO CA 47 -1.09 -47.72 15.72
C PRO CA 47 -1.60 -49.11 15.27
N GLY CA 48 -0.72 -49.91 14.65
CA GLY CA 48 -1.13 -51.22 14.15
C GLY CA 48 -1.78 -51.20 12.77
N TYR CA 49 -1.99 -50.00 12.24
CA TYR CA 49 -2.58 -49.86 10.91
C TYR CA 49 -1.47 -49.85 9.88
N PRO CA 50 -1.72 -50.48 8.72
CA PRO CA 50 -0.70 -50.64 7.66
C PRO CA 50 -0.62 -49.47 6.70
N ASN CA 51 0.58 -49.18 6.22
CA ASN CA 51 0.78 -48.27 5.10
C ASN CA 51 0.36 -48.95 3.80
N LEU CA 52 -0.20 -48.19 2.86
CA LEU CA 52 -0.53 -48.69 1.52
C LEU CA 52 0.36 -48.06 0.46
N LYS CA 53 1.01 -46.97 0.85
CA LYS CA 53 1.72 -46.11 -0.11
C LYS CA 53 2.81 -46.87 -0.85
N GLY CA 54 2.72 -46.91 -2.17
CA GLY CA 54 3.79 -47.53 -2.97
C GLY CA 54 3.76 -49.06 -2.95
N GLN CA 55 2.70 -49.63 -2.39
CA GLN CA 55 2.55 -51.08 -2.30
C GLN CA 55 2.33 -51.71 -3.67
N ASN CA 56 2.85 -52.92 -3.79
CA ASN CA 56 2.77 -53.73 -5.00
C ASN CA 56 1.36 -53.76 -5.50
N GLU CA 57 1.15 -53.30 -6.73
CA GLU CA 57 -0.19 -53.21 -7.29
C GLU CA 57 -1.03 -54.50 -7.23
N GLN CA 58 -0.48 -55.60 -7.73
CA GLN CA 58 -1.26 -56.83 -7.70
C GLN CA 58 -1.52 -57.36 -6.26
N TYR CA 59 -0.62 -57.00 -5.35
CA TYR CA 59 -0.80 -57.40 -3.97
C TYR CA 59 -1.98 -56.64 -3.40
N ILE CA 60 -1.99 -55.32 -3.61
CA ILE CA 60 -3.14 -54.56 -3.16
C ILE CA 60 -4.44 -55.21 -3.65
N VAL CA 61 -4.48 -55.64 -4.92
CA VAL CA 61 -5.71 -56.25 -5.49
C VAL CA 61 -6.09 -57.56 -4.77
N SER CA 62 -5.15 -58.49 -4.73
CA SER CA 62 -5.33 -59.75 -3.98
C SER CA 62 -5.72 -59.54 -2.50
N SER CA 63 -5.06 -58.64 -1.79
CA SER CA 63 -5.38 -58.47 -0.38
C SER CA 63 -6.78 -57.89 -0.18
N ILE CA 64 -7.12 -56.85 -0.93
CA ILE CA 64 -8.47 -56.33 -0.75
C ILE CA 64 -9.51 -57.43 -0.97
N LYS CA 65 -9.29 -58.24 -2.00
CA LYS CA 65 -10.20 -59.33 -2.32
C LYS CA 65 -10.23 -60.40 -1.23
N ALA CA 66 -9.07 -60.71 -0.67
CA ALA CA 66 -8.99 -61.54 0.54
C ALA CA 66 -9.98 -61.07 1.59
N TYR CA 67 -9.93 -59.78 1.93
CA TYR CA 67 -10.86 -59.21 2.90
C TYR CA 67 -12.29 -59.34 2.37
N LYS CA 68 -12.50 -58.95 1.12
CA LYS CA 68 -13.81 -59.07 0.50
C LYS CA 68 -14.31 -60.50 0.63
N ASN CA 69 -13.42 -61.46 0.41
CA ASN CA 69 -13.80 -62.87 0.48
C ASN CA 69 -13.71 -63.40 1.91
N LYS CA 70 -13.62 -62.48 2.88
CA LYS CA 70 -13.40 -62.85 4.28
C LYS CA 70 -12.34 -63.96 4.47
N GLU CA 71 -11.17 -63.77 3.87
CA GLU CA 71 -10.09 -64.75 4.00
C GLU CA 71 -9.06 -64.34 5.06
N ARG CA 72 -9.18 -63.12 5.56
CA ARG CA 72 -8.31 -62.69 6.66
C ARG CA 72 -9.12 -62.61 7.94
N SER CA 73 -8.80 -63.47 8.90
CA SER CA 73 -9.70 -63.72 10.01
C SER CA 73 -9.37 -62.97 11.27
N GLY CA 74 -10.41 -62.85 12.08
CA GLY CA 74 -10.40 -62.24 13.41
C GLY CA 74 -10.01 -60.78 13.46
N GLY CA 75 -9.86 -60.35 14.72
CA GLY CA 75 -8.56 -59.98 15.30
C GLY CA 75 -7.62 -59.41 14.29
N LEU CA 76 -7.54 -58.10 14.47
CA LEU CA 76 -8.48 -57.35 13.69
C LEU CA 76 -8.40 -57.10 12.18
N ALA CA 77 -8.44 -58.18 11.42
CA ALA CA 77 -8.73 -58.05 10.01
C ALA CA 77 -10.18 -57.60 9.86
N ALA CA 78 -10.97 -57.76 10.93
CA ALA CA 78 -12.40 -57.38 10.91
C ALA CA 78 -12.62 -55.91 10.54
N VAL CA 79 -11.74 -55.05 11.03
CA VAL CA 79 -11.87 -53.62 10.76
C VAL CA 79 -11.86 -53.35 9.27
N MET CA 80 -11.06 -54.13 8.53
CA MET CA 80 -10.91 -53.91 7.06
C MET CA 80 -11.86 -54.74 6.26
N GLN CA 81 -12.22 -55.90 6.79
CA GLN CA 81 -13.18 -56.73 6.09
C GLN CA 81 -14.49 -55.98 5.85
N ALA CA 82 -14.84 -55.17 6.83
CA ALA CA 82 -16.07 -54.40 6.82
C ALA CA 82 -15.98 -53.33 5.73
N GLN CA 83 -14.78 -52.80 5.54
CA GLN CA 83 -14.57 -51.80 4.52
C GLN CA 83 -14.57 -52.38 3.10
N ALA CA 84 -14.14 -53.63 2.96
CA ALA CA 84 -13.97 -54.20 1.60
C ALA CA 84 -15.22 -54.82 0.97
N SER CA 85 -16.25 -55.05 1.77
CA SER CA 85 -17.41 -55.84 1.34
C SER CA 85 -18.00 -55.44 0.00
N LEU CA 86 -18.27 -54.14 -0.15
CA LEU CA 86 -19.07 -53.61 -1.26
C LEU CA 86 -18.25 -53.05 -2.43
N LEU CA 87 -16.93 -53.02 -2.27
CA LEU CA 87 -16.02 -52.59 -3.33
C LEU CA 87 -16.08 -53.49 -4.55
N SER CA 88 -16.27 -52.91 -5.73
CA SER CA 88 -16.32 -53.66 -6.97
C SER CA 88 -14.92 -54.01 -7.46
N ASP CA 89 -14.86 -54.90 -8.43
CA ASP CA 89 -13.58 -55.32 -9.03
C ASP CA 89 -12.91 -54.17 -9.76
N ASP CA 90 -13.73 -53.27 -10.30
CA ASP CA 90 -13.20 -52.12 -10.99
C ASP CA 90 -12.60 -51.16 -9.97
N ASP CA 91 -13.37 -50.89 -8.90
CA ASP CA 91 -12.91 -49.99 -7.86
C ASP CA 91 -11.58 -50.51 -7.33
N ILE CA 92 -11.52 -51.81 -7.08
CA ILE CA 92 -10.32 -52.44 -6.51
C ILE CA 92 -9.10 -52.15 -7.39
N ALA CA 93 -9.25 -52.38 -8.69
CA ALA CA 93 -8.14 -52.16 -9.59
C ALA CA 93 -7.72 -50.70 -9.60
N ASN CA 94 -8.72 -49.80 -9.60
CA ASN CA 94 -8.40 -48.35 -9.56
C ASN CA 94 -7.68 -47.96 -8.29
N LEU CA 95 -8.16 -48.47 -7.15
CA LEU CA 95 -7.48 -48.16 -5.88
C LEU CA 95 -6.06 -48.66 -5.81
N ALA CA 96 -5.87 -49.87 -6.30
CA ALA CA 96 -4.51 -50.47 -6.40
C ALA CA 96 -3.58 -49.65 -7.31
N ALA CA 97 -4.06 -49.26 -8.48
CA ALA CA 97 -3.32 -48.32 -9.33
C ALA CA 97 -2.92 -47.03 -8.61
N TYR CA 98 -3.86 -46.45 -7.86
CA TYR CA 98 -3.59 -45.24 -7.13
C TYR CA 98 -2.46 -45.40 -6.08
N TYR CA 99 -2.67 -46.26 -5.07
CA TYR CA 99 -1.70 -46.45 -4.02
C TYR CA 99 -0.36 -46.94 -4.56
N SER CA 100 -0.37 -47.85 -5.53
CA SER CA 100 0.88 -48.37 -6.11
C SER CA 100 1.71 -47.29 -6.79
N SER CA 101 1.07 -46.23 -7.27
CA SER CA 101 1.73 -45.21 -8.08
C SER CA 101 2.38 -44.19 -7.17
N LEU CA 102 1.96 -44.17 -5.90
CA LEU CA 102 2.53 -43.25 -4.93
C LEU CA 102 3.89 -43.77 -4.48
N GLY DA 22 11.81 -54.69 19.83
CA GLY DA 22 12.51 -55.63 18.89
C GLY DA 22 13.93 -55.21 18.67
N ASP DA 23 14.74 -56.15 18.17
CA ASP DA 23 16.15 -55.94 17.90
C ASP DA 23 16.28 -55.88 16.39
N ALA DA 24 16.47 -54.68 15.82
CA ALA DA 24 16.46 -54.56 14.35
C ALA DA 24 17.66 -55.30 13.72
N ALA DA 25 18.78 -55.33 14.45
CA ALA DA 25 19.96 -56.12 14.07
C ALA DA 25 19.66 -57.62 14.04
N ALA DA 26 19.08 -58.15 15.11
CA ALA DA 26 18.59 -59.53 15.10
C ALA DA 26 17.70 -59.76 13.91
N GLY DA 27 16.77 -58.84 13.67
CA GLY DA 27 15.87 -58.98 12.54
C GLY DA 27 16.62 -59.09 11.21
N GLN DA 28 17.58 -58.20 10.98
CA GLN DA 28 18.35 -58.25 9.72
C GLN DA 28 19.03 -59.64 9.55
N ALA DA 29 19.59 -60.13 10.64
CA ALA DA 29 20.37 -61.38 10.60
C ALA DA 29 19.44 -62.51 10.31
N LYS DA 30 18.19 -62.35 10.70
CA LYS DA 30 17.25 -63.44 10.50
C LYS DA 30 16.59 -63.30 9.12
N ALA DA 31 16.77 -62.16 8.47
CA ALA DA 31 15.94 -61.84 7.31
C ALA DA 31 16.46 -62.40 6.00
N ALA DA 32 17.59 -63.10 6.04
CA ALA DA 32 18.17 -63.52 4.78
C ALA DA 32 17.17 -64.29 3.91
N VAL DA 33 16.39 -65.18 4.48
CA VAL DA 33 15.52 -65.99 3.65
C VAL DA 33 14.29 -65.19 3.10
N CYS DA 34 13.86 -64.20 3.85
CA CYS DA 34 12.69 -63.41 3.45
C CYS DA 34 12.96 -62.66 2.14
N ALA DA 35 14.22 -62.36 1.86
CA ALA DA 35 14.54 -61.60 0.63
C ALA DA 35 14.27 -62.36 -0.67
N ALA DA 36 14.16 -63.69 -0.63
CA ALA DA 36 13.75 -64.42 -1.83
C ALA DA 36 12.45 -63.84 -2.39
N CYS DA 37 11.55 -63.43 -1.50
CA CYS DA 37 10.20 -63.07 -1.92
C CYS DA 37 9.91 -61.60 -1.68
N HIS DA 38 10.56 -61.03 -0.68
CA HIS DA 38 10.24 -59.64 -0.28
C HIS DA 38 11.32 -58.70 -0.68
N GLY DA 39 12.34 -59.23 -1.36
CA GLY DA 39 13.40 -58.38 -1.90
C GLY DA 39 14.49 -58.09 -0.88
N ALA DA 40 15.71 -57.89 -1.35
CA ALA DA 40 16.84 -57.64 -0.46
C ALA DA 40 16.65 -56.36 0.34
N ASP DA 41 15.79 -55.47 -0.12
CA ASP DA 41 15.63 -54.21 0.61
C ASP DA 41 14.21 -54.07 1.16
N GLY DA 42 13.49 -55.19 1.24
CA GLY DA 42 12.10 -55.20 1.68
C GLY DA 42 11.19 -54.69 0.59
N ASN DA 43 11.75 -54.58 -0.60
CA ASN DA 43 10.99 -54.23 -1.77
C ASN DA 43 10.79 -55.41 -2.67
N ALA DA 44 9.55 -55.86 -2.81
CA ALA DA 44 9.23 -57.04 -3.58
C ALA DA 44 9.38 -56.77 -5.07
N THR DA 45 9.63 -57.80 -5.86
CA THR DA 45 9.67 -57.56 -7.30
C THR DA 45 8.66 -58.36 -8.08
N ILE DA 46 8.23 -59.49 -7.55
CA ILE DA 46 7.23 -60.30 -8.25
C ILE DA 46 5.85 -59.71 -7.99
N PRO DA 47 5.04 -59.55 -9.04
CA PRO DA 47 3.65 -59.15 -8.87
C PRO DA 47 2.92 -60.02 -7.86
N GLY DA 48 2.08 -59.41 -7.03
CA GLY DA 48 1.35 -60.12 -5.99
C GLY DA 48 2.09 -60.29 -4.67
N TYR DA 49 3.38 -60.01 -4.63
CA TYR DA 49 4.14 -60.13 -3.37
C TYR DA 49 4.26 -58.74 -2.74
N PRO DA 50 4.16 -58.66 -1.40
CA PRO DA 50 4.13 -57.32 -0.80
C PRO DA 50 5.50 -56.78 -0.39
N ASN DA 51 5.69 -55.48 -0.56
CA ASN DA 51 6.78 -54.79 0.06
C ASN DA 51 6.57 -54.77 1.57
N LEU DA 52 7.65 -54.96 2.31
CA LEU DA 52 7.67 -54.85 3.78
C LEU DA 52 8.37 -53.59 4.21
N LYS DA 53 9.12 -52.94 3.34
CA LYS DA 53 10.04 -51.91 3.87
C LYS DA 53 9.36 -50.66 4.44
N GLY DA 54 9.74 -50.28 5.65
CA GLY DA 54 9.09 -49.16 6.32
C GLY DA 54 7.66 -49.45 6.76
N GLN DA 55 7.17 -50.66 6.55
CA GLN DA 55 5.83 -50.98 7.04
C GLN DA 55 5.70 -50.78 8.57
N ASN DA 56 4.51 -50.39 9.05
CA ASN DA 56 4.26 -50.22 10.48
C ASN DA 56 4.71 -51.41 11.35
N GLU DA 57 5.56 -51.15 12.34
CA GLU DA 57 6.09 -52.22 13.22
C GLU DA 57 5.00 -53.11 13.80
N GLN DA 58 4.05 -52.49 14.52
CA GLN DA 58 2.99 -53.25 15.16
C GLN DA 58 2.24 -54.10 14.16
N TYR DA 59 2.06 -53.60 12.94
CA TYR DA 59 1.39 -54.39 11.88
C TYR DA 59 2.19 -55.61 11.37
N ILE DA 60 3.49 -55.45 11.11
CA ILE DA 60 4.31 -56.60 10.67
C ILE DA 60 4.10 -57.76 11.67
N VAL DA 61 4.18 -57.42 12.95
CA VAL DA 61 4.05 -58.42 14.01
C VAL DA 61 2.69 -59.08 13.96
N SER DA 62 1.63 -58.26 14.03
CA SER DA 62 0.29 -58.81 13.94
C SER DA 62 0.08 -59.62 12.66
N SER DA 63 0.59 -59.11 11.54
CA SER DA 63 0.39 -59.82 10.28
C SER DA 63 1.17 -61.15 10.22
N ILE DA 64 2.44 -61.14 10.64
CA ILE DA 64 3.16 -62.41 10.69
C ILE DA 64 2.43 -63.37 11.62
N LYS DA 65 2.10 -62.91 12.84
CA LYS DA 65 1.35 -63.79 13.77
C LYS DA 65 0.05 -64.31 13.11
N ALA DA 66 -0.63 -63.44 12.37
CA ALA DA 66 -1.80 -63.84 11.62
C ALA DA 66 -1.58 -65.04 10.69
N TYR DA 67 -0.44 -65.10 9.98
CA TYR DA 67 -0.12 -66.28 9.13
C TYR DA 67 0.19 -67.53 9.96
N LYS DA 68 0.88 -67.30 11.06
CA LYS DA 68 1.35 -68.38 11.94
C LYS DA 68 0.16 -69.02 12.70
N ASN DA 69 -0.84 -68.18 12.98
CA ASN DA 69 -2.08 -68.63 13.59
C ASN DA 69 -3.10 -69.10 12.56
N LYS DA 70 -2.65 -69.20 11.32
CA LYS DA 70 -3.50 -69.65 10.20
C LYS DA 70 -4.76 -68.80 9.94
N GLU DA 71 -4.71 -67.53 10.33
CA GLU DA 71 -5.85 -66.61 10.13
C GLU DA 71 -5.98 -66.08 8.70
N ARG DA 72 -4.90 -66.18 7.92
CA ARG DA 72 -4.92 -65.74 6.51
C ARG DA 72 -4.78 -66.92 5.54
N SER DA 73 -5.75 -67.10 4.64
CA SER DA 73 -5.84 -68.35 3.87
C SER DA 73 -5.78 -68.31 2.33
N GLY DA 74 -5.91 -67.13 1.73
CA GLY DA 74 -5.84 -67.03 0.25
C GLY DA 74 -4.58 -67.66 -0.36
N GLY DA 75 -4.65 -68.06 -1.64
CA GLY DA 75 -3.51 -68.63 -2.40
C GLY DA 75 -2.18 -67.89 -2.29
N LEU DA 76 -1.16 -68.55 -1.71
CA LEU DA 76 0.14 -67.92 -1.40
C LEU DA 76 0.24 -67.60 0.09
N ALA DA 77 -0.91 -67.40 0.72
CA ALA DA 77 -0.95 -67.23 2.17
C ALA DA 77 -0.30 -68.43 2.88
N ALA DA 78 -0.55 -69.64 2.38
CA ALA DA 78 0.00 -70.82 3.05
C ALA DA 78 1.50 -70.74 3.00
N VAL DA 79 2.03 -70.38 1.84
CA VAL DA 79 3.48 -70.31 1.64
C VAL DA 79 4.11 -69.47 2.72
N MET DA 80 3.42 -68.41 3.11
CA MET DA 80 3.87 -67.53 4.19
C MET DA 80 3.60 -68.12 5.57
N GLN DA 81 2.50 -68.85 5.72
CA GLN DA 81 2.24 -69.56 6.97
C GLN DA 81 3.36 -70.57 7.22
N ALA DA 82 3.69 -71.32 6.19
CA ALA DA 82 4.83 -72.26 6.27
C ALA DA 82 6.14 -71.55 6.67
N GLN DA 83 6.42 -70.42 6.07
CA GLN DA 83 7.54 -69.64 6.57
C GLN DA 83 7.29 -69.18 8.00
N ALA DA 84 6.05 -68.80 8.29
CA ALA DA 84 5.78 -68.22 9.61
C ALA DA 84 5.90 -69.29 10.67
N SER DA 85 5.69 -70.54 10.26
CA SER DA 85 5.73 -71.64 11.20
C SER DA 85 7.14 -71.80 11.74
N LEU DA 86 8.14 -71.48 10.91
CA LEU DA 86 9.53 -71.56 11.36
C LEU DA 86 9.97 -70.42 12.29
N LEU DA 87 9.12 -69.44 12.51
CA LEU DA 87 9.51 -68.28 13.32
C LEU DA 87 8.92 -68.32 14.73
N SER DA 88 9.65 -67.78 15.69
CA SER DA 88 9.29 -67.84 17.10
C SER DA 88 8.27 -66.80 17.57
N ASP DA 89 8.70 -65.80 18.33
CA ASP DA 89 7.85 -64.65 18.60
C ASP DA 89 8.88 -63.58 18.84
N ASP DA 90 10.01 -64.04 19.35
CA ASP DA 90 11.26 -63.29 19.39
C ASP DA 90 11.67 -62.92 17.97
N ASP DA 91 11.74 -63.94 17.12
CA ASP DA 91 12.05 -63.79 15.68
C ASP DA 91 11.12 -62.76 15.05
N ILE DA 92 9.83 -62.87 15.34
CA ILE DA 92 8.84 -61.95 14.79
C ILE DA 92 9.06 -60.49 15.21
N ALA DA 93 9.21 -60.26 16.52
CA ALA DA 93 9.46 -58.93 17.03
C ALA DA 93 10.69 -58.30 16.40
N ASN DA 94 11.73 -59.11 16.27
CA ASN DA 94 12.99 -58.65 15.69
C ASN DA 94 12.87 -58.29 14.23
N LEU DA 95 12.28 -59.20 13.46
CA LEU DA 95 12.03 -58.98 12.04
C LEU DA 95 11.14 -57.75 11.79
N ALA DA 96 10.15 -57.54 12.66
CA ALA DA 96 9.31 -56.34 12.57
C ALA DA 96 10.13 -55.07 12.77
N ALA DA 97 11.01 -55.05 13.76
CA ALA DA 97 11.83 -53.88 14.05
C ALA DA 97 12.80 -53.54 12.92
N TYR DA 98 13.27 -54.58 12.24
CA TYR DA 98 14.17 -54.41 11.11
C TYR DA 98 13.41 -53.74 9.95
N TYR DA 99 12.44 -54.45 9.41
CA TYR DA 99 11.73 -53.97 8.22
C TYR DA 99 11.07 -52.61 8.44
N SER DA 100 10.51 -52.40 9.63
CA SER DA 100 9.86 -51.14 9.89
C SER DA 100 10.87 -50.01 9.81
N SER DA 101 12.14 -50.31 10.10
CA SER DA 101 13.18 -49.30 10.13
C SER DA 101 13.74 -48.93 8.77
N LEU DA 102 13.32 -49.64 7.74
CA LEU DA 102 13.89 -49.48 6.41
C LEU DA 102 13.26 -48.26 5.73
N GLY EA 22 -48.24 49.01 -17.48
CA GLY EA 22 -47.41 50.05 -18.15
C GLY EA 22 -46.92 49.57 -19.50
N ASP EA 23 -46.23 50.45 -20.22
CA ASP EA 23 -45.67 50.16 -21.54
C ASP EA 23 -44.14 50.22 -21.40
N ALA EA 24 -43.48 49.06 -21.56
CA ALA EA 24 -42.02 48.98 -21.33
C ALA EA 24 -41.24 49.75 -22.41
N ALA EA 25 -41.72 49.68 -23.66
CA ALA EA 25 -41.06 50.48 -24.72
C ALA EA 25 -41.11 51.97 -24.37
N ALA EA 26 -42.24 52.43 -23.85
CA ALA EA 26 -42.36 53.86 -23.45
C ALA EA 26 -41.47 54.14 -22.24
N GLY EA 27 -41.35 53.16 -21.35
CA GLY EA 27 -40.41 53.33 -20.27
C GLY EA 27 -38.96 53.39 -20.77
N GLN EA 28 -38.59 52.61 -21.79
CA GLN EA 28 -37.20 52.66 -22.24
C GLN EA 28 -36.99 54.08 -22.80
N ALA EA 29 -37.99 54.54 -23.53
CA ALA EA 29 -37.88 55.84 -24.22
C ALA EA 29 -37.66 56.91 -23.16
N LYS EA 30 -38.35 56.76 -22.03
CA LYS EA 30 -38.29 57.80 -21.00
C LYS EA 30 -37.01 57.77 -20.15
N ALA EA 31 -36.30 56.65 -20.20
CA ALA EA 31 -35.27 56.40 -19.19
C ALA EA 31 -33.89 56.97 -19.55
N ALA EA 32 -33.79 57.72 -20.65
CA ALA EA 32 -32.47 58.22 -21.11
C ALA EA 32 -31.75 58.89 -19.94
N VAL EA 33 -32.50 59.71 -19.23
CA VAL EA 33 -31.97 60.53 -18.16
C VAL EA 33 -31.65 59.69 -16.92
N CYS EA 34 -32.16 58.45 -16.91
CA CYS EA 34 -31.86 57.53 -15.82
C CYS EA 34 -30.69 56.61 -16.22
N ALA EA 35 -30.60 56.28 -17.51
CA ALA EA 35 -29.51 55.48 -18.02
C ALA EA 35 -28.22 56.06 -17.48
N ALA EA 36 -28.30 57.32 -17.09
CA ALA EA 36 -27.16 58.08 -16.53
C ALA EA 36 -26.46 57.28 -15.50
N CYS EA 37 -27.26 56.84 -14.55
CA CYS EA 37 -26.77 56.37 -13.28
C CYS EA 37 -27.05 54.89 -13.08
N HIS EA 38 -28.05 54.41 -13.81
CA HIS EA 38 -28.63 53.10 -13.53
C HIS EA 38 -28.33 52.17 -14.72
N GLY EA 39 -27.61 52.72 -15.69
CA GLY EA 39 -27.12 51.97 -16.85
C GLY EA 39 -28.19 51.67 -17.90
N ALA EA 40 -27.72 51.36 -19.10
CA ALA EA 40 -28.62 51.14 -20.24
C ALA EA 40 -29.58 49.94 -20.07
N ASP EA 41 -29.22 49.00 -19.21
CA ASP EA 41 -30.10 47.86 -18.97
C ASP EA 41 -30.69 47.90 -17.53
N GLY EA 42 -29.97 48.59 -16.63
CA GLY EA 42 -30.23 48.61 -15.19
C GLY EA 42 -28.87 48.32 -14.57
N ASN EA 43 -28.43 49.09 -13.55
CA ASN EA 43 -27.04 48.95 -12.98
C ASN EA 43 -26.32 50.18 -12.38
N ALA EA 44 -26.54 50.49 -11.10
CA ALA EA 44 -25.89 51.65 -10.50
C ALA EA 44 -24.43 51.42 -10.06
N THR EA 45 -23.60 52.46 -10.11
CA THR EA 45 -22.14 52.27 -9.93
C THR EA 45 -21.49 52.91 -8.71
N ILE EA 46 -21.78 54.19 -8.43
CA ILE EA 46 -20.99 54.93 -7.45
C ILE EA 46 -21.30 54.55 -5.99
N PRO EA 47 -20.72 55.29 -5.04
CA PRO EA 47 -21.10 55.17 -3.62
C PRO EA 47 -22.62 55.23 -3.39
N GLY EA 48 -23.23 54.05 -3.26
CA GLY EA 48 -24.66 53.89 -3.01
C GLY EA 48 -25.59 53.92 -4.24
N TYR EA 49 -25.36 53.02 -5.21
CA TYR EA 49 -26.22 52.94 -6.44
C TYR EA 49 -26.79 51.54 -6.77
N PRO EA 50 -28.13 51.47 -6.91
CA PRO EA 50 -28.91 50.26 -7.17
C PRO EA 50 -28.98 49.81 -8.65
N ASN EA 51 -28.99 48.48 -8.89
CA ASN EA 51 -29.48 47.96 -10.18
C ASN EA 51 -31.00 47.93 -10.13
N LEU EA 52 -31.61 48.27 -11.24
CA LEU EA 52 -33.05 48.33 -11.30
C LEU EA 52 -33.50 47.22 -12.27
N LYS EA 53 -32.52 46.57 -12.90
CA LYS EA 53 -32.69 45.51 -13.90
C LYS EA 53 -33.43 44.25 -13.41
N GLY EA 54 -34.66 44.05 -13.90
CA GLY EA 54 -35.46 42.89 -13.45
C GLY EA 54 -36.15 43.11 -12.09
N GLN EA 55 -35.88 44.24 -11.43
CA GLN EA 55 -36.51 44.51 -10.11
C GLN EA 55 -38.07 44.52 -10.15
N ASN EA 56 -38.70 44.35 -8.98
CA ASN EA 56 -40.17 44.19 -8.89
C ASN EA 56 -40.96 45.43 -9.32
N GLU EA 57 -41.78 45.23 -10.36
CA GLU EA 57 -42.56 46.32 -10.96
C GLU EA 57 -43.22 47.20 -9.94
N GLN EA 58 -43.99 46.62 -9.02
CA GLN EA 58 -44.71 47.47 -8.05
C GLN EA 58 -43.84 48.26 -7.09
N TYR EA 59 -42.67 47.72 -6.72
CA TYR EA 59 -41.81 48.46 -5.77
C TYR EA 59 -41.17 49.64 -6.52
N ILE EA 60 -40.83 49.42 -7.79
CA ILE EA 60 -40.29 50.53 -8.60
C ILE EA 60 -41.31 51.66 -8.49
N VAL EA 61 -42.57 51.36 -8.81
CA VAL EA 61 -43.56 52.43 -8.73
C VAL EA 61 -43.62 53.11 -7.36
N SER EA 62 -43.79 52.34 -6.27
CA SER EA 62 -43.86 52.94 -4.93
C SER EA 62 -42.52 53.52 -4.50
N SER EA 63 -41.41 52.86 -4.81
CA SER EA 63 -40.11 53.47 -4.49
C SER EA 63 -40.02 54.86 -5.17
N ILE EA 64 -40.44 54.95 -6.43
CA ILE EA 64 -40.36 56.28 -7.05
C ILE EA 64 -41.25 57.34 -6.38
N LYS EA 65 -42.52 57.04 -6.15
CA LYS EA 65 -43.47 58.00 -5.53
C LYS EA 65 -43.07 58.35 -4.10
N ALA EA 66 -42.38 57.41 -3.48
CA ALA EA 66 -41.81 57.61 -2.17
C ALA EA 66 -41.30 59.06 -2.01
N TYR EA 67 -40.36 59.46 -2.87
CA TYR EA 67 -39.78 60.79 -2.74
C TYR EA 67 -40.67 61.86 -3.35
N LYS EA 68 -41.37 61.53 -4.42
CA LYS EA 68 -42.09 62.57 -5.13
C LYS EA 68 -42.90 63.41 -4.15
N ASN EA 69 -43.78 62.76 -3.38
CA ASN EA 69 -44.68 63.48 -2.48
C ASN EA 69 -44.07 63.80 -1.10
N LYS EA 70 -42.86 63.29 -0.86
CA LYS EA 70 -42.08 63.68 0.34
C LYS EA 70 -42.13 62.65 1.47
N GLU EA 71 -42.20 61.37 1.12
CA GLU EA 71 -42.22 60.32 2.13
C GLU EA 71 -40.86 59.60 2.23
N ARG EA 72 -39.80 60.32 1.89
CA ARG EA 72 -38.44 59.90 2.17
C ARG EA 72 -37.57 61.17 2.36
N SER EA 73 -36.65 61.16 3.33
CA SER EA 73 -35.65 62.24 3.52
C SER EA 73 -34.26 61.68 3.86
N GLY EA 74 -33.42 61.42 2.86
CA GLY EA 74 -32.13 60.72 3.07
C GLY EA 74 -30.85 61.41 2.60
N GLY EA 75 -30.04 60.73 1.79
CA GLY EA 75 -28.74 61.26 1.31
C GLY EA 75 -28.71 61.73 -0.17
N LEU EA 76 -28.16 60.90 -1.05
CA LEU EA 76 -28.37 61.08 -2.51
C LEU EA 76 -29.87 60.91 -2.83
N ALA EA 77 -30.70 61.01 -1.81
CA ALA EA 77 -32.14 60.88 -1.97
C ALA EA 77 -32.63 62.02 -2.88
N ALA EA 78 -32.08 63.22 -2.64
CA ALA EA 78 -32.58 64.44 -3.33
C ALA EA 78 -32.36 64.37 -4.83
N VAL EA 79 -31.34 63.64 -5.28
CA VAL EA 79 -31.22 63.36 -6.70
C VAL EA 79 -32.58 62.88 -7.18
N MET EA 80 -33.09 61.83 -6.54
CA MET EA 80 -34.30 61.25 -7.09
C MET EA 80 -35.55 61.85 -6.59
N GLN EA 81 -35.50 62.62 -5.51
CA GLN EA 81 -36.67 63.46 -5.24
C GLN EA 81 -36.90 64.35 -6.45
N ALA EA 82 -35.81 64.95 -6.90
CA ALA EA 82 -35.89 65.90 -8.01
C ALA EA 82 -36.29 65.16 -9.27
N GLN EA 83 -35.57 64.08 -9.59
CA GLN EA 83 -35.91 63.29 -10.77
C GLN EA 83 -37.39 62.82 -10.80
N ALA EA 84 -37.89 62.41 -9.64
CA ALA EA 84 -39.29 61.93 -9.50
C ALA EA 84 -40.30 63.05 -9.71
N SER EA 85 -39.92 64.24 -9.26
CA SER EA 85 -40.72 65.43 -9.41
C SER EA 85 -41.15 65.79 -10.85
N LEU EA 86 -40.51 65.16 -11.83
CA LEU EA 86 -40.63 65.54 -13.21
C LEU EA 86 -41.42 64.47 -13.92
N LEU EA 87 -41.83 63.47 -13.14
CA LEU EA 87 -42.38 62.30 -13.73
C LEU EA 87 -43.86 62.30 -13.45
N SER EA 88 -44.65 61.96 -14.46
CA SER EA 88 -46.08 61.79 -14.31
C SER EA 88 -46.37 60.39 -13.78
N ASP EA 89 -47.60 60.19 -13.33
CA ASP EA 89 -48.00 58.88 -12.88
C ASP EA 89 -47.77 57.89 -14.02
N ASP EA 90 -48.07 58.36 -15.24
CA ASP EA 90 -47.94 57.56 -16.44
C ASP EA 90 -46.48 57.15 -16.62
N ASP EA 91 -45.59 58.12 -16.54
CA ASP EA 91 -44.19 57.86 -16.76
C ASP EA 91 -43.69 56.79 -15.80
N ILE EA 92 -44.07 56.96 -14.55
CA ILE EA 92 -43.63 56.03 -13.51
C ILE EA 92 -44.07 54.62 -13.79
N ALA EA 93 -45.31 54.41 -14.21
CA ALA EA 93 -45.71 53.03 -14.55
C ALA EA 93 -44.92 52.48 -15.72
N ASN EA 94 -44.65 53.35 -16.69
CA ASN EA 94 -43.90 52.91 -17.88
C ASN EA 94 -42.47 52.57 -17.54
N LEU EA 95 -41.89 53.36 -16.67
CA LEU EA 95 -40.53 53.17 -16.23
C LEU EA 95 -40.38 51.85 -15.47
N ALA EA 96 -41.32 51.62 -14.54
CA ALA EA 96 -41.41 50.34 -13.83
C ALA EA 96 -41.51 49.20 -14.81
N ALA EA 97 -42.38 49.34 -15.81
CA ALA EA 97 -42.65 48.23 -16.71
C ALA EA 97 -41.34 47.83 -17.39
N TYR EA 98 -40.61 48.85 -17.84
CA TYR EA 98 -39.38 48.61 -18.59
C TYR EA 98 -38.36 47.75 -17.80
N TYR EA 99 -37.93 48.29 -16.65
CA TYR EA 99 -36.87 47.67 -15.85
C TYR EA 99 -37.24 46.24 -15.34
N SER EA 100 -38.44 46.12 -14.81
CA SER EA 100 -38.92 44.84 -14.29
C SER EA 100 -38.95 43.77 -15.40
N SER EA 101 -38.78 44.20 -16.65
CA SER EA 101 -39.06 43.33 -17.80
C SER EA 101 -37.92 42.44 -18.28
N LEU EA 102 -36.67 42.86 -18.09
CA LEU EA 102 -35.59 42.04 -18.66
C LEU EA 102 -34.65 41.40 -17.64
N GLY FA 22 -17.16 42.23 4.33
CA GLY FA 22 -18.16 41.30 4.93
C GLY FA 22 -17.99 39.96 4.27
N ASP FA 23 -18.61 38.93 4.83
CA ASP FA 23 -18.41 37.56 4.34
C ASP FA 23 -19.72 36.96 3.83
N ALA FA 24 -19.68 36.41 2.61
CA ALA FA 24 -20.86 35.85 1.96
C ALA FA 24 -21.43 34.63 2.71
N ALA FA 25 -20.55 33.78 3.21
CA ALA FA 25 -20.97 32.64 4.02
C ALA FA 25 -21.60 33.09 5.35
N ALA FA 26 -20.96 34.05 6.03
CA ALA FA 26 -21.48 34.62 7.26
C ALA FA 26 -22.87 35.23 7.03
N GLY FA 27 -22.99 35.98 5.93
CA GLY FA 27 -24.26 36.56 5.56
C GLY FA 27 -25.35 35.51 5.32
N GLN FA 28 -25.02 34.52 4.47
CA GLN FA 28 -25.95 33.46 4.11
C GLN FA 28 -26.58 32.86 5.35
N ALA FA 29 -25.82 32.90 6.45
CA ALA FA 29 -26.28 32.36 7.72
C ALA FA 29 -27.37 33.19 8.40
N LYS FA 30 -27.16 34.51 8.49
CA LYS FA 30 -28.16 35.39 9.12
C LYS FA 30 -29.30 35.70 8.14
N ALA FA 31 -29.33 34.97 7.02
CA ALA FA 31 -30.32 35.21 5.98
C ALA FA 31 -31.52 34.27 6.11
N ALA FA 32 -32.08 34.21 7.32
CA ALA FA 32 -33.27 33.41 7.58
C ALA FA 32 -34.48 34.31 7.72
N VAL FA 33 -34.33 35.40 8.45
CA VAL FA 33 -35.42 36.33 8.67
C VAL FA 33 -35.73 37.20 7.42
N CYS FA 34 -34.80 37.20 6.44
CA CYS FA 34 -34.93 37.99 5.19
C CYS FA 34 -35.58 37.22 4.07
N ALA FA 35 -35.26 35.94 3.96
CA ALA FA 35 -35.86 35.08 2.95
C ALA FA 35 -37.38 35.18 3.06
N ALA FA 36 -37.86 35.49 4.27
CA ALA FA 36 -39.30 35.56 4.54
C ALA FA 36 -40.01 36.56 3.62
N CYS FA 37 -39.36 37.70 3.38
CA CYS FA 37 -39.96 38.74 2.57
C CYS FA 37 -39.20 39.00 1.27
N HIS FA 38 -37.93 38.60 1.18
CA HIS FA 38 -37.04 38.96 0.06
C HIS FA 38 -36.71 37.75 -0.70
N GLY FA 39 -37.68 36.86 -0.61
CA GLY FA 39 -37.51 35.47 -0.35
C GLY FA 39 -36.18 34.78 -0.22
N ALA FA 40 -36.17 33.52 -0.66
CA ALA FA 40 -35.04 32.64 -0.46
C ALA FA 40 -33.81 33.23 -1.12
N ASP FA 41 -33.65 32.93 -2.41
CA ASP FA 41 -32.46 33.27 -3.18
C ASP FA 41 -32.35 34.75 -3.51
N GLY FA 42 -32.90 35.61 -2.66
CA GLY FA 42 -32.86 37.05 -2.89
C GLY FA 42 -34.04 37.65 -3.66
N ASN FA 43 -34.66 36.83 -4.52
CA ASN FA 43 -35.80 37.27 -5.30
C ASN FA 43 -37.09 37.20 -4.50
N ALA FA 44 -37.65 38.35 -4.12
CA ALA FA 44 -38.94 38.38 -3.46
C ALA FA 44 -40.01 37.90 -4.45
N THR FA 45 -41.10 37.36 -3.92
CA THR FA 45 -42.22 36.94 -4.78
C THR FA 45 -43.54 37.61 -4.36
N ILE FA 46 -43.45 38.60 -3.47
CA ILE FA 46 -44.63 39.33 -3.04
C ILE FA 46 -44.67 40.74 -3.63
N PRO FA 47 -45.78 41.09 -4.33
CA PRO FA 47 -46.00 42.42 -4.94
C PRO FA 47 -45.66 43.60 -4.04
N GLY FA 48 -44.73 44.45 -4.48
CA GLY FA 48 -44.33 45.62 -3.71
C GLY FA 48 -43.17 45.39 -2.77
N TYR FA 49 -42.70 44.15 -2.73
CA TYR FA 49 -41.48 43.84 -1.97
C TYR FA 49 -40.25 43.76 -2.89
N PRO FA 50 -39.12 44.35 -2.44
CA PRO FA 50 -37.88 44.46 -3.24
C PRO FA 50 -37.05 43.18 -3.47
N ASN FA 51 -36.49 43.01 -4.66
CA ASN FA 51 -35.49 41.99 -4.86
C ASN FA 51 -34.22 42.43 -4.10
N LEU FA 52 -33.26 41.49 -3.98
CA LEU FA 52 -31.94 41.75 -3.38
C LEU FA 52 -30.89 40.89 -4.12
N LYS FA 53 -31.34 39.82 -4.74
CA LYS FA 53 -30.41 38.98 -5.49
C LYS FA 53 -29.57 39.79 -6.47
N GLY FA 54 -28.25 39.74 -6.29
CA GLY FA 54 -27.33 40.47 -7.19
C GLY FA 54 -27.33 41.98 -7.08
N GLN FA 55 -27.92 42.54 -6.02
CA GLN FA 55 -27.93 43.99 -5.86
C GLN FA 55 -26.49 44.43 -5.68
N ASN FA 56 -26.17 45.65 -6.09
CA ASN FA 56 -24.84 46.19 -5.81
C ASN FA 56 -24.58 46.19 -4.29
N GLU FA 57 -23.35 45.80 -3.95
CA GLU FA 57 -22.96 45.60 -2.55
C GLU FA 57 -23.06 46.86 -1.71
N GLN FA 58 -22.42 47.93 -2.15
CA GLN FA 58 -22.37 49.14 -1.32
C GLN FA 58 -23.78 49.58 -1.02
N TYR FA 59 -24.69 49.16 -1.89
CA TYR FA 59 -26.02 49.71 -1.87
C TYR FA 59 -26.90 49.12 -0.80
N ILE FA 60 -27.01 47.80 -0.72
CA ILE FA 60 -27.81 47.32 0.42
C ILE FA 60 -27.24 47.87 1.72
N VAL FA 61 -25.91 47.83 1.84
CA VAL FA 61 -25.28 48.45 3.00
C VAL FA 61 -25.97 49.81 3.17
N SER FA 62 -25.71 50.69 2.20
CA SER FA 62 -26.25 52.03 2.17
C SER FA 62 -27.74 52.01 2.55
N SER FA 63 -28.53 51.26 1.80
CA SER FA 63 -29.97 51.15 2.02
C SER FA 63 -30.41 50.52 3.36
N ILE FA 64 -29.76 49.43 3.78
CA ILE FA 64 -30.26 48.79 5.00
C ILE FA 64 -30.11 49.83 6.08
N LYS FA 65 -29.01 50.56 5.95
CA LYS FA 65 -28.72 51.68 6.84
C LYS FA 65 -29.86 52.67 6.89
N ALA FA 66 -30.12 53.31 5.74
CA ALA FA 66 -31.26 54.21 5.57
C ALA FA 66 -32.42 53.82 6.49
N TYR FA 67 -32.82 52.55 6.39
CA TYR FA 67 -33.90 52.05 7.22
C TYR FA 67 -33.56 52.09 8.72
N LYS FA 68 -32.37 51.63 9.10
CA LYS FA 68 -32.11 51.30 10.53
C LYS FA 68 -32.48 52.33 11.63
N ASN FA 69 -32.51 53.61 11.29
CA ASN FA 69 -32.79 54.66 12.26
C ASN FA 69 -34.26 55.03 12.12
N LYS FA 70 -34.49 55.91 11.15
CA LYS FA 70 -35.74 56.08 10.47
C LYS FA 70 -35.51 56.60 9.08
N GLU FA 71 -35.70 57.90 9.04
CA GLU FA 71 -37.00 58.41 8.70
C GLU FA 71 -37.38 58.56 7.25
N ARG FA 72 -37.45 57.41 6.58
CA ARG FA 72 -38.33 57.20 5.44
C ARG FA 72 -39.69 56.96 6.08
N SER FA 73 -40.50 57.99 6.24
CA SER FA 73 -41.82 57.77 6.81
C SER FA 73 -42.65 56.98 5.79
N GLY FA 74 -43.84 56.56 6.20
CA GLY FA 74 -44.88 56.07 5.29
C GLY FA 74 -44.71 54.71 4.61
N GLY FA 75 -43.93 53.84 5.24
CA GLY FA 75 -43.66 52.55 4.66
C GLY FA 75 -44.87 51.87 4.12
N LEU FA 76 -44.58 51.12 3.07
CA LEU FA 76 -44.53 49.71 3.27
C LEU FA 76 -43.11 49.57 3.87
N ALA FA 77 -42.40 50.70 4.01
CA ALA FA 77 -41.08 50.73 4.69
C ALA FA 77 -41.19 50.63 6.22
N ALA FA 78 -42.40 50.82 6.74
CA ALA FA 78 -42.75 50.53 8.15
C ALA FA 78 -42.53 49.06 8.54
N VAL FA 79 -42.36 48.22 7.52
CA VAL FA 79 -42.20 46.78 7.74
C VAL FA 79 -40.74 46.40 7.66
N MET FA 80 -39.94 47.25 7.02
CA MET FA 80 -38.52 47.26 7.32
C MET FA 80 -38.17 48.37 8.31
N GLN FA 81 -39.18 49.09 8.76
CA GLN FA 81 -39.04 50.01 9.88
C GLN FA 81 -38.65 49.23 11.18
N ALA FA 82 -38.76 47.89 11.12
CA ALA FA 82 -38.38 47.05 12.25
C ALA FA 82 -37.31 46.00 11.90
N GLN FA 83 -37.40 45.39 10.72
CA GLN FA 83 -36.41 44.38 10.30
C GLN FA 83 -34.92 44.78 10.43
N ALA FA 84 -34.60 46.03 10.15
CA ALA FA 84 -33.19 46.44 10.15
C ALA FA 84 -32.64 46.78 11.54
N SER FA 85 -33.48 47.44 12.33
CA SER FA 85 -33.09 48.03 13.61
C SER FA 85 -33.26 47.10 14.80
N LEU FA 86 -32.36 46.12 14.97
CA LEU FA 86 -32.56 45.01 15.94
C LEU FA 86 -31.89 43.79 15.29
N LEU FA 87 -30.64 43.64 15.70
CA LEU FA 87 -29.67 44.29 14.85
C LEU FA 87 -28.34 43.75 14.34
N SER FA 88 -27.90 44.44 13.28
CA SER FA 88 -26.56 44.47 12.74
C SER FA 88 -25.46 44.71 13.73
N ASP FA 89 -24.71 45.69 13.27
CA ASP FA 89 -23.80 45.37 12.21
C ASP FA 89 -22.32 45.05 12.37
N ASP FA 90 -21.89 44.32 11.34
CA ASP FA 90 -20.72 43.48 11.23
C ASP FA 90 -21.32 42.51 10.21
N ASP FA 91 -22.65 42.43 10.22
CA ASP FA 91 -23.41 41.53 9.33
C ASP FA 91 -24.26 42.19 8.21
N ILE FA 92 -24.61 43.46 8.33
CA ILE FA 92 -25.18 44.12 7.17
C ILE FA 92 -24.17 43.89 6.03
N ALA FA 93 -22.90 44.17 6.34
CA ALA FA 93 -21.82 43.97 5.39
C ALA FA 93 -21.81 42.56 4.72
N ASN FA 94 -21.88 41.49 5.51
CA ASN FA 94 -21.82 40.18 4.88
C ASN FA 94 -23.12 39.62 4.28
N LEU FA 95 -24.28 40.05 4.78
CA LEU FA 95 -25.53 39.86 4.03
C LEU FA 95 -25.39 40.61 2.68
N ALA FA 96 -24.69 41.76 2.74
CA ALA FA 96 -24.43 42.52 1.52
C ALA FA 96 -23.53 41.69 0.60
N ALA FA 97 -22.48 41.09 1.15
CA ALA FA 97 -21.63 40.28 0.29
C ALA FA 97 -22.45 39.10 -0.25
N TYR FA 98 -23.29 38.53 0.62
CA TYR FA 98 -24.11 37.36 0.24
C TYR FA 98 -25.14 37.69 -0.82
N TYR FA 99 -25.88 38.77 -0.61
CA TYR FA 99 -26.95 39.09 -1.55
C TYR FA 99 -26.45 39.13 -2.98
N SER FA 100 -25.17 39.36 -3.20
CA SER FA 100 -24.69 39.14 -4.55
C SER FA 100 -24.38 37.66 -4.77
FE HEC GA . -13.22 -22.22 -7.49
CHA HEC GA . -9.85 -21.26 -7.65
CHB HEC GA . -13.68 -20.04 -5.00
CHC HEC GA . -16.63 -22.91 -7.61
CHD HEC GA . -12.62 -24.83 -9.62
NA HEC GA . -11.91 -20.92 -6.54
C1A HEC GA . -10.60 -20.67 -6.70
C2A HEC GA . -10.23 -19.67 -5.69
C3A HEC GA . -11.31 -19.34 -5.00
C4A HEC GA . -12.44 -20.13 -5.51
CMA HEC GA . -11.41 -18.37 -3.76
CAA HEC GA . -8.80 -19.06 -5.52
CBA HEC GA . -8.06 -19.95 -4.52
CGA HEC GA . -6.68 -19.42 -4.21
O1A HEC GA . -5.99 -20.07 -3.41
O2A HEC GA . -6.27 -18.34 -4.77
NB HEC GA . -14.79 -21.58 -6.57
C1B HEC GA . -14.81 -20.69 -5.48
C2B HEC GA . -16.14 -20.43 -5.05
C3B HEC GA . -16.98 -21.26 -5.72
C4B HEC GA . -16.14 -21.98 -6.68
CMB HEC GA . -16.49 -19.51 -3.83
CAB HEC GA . -18.54 -21.39 -5.62
CBB HEC GA . -19.22 -20.05 -6.05
NC HEC GA . -14.42 -23.63 -8.46
C1C HEC GA . -15.77 -23.68 -8.40
C2C HEC GA . -16.15 -24.69 -9.39
C3C HEC GA . -15.04 -25.29 -9.87
C4C HEC GA . -13.89 -24.55 -9.31
CMC HEC GA . -17.64 -25.06 -9.55
CAC HEC GA . -14.87 -26.40 -10.93
CBC HEC GA . -16.11 -26.73 -11.80
ND HEC GA . -11.65 -22.89 -8.44
C1D HEC GA . -11.54 -23.99 -9.31
C2D HEC GA . -10.25 -24.19 -9.83
C3D HEC GA . -9.40 -23.09 -9.20
C4D HEC GA . -10.33 -22.33 -8.39
CMD HEC GA . -9.73 -25.28 -10.76
CAD HEC GA . -7.92 -22.77 -9.46
CBD HEC GA . -7.99 -21.68 -10.54
CGD HEC GA . -6.62 -21.05 -10.77
O1D HEC GA . -5.66 -21.83 -10.87
O2D HEC GA . -6.47 -19.80 -10.92
FE HEC HA . 3.77 -15.34 -2.36
CHA HEC HA . 0.56 -15.37 -3.58
CHB HEC HA . 4.06 -18.62 -3.08
CHC HEC HA . 7.06 -15.26 -1.41
CHD HEC HA . 3.37 -12.11 -1.29
NA HEC HA . 2.49 -16.77 -3.26
C1A HEC HA . 1.21 -16.58 -3.58
C2A HEC HA . 0.68 -17.88 -4.01
C3A HEC HA . 1.66 -18.78 -3.85
C4A HEC HA . 2.84 -18.06 -3.32
CMA HEC HA . 1.62 -20.27 -4.13
CAA HEC HA . -0.78 -18.08 -4.52
CBA HEC HA . -1.57 -18.69 -3.35
CGA HEC HA . -2.96 -19.09 -3.83
O1A HEC HA . -3.76 -19.43 -2.91
O2A HEC HA . -3.27 -19.07 -5.06
NB HEC HA . 5.19 -16.62 -2.29
C1B HEC HA . 5.19 -17.98 -2.60
C2B HEC HA . 6.51 -18.59 -2.48
C3B HEC HA . 7.32 -17.67 -1.99
C4B HEC HA . 6.54 -16.44 -1.90
CMB HEC HA . 6.84 -20.08 -2.67
CAB HEC HA . 8.83 -17.81 -1.59
CBB HEC HA . 9.65 -18.19 -2.87
NC HEC HA . 5.03 -13.90 -1.50
C1C HEC HA . 6.33 -14.11 -1.16
C2C HEC HA . 6.85 -12.81 -0.70
C3C HEC HA . 5.79 -11.94 -0.60
C4C HEC HA . 4.60 -12.65 -1.13
CMC HEC HA . 8.33 -12.70 -0.15
CAC HEC HA . 5.75 -10.48 -0.07
CBC HEC HA . 6.88 -9.55 -0.48
ND HEC HA . 2.30 -13.98 -2.43
C1D HEC HA . 2.28 -12.69 -1.94
C2D HEC HA . 1.01 -12.03 -2.11
C3D HEC HA . 0.17 -13.06 -2.84
C4D HEC HA . 1.01 -14.22 -2.98
CMD HEC HA . 0.58 -10.62 -1.73
CAD HEC HA . -1.26 -12.88 -3.27
CBD HEC HA . -1.29 -12.09 -4.59
CGD HEC HA . -2.69 -12.19 -5.14
O1D HEC HA . -3.62 -11.53 -4.60
O2D HEC HA . -2.88 -12.93 -6.14
FE HEC IA . -11.91 26.44 16.07
CHA HEC IA . -8.56 26.82 15.37
CHB HEC IA . -11.69 28.82 18.39
CHC HEC IA . -15.28 26.11 16.63
CHD HEC IA . -12.02 23.76 13.98
NA HEC IA . -10.40 27.59 16.72
C1A HEC IA . -9.09 27.57 16.36
C2A HEC IA . -8.37 28.54 17.19
C3A HEC IA . -9.24 29.10 18.02
C4A HEC IA . -10.53 28.48 17.77
CMA HEC IA . -8.95 30.14 19.17
CAA HEC IA . -6.86 28.85 17.09
CBA HEC IA . -6.16 28.05 18.18
CGA HEC IA . -4.67 28.25 18.15
O1A HEC IA . -3.99 27.50 18.83
O2A HEC IA . -4.16 29.11 17.41
NB HEC IA . -13.23 27.31 17.23
C1B HEC IA . -12.94 28.29 18.16
C2B HEC IA . -14.18 28.71 18.81
C3B HEC IA . -15.18 27.93 18.37
C4B HEC IA . -14.59 27.07 17.35
CMB HEC IA . -14.25 29.73 19.96
CAB HEC IA . -16.67 27.98 18.79
CBB HEC IA . -17.34 29.34 18.40
NC HEC IA . -13.41 25.20 15.46
C1C HEC IA . -14.71 25.24 15.75
C2C HEC IA . -15.43 24.27 14.91
C3C HEC IA . -14.50 23.53 14.32
C4C HEC IA . -13.21 24.20 14.54
CMC HEC IA . -16.94 23.91 15.13
CAC HEC IA . -14.64 22.35 13.33
CBC HEC IA . -15.90 22.33 12.47
ND HEC IA . -10.53 25.49 14.86
C1D HEC IA . -10.80 24.35 14.11
C2D HEC IA . -9.62 23.95 13.40
C3D HEC IA . -8.55 24.90 13.86
C4D HEC IA . -9.22 25.83 14.72
CMD HEC IA . -9.47 22.78 12.40
CAD HEC IA . -7.12 24.91 13.39
CBD HEC IA . -7.07 25.66 12.06
CGD HEC IA . -5.63 25.88 11.74
O1D HEC IA . -4.93 24.85 11.57
O2D HEC IA . -5.17 27.05 11.66
C1 GOL JA . -3.32 26.07 25.65
O1 GOL JA . -2.95 26.47 26.93
C2 GOL JA . -2.35 25.01 25.14
O2 GOL JA . -1.23 24.79 26.00
C3 GOL JA . -3.15 23.73 25.05
O3 GOL JA . -2.25 22.73 24.65
FE HEC KA . 6.41 30.73 18.15
CHA HEC KA . 3.03 31.09 17.35
CHB HEC KA . 6.12 27.35 17.88
CHC HEC KA . 9.74 30.48 18.69
CHD HEC KA . 6.52 34.07 18.95
NA HEC KA . 4.88 29.47 17.67
C1A HEC KA . 3.57 29.81 17.43
C2A HEC KA . 2.81 28.57 17.22
C3A HEC KA . 3.68 27.55 17.37
C4A HEC KA . 4.98 28.09 17.69
CMA HEC KA . 3.36 26.03 17.31
CAA HEC KA . 1.28 28.52 16.95
CBA HEC KA . 0.57 28.17 18.26
CGA HEC KA . -0.91 27.93 18.04
O1A HEC KA . -1.62 27.77 19.08
O2A HEC KA . -1.35 27.90 16.85
NB HEC KA . 7.70 29.15 18.24
C1B HEC KA . 7.40 27.82 18.06
C2B HEC KA . 8.67 27.08 18.04
C3B HEC KA . 9.68 27.96 18.33
C4B HEC KA . 9.07 29.28 18.42
CMB HEC KA . 8.70 25.57 17.92
CAB HEC KA . 11.23 27.75 18.46
CBB HEC KA . 11.68 26.78 17.31
NC HEC KA . 7.84 32.00 18.73
C1C HEC KA . 9.17 31.71 18.87
C2C HEC KA . 9.86 32.96 19.28
C3C HEC KA . 8.95 33.95 19.29
C4C HEC KA . 7.67 33.34 18.98
CMC HEC KA . 11.37 33.08 19.48
CAC HEC KA . 9.12 35.46 19.64
CBC HEC KA . 10.35 36.17 19.01
ND HEC KA . 5.05 32.31 18.13
C1D HEC KA . 5.31 33.61 18.56
C2D HEC KA . 4.13 34.42 18.47
C3D HEC KA . 3.05 33.49 17.95
C4D HEC KA . 3.70 32.21 17.77
CMD HEC KA . 3.97 35.91 18.79
CAD HEC KA . 1.62 33.88 17.64
CBD HEC KA . 1.68 34.53 16.25
CGD HEC KA . 0.25 34.68 15.79
O1D HEC KA . -0.47 35.53 16.38
O2D HEC KA . -0.19 33.90 14.89
FE HEC LA . -9.57 10.24 -11.91
CHA HEC LA . -9.48 9.43 -8.54
CHB HEC LA . -10.29 13.49 -11.13
CHC HEC LA . -9.45 11.07 -15.24
CHD HEC LA . -9.30 6.90 -12.76
NA HEC LA . -9.80 11.29 -10.16
C1A HEC LA . -9.75 10.75 -8.89
C2A HEC LA . -10.14 11.80 -7.95
C3A HEC LA . -10.31 12.92 -8.65
C4A HEC LA . -10.15 12.61 -10.08
CMA HEC LA . -10.76 14.30 -8.11
CAA HEC LA . -10.19 11.62 -6.40
CBA HEC LA . -11.68 11.51 -6.01
CGA HEC LA . -11.83 11.44 -4.50
O1A HEC LA . -13.00 11.14 -4.10
O2A HEC LA . -10.85 11.58 -3.73
NB HEC LA . -9.79 11.91 -12.96
C1B HEC LA . -10.14 13.16 -12.45
C2B HEC LA . -10.08 14.12 -13.51
C3B HEC LA . -9.89 13.48 -14.66
C4B HEC LA . -9.66 12.08 -14.33
CMB HEC LA . -10.49 15.59 -13.33
CAB HEC LA . -9.90 14.11 -16.08
CBB HEC LA . -8.87 15.28 -16.17
NC HEC LA . -9.41 9.13 -13.68
C1C HEC LA . -9.38 9.73 -14.93
C2C HEC LA . -9.22 8.68 -15.92
C3C HEC LA . -9.19 7.49 -15.23
C4C HEC LA . -9.34 7.80 -13.81
CMC HEC LA . -9.19 9.00 -17.42
CAC HEC LA . -9.13 6.08 -15.77
CBC HEC LA . -7.91 5.64 -16.63
ND HEC LA . -9.39 8.53 -10.87
C1D HEC LA . -9.30 7.25 -11.42
C2D HEC LA . -9.26 6.25 -10.40
C3D HEC LA . -9.28 7.03 -9.11
C4D HEC LA . -9.40 8.42 -9.50
CMD HEC LA . -9.10 4.72 -10.55
CAD HEC LA . -9.25 6.44 -7.70
CBD HEC LA . -7.77 6.23 -7.34
CGD HEC LA . -7.64 6.01 -5.86
O1D HEC LA . -8.16 4.97 -5.41
O2D HEC LA . -7.04 6.83 -5.10
C1 GOL MA . -19.37 13.16 -4.03
O1 GOL MA . -19.97 14.44 -4.14
C2 GOL MA . -20.48 12.21 -4.48
O2 GOL MA . -20.58 12.25 -5.89
C3 GOL MA . -20.31 10.80 -3.91
O3 GOL MA . -21.25 9.96 -4.57
FE HEC NA . -12.88 11.21 6.80
CHA HEC NA . -11.35 11.74 3.74
CHB HEC NA . -14.35 8.41 5.57
CHC HEC NA . -14.21 10.59 9.85
CHD HEC NA . -11.77 14.30 7.91
NA HEC NA . -12.82 10.25 4.95
C1A HEC NA . -12.19 10.66 3.83
C2A HEC NA . -12.49 9.71 2.77
C3A HEC NA . -13.34 8.77 3.31
C4A HEC NA . -13.58 9.13 4.70
CMA HEC NA . -14.00 7.62 2.58
CAA HEC NA . -11.96 9.76 1.32
CBA HEC NA . -13.07 10.43 0.48
CGA HEC NA . -12.67 10.41 -1.00
O1A HEC NA . -13.45 11.05 -1.75
O2A HEC NA . -11.63 9.79 -1.35
NB HEC NA . -14.02 9.79 7.53
C1B HEC NA . -14.59 8.70 6.90
C2B HEC NA . -15.26 7.85 7.87
C3B HEC NA . -15.25 8.47 9.05
C4B HEC NA . -14.44 9.67 8.86
CMB HEC NA . -16.05 6.58 7.49
CAB HEC NA . -15.87 8.04 10.40
CBB HEC NA . -15.36 6.63 10.80
NC HEC NA . -13.01 12.28 8.57
C1C HEC NA . -13.61 11.81 9.71
C2C HEC NA . -13.27 12.76 10.77
C3C HEC NA . -12.72 13.83 10.18
C4C HEC NA . -12.47 13.49 8.78
CMC HEC NA . -13.92 12.73 12.17
CAC HEC NA . -12.24 15.18 10.76
CBC HEC NA . -11.68 15.17 12.20
ND HEC NA . -11.80 12.72 6.04
C1D HEC NA . -11.45 13.94 6.62
C2D HEC NA . -10.63 14.76 5.77
C3D HEC NA . -10.51 13.94 4.50
C4D HEC NA . -11.22 12.72 4.73
CMD HEC NA . -10.01 16.16 6.02
CAD HEC NA . -9.78 14.34 3.25
CBD HEC NA . -8.33 13.99 3.46
CGD HEC NA . -7.62 14.24 2.16
O1D HEC NA . -7.55 15.41 1.68
O2D HEC NA . -7.10 13.27 1.57
FE HEC OA . -31.06 24.81 -32.27
CHA HEC OA . -30.89 26.89 -35.02
CHB HEC OA . -30.23 27.46 -30.20
CHC HEC OA . -31.43 22.76 -29.55
CHD HEC OA . -31.30 22.07 -34.36
NA HEC OA . -30.71 26.83 -32.59
C1A HEC OA . -30.58 27.44 -33.80
C2A HEC OA . -30.18 28.82 -33.56
C3A HEC OA . -30.00 28.98 -32.20
C4A HEC OA . -30.32 27.70 -31.57
CMA HEC OA . -29.58 30.23 -31.38
CAA HEC OA . -29.97 29.88 -34.68
CBA HEC OA . -28.47 30.01 -34.96
CGA HEC OA . -28.19 31.17 -35.88
O1A HEC OA . -27.00 31.26 -36.32
O2A HEC OA . -29.14 31.98 -36.17
NB HEC OA . -30.86 25.08 -30.26
C1B HEC OA . -30.52 26.24 -29.61
C2B HEC OA . -30.62 25.98 -28.18
C3B HEC OA . -30.93 24.68 -27.99
C4B HEC OA . -31.15 24.10 -29.31
CMB HEC OA . -30.24 27.05 -27.14
CAB HEC OA . -31.12 23.92 -26.65
CBB HEC OA . -32.16 24.68 -25.75
NC HEC OA . -31.28 22.78 -32.00
C1C HEC OA . -31.45 22.14 -30.78
C2C HEC OA . -31.85 20.75 -31.03
C3C HEC OA . -31.72 20.56 -32.36
C4C HEC OA . -31.41 21.84 -32.99
CMC HEC OA . -32.03 19.71 -29.86
CAC HEC OA . -31.96 19.26 -33.19
CBC HEC OA . -33.08 18.39 -32.61
ND HEC OA . -31.10 24.53 -34.29
C1D HEC OA . -31.22 23.30 -34.94
C2D HEC OA . -31.20 23.50 -36.35
C3D HEC OA . -31.09 24.96 -36.57
C4D HEC OA . -31.02 25.54 -35.23
CMD HEC OA . -31.30 22.38 -37.39
CAD HEC OA . -31.08 25.72 -37.93
CBD HEC OA . -32.58 25.86 -38.30
CGD HEC OA . -32.63 26.76 -39.52
O1D HEC OA . -32.15 26.31 -40.58
O2D HEC OA . -33.09 27.92 -39.43
FE HEC PA . -26.60 39.65 -43.08
CHA HEC PA . -28.24 37.64 -40.79
CHB HEC PA . -25.28 36.94 -44.52
CHC HEC PA . -25.31 41.65 -45.50
CHD HEC PA . -27.47 42.47 -41.28
NA HEC PA . -26.77 37.66 -42.69
C1A HEC PA . -27.46 37.01 -41.73
C2A HEC PA . -27.23 35.61 -41.85
C3A HEC PA . -26.37 35.41 -42.89
C4A HEC PA . -26.09 36.71 -43.45
CMA HEC PA . -25.79 34.08 -43.45
CAA HEC PA . -27.82 34.56 -40.90
CBA HEC PA . -26.84 34.29 -39.76
CGA HEC PA . -27.28 33.12 -38.90
O1A HEC PA . -26.51 32.85 -37.96
O2A HEC PA . -28.34 32.44 -39.10
NB HEC PA . -25.55 39.35 -44.76
C1B HEC PA . -25.04 38.15 -45.15
C2B HEC PA . -24.30 38.38 -46.39
C3B HEC PA . -24.28 39.70 -46.64
C4B HEC PA . -25.09 40.32 -45.59
CMB HEC PA . -23.54 37.28 -47.13
CAB HEC PA . -23.59 40.49 -47.79
CBB HEC PA . -24.20 40.07 -49.18
NC HEC PA . -26.42 41.69 -43.41
C1C HEC PA . -25.90 42.32 -44.48
C2C HEC PA . -26.14 43.75 -44.39
C3C HEC PA . -26.65 43.97 -43.16
C4C HEC PA . -26.89 42.67 -42.53
CMC HEC PA . -25.61 44.76 -45.46
CAC HEC PA . -27.16 45.26 -42.47
CBC HEC PA . -27.31 46.52 -43.33
ND HEC PA . -27.64 39.97 -41.39
C1D HEC PA . -27.87 41.23 -40.81
C2D HEC PA . -28.68 41.09 -39.65
C3D HEC PA . -28.89 39.61 -39.48
C4D HEC PA . -28.25 38.99 -40.63
CMD HEC PA . -29.18 42.23 -38.72
CAD HEC PA . -29.76 38.88 -38.42
CBD HEC PA . -31.08 38.59 -39.16
CGD HEC PA . -32.05 37.87 -38.27
O1D HEC PA . -32.16 38.24 -37.07
O2D HEC PA . -32.74 36.94 -38.74
FE HEC QA . 37.21 -57.62 8.73
CHA HEC QA . 35.36 -59.22 11.26
CHB HEC QA . 37.97 -60.58 7.38
CHC HEC QA . 38.88 -55.96 6.09
CHD HEC QA . 36.69 -54.68 10.23
NA HEC QA . 36.72 -59.56 9.23
C1A HEC QA . 36.03 -60.03 10.35
C2A HEC QA . 36.08 -61.47 10.36
C3A HEC QA . 36.80 -61.86 9.29
C4A HEC QA . 37.23 -60.67 8.56
CMA HEC QA . 37.08 -63.35 9.01
CAA HEC QA . 35.40 -62.40 11.42
CBA HEC QA . 36.34 -62.63 12.62
CGA HEC QA . 35.81 -63.68 13.57
O1A HEC QA . 36.59 -64.12 14.48
O2A HEC QA . 34.62 -64.16 13.43
NB HEC QA . 38.20 -58.08 7.05
C1B HEC QA . 38.42 -59.42 6.72
C2B HEC QA . 39.16 -59.42 5.49
C3B HEC QA . 39.41 -58.18 5.13
C4B HEC QA . 38.79 -57.31 6.11
CMB HEC QA . 39.65 -60.70 4.80
CAB HEC QA . 40.22 -57.67 3.93
CBB HEC QA . 39.54 -58.09 2.57
NC HEC QA . 37.67 -55.84 8.22
C1C HEC QA . 38.34 -55.27 7.14
C2C HEC QA . 38.26 -53.84 7.18
C3C HEC QA . 37.79 -53.50 8.38
C4C HEC QA . 37.35 -54.71 9.03
CMC HEC QA . 39.04 -52.96 6.21
CAC HEC QA . 37.57 -52.09 8.99
CBC HEC QA . 37.35 -50.83 8.19
ND HEC QA . 36.16 -57.05 10.45
C1D HEC QA . 36.12 -55.72 10.87
C2D HEC QA . 35.40 -55.61 12.12
C3D HEC QA . 34.98 -57.03 12.43
C4D HEC QA . 35.48 -57.86 11.33
CMD HEC QA . 35.05 -54.33 12.94
CAD HEC QA . 34.15 -57.49 13.60
CBD HEC QA . 32.67 -57.33 13.20
CGD HEC QA . 31.83 -57.97 14.28
O1D HEC QA . 31.99 -57.50 15.43
O2D HEC QA . 31.07 -58.96 14.01
FE HEC RA . 31.17 -71.14 20.84
CHA HEC RA . 31.46 -69.27 18.11
CHB HEC RA . 32.50 -68.52 22.80
CHC HEC RA . 30.74 -73.02 23.54
CHD HEC RA . 30.08 -73.89 18.86
NA HEC RA . 31.81 -69.32 20.62
C1A HEC RA . 31.86 -68.74 19.31
C2A HEC RA . 32.47 -67.41 19.40
C3A HEC RA . 32.78 -67.22 20.68
C4A HEC RA . 32.37 -68.39 21.44
CMA HEC RA . 33.46 -65.94 21.25
CAA HEC RA . 32.76 -66.41 18.24
CBA HEC RA . 34.21 -66.55 17.68
CGA HEC RA . 34.63 -65.48 16.68
O1A HEC RA . 35.79 -65.54 16.17
O2A HEC RA . 33.82 -64.56 16.35
NB HEC RA . 31.53 -70.82 22.78
C1B HEC RA . 32.06 -69.69 23.41
C2B HEC RA . 32.04 -69.93 24.81
C3B HEC RA . 31.58 -71.17 25.05
C4B HEC RA . 31.22 -71.75 23.77
CMB HEC RA . 32.60 -68.93 25.81
CAB HEC RA . 31.45 -71.75 26.49
CBB HEC RA . 29.96 -71.77 26.82
NC HEC RA . 30.49 -73.13 21.12
C1C HEC RA . 30.44 -73.68 22.38
C2C HEC RA . 29.87 -75.02 22.28
C3C HEC RA . 29.72 -75.31 20.96
C4C HEC RA . 30.10 -74.09 20.23
CMC HEC RA . 29.75 -75.96 23.48
CAC HEC RA . 29.27 -76.63 20.28
CBC HEC RA . 27.95 -77.35 20.68
ND HEC RA . 30.82 -71.54 18.85
C1D HEC RA . 30.42 -72.72 18.24
C2D HEC RA . 30.30 -72.53 16.80
C3D HEC RA . 30.74 -71.13 16.53
C4D HEC RA . 31.03 -70.56 17.85
CMD HEC RA . 29.90 -73.56 15.70
CAD HEC RA . 30.76 -70.48 15.12
CBD HEC RA . 29.38 -69.84 14.88
CGD HEC RA . 29.38 -68.92 13.66
O1D HEC RA . 29.75 -69.42 12.55
O2D HEC RA . 29.07 -67.71 13.76
FE HEC SA . 36.23 43.07 24.75
CHA HEC SA . 33.41 42.79 22.83
CHB HEC SA . 34.89 41.15 27.15
CHC HEC SA . 39.21 43.24 26.50
CHD HEC SA . 37.35 45.64 22.70
NA HEC SA . 34.45 42.14 24.96
C1A HEC SA . 33.40 42.17 24.06
C2A HEC SA . 32.32 41.39 24.63
C3A HEC SA . 32.75 40.93 25.82
C4A HEC SA . 34.10 41.41 26.05
CMA HEC SA . 31.95 40.09 26.84
CAA HEC SA . 30.94 41.19 23.94
CBA HEC SA . 30.00 42.22 24.57
CGA HEC SA . 28.60 42.10 23.99
O1A HEC SA . 27.78 42.95 24.36
O2A HEC SA . 28.34 41.16 23.17
NB HEC SA . 36.94 42.37 26.53
C1B HEC SA . 36.23 41.49 27.30
C2B HEC SA . 37.12 40.99 28.34
C3B HEC SA . 38.33 41.59 28.22
C4B HEC SA . 38.24 42.44 27.03
CMB HEC SA . 36.61 40.06 29.47
CAB HEC SA . 39.56 41.37 29.14
CBB HEC SA . 40.05 39.92 28.99
NC HEC SA . 37.97 44.23 24.63
C1C HEC SA . 39.07 44.09 25.43
C2C HEC SA . 40.15 44.84 24.77
C3C HEC SA . 39.59 45.66 23.86
C4C HEC SA . 38.22 45.18 23.65
CMC HEC SA . 41.49 45.10 25.47
CAC HEC SA . 40.34 46.73 23.00
CBC HEC SA . 41.61 46.16 22.38
ND HEC SA . 35.52 44.02 23.09
C1D HEC SA . 36.13 45.07 22.43
C2D HEC SA . 35.36 45.42 21.27
C3D HEC SA . 34.14 44.54 21.30
C4D HEC SA . 34.34 43.68 22.44
CMD HEC SA . 35.66 46.50 20.23
CAD HEC SA . 33.00 44.51 20.28
CBD HEC SA . 33.42 43.56 19.14
CGD HEC SA . 32.25 43.40 18.16
O1D HEC SA . 31.87 44.40 17.50
O2D HEC SA . 31.71 42.25 18.09
FE HEC TA . 18.12 40.80 20.24
CHA HEC TA . 21.43 40.23 20.73
CHB HEC TA . 18.78 44.11 19.65
CHC HEC TA . 14.82 41.36 19.69
CHD HEC TA . 17.38 37.59 21.26
NA HEC TA . 19.79 41.97 20.17
C1A HEC TA . 21.06 41.52 20.46
C2A HEC TA . 21.97 42.66 20.34
C3A HEC TA . 21.22 43.74 20.07
C4A HEC TA . 19.83 43.31 19.96
CMA HEC TA . 21.72 45.19 19.89
CAA HEC TA . 23.50 42.61 20.60
CBA HEC TA . 23.75 42.86 22.08
CGA HEC TA . 25.26 42.80 22.40
O1A HEC TA . 25.57 43.10 23.56
O2A HEC TA . 26.11 42.42 21.55
NB HEC TA . 17.05 42.38 19.75
C1B HEC TA . 17.49 43.69 19.52
C2B HEC TA . 16.40 44.52 19.11
C3B HEC TA . 15.28 43.76 19.13
C4B HEC TA . 15.67 42.43 19.54
CMB HEC TA . 16.48 46.02 18.85
CAB HEC TA . 13.82 44.22 18.82
CBB HEC TA . 13.72 44.67 17.34
NC HEC TA . 16.38 39.65 20.44
C1C HEC TA . 15.14 40.13 20.15
C2C HEC TA . 14.23 39.01 20.30
C3C HEC TA . 14.93 37.97 20.77
C4C HEC TA . 16.32 38.37 20.88
CMC HEC TA . 12.69 39.14 20.12
CAC HEC TA . 14.38 36.60 21.18
CBC HEC TA . 13.62 35.86 20.08
ND HEC TA . 19.18 39.20 20.86
C1D HEC TA . 18.70 37.97 21.26
C2D HEC TA . 19.76 37.07 21.63
C3D HEC TA . 20.99 37.88 21.49
C4D HEC TA . 20.57 39.19 21.01
CMD HEC TA . 19.73 35.62 22.11
CAD HEC TA . 22.39 37.31 21.78
CBD HEC TA . 22.77 36.36 20.66
CGD HEC TA . 24.26 36.05 20.76
O1D HEC TA . 24.63 35.27 21.66
O2D HEC TA . 25.04 36.64 19.96
FE HEC UA . 13.38 -4.05 2.53
CHA HEC UA . 16.67 -4.63 3.34
CHB HEC UA . 14.12 -0.86 1.61
CHC HEC UA . 10.18 -3.58 1.51
CHD HEC UA . 12.48 -7.02 3.99
NA HEC UA . 15.08 -2.93 2.52
C1A HEC UA . 16.36 -3.37 2.83
C2A HEC UA . 17.27 -2.24 2.62
C3A HEC UA . 16.55 -1.18 2.18
C4A HEC UA . 15.16 -1.64 2.06
CMA HEC UA . 17.06 0.24 1.81
CAA HEC UA . 18.79 -2.23 2.92
CBA HEC UA . 18.99 -1.99 4.43
CGA HEC UA . 20.46 -1.78 4.75
O1A HEC UA . 20.74 -1.41 5.93
O2A HEC UA . 21.29 -2.02 3.87
NB HEC UA . 12.38 -2.53 1.72
C1B HEC UA . 12.86 -1.29 1.39
C2B HEC UA . 11.82 -0.53 0.73
C3B HEC UA . 10.71 -1.27 0.75
C4B HEC UA . 11.06 -2.55 1.31
CMB HEC UA . 11.99 0.93 0.28
CAB HEC UA . 9.30 -0.95 0.17
CBB HEC UA . 9.43 -0.47 -1.29
NC HEC UA . 11.67 -5.11 2.73
C1C HEC UA . 10.46 -4.76 2.19
C2C HEC UA . 9.54 -5.87 2.41
C3C HEC UA . 10.11 -6.82 3.14
C4C HEC UA . 11.49 -6.34 3.34
CMC HEC UA . 8.06 -5.80 1.97
CAC HEC UA . 9.49 -8.15 3.71
CBC HEC UA . 8.75 -9.06 2.70
ND HEC UA . 14.43 -5.60 3.46
C1D HEC UA . 13.82 -6.67 4.02
C2D HEC UA . 14.80 -7.56 4.56
C3D HEC UA . 16.09 -6.84 4.39
C4D HEC UA . 15.77 -5.60 3.70
CMD HEC UA . 14.52 -8.89 5.26
CAD HEC UA . 17.46 -7.36 4.80
CBD HEC UA . 17.96 -8.10 3.57
CGD HEC UA . 19.44 -8.40 3.70
O1D HEC UA . 19.78 -9.03 4.69
O2D HEC UA . 20.27 -8.01 2.86
FE HEC VA . 31.56 -1.37 7.21
CHA HEC VA . 28.54 -1.66 5.41
CHB HEC VA . 29.99 -2.88 9.87
CHC HEC VA . 34.39 -0.96 9.14
CHD HEC VA . 32.77 0.76 4.92
NA HEC VA . 29.63 -2.08 7.58
C1A HEC VA . 28.59 -2.15 6.67
C2A HEC VA . 27.51 -2.89 7.28
C3A HEC VA . 27.89 -3.23 8.51
C4A HEC VA . 29.24 -2.73 8.73
CMA HEC VA . 27.05 -4.01 9.53
CAA HEC VA . 26.17 -3.11 6.53
CBA HEC VA . 25.27 -1.92 6.89
CGA HEC VA . 23.82 -2.12 6.44
O1A HEC VA . 22.93 -1.26 6.73
O2A HEC VA . 23.57 -3.14 5.77
NB HEC VA . 32.08 -1.83 9.16
C1B HEC VA . 31.29 -2.50 10.05
C2B HEC VA . 32.10 -2.74 11.26
C3B HEC VA . 33.33 -2.19 11.11
C4B HEC VA . 33.34 -1.61 9.75
CMB HEC VA . 31.55 -3.43 12.50
CAB HEC VA . 34.52 -2.21 12.17
CBB HEC VA . 35.09 -3.66 12.07
NC HEC VA . 33.26 -0.20 7.11
C1C HEC VA . 34.37 -0.31 7.93
C2C HEC VA . 35.50 0.26 7.20
C3C HEC VA . 35.04 0.87 6.08
C4C HEC VA . 33.62 0.48 5.97
CMC HEC VA . 36.86 0.47 7.90
CAC HEC VA . 35.76 1.72 4.96
CBC HEC VA . 37.16 1.29 4.48
ND HEC VA . 30.76 -0.55 5.46
C1D HEC VA . 31.53 0.26 4.64
C2D HEC VA . 30.76 0.54 3.42
C3D HEC VA . 29.44 -0.20 3.58
C4D HEC VA . 29.52 -0.86 4.85
CMD HEC VA . 31.10 1.38 2.19
CAD HEC VA . 28.37 -0.21 2.49
CBD HEC VA . 28.71 -1.39 1.62
CGD HEC VA . 27.54 -1.56 0.68
O1D HEC VA . 27.17 -0.55 0.07
O2D HEC VA . 26.98 -2.67 0.57
FE HEC WA . -5.97 3.12 -25.24
CHA HEC WA . -5.56 4.39 -28.45
CHB HEC WA . -4.45 0.20 -26.22
CHC HEC WA . -6.08 1.97 -22.07
CHD HEC WA . -8.02 5.68 -24.41
NA HEC WA . -5.15 2.44 -27.01
C1A HEC WA . -5.11 3.13 -28.20
C2A HEC WA . -4.47 2.27 -29.16
C3A HEC WA . -4.19 1.12 -28.54
C4A HEC WA . -4.63 1.19 -27.15
CMA HEC WA . -3.54 -0.14 -29.17
CAA HEC WA . -4.22 2.62 -30.66
CBA HEC WA . -5.47 2.14 -31.41
CGA HEC WA . -5.32 2.36 -32.92
O1A HEC WA . -6.28 1.96 -33.62
O2A HEC WA . -4.28 2.90 -33.36
NB HEC WA . -5.36 1.47 -24.35
C1B HEC WA . -4.75 0.35 -24.87
C2B HEC WA . -4.41 -0.56 -23.84
C3B HEC WA . -4.90 -0.11 -22.67
C4B HEC WA . -5.47 1.17 -22.99
CMB HEC WA . -3.78 -1.94 -24.12
CAB HEC WA . -4.82 -0.83 -21.29
CBB HEC WA . -3.37 -1.22 -20.93
NC HEC WA . -6.92 3.71 -23.50
C1C HEC WA . -6.78 3.10 -22.33
C2C HEC WA . -7.44 3.94 -21.32
C3C HEC WA . -8.03 4.98 -21.94
C4C HEC WA . -7.71 4.82 -23.37
CMC HEC WA . -7.56 3.56 -19.84
CAC HEC WA . -8.96 6.08 -21.36
CBC HEC WA . -8.65 6.79 -20.07
ND HEC WA . -6.61 4.70 -26.22
C1D HEC WA . -7.48 5.66 -25.67
C2D HEC WA . -7.80 6.68 -26.65
C3D HEC WA . -7.06 6.30 -27.88
C4D HEC WA . -6.35 5.08 -27.56
CMD HEC WA . -8.68 7.92 -26.46
CAD HEC WA . -7.08 7.11 -29.17
CBD HEC WA . -6.10 8.25 -29.05
CGD HEC WA . -5.87 8.92 -30.40
O1D HEC WA . -6.77 9.62 -30.89
O2D HEC WA . -4.77 8.74 -30.97
FE HEC XA . -4.55 4.27 -44.01
CHA HEC XA . -3.67 4.21 -40.69
CHB HEC XA . -7.70 5.33 -43.18
CHC HEC XA . -5.43 4.33 -47.31
CHD HEC XA . -1.58 2.75 -44.86
NA HEC XA . -5.51 4.71 -42.26
C1A HEC XA . -4.95 4.57 -40.99
C2A HEC XA . -5.95 4.98 -40.02
C3A HEC XA . -7.08 5.27 -40.70
C4A HEC XA . -6.82 5.13 -42.14
CMA HEC XA . -8.44 5.74 -40.12
CAA HEC XA . -5.72 4.93 -38.47
CBA HEC XA . -6.16 3.55 -37.98
CGA HEC XA . -6.08 3.44 -36.44
O1A HEC XA . -6.40 2.36 -35.94
O2A HEC XA . -5.67 4.42 -35.82
NB HEC XA . -6.21 4.73 -45.05
C1B HEC XA . -7.41 5.15 -44.53
C2B HEC XA . -8.33 5.47 -45.62
C3B HEC XA . -7.71 5.19 -46.78
C4B HEC XA . -6.38 4.73 -46.43
CMB HEC XA . -9.78 5.93 -45.32
CAB HEC XA . -8.22 5.30 -48.26
CBB HEC XA . -8.54 6.78 -48.56
NC HEC XA . -3.64 3.61 -45.80
C1C HEC XA . -4.20 3.82 -47.01
C2C HEC XA . -3.18 3.50 -48.02
C3C HEC XA . -2.15 2.92 -47.35
C4C HEC XA . -2.40 3.09 -45.91
CMC HEC XA . -3.55 3.51 -49.53
CAC HEC XA . -0.81 2.36 -47.87
CBC HEC XA . -0.11 3.26 -48.93
ND HEC XA . -2.91 3.63 -42.98
C1D HEC XA . -1.78 3.03 -43.54
C2D HEC XA . -0.81 2.73 -42.50
C3D HEC XA . -1.45 3.18 -41.23
C4D HEC XA . -2.76 3.69 -41.60
CMD HEC XA . 0.55 2.09 -42.62
CAD HEC XA . -0.86 3.09 -39.83
CBD HEC XA . 0.10 4.25 -39.69
CGD HEC XA . 0.63 4.26 -38.28
O1D HEC XA . 1.36 3.33 -37.90
O2D HEC XA . 0.25 5.20 -37.55
C1 GOL YA . -10.50 -3.80 -36.08
O1 GOL YA . -9.74 -4.87 -35.53
C2 GOL YA . -11.18 -2.99 -34.99
O2 GOL YA . -11.99 -3.87 -34.19
C3 GOL YA . -12.10 -1.96 -35.68
O3 GOL YA . -13.45 -2.26 -35.42
FE HEC ZA . 12.52 -21.42 27.56
CHA HEC ZA . 9.20 -20.85 27.38
CHB HEC ZA . 12.72 -19.48 30.45
CHC HEC ZA . 15.88 -22.18 27.82
CHD HEC ZA . 12.45 -22.82 24.41
NA HEC ZA . 11.26 -20.34 28.68
C1A HEC ZA . 9.90 -20.31 28.42
C2A HEC ZA . 9.27 -19.49 29.46
C3A HEC ZA . 10.24 -19.08 30.30
C4A HEC ZA . 11.49 -19.64 29.85
CMA HEC ZA . 10.03 -18.22 31.59
CAA HEC ZA . 7.76 -19.14 29.53
CBA HEC ZA . 7.57 -17.78 28.80
CGA HEC ZA . 6.13 -17.26 28.92
O1A HEC ZA . 5.88 -16.12 28.46
O2A HEC ZA . 5.25 -17.99 29.44
NB HEC ZA . 13.95 -20.94 28.85
C1B HEC ZA . 13.86 -20.14 29.98
C2B HEC ZA . 15.14 -20.10 30.66
C3B HEC ZA . 16.03 -20.83 29.91
C4B HEC ZA . 15.29 -21.38 28.81
CMB HEC ZA . 15.37 -19.22 31.92
CAB HEC ZA . 17.55 -21.14 30.14
CBB HEC ZA . 17.74 -21.92 31.45
NC HEC ZA . 13.90 -22.29 26.32
C1C HEC ZA . 15.21 -22.55 26.66
C2C HEC ZA . 15.77 -23.33 25.58
C3C HEC ZA . 14.79 -23.57 24.68
C4C HEC ZA . 13.62 -22.88 25.12
CMC HEC ZA . 17.24 -23.86 25.61
CAC HEC ZA . 14.72 -24.25 23.30
CBC HEC ZA . 15.79 -25.31 23.04
ND HEC ZA . 11.15 -21.78 26.22
C1D HEC ZA . 11.26 -22.32 24.90
C2D HEC ZA . 10.02 -22.43 24.19
C3D HEC ZA . 9.01 -21.82 25.13
C4D HEC ZA . 9.77 -21.45 26.31
CMD HEC ZA . 9.75 -22.96 22.75
CAD HEC ZA . 7.53 -21.68 24.81
CBD HEC ZA . 6.89 -23.10 24.85
CGD HEC ZA . 5.36 -22.96 24.91
O1D HEC ZA . 4.77 -22.68 23.83
O2D HEC ZA . 4.76 -23.08 26.03
FE HEC AB . -4.41 -13.41 29.67
CHA HEC AB . -1.70 -15.47 30.09
CHB HEC AB . -3.58 -12.99 26.40
CHC HEC AB . -7.16 -11.44 29.18
CHD HEC AB . -4.91 -13.30 33.09
NA HEC AB . -2.88 -14.10 28.46
C1A HEC AB . -1.87 -14.95 28.85
C2A HEC AB . -1.07 -15.22 27.68
C3A HEC AB . -1.59 -14.50 26.66
C4A HEC AB . -2.76 -13.79 27.14
CMA HEC AB . -1.02 -14.45 25.24
CAA HEC AB . 0.20 -16.10 27.68
CBA HEC AB . 1.32 -15.17 28.10
CGA HEC AB . 2.69 -15.85 28.06
O1A HEC AB . 3.71 -15.17 28.30
O2A HEC AB . 2.78 -17.05 27.79
NB HEC AB . -5.22 -12.44 28.13
C1B HEC AB . -4.75 -12.40 26.84
C2B HEC AB . -5.69 -11.71 25.99
C3B HEC AB . -6.67 -11.19 26.76
C4B HEC AB . -6.41 -11.73 28.09
CMB HEC AB . -5.43 -11.44 24.53
CAB HEC AB . -7.90 -10.35 26.31
CBB HEC AB . -8.83 -11.26 25.45
NC HEC AB . -5.76 -12.51 30.91
C1C HEC AB . -6.82 -11.78 30.46
C2C HEC AB . -7.57 -11.32 31.62
C3C HEC AB . -7.04 -11.92 32.72
C4C HEC AB . -5.82 -12.65 32.28
CMC HEC AB . -8.90 -10.57 31.40
CAC HEC AB . -7.44 -11.80 34.24
CBC HEC AB . -8.86 -12.20 34.63
ND HEC AB . -3.49 -14.26 31.25
C1D HEC AB . -3.82 -14.03 32.60
C2D HEC AB . -2.94 -14.78 33.48
C3D HEC AB . -1.98 -15.46 32.56
C4D HEC AB . -2.38 -15.09 31.22
CMD HEC AB . -3.00 -14.85 35.01
CAD HEC AB . -0.87 -16.40 33.00
CBD HEC AB . -1.49 -17.80 33.05
CGD HEC AB . -0.41 -18.81 33.38
O1D HEC AB . 0.20 -18.70 34.46
O2D HEC AB . -0.20 -19.71 32.54
C1 GOL BB . -3.22 -3.75 35.11
O1 GOL BB . -4.56 -3.62 35.54
C2 GOL BB . -2.64 -4.70 36.13
O2 GOL BB . -3.72 -5.43 36.59
C3 GOL BB . -1.68 -5.68 35.49
O3 GOL BB . -2.09 -6.95 35.89
FE HEC CB . -14.65 -34.59 -38.72
CHA HEC CB . -14.61 -35.08 -35.36
CHB HEC CB . -14.59 -31.21 -38.18
CHC HEC CB . -14.68 -34.28 -41.99
CHD HEC CB . -15.29 -38.09 -39.15
NA HEC CB . -14.60 -33.31 -37.02
C1A HEC CB . -14.55 -33.77 -35.74
C2A HEC CB . -14.48 -32.61 -34.85
C3A HEC CB . -14.48 -31.49 -35.64
C4A HEC CB . -14.56 -31.96 -37.05
CMA HEC CB . -14.42 -30.01 -35.24
CAA HEC CB . -14.43 -32.72 -33.30
CBA HEC CB . -15.85 -32.42 -32.84
CGA HEC CB . -15.93 -32.27 -31.33
O1A HEC CB . -17.08 -32.25 -30.80
O2A HEC CB . -14.84 -32.28 -30.68
NB HEC CB . -14.63 -33.13 -39.78
C1B HEC CB . -14.60 -31.76 -39.47
C2B HEC CB . -14.46 -30.98 -40.67
C3B HEC CB . -14.52 -31.81 -41.70
C4B HEC CB . -14.59 -33.15 -41.19
CMB HEC CB . -14.42 -29.43 -40.70
CAB HEC CB . -14.43 -31.42 -43.18
CBB HEC CB . -13.15 -30.59 -43.34
NC HEC CB . -14.97 -36.00 -40.31
C1C HEC CB . -14.88 -35.57 -41.59
C2C HEC CB . -14.85 -36.78 -42.41
C3C HEC CB . -15.17 -37.81 -41.65
C4C HEC CB . -15.14 -37.32 -40.26
CMC HEC CB . -14.98 -36.75 -43.95
CAC HEC CB . -15.35 -39.31 -41.98
CBC HEC CB . -14.30 -39.87 -42.97
ND HEC CB . -14.96 -36.16 -37.61
C1D HEC CB . -15.12 -37.54 -37.91
C2D HEC CB . -15.15 -38.41 -36.78
C3D HEC CB . -14.93 -37.49 -35.58
C4D HEC CB . -14.81 -36.17 -36.17
CMD HEC CB . -15.35 -39.92 -36.71
CAD HEC CB . -14.87 -37.99 -34.11
CBD HEC CB . -13.44 -38.51 -33.81
CGD HEC CB . -13.33 -38.82 -32.37
O1D HEC CB . -14.00 -39.75 -31.85
O2D HEC CB . -12.54 -38.08 -31.73
FE HEC DB . -16.20 -31.43 -20.06
CHA HEC DB . -14.88 -31.68 -23.32
CHB HEC DB . -18.36 -33.83 -20.87
CHC HEC DB . -17.45 -31.36 -16.82
CHD HEC DB . -14.21 -28.79 -19.33
NA HEC DB . -16.52 -32.54 -21.84
C1A HEC DB . -15.93 -32.50 -23.05
C2A HEC DB . -16.62 -33.44 -23.93
C3A HEC DB . -17.57 -34.04 -23.22
C4A HEC DB . -17.54 -33.49 -21.88
CMA HEC DB . -18.63 -35.12 -23.73
CAA HEC DB . -16.19 -33.63 -25.41
CBA HEC DB . -16.93 -32.57 -26.23
CGA HEC DB . -16.80 -32.80 -27.71
O1A HEC DB . -17.46 -32.03 -28.48
O2A HEC DB . -15.97 -33.67 -28.07
NB HEC DB . -17.56 -32.38 -19.02
C1B HEC DB . -18.45 -33.31 -19.57
C2B HEC DB . -19.32 -33.84 -18.54
C3B HEC DB . -19.08 -33.15 -17.42
C4B HEC DB . -17.99 -32.26 -17.71
CMB HEC DB . -20.46 -34.88 -18.76
CAB HEC DB . -19.77 -33.25 -16.05
CBB HEC DB . -19.46 -34.63 -15.40
NC HEC DB . -15.87 -30.26 -18.32
C1C HEC DB . -16.49 -30.44 -17.17
C2C HEC DB . -15.83 -29.51 -16.22
C3C HEC DB . -15.02 -28.70 -16.94
C4C HEC DB . -15.00 -29.20 -18.31
CMC HEC DB . -16.38 -29.31 -14.80
CAC HEC DB . -14.19 -27.53 -16.41
CBC HEC DB . -13.42 -27.75 -15.13
ND HEC DB . -14.85 -30.50 -21.08
C1D HEC DB . -14.14 -29.37 -20.59
C2D HEC DB . -13.26 -28.86 -21.60
C3D HEC DB . -13.47 -29.71 -22.81
C4D HEC DB . -14.44 -30.72 -22.42
CMD HEC DB . -12.28 -27.64 -21.57
CAD HEC DB . -12.74 -29.52 -24.12
CBD HEC DB . -11.50 -30.41 -24.06
CGD HEC DB . -10.84 -30.47 -25.41
O1D HEC DB . -10.56 -29.40 -26.00
O2D HEC DB . -10.55 -31.61 -25.90
FE HEC EB . 37.61 -40.58 15.71
CHA HEC EB . 34.43 -40.08 17.06
CHB HEC EB . 38.14 -37.22 15.94
CHC HEC EB . 40.71 -41.05 14.51
CHD HEC EB . 36.93 -43.90 15.26
NA HEC EB . 36.46 -38.94 16.42
C1A HEC EB . 35.17 -38.96 16.85
C2A HEC EB . 34.79 -37.58 17.08
C3A HEC EB . 35.82 -36.81 16.74
C4A HEC EB . 36.91 -37.66 16.32
CMA HEC EB . 35.92 -35.28 16.80
CAA HEC EB . 33.39 -37.13 17.61
CBA HEC EB . 32.57 -36.75 16.40
CGA HEC EB . 31.20 -36.22 16.81
O1A HEC EB . 30.40 -35.97 15.88
O2A HEC EB . 30.90 -36.04 18.01
NB HEC EB . 39.11 -39.37 15.36
C1B HEC EB . 39.18 -38.03 15.49
C2B HEC EB . 40.52 -37.58 15.14
C3B HEC EB . 41.26 -38.63 14.73
C4B HEC EB . 40.35 -39.78 14.86
CMB HEC EB . 40.87 -36.10 15.16
CAB HEC EB . 42.71 -38.70 14.18
CBB HEC EB . 43.76 -38.22 15.26
NC HEC EB . 38.64 -42.21 15.00
C1C HEC EB . 39.94 -42.19 14.54
C2C HEC EB . 40.33 -43.56 14.20
C3C HEC EB . 39.24 -44.33 14.34
C4C HEC EB . 38.17 -43.48 14.90
CMC HEC EB . 41.68 -43.95 13.54
CAC HEC EB . 38.95 -45.85 14.10
CBC HEC EB . 40.03 -46.90 14.42
ND HEC EB . 36.01 -41.76 16.07
C1D HEC EB . 35.92 -43.13 15.78
C2D HEC EB . 34.59 -43.63 16.07
C3D HEC EB . 33.84 -42.43 16.63
C4D HEC EB . 34.78 -41.34 16.61
CMD HEC EB . 33.99 -45.04 15.92
CAD HEC EB . 32.40 -42.41 17.15
CBD HEC EB . 32.51 -42.79 18.64
CGD HEC EB . 31.14 -42.59 19.33
O1D HEC EB . 30.15 -43.20 18.89
O2D HEC EB . 31.05 -41.84 20.32
FE HEC FB . 21.33 -31.91 20.10
CHA HEC FB . 24.49 -33.05 20.43
CHB HEC FB . 20.67 -34.42 17.80
CHC HEC FB . 18.05 -30.86 19.93
CHD HEC FB . 22.02 -29.15 22.01
NA HEC FB . 22.38 -33.44 19.29
C1A HEC FB . 23.70 -33.70 19.53
C2A HEC FB . 24.10 -34.84 18.67
C3A HEC FB . 23.03 -35.20 17.96
C4A HEC FB . 21.92 -34.35 18.35
CMA HEC FB . 22.89 -36.30 16.91
CAA HEC FB . 25.53 -35.49 18.61
CBA HEC FB . 26.21 -34.93 17.33
CGA HEC FB . 27.53 -35.64 17.06
O1A HEC FB . 28.24 -35.11 16.13
O2A HEC FB . 27.83 -36.65 17.80
NB HEC FB . 19.76 -32.53 19.15
C1B HEC FB . 19.65 -33.56 18.25
C2B HEC FB . 18.29 -33.65 17.84
C3B HEC FB . 17.56 -32.69 18.40
C4B HEC FB . 18.47 -31.99 19.26
CMB HEC FB . 17.85 -34.62 16.77
CAB HEC FB . 16.05 -32.41 18.18
CBB HEC FB . 15.21 -33.61 18.68
NC HEC FB . 20.23 -30.31 20.83
C1C HEC FB . 18.88 -30.03 20.63
C2C HEC FB . 18.50 -28.87 21.43
C3C HEC FB . 19.64 -28.36 21.91
C4C HEC FB . 20.72 -29.28 21.58
CMC HEC FB . 17.11 -28.21 21.37
CAC HEC FB . 19.96 -27.12 22.76
CBC HEC FB . 19.10 -26.71 23.94
ND HEC FB . 22.96 -31.20 21.07
C1D HEC FB . 23.08 -30.01 21.77
C2D HEC FB . 24.43 -29.81 22.25
C3D HEC FB . 25.18 -31.02 21.76
C4D HEC FB . 24.22 -31.84 21.05
CMD HEC FB . 25.06 -28.67 23.07
CAD HEC FB . 26.64 -31.34 22.00
CBD HEC FB . 26.72 -32.08 23.35
CGD HEC FB . 28.11 -32.63 23.53
O1D HEC FB . 29.04 -31.82 23.72
O2D HEC FB . 28.28 -33.90 23.51
FE HEC GB . 35.88 4.47 38.10
CHA HEC GB . 33.11 5.81 39.67
CHB HEC GB . 37.19 7.65 37.82
CHC HEC GB . 38.86 3.18 36.89
CHD HEC GB . 34.49 1.35 37.97
NA HEC GB . 35.27 6.41 38.70
C1A HEC GB . 34.06 6.74 39.25
C2A HEC GB . 33.95 8.20 39.25
C3A HEC GB . 35.09 8.69 38.73
C4A HEC GB . 35.95 7.56 38.38
CMA HEC GB . 35.54 10.15 38.47
CAA HEC GB . 32.68 8.92 39.76
CBA HEC GB . 31.72 9.06 38.59
CGA HEC GB . 30.58 9.97 38.98
O1A HEC GB . 29.74 10.29 38.09
O2A HEC GB . 30.54 10.38 40.15
NB HEC GB . 37.70 5.28 37.48
C1B HEC GB . 38.02 6.61 37.42
C2B HEC GB . 39.39 6.75 36.98
C3B HEC GB . 39.85 5.50 36.68
C4B HEC GB . 38.79 4.56 37.02
CMB HEC GB . 40.10 8.14 36.74
CAB HEC GB . 41.21 5.03 36.11
CBB HEC GB . 42.35 5.28 37.12
NC HEC GB . 36.55 2.64 37.51
C1C HEC GB . 37.82 2.31 37.10
C2C HEC GB . 37.91 0.84 37.06
C3C HEC GB . 36.66 0.35 37.22
C4C HEC GB . 35.81 1.47 37.61
CMC HEC GB . 39.12 0.10 36.43
CAC HEC GB . 36.10 -1.10 37.18
CBC HEC GB . 36.93 -2.18 37.89
ND HEC GB . 34.11 3.69 38.76
C1D HEC GB . 33.70 2.37 38.53
C2D HEC GB . 32.32 2.22 38.96
C3D HEC GB . 31.91 3.59 39.49
C4D HEC GB . 33.08 4.47 39.32
CMD HEC GB . 31.41 0.97 38.90
CAD HEC GB . 30.54 3.96 40.06
CBD HEC GB . 30.67 3.72 41.56
CGD HEC GB . 29.37 4.11 42.20
O1D HEC GB . 28.34 3.62 41.75
O2D HEC GB . 29.43 4.90 43.15
FE HEC HB . 22.01 16.43 42.49
CHA HEC HB . 24.92 14.70 42.74
CHB HEC HB . 20.66 13.95 40.58
CHC HEC HB . 19.09 18.11 42.54
CHD HEC HB . 23.53 19.25 44.09
NA HEC HB . 22.68 14.69 41.83
C1A HEC HB . 23.93 14.14 41.98
C2A HEC HB . 24.00 12.89 41.26
C3A HEC HB . 22.82 12.70 40.69
C4A HEC HB . 21.96 13.83 41.01
CMA HEC HB . 22.34 11.56 39.78
CAA HEC HB . 25.28 11.99 41.20
CBA HEC HB . 25.94 12.24 39.84
CGA HEC HB . 27.12 11.32 39.59
O1A HEC HB . 27.84 11.56 38.58
O2A HEC HB . 27.33 10.38 40.38
NB HEC HB . 20.20 16.04 41.69
C1B HEC HB . 19.80 14.99 40.94
C2B HEC HB . 18.37 15.11 40.69
C3B HEC HB . 17.96 16.27 41.21
C4B HEC HB . 19.10 16.89 41.87
CMB HEC HB . 17.57 14.10 39.84
CAB HEC HB . 16.53 16.90 41.20
CBB HEC HB . 15.60 15.78 41.73
NC HEC HB . 21.43 18.38 43.20
C1C HEC HB . 20.13 18.83 43.11
C2C HEC HB . 20.04 20.09 43.85
C3C HEC HB . 21.30 20.46 44.16
C4C HEC HB . 22.17 19.33 43.83
CMC HEC HB . 18.79 21.03 43.88
CAC HEC HB . 21.87 21.68 44.94
CBC HEC HB . 21.03 22.06 46.15
ND HEC HB . 23.76 16.90 43.28
C1D HEC HB . 24.26 18.09 43.84
C2D HEC HB . 25.65 17.98 44.18
C3D HEC HB . 26.07 16.58 43.77
C4D HEC HB . 24.87 15.97 43.25
CMD HEC HB . 26.54 19.04 44.84
CAD HEC HB . 27.48 15.97 43.92
CBD HEC HB . 27.56 15.37 45.32
CGD HEC HB . 28.85 14.59 45.52
O1D HEC HB . 29.96 15.18 45.55
O2D HEC HB . 28.67 13.36 45.63
FE HEC IB . -36.07 10.30 -29.99
CHA HEC IB . -36.67 8.61 -27.06
CHB HEC IB . -37.74 7.86 -31.72
CHC HEC IB . -35.56 12.04 -32.88
CHD HEC IB . -33.79 12.38 -28.34
NA HEC IB . -37.01 8.52 -29.48
C1A HEC IB . -37.19 8.06 -28.21
C2A HEC IB . -38.01 6.85 -28.29
C3A HEC IB . -38.29 6.62 -29.59
C4A HEC IB . -37.63 7.67 -30.37
CMA HEC IB . -39.15 5.47 -30.15
CAA HEC IB . -38.41 6.01 -27.05
CBA HEC IB . -37.35 4.91 -26.94
CGA HEC IB . -37.73 3.91 -25.85
O1A HEC IB . -36.90 2.95 -25.66
O2A HEC IB . -38.78 4.11 -25.19
NB HEC IB . -36.53 9.98 -31.81
C1B HEC IB . -37.27 8.96 -32.40
C2B HEC IB . -37.46 9.23 -33.81
C3B HEC IB . -36.83 10.36 -34.12
C4B HEC IB . -36.28 10.88 -32.90
CMB HEC IB . -38.14 8.30 -34.86
CAB HEC IB . -36.73 11.04 -35.50
CBB HEC IB . -38.09 11.33 -36.19
NC HEC IB . -34.86 11.94 -30.52
C1C HEC IB . -34.87 12.52 -31.77
C2C HEC IB . -33.95 13.65 -31.74
C3C HEC IB . -33.58 13.82 -30.42
C4C HEC IB . -34.07 12.67 -29.67
CMC HEC IB . -33.91 14.66 -32.90
CAC HEC IB . -32.64 14.85 -29.69
CBC HEC IB . -32.64 16.32 -30.11
ND HEC IB . -35.39 10.49 -28.06
C1D HEC IB . -34.41 11.38 -27.60
C2D HEC IB . -34.21 11.21 -26.18
C3D HEC IB . -35.09 10.07 -25.80
C4D HEC IB . -35.79 9.67 -27.01
CMD HEC IB . -33.27 12.00 -25.23
CAD HEC IB . -35.23 9.55 -24.39
CBD HEC IB . -36.10 10.56 -23.62
CGD HEC IB . -36.42 9.95 -22.26
O1D HEC IB . -35.49 9.85 -21.40
O2D HEC IB . -37.61 9.53 -22.04
FE HEC JB . -40.03 -3.28 -17.40
CHA HEC JB . -40.46 -0.58 -19.54
CHB HEC JB . -36.71 -2.44 -17.04
CHC HEC JB . -39.69 -5.79 -15.17
CHD HEC JB . -43.19 -4.37 -18.15
NA HEC JB . -38.83 -1.76 -18.15
C1A HEC JB . -39.20 -0.78 -19.02
C2A HEC JB . -38.02 0.01 -19.32
C3A HEC JB . -37.01 -0.49 -18.62
C4A HEC JB . -37.48 -1.64 -17.87
CMA HEC JB . -35.53 0.00 -18.61
CAA HEC JB . -38.01 1.23 -20.30
CBA HEC JB . -37.47 0.76 -21.66
CGA HEC JB . -37.43 1.84 -22.76
O1A HEC JB . -37.15 1.46 -23.95
O2A HEC JB . -37.67 3.01 -22.45
NB HEC JB . -38.54 -3.96 -16.35
C1B HEC JB . -37.23 -3.48 -16.32
C2B HEC JB . -36.51 -4.19 -15.32
C3B HEC JB . -37.31 -5.15 -14.78
C4B HEC JB . -38.60 -4.99 -15.41
CMB HEC JB . -35.02 -3.90 -15.12
CAB HEC JB . -37.01 -6.21 -13.70
CBB HEC JB . -36.45 -5.59 -12.39
NC HEC JB . -41.26 -4.85 -16.83
C1C HEC JB . -40.91 -5.73 -15.83
C2C HEC JB . -42.01 -6.69 -15.70
C3C HEC JB . -43.04 -6.21 -16.40
C4C HEC JB . -42.54 -5.08 -17.18
CMC HEC JB . -42.05 -7.73 -14.57
CAC HEC JB . -44.49 -6.82 -16.55
CBC HEC JB . -45.13 -7.28 -15.23
ND HEC JB . -41.52 -2.60 -18.62
C1D HEC JB . -42.74 -3.24 -18.76
C2D HEC JB . -43.56 -2.48 -19.70
C3D HEC JB . -42.71 -1.31 -20.13
C4D HEC JB . -41.49 -1.45 -19.38
CMD HEC JB . -45.00 -2.77 -20.17
CAD HEC JB . -43.13 -0.19 -21.08
CBD HEC JB . -43.90 0.85 -20.24
CGD HEC JB . -44.15 2.04 -21.17
O1D HEC JB . -44.78 1.82 -22.23
O2D HEC JB . -43.70 3.17 -20.86
FE HEC KB . -3.80 48.45 -5.19
CHA HEC KB . -3.68 49.33 -8.48
CHB HEC KB . -2.60 45.37 -6.02
CHC HEC KB . -3.71 47.71 -1.89
CHD HEC KB . -5.36 51.48 -4.42
NA HEC KB . -3.21 47.51 -6.94
C1A HEC KB . -3.29 48.06 -8.19
C2A HEC KB . -2.79 47.07 -9.15
C3A HEC KB . -2.52 45.96 -8.47
C4A HEC KB . -2.79 46.23 -7.05
CMA HEC KB . -2.03 44.62 -9.07
CAA HEC KB . -2.69 47.26 -10.70
CBA HEC KB . -4.13 47.05 -11.21
CGA HEC KB . -4.21 47.05 -12.75
O1A HEC KB . -5.28 46.67 -13.27
O2A HEC KB . -3.21 47.40 -13.40
NB HEC KB . -3.24 46.97 -4.19
C1B HEC KB . -2.75 45.73 -4.70
C2B HEC KB . -2.49 44.82 -3.60
C3B HEC KB . -2.77 45.46 -2.46
C4B HEC KB . -3.25 46.78 -2.79
CMB HEC KB . -1.98 43.38 -3.69
CAB HEC KB . -2.66 44.84 -1.05
CBB HEC KB . -1.17 44.72 -0.68
NC HEC KB . -4.47 49.42 -3.52
C1C HEC KB . -4.27 48.90 -2.25
C2C HEC KB . -4.86 49.83 -1.29
C3C HEC KB . -5.20 50.94 -1.94
C4C HEC KB . -5.01 50.67 -3.36
CMC HEC KB . -4.72 49.62 0.25
CAC HEC KB . -5.83 52.25 -1.36
CBC HEC KB . -4.97 52.89 -0.25
ND HEC KB . -4.42 50.07 -6.24
C1D HEC KB . -5.03 51.21 -5.73
C2D HEC KB . -5.31 52.15 -6.77
C3D HEC KB . -4.80 51.49 -8.05
C4D HEC KB . -4.25 50.22 -7.63
CMD HEC KB . -6.01 53.51 -6.55
CAD HEC KB . -4.83 52.09 -9.45
CBD HEC KB . -3.71 53.14 -9.45
CGD HEC KB . -3.51 53.60 -10.87
O1D HEC KB . -4.41 54.30 -11.29
O2D HEC KB . -2.52 53.24 -11.56
FE HEC LB . -4.82 47.57 -24.07
CHA HEC LB . -3.31 47.84 -21.00
CHB HEC LB . -7.58 49.25 -22.88
CHC HEC LB . -6.21 47.60 -27.26
CHD HEC LB . -2.24 45.55 -25.27
NA HEC LB . -5.32 48.44 -22.23
C1A HEC LB . -4.57 48.37 -21.10
C2A HEC LB . -5.38 48.97 -20.01
C3A HEC LB . -6.57 49.33 -20.53
C4A HEC LB . -6.57 49.00 -21.96
CMA HEC LB . -7.74 49.99 -19.77
CAA HEC LB . -4.94 49.06 -18.53
CBA HEC LB . -5.44 47.78 -17.86
CGA HEC LB . -5.26 47.80 -16.35
O1A HEC LB . -5.59 46.78 -15.69
O2A HEC LB . -4.76 48.83 -15.84
NB HEC LB . -6.55 48.28 -24.91
C1B HEC LB . -7.56 48.97 -24.24
C2B HEC LB . -8.56 49.35 -25.22
C3B HEC LB . -8.18 48.90 -26.44
C4B HEC LB . -6.91 48.21 -26.25
CMB HEC LB . -9.84 50.14 -24.84
CAB HEC LB . -8.88 49.05 -27.82
CBB HEC LB . -9.00 50.55 -28.15
NC HEC LB . -4.33 46.71 -25.94
C1C HEC LB . -5.03 46.91 -27.13
C2C HEC LB . -4.24 46.28 -28.19
C3C HEC LB . -3.14 45.69 -27.66
C4C HEC LB . -3.18 45.96 -26.21
CMC HEC LB . -4.64 46.22 -29.69
CAC HEC LB . -2.05 44.89 -28.45
CBC HEC LB . -1.02 45.92 -29.02
ND HEC LB . -3.07 46.83 -23.31
C1D HEC LB . -2.15 45.99 -23.95
C2D HEC LB . -1.08 45.67 -23.01
C3D HEC LB . -1.44 46.37 -21.71
C4D HEC LB . -2.68 47.06 -21.96
CMD HEC LB . 0.20 44.80 -23.19
CAD HEC LB . -0.61 46.34 -20.42
CBD HEC LB . 0.42 47.44 -20.46
CGD HEC LB . 0.97 47.55 -19.06
O1D HEC LB . 1.50 46.52 -18.57
O2D HEC LB . 0.84 48.61 -18.40
FE HEC MB . -7.84 -50.82 4.85
CHA HEC MB . -5.85 -53.53 5.55
CHB HEC MB . -7.06 -51.18 1.44
CHC HEC MB . -10.08 -48.36 4.01
CHD HEC MB . -8.30 -50.16 8.17
NA HEC MB . -6.69 -52.17 3.68
C1A HEC MB . -5.86 -53.15 4.22
C2A HEC MB . -5.04 -53.68 3.14
C3A HEC MB . -5.41 -53.02 2.02
C4A HEC MB . -6.45 -52.06 2.33
CMA HEC MB . -4.84 -53.20 0.62
CAA HEC MB . -3.92 -54.79 3.21
CBA HEC MB . -2.57 -54.11 3.46
CGA HEC MB . -1.48 -55.16 3.54
O1A HEC MB . -0.32 -54.78 3.76
O2A HEC MB . -1.82 -56.35 3.37
NB HEC MB . -8.43 -49.91 3.06
C1B HEC MB . -8.01 -50.24 1.77
C2B HEC MB . -8.78 -49.46 0.82
C3B HEC MB . -9.62 -48.67 1.51
C4B HEC MB . -9.42 -48.95 2.94
CMB HEC MB . -8.62 -49.53 -0.71
CAB HEC MB . -10.63 -47.68 0.88
CBB HEC MB . -11.57 -48.51 -0.03
NC HEC MB . -8.96 -49.50 5.92
C1C HEC MB . -9.86 -48.60 5.34
C2C HEC MB . -10.60 -47.98 6.43
C3C HEC MB . -10.10 -48.46 7.60
C4C HEC MB . -9.05 -49.43 7.28
CMC HEC MB . -11.70 -46.93 6.23
CAC HEC MB . -10.54 -48.10 9.03
CBC HEC MB . -12.09 -48.04 9.06
ND HEC MB . -7.19 -51.72 6.56
C1D HEC MB . -7.50 -51.25 7.85
C2D HEC MB . -6.87 -52.10 8.83
C3D HEC MB . -6.10 -53.14 8.02
C4D HEC MB . -6.35 -52.83 6.62
CMD HEC MB . -6.95 -51.97 10.37
CAD HEC MB . -5.25 -54.29 8.62
CBD HEC MB . -6.15 -55.51 8.82
CGD HEC MB . -5.30 -56.69 9.25
O1D HEC MB . -4.55 -56.48 10.23
O2D HEC MB . -5.37 -57.79 8.62
FE HEC NB . 6.41 -63.17 3.58
CHA HEC NB . 3.32 -61.86 3.48
CHB HEC NB . 7.07 -61.22 6.39
CHC HEC NB . 9.32 -64.70 3.76
CHD HEC NB . 5.86 -64.77 0.47
NA HEC NB . 5.37 -61.82 4.76
C1A HEC NB . 4.11 -61.37 4.47
C2A HEC NB . 3.77 -60.31 5.39
C3A HEC NB . 4.82 -60.12 6.20
C4A HEC NB . 5.85 -61.06 5.80
CMA HEC NB . 5.02 -59.08 7.34
CAA HEC NB . 2.40 -59.54 5.39
CBA HEC NB . 2.42 -58.47 4.30
CGA HEC NB . 1.25 -57.51 4.42
O1A HEC NB . 1.45 -56.38 3.92
O2A HEC NB . 0.19 -57.89 5.00
NB HEC NB . 7.79 -62.95 4.80
C1B HEC NB . 7.96 -62.15 5.91
C2B HEC NB . 9.21 -62.47 6.57
C3B HEC NB . 9.81 -63.43 5.83
C4B HEC NB . 8.95 -63.75 4.72
CMB HEC NB . 9.68 -61.76 7.82
CAB HEC NB . 11.21 -64.07 6.09
CBB HEC NB . 11.19 -64.95 7.38
NC HEC NB . 7.42 -64.48 2.31
C1C HEC NB . 8.64 -65.06 2.63
C2C HEC NB . 8.90 -66.14 1.66
C3C HEC NB . 7.99 -66.03 0.67
C4C HEC NB . 7.00 -65.06 1.13
CMC HEC NB . 10.24 -66.93 1.48
CAC HEC NB . 7.71 -66.80 -0.66
CBC HEC NB . 8.77 -67.85 -1.09
ND HEC NB . 4.97 -63.33 2.25
C1D HEC NB . 4.90 -63.97 1.01
C2D HEC NB . 3.66 -63.72 0.32
C3D HEC NB . 2.89 -62.82 1.27
C4D HEC NB . 3.74 -62.64 2.43
CMD HEC NB . 3.23 -64.26 -1.05
CAD HEC NB . 1.46 -62.26 1.06
CBD HEC NB . 0.52 -63.48 1.24
CGD HEC NB . -0.96 -63.10 1.30
O1D HEC NB . -1.56 -62.92 0.23
O2D HEC NB . -1.53 -62.97 2.41
FE HEC OB . -32.39 56.68 -9.72
CHA HEC OB . -32.67 55.36 -6.61
CHB HEC OB . -35.27 54.94 -10.68
CHC HEC OB . -32.43 58.50 -12.62
CHD HEC OB . -29.15 57.71 -9.16
NA HEC OB . -33.75 55.33 -8.80
C1A HEC OB . -33.65 54.96 -7.47
C2A HEC OB . -34.80 54.11 -7.17
C3A HEC OB . -35.53 53.96 -8.31
C4A HEC OB . -34.88 54.76 -9.36
CMA HEC OB . -36.85 53.15 -8.48
CAA HEC OB . -35.07 53.47 -5.77
CBA HEC OB . -34.50 52.07 -5.85
CGA HEC OB . -34.62 51.26 -4.59
O1A HEC OB . -34.03 50.18 -4.69
O2A HEC OB . -35.25 51.69 -3.57
NB HEC OB . -33.59 56.63 -11.38
C1B HEC OB . -34.81 55.97 -11.49
C2B HEC OB . -35.51 56.61 -12.60
C3B HEC OB . -34.72 57.59 -13.12
C4B HEC OB . -33.50 57.62 -12.34
CMB HEC OB . -36.92 56.13 -13.05
CAB HEC OB . -34.90 58.55 -14.32
CBB HEC OB . -36.26 59.31 -14.20
NC HEC OB . -31.00 57.86 -10.75
C1C HEC OB . -31.26 58.60 -11.89
C2C HEC OB . -30.03 59.35 -12.24
C3C HEC OB . -29.19 59.26 -11.19
C4C HEC OB . -29.75 58.25 -10.29
CMC HEC OB . -29.96 60.45 -13.32
CAC HEC OB . -27.80 59.97 -11.03
CBC HEC OB . -27.96 61.13 -10.03
ND HEC OB . -31.09 56.56 -8.16
C1D HEC OB . -29.80 57.07 -8.14
C2D HEC OB . -29.24 56.82 -6.82
C3D HEC OB . -30.33 56.09 -6.05
C4D HEC OB . -31.47 55.98 -6.95
CMD HEC OB . -27.84 57.18 -6.27
CAD HEC OB . -30.29 55.60 -4.58
CBD HEC OB . -31.26 56.62 -3.97
CGD HEC OB . -31.10 56.85 -2.50
O1D HEC OB . -30.14 56.28 -1.92
O2D HEC OB . -31.92 57.63 -1.94
FE HEC PB . -36.10 43.84 3.65
CHA HEC PB . -36.22 46.90 2.15
CHB HEC PB . -32.78 43.63 3.10
CHC HEC PB . -35.93 41.15 5.97
CHD HEC PB . -39.51 43.58 3.77
NA HEC PB . -34.68 45.15 2.87
C1A HEC PB . -35.01 46.23 2.06
C2A HEC PB . -33.86 46.49 1.19
C3A HEC PB . -32.92 45.57 1.49
C4A HEC PB . -33.43 44.70 2.53
CMA HEC PB . -31.54 45.41 0.83
CAA HEC PB . -33.74 47.61 0.12
CBA HEC PB . -33.62 47.04 -1.32
CGA HEC PB . -33.81 48.20 -2.28
O1A HEC PB . -33.86 47.97 -3.51
O2A HEC PB . -33.95 49.37 -1.82
NB HEC PB . -34.64 42.54 4.38
C1B HEC PB . -33.30 42.77 4.07
C2B HEC PB . -32.50 41.94 4.94
C3B HEC PB . -33.33 41.24 5.74
C4B HEC PB . -34.73 41.61 5.41
CMB HEC PB . -30.97 41.91 4.88
CAB HEC PB . -32.84 40.22 6.83
CBB HEC PB . -32.94 40.98 8.15
NC HEC PB . -37.51 42.54 4.67
C1C HEC PB . -37.23 41.59 5.63
C2C HEC PB . -38.53 41.22 6.26
C3C HEC PB . -39.55 41.82 5.58
C4C HEC PB . -38.89 42.69 4.62
CMC HEC PB . -38.68 40.05 7.25
CAC HEC PB . -41.09 41.63 5.81
CBC HEC PB . -41.69 42.35 7.04
ND HEC PB . -37.57 45.05 3.11
C1D HEC PB . -38.93 44.67 3.16
C2D HEC PB . -39.74 45.63 2.46
C3D HEC PB . -38.75 46.67 1.95
C4D HEC PB . -37.41 46.24 2.39
CMD HEC PB . -41.27 45.59 2.27
CAD HEC PB . -39.16 47.91 1.14
CBD HEC PB . -39.96 48.74 2.13
CGD HEC PB . -40.12 50.15 1.61
O1D HEC PB . -39.90 50.37 0.38
O2D HEC PB . -40.45 51.03 2.44
#